data_2LCQ
#
_entry.id   2LCQ
#
loop_
_entity.id
_entity.type
_entity.pdbx_description
1 polymer 'Putative toxin VapC6'
2 non-polymer 'ZINC ION'
#
_entity_poly.entity_id   1
_entity_poly.type   'polypeptide(L)'
_entity_poly.pdbx_seq_one_letter_code
;GSMGMLRNLKKTLVLDSSVFIQGIDIEGYTTPSVVEEIKDRESKIFLESLISAGKVKIAEPSKESIDRIIQVAKETGEVN
ELSKADIEVLALAYELKGEIFSDDYNVQNIASLLGLRFRTLKRGIKKVIKWRYVCIGCGRKFSTLPPGGVCPDCGSKVKL
IPRKR
;
_entity_poly.pdbx_strand_id   A
#
loop_
_chem_comp.id
_chem_comp.type
_chem_comp.name
_chem_comp.formula
ZN non-polymer 'ZINC ION' 'Zn 2'
#
# COMPACT_ATOMS: atom_id res chain seq x y z
N MET A 5 -7.43 13.73 30.26
CA MET A 5 -8.61 14.50 29.83
C MET A 5 -8.67 14.46 28.31
N LEU A 6 -9.82 14.09 27.74
CA LEU A 6 -10.19 14.17 26.32
C LEU A 6 -9.17 13.59 25.33
N ARG A 7 -8.28 12.68 25.77
CA ARG A 7 -7.30 12.04 24.87
C ARG A 7 -7.97 10.90 24.11
N ASN A 8 -8.91 11.20 23.22
CA ASN A 8 -9.40 10.23 22.26
C ASN A 8 -8.27 9.98 21.27
N LEU A 9 -7.92 8.72 20.99
CA LEU A 9 -7.06 8.34 19.87
C LEU A 9 -7.51 6.98 19.34
N LYS A 10 -7.19 6.68 18.08
CA LYS A 10 -7.29 5.33 17.53
C LYS A 10 -6.23 4.39 18.15
N LYS A 11 -6.23 3.10 17.80
CA LYS A 11 -5.11 2.16 17.99
C LYS A 11 -3.83 2.64 17.27
N THR A 12 -2.73 1.88 17.29
CA THR A 12 -1.53 2.18 16.49
C THR A 12 -1.94 2.28 15.02
N LEU A 13 -1.36 3.26 14.35
CA LEU A 13 -1.55 3.51 12.94
C LEU A 13 -0.37 4.33 12.45
N VAL A 14 0.08 4.06 11.23
CA VAL A 14 1.10 4.84 10.54
C VAL A 14 0.46 5.41 9.27
N LEU A 15 0.80 6.65 8.90
CA LEU A 15 0.23 7.37 7.76
C LEU A 15 1.30 7.52 6.71
N ASP A 16 0.95 7.31 5.44
CA ASP A 16 1.83 7.59 4.31
C ASP A 16 1.66 9.04 3.82
N SER A 17 2.61 9.50 3.02
CA SER A 17 2.63 10.69 2.18
C SER A 17 1.27 10.88 1.47
N SER A 18 0.76 9.83 0.81
CA SER A 18 -0.51 9.88 0.09
C SER A 18 -1.68 10.29 0.99
N VAL A 19 -1.64 10.05 2.30
CA VAL A 19 -2.73 10.37 3.22
C VAL A 19 -2.81 11.90 3.40
N PHE A 20 -1.63 12.54 3.42
CA PHE A 20 -1.47 13.98 3.44
C PHE A 20 -1.67 14.62 2.07
N ILE A 21 -1.73 13.82 1.01
CA ILE A 21 -2.14 14.31 -0.30
C ILE A 21 -3.68 14.36 -0.41
N GLN A 22 -4.44 13.35 0.01
CA GLN A 22 -5.87 13.30 -0.35
C GLN A 22 -6.77 14.21 0.51
N GLY A 23 -6.31 14.61 1.68
CA GLY A 23 -7.02 15.33 2.73
C GLY A 23 -7.67 14.38 3.72
N ILE A 24 -7.01 13.28 4.13
CA ILE A 24 -7.66 12.35 5.04
C ILE A 24 -7.22 12.72 6.45
N ASP A 25 -8.07 13.43 7.18
CA ASP A 25 -7.97 13.56 8.64
C ASP A 25 -7.99 12.18 9.30
N ILE A 26 -6.85 11.80 9.88
CA ILE A 26 -6.65 10.60 10.67
C ILE A 26 -5.46 10.84 11.62
N GLU A 27 -5.24 9.95 12.58
CA GLU A 27 -4.26 10.03 13.65
C GLU A 27 -3.22 8.91 13.46
N GLY A 28 -2.06 9.01 14.12
CA GLY A 28 -1.06 7.95 14.10
C GLY A 28 0.36 8.49 14.22
N TYR A 29 1.25 7.99 13.35
CA TYR A 29 2.64 8.42 13.23
C TYR A 29 2.94 8.81 11.76
N THR A 30 3.90 9.72 11.54
CA THR A 30 4.39 10.13 10.23
C THR A 30 5.93 10.08 10.18
N THR A 31 6.44 9.82 9.00
CA THR A 31 7.86 9.60 8.70
C THR A 31 8.53 10.96 8.40
N PRO A 32 9.49 11.37 9.24
CA PRO A 32 10.24 12.59 9.00
C PRO A 32 11.06 12.53 7.70
N SER A 33 11.26 11.33 7.16
CA SER A 33 11.80 11.10 5.86
C SER A 33 10.89 11.70 4.77
N VAL A 34 9.60 11.34 4.76
CA VAL A 34 8.71 11.65 3.65
C VAL A 34 8.37 13.13 3.69
N VAL A 35 8.22 13.69 4.89
CA VAL A 35 7.87 15.11 5.00
C VAL A 35 8.92 16.02 4.40
N GLU A 36 10.16 15.55 4.25
CA GLU A 36 11.17 16.40 3.63
C GLU A 36 10.89 16.58 2.13
N GLU A 37 10.11 15.68 1.53
CA GLU A 37 9.78 15.66 0.11
C GLU A 37 8.40 16.31 -0.13
N ILE A 38 7.66 16.64 0.91
CA ILE A 38 6.31 17.20 0.85
C ILE A 38 6.43 18.72 0.61
N LYS A 39 6.27 19.15 -0.65
CA LYS A 39 6.53 20.51 -1.14
C LYS A 39 5.29 21.36 -1.40
N ASP A 40 4.10 20.73 -1.45
CA ASP A 40 2.81 21.39 -1.73
C ASP A 40 2.44 22.34 -0.59
N ARG A 41 1.26 22.97 -0.61
CA ARG A 41 0.75 23.70 0.54
C ARG A 41 -0.30 22.90 1.29
N GLU A 42 -1.23 22.24 0.61
CA GLU A 42 -2.27 21.45 1.28
C GLU A 42 -1.59 20.42 2.17
N SER A 43 -0.79 19.55 1.54
CA SER A 43 -0.07 18.48 2.21
C SER A 43 0.97 18.97 3.23
N LYS A 44 1.29 20.27 3.27
CA LYS A 44 2.15 20.83 4.29
C LYS A 44 1.28 21.25 5.45
N ILE A 45 0.43 22.26 5.24
CA ILE A 45 -0.34 22.93 6.28
C ILE A 45 -1.09 21.85 7.05
N PHE A 46 -1.77 20.95 6.35
CA PHE A 46 -2.51 19.85 6.93
C PHE A 46 -1.64 18.97 7.84
N LEU A 47 -0.53 18.46 7.31
CA LEU A 47 0.41 17.59 8.01
C LEU A 47 0.94 18.31 9.25
N GLU A 48 1.49 19.52 9.11
CA GLU A 48 2.04 20.34 10.19
C GLU A 48 0.99 20.65 11.27
N SER A 49 -0.25 20.94 10.88
CA SER A 49 -1.33 21.25 11.81
C SER A 49 -1.74 20.03 12.61
N LEU A 50 -1.91 18.85 12.00
CA LEU A 50 -2.24 17.61 12.67
C LEU A 50 -1.10 17.20 13.60
N ILE A 51 0.16 17.41 13.18
CA ILE A 51 1.33 17.25 14.03
C ILE A 51 1.17 18.12 15.26
N SER A 52 0.98 19.41 15.07
CA SER A 52 0.94 20.38 16.15
C SER A 52 -0.32 20.19 17.04
N ALA A 53 -1.39 19.62 16.50
CA ALA A 53 -2.59 19.19 17.22
C ALA A 53 -2.38 17.83 17.92
N GLY A 54 -1.21 17.20 17.77
CA GLY A 54 -0.87 15.91 18.36
C GLY A 54 -1.71 14.76 17.83
N LYS A 55 -2.29 14.92 16.64
CA LYS A 55 -2.97 13.86 15.93
C LYS A 55 -1.93 12.87 15.40
N VAL A 56 -0.76 13.36 14.99
CA VAL A 56 0.27 12.54 14.37
C VAL A 56 1.62 12.88 15.00
N LYS A 57 2.46 11.89 15.31
CA LYS A 57 3.78 12.07 15.92
C LYS A 57 4.89 11.62 14.96
N ILE A 58 6.12 12.13 15.11
CA ILE A 58 7.21 11.84 14.18
C ILE A 58 7.86 10.51 14.55
N ALA A 59 8.03 9.62 13.56
CA ALA A 59 8.76 8.36 13.71
C ALA A 59 9.31 7.88 12.35
N GLU A 60 10.63 7.66 12.27
CA GLU A 60 11.28 6.94 11.17
C GLU A 60 11.63 5.51 11.63
N PRO A 61 11.71 4.54 10.70
CA PRO A 61 11.86 3.10 11.01
C PRO A 61 13.25 2.70 11.47
N SER A 62 13.38 1.48 12.01
CA SER A 62 14.66 0.80 12.18
C SER A 62 15.17 0.25 10.85
N LYS A 63 16.48 0.02 10.78
CA LYS A 63 17.16 -0.57 9.64
C LYS A 63 16.61 -1.96 9.36
N GLU A 64 16.41 -2.78 10.40
CA GLU A 64 15.89 -4.11 10.20
C GLU A 64 14.51 -4.07 9.55
N SER A 65 13.71 -3.04 9.84
CA SER A 65 12.40 -2.84 9.25
C SER A 65 12.53 -2.58 7.76
N ILE A 66 13.43 -1.68 7.34
CA ILE A 66 13.72 -1.44 5.92
C ILE A 66 14.14 -2.77 5.27
N ASP A 67 15.09 -3.47 5.88
CA ASP A 67 15.61 -4.73 5.38
C ASP A 67 14.50 -5.78 5.26
N ARG A 68 13.48 -5.76 6.12
CA ARG A 68 12.32 -6.66 6.04
C ARG A 68 11.62 -6.52 4.69
N ILE A 69 11.42 -5.28 4.22
CA ILE A 69 10.76 -5.04 2.94
C ILE A 69 11.67 -5.60 1.86
N ILE A 70 12.98 -5.34 1.93
CA ILE A 70 13.96 -5.86 0.98
C ILE A 70 13.86 -7.38 0.87
N GLN A 71 13.62 -8.11 1.97
CA GLN A 71 13.60 -9.57 1.93
C GLN A 71 12.45 -10.04 1.06
N VAL A 72 11.23 -9.65 1.42
CA VAL A 72 10.06 -10.11 0.69
C VAL A 72 10.06 -9.48 -0.72
N ALA A 73 10.55 -8.25 -0.87
CA ALA A 73 10.64 -7.52 -2.13
C ALA A 73 11.56 -8.23 -3.10
N LYS A 74 12.78 -8.63 -2.68
CA LYS A 74 13.69 -9.36 -3.55
C LYS A 74 13.12 -10.73 -3.90
N GLU A 75 12.29 -11.32 -3.04
CA GLU A 75 11.59 -12.56 -3.38
C GLU A 75 10.51 -12.33 -4.44
N THR A 76 9.79 -11.20 -4.43
CA THR A 76 8.75 -10.91 -5.41
C THR A 76 9.30 -10.23 -6.68
N GLY A 77 10.54 -9.70 -6.64
CA GLY A 77 11.30 -9.28 -7.81
C GLY A 77 11.73 -7.83 -7.75
N GLU A 78 10.77 -6.91 -7.68
CA GLU A 78 11.04 -5.48 -7.63
C GLU A 78 11.54 -5.18 -6.22
N VAL A 79 12.86 -5.20 -6.03
CA VAL A 79 13.49 -5.10 -4.72
C VAL A 79 13.73 -3.66 -4.28
N ASN A 80 14.22 -2.81 -5.19
CA ASN A 80 14.49 -1.41 -4.90
C ASN A 80 13.80 -0.52 -5.92
N GLU A 81 12.97 -1.12 -6.78
CA GLU A 81 12.19 -0.43 -7.79
C GLU A 81 11.05 0.40 -7.17
N LEU A 82 10.87 0.35 -5.84
CA LEU A 82 9.90 1.13 -5.09
C LEU A 82 10.60 2.34 -4.48
N SER A 83 9.87 3.43 -4.27
CA SER A 83 10.40 4.67 -3.75
C SER A 83 10.78 4.52 -2.28
N LYS A 84 11.68 5.40 -1.82
CA LYS A 84 12.20 5.32 -0.46
C LYS A 84 11.08 5.57 0.55
N ALA A 85 10.30 6.66 0.40
CA ALA A 85 9.19 6.99 1.30
C ALA A 85 8.25 5.80 1.49
N ASP A 86 7.97 5.10 0.39
CA ASP A 86 7.13 3.91 0.33
C ASP A 86 7.65 2.87 1.30
N ILE A 87 8.91 2.47 1.11
CA ILE A 87 9.59 1.46 1.92
C ILE A 87 9.60 1.94 3.39
N GLU A 88 9.92 3.22 3.64
CA GLU A 88 10.11 3.80 4.95
C GLU A 88 8.84 3.69 5.81
N VAL A 89 7.70 4.15 5.29
CA VAL A 89 6.41 4.12 5.97
C VAL A 89 6.04 2.67 6.30
N LEU A 90 6.04 1.82 5.27
CA LEU A 90 5.59 0.45 5.35
C LEU A 90 6.41 -0.29 6.41
N ALA A 91 7.74 -0.21 6.31
CA ALA A 91 8.69 -0.78 7.25
C ALA A 91 8.34 -0.43 8.69
N LEU A 92 8.17 0.85 8.97
CA LEU A 92 7.93 1.33 10.32
C LEU A 92 6.72 0.62 10.92
N ALA A 93 5.60 0.61 10.20
CA ALA A 93 4.39 -0.05 10.68
C ALA A 93 4.60 -1.55 10.91
N TYR A 94 5.46 -2.20 10.13
CA TYR A 94 5.73 -3.63 10.33
C TYR A 94 6.51 -3.85 11.63
N GLU A 95 7.38 -2.91 12.03
CA GLU A 95 8.06 -2.96 13.32
C GLU A 95 7.10 -2.80 14.49
N LEU A 96 6.02 -2.04 14.29
CA LEU A 96 5.00 -1.77 15.29
C LEU A 96 3.90 -2.83 15.26
N LYS A 97 3.83 -3.62 14.17
CA LYS A 97 2.77 -4.55 13.83
C LYS A 97 1.36 -3.91 13.91
N GLY A 98 1.26 -2.59 13.77
CA GLY A 98 0.04 -1.84 14.04
C GLY A 98 -0.87 -1.77 12.82
N GLU A 99 -0.85 -0.63 12.13
CA GLU A 99 -1.69 -0.38 10.98
C GLU A 99 -1.03 0.65 10.05
N ILE A 100 -1.56 0.78 8.83
CA ILE A 100 -1.07 1.69 7.80
C ILE A 100 -2.29 2.36 7.16
N PHE A 101 -2.09 3.52 6.57
CA PHE A 101 -3.00 4.16 5.66
C PHE A 101 -2.22 4.59 4.42
N SER A 102 -2.63 4.17 3.22
CA SER A 102 -2.17 4.72 1.94
C SER A 102 -3.11 4.32 0.80
N ASP A 103 -2.91 4.81 -0.43
CA ASP A 103 -3.68 4.43 -1.62
C ASP A 103 -2.84 4.46 -2.90
N ASP A 104 -1.81 3.62 -2.95
CA ASP A 104 -0.92 3.47 -4.09
C ASP A 104 -0.94 2.02 -4.56
N TYR A 105 -0.57 1.75 -5.81
CA TYR A 105 -0.72 0.43 -6.41
C TYR A 105 0.30 -0.54 -5.82
N ASN A 106 1.56 -0.12 -5.70
CA ASN A 106 2.63 -0.86 -5.02
C ASN A 106 2.41 -0.87 -3.52
N VAL A 107 2.11 0.27 -2.89
CA VAL A 107 1.98 0.34 -1.44
C VAL A 107 0.97 -0.70 -0.96
N GLN A 108 -0.15 -0.83 -1.70
CA GLN A 108 -1.22 -1.74 -1.38
C GLN A 108 -0.71 -3.18 -1.46
N ASN A 109 0.07 -3.50 -2.49
CA ASN A 109 0.58 -4.83 -2.74
C ASN A 109 1.54 -5.22 -1.62
N ILE A 110 2.55 -4.40 -1.34
CA ILE A 110 3.58 -4.69 -0.34
C ILE A 110 2.91 -4.99 1.00
N ALA A 111 2.06 -4.12 1.55
CA ALA A 111 1.35 -4.47 2.78
C ALA A 111 0.54 -5.78 2.67
N SER A 112 -0.04 -6.08 1.51
CA SER A 112 -0.69 -7.34 1.24
C SER A 112 0.27 -8.51 1.47
N LEU A 113 1.38 -8.65 0.70
CA LEU A 113 2.30 -9.78 0.86
C LEU A 113 3.01 -9.81 2.22
N LEU A 114 3.07 -8.67 2.92
CA LEU A 114 3.62 -8.55 4.26
C LEU A 114 2.60 -8.88 5.34
N GLY A 115 1.33 -9.10 4.99
CA GLY A 115 0.31 -9.49 5.94
C GLY A 115 -0.18 -8.36 6.84
N LEU A 116 0.20 -7.10 6.59
CA LEU A 116 -0.16 -6.00 7.49
C LEU A 116 -1.48 -5.34 7.08
N ARG A 117 -2.47 -5.36 7.97
CA ARG A 117 -3.78 -4.74 7.79
C ARG A 117 -3.61 -3.24 7.60
N PHE A 118 -4.31 -2.68 6.62
CA PHE A 118 -4.24 -1.27 6.30
C PHE A 118 -5.58 -0.77 5.77
N ARG A 119 -5.72 0.55 5.63
CA ARG A 119 -6.85 1.21 4.98
C ARG A 119 -6.42 1.78 3.65
N THR A 120 -7.38 1.93 2.74
CA THR A 120 -7.17 2.61 1.48
C THR A 120 -8.44 3.36 1.09
N LEU A 121 -8.45 3.95 -0.11
CA LEU A 121 -9.34 5.05 -0.47
C LEU A 121 -10.47 4.59 -1.38
N LYS A 122 -11.45 5.47 -1.58
CA LYS A 122 -12.47 5.30 -2.60
C LYS A 122 -11.92 5.77 -3.94
N ARG A 123 -11.07 4.95 -4.54
CA ARG A 123 -10.96 4.83 -5.99
C ARG A 123 -11.37 3.38 -6.32
N GLY A 124 -11.45 3.01 -7.59
CA GLY A 124 -11.94 1.71 -8.02
C GLY A 124 -11.17 1.20 -9.23
N ILE A 125 -11.06 2.01 -10.29
CA ILE A 125 -10.25 1.78 -11.48
C ILE A 125 -9.79 3.16 -11.97
N LYS A 126 -8.55 3.26 -12.45
CA LYS A 126 -8.03 4.42 -13.17
C LYS A 126 -7.33 4.03 -14.48
N LYS A 127 -7.14 2.73 -14.75
CA LYS A 127 -6.63 2.25 -16.06
C LYS A 127 -6.93 0.76 -16.27
N VAL A 128 -6.95 -0.01 -15.18
CA VAL A 128 -7.10 -1.46 -15.16
C VAL A 128 -8.52 -1.85 -15.66
N ILE A 129 -8.80 -3.15 -15.74
CA ILE A 129 -10.06 -3.74 -16.18
C ILE A 129 -10.47 -4.80 -15.14
N LYS A 130 -11.62 -5.45 -15.29
CA LYS A 130 -11.89 -6.73 -14.65
C LYS A 130 -11.37 -7.88 -15.54
N TRP A 131 -11.46 -9.11 -15.06
CA TRP A 131 -11.08 -10.33 -15.77
C TRP A 131 -11.85 -11.52 -15.16
N ARG A 132 -11.87 -12.70 -15.82
CA ARG A 132 -12.68 -13.84 -15.35
C ARG A 132 -12.26 -15.21 -15.88
N TYR A 133 -11.07 -15.36 -16.45
CA TYR A 133 -10.67 -16.64 -17.01
C TYR A 133 -9.20 -16.91 -16.73
N VAL A 134 -8.81 -18.18 -16.62
CA VAL A 134 -7.46 -18.60 -16.29
C VAL A 134 -7.13 -19.85 -17.12
N CYS A 135 -5.99 -19.85 -17.80
CA CYS A 135 -5.39 -21.05 -18.37
C CYS A 135 -5.06 -22.03 -17.25
N ILE A 136 -5.03 -23.34 -17.55
CA ILE A 136 -4.52 -24.39 -16.67
C ILE A 136 -3.30 -25.04 -17.31
N GLY A 137 -2.14 -24.45 -17.04
CA GLY A 137 -0.83 -24.89 -17.51
C GLY A 137 0.15 -23.77 -17.20
N CYS A 138 0.09 -22.70 -17.99
CA CYS A 138 0.91 -21.51 -17.82
C CYS A 138 0.21 -20.43 -16.98
N GLY A 139 -1.05 -20.66 -16.59
CA GLY A 139 -1.81 -19.84 -15.64
C GLY A 139 -2.10 -18.44 -16.13
N ARG A 140 -2.16 -18.26 -17.45
CA ARG A 140 -2.37 -16.97 -18.07
C ARG A 140 -3.77 -16.49 -17.73
N LYS A 141 -3.86 -15.21 -17.39
CA LYS A 141 -5.09 -14.54 -17.07
C LYS A 141 -5.74 -14.09 -18.37
N PHE A 142 -7.07 -14.18 -18.48
CA PHE A 142 -7.82 -13.60 -19.58
C PHE A 142 -9.06 -12.91 -19.02
N SER A 143 -9.56 -11.89 -19.71
CA SER A 143 -10.86 -11.31 -19.40
C SER A 143 -11.96 -11.91 -20.26
N THR A 144 -11.62 -12.57 -21.37
CA THR A 144 -12.56 -13.17 -22.29
C THR A 144 -12.15 -14.62 -22.52
N LEU A 145 -13.03 -15.40 -23.17
CA LEU A 145 -12.71 -16.76 -23.56
C LEU A 145 -11.98 -16.64 -24.91
N PRO A 146 -10.72 -17.10 -25.05
CA PRO A 146 -10.05 -17.12 -26.34
C PRO A 146 -10.74 -18.13 -27.29
N PRO A 147 -10.37 -18.21 -28.58
CA PRO A 147 -10.92 -19.22 -29.48
C PRO A 147 -10.66 -20.63 -28.92
N GLY A 148 -11.66 -21.51 -29.02
CA GLY A 148 -11.67 -22.84 -28.39
C GLY A 148 -11.67 -22.79 -26.85
N GLY A 149 -11.57 -21.61 -26.25
CA GLY A 149 -11.20 -21.41 -24.86
C GLY A 149 -9.93 -22.17 -24.52
N VAL A 150 -8.87 -22.01 -25.31
CA VAL A 150 -7.55 -22.62 -25.04
C VAL A 150 -6.51 -21.49 -25.07
N CYS A 151 -5.37 -21.72 -24.43
CA CYS A 151 -4.37 -20.71 -24.12
C CYS A 151 -3.53 -20.35 -25.35
N PRO A 152 -3.64 -19.12 -25.89
CA PRO A 152 -2.70 -18.59 -26.90
C PRO A 152 -1.26 -18.38 -26.40
N ASP A 153 -0.83 -19.09 -25.35
CA ASP A 153 0.48 -18.96 -24.71
C ASP A 153 1.07 -20.29 -24.29
N CYS A 154 0.24 -21.33 -24.19
CA CYS A 154 0.67 -22.69 -23.84
C CYS A 154 -0.20 -23.81 -24.40
N GLY A 155 -1.29 -23.48 -25.11
CA GLY A 155 -2.20 -24.46 -25.72
C GLY A 155 -3.19 -25.11 -24.74
N SER A 156 -2.94 -25.05 -23.43
CA SER A 156 -3.80 -25.68 -22.44
C SER A 156 -5.21 -25.09 -22.42
N LYS A 157 -6.15 -25.84 -21.83
CA LYS A 157 -7.51 -25.36 -21.65
C LYS A 157 -7.55 -24.11 -20.77
N VAL A 158 -8.60 -23.31 -20.93
CA VAL A 158 -8.91 -22.15 -20.09
C VAL A 158 -10.21 -22.48 -19.35
N LYS A 159 -10.32 -22.03 -18.09
CA LYS A 159 -11.49 -22.20 -17.24
C LYS A 159 -11.85 -20.90 -16.56
N LEU A 160 -13.06 -20.81 -16.02
CA LEU A 160 -13.56 -19.65 -15.28
C LEU A 160 -13.00 -19.67 -13.85
N ILE A 161 -12.93 -18.49 -13.24
CA ILE A 161 -12.42 -18.20 -11.89
C ILE A 161 -13.42 -17.36 -11.08
N PRO A 162 -13.25 -17.27 -9.75
CA PRO A 162 -14.06 -16.40 -8.91
C PRO A 162 -13.69 -14.91 -9.06
N ARG A 163 -14.42 -14.05 -8.33
CA ARG A 163 -14.26 -12.60 -8.24
C ARG A 163 -12.79 -12.18 -8.14
N LYS A 164 -12.49 -10.97 -8.62
CA LYS A 164 -11.14 -10.41 -8.60
C LYS A 164 -10.64 -10.32 -7.16
N ARG A 165 -11.40 -9.68 -6.29
CA ARG A 165 -11.00 -9.45 -4.91
C ARG A 165 -10.96 -10.77 -4.18
ZN ZN B . -1.46 -21.18 -20.76
N MET A 5 -19.41 0.24 21.44
CA MET A 5 -19.40 -0.36 20.10
C MET A 5 -18.41 0.40 19.23
N LEU A 6 -17.27 -0.22 18.91
CA LEU A 6 -16.29 0.27 17.94
C LEU A 6 -15.94 -0.88 17.01
N ARG A 7 -16.17 -0.70 15.72
CA ARG A 7 -15.78 -1.64 14.66
C ARG A 7 -15.70 -0.85 13.37
N ASN A 8 -14.48 -0.50 12.96
CA ASN A 8 -14.19 0.00 11.63
C ASN A 8 -12.81 -0.50 11.21
N LEU A 9 -12.36 -0.15 10.00
CA LEU A 9 -11.05 -0.47 9.44
C LEU A 9 -10.87 -1.95 9.14
N LYS A 10 -9.65 -2.35 8.77
CA LYS A 10 -9.28 -3.69 8.31
C LYS A 10 -7.94 -4.10 8.92
N LYS A 11 -7.42 -5.26 8.52
CA LYS A 11 -6.09 -5.74 8.92
C LYS A 11 -5.03 -4.66 8.73
N THR A 12 -3.94 -4.77 9.50
CA THR A 12 -2.80 -3.87 9.46
C THR A 12 -2.33 -3.75 8.01
N LEU A 13 -2.27 -2.50 7.56
CA LEU A 13 -1.96 -2.10 6.21
C LEU A 13 -1.27 -0.75 6.32
N VAL A 14 -0.28 -0.51 5.48
CA VAL A 14 0.44 0.77 5.40
C VAL A 14 0.19 1.34 3.99
N LEU A 15 0.21 2.66 3.87
CA LEU A 15 0.03 3.40 2.63
C LEU A 15 1.31 4.16 2.32
N ASP A 16 1.59 4.38 1.04
CA ASP A 16 2.65 5.30 0.61
C ASP A 16 2.08 6.64 0.14
N SER A 17 2.95 7.66 0.11
CA SER A 17 2.79 8.94 -0.57
C SER A 17 2.07 8.80 -1.90
N SER A 18 2.55 7.95 -2.80
CA SER A 18 1.99 7.81 -4.14
C SER A 18 0.50 7.44 -4.09
N VAL A 19 0.02 6.76 -3.04
CA VAL A 19 -1.38 6.40 -2.91
C VAL A 19 -2.24 7.67 -2.80
N PHE A 20 -1.80 8.63 -1.98
CA PHE A 20 -2.50 9.88 -1.79
C PHE A 20 -2.40 10.75 -3.05
N ILE A 21 -1.29 10.69 -3.78
CA ILE A 21 -1.08 11.41 -5.02
C ILE A 21 -2.15 11.03 -6.06
N GLN A 22 -2.48 9.75 -6.17
CA GLN A 22 -3.54 9.32 -7.08
C GLN A 22 -4.91 9.66 -6.48
N GLY A 23 -5.01 9.66 -5.16
CA GLY A 23 -6.23 9.91 -4.42
C GLY A 23 -6.99 8.62 -4.16
N ILE A 24 -6.29 7.49 -4.05
CA ILE A 24 -6.97 6.21 -3.87
C ILE A 24 -7.46 6.16 -2.44
N ASP A 25 -8.77 6.22 -2.24
CA ASP A 25 -9.45 6.02 -0.97
C ASP A 25 -9.09 4.62 -0.43
N ILE A 26 -8.50 4.57 0.78
CA ILE A 26 -8.00 3.36 1.46
C ILE A 26 -7.90 3.63 2.98
N GLU A 27 -7.37 2.69 3.76
CA GLU A 27 -7.26 2.72 5.22
C GLU A 27 -5.85 2.24 5.63
N GLY A 28 -5.35 2.55 6.84
CA GLY A 28 -4.11 1.95 7.35
C GLY A 28 -3.25 2.88 8.20
N TYR A 29 -1.94 2.91 7.95
CA TYR A 29 -0.96 3.77 8.59
C TYR A 29 -0.14 4.49 7.51
N THR A 30 0.44 5.64 7.82
CA THR A 30 1.25 6.44 6.89
C THR A 30 2.44 7.05 7.64
N THR A 31 3.53 7.33 6.92
CA THR A 31 4.76 7.86 7.49
C THR A 31 4.70 9.40 7.56
N PRO A 32 4.77 10.01 8.76
CA PRO A 32 4.85 11.46 8.86
C PRO A 32 6.06 12.00 8.09
N SER A 33 7.10 11.17 7.95
CA SER A 33 8.34 11.49 7.28
C SER A 33 8.25 11.59 5.76
N VAL A 34 7.29 10.96 5.07
CA VAL A 34 7.07 11.32 3.67
C VAL A 34 6.10 12.51 3.60
N VAL A 35 5.17 12.63 4.56
CA VAL A 35 4.30 13.81 4.58
C VAL A 35 5.14 15.11 4.69
N GLU A 36 6.38 15.06 5.20
CA GLU A 36 7.31 16.19 5.18
C GLU A 36 7.63 16.68 3.76
N GLU A 37 7.32 15.92 2.71
CA GLU A 37 7.49 16.32 1.32
C GLU A 37 6.14 16.55 0.61
N ILE A 38 5.06 15.84 0.97
CA ILE A 38 3.77 15.93 0.29
C ILE A 38 3.29 17.39 0.25
N LYS A 39 3.26 17.96 -0.95
CA LYS A 39 2.86 19.35 -1.22
C LYS A 39 1.74 19.44 -2.25
N ASP A 40 1.47 18.35 -2.96
CA ASP A 40 0.42 18.32 -3.96
C ASP A 40 -0.91 18.50 -3.24
N ARG A 41 -1.68 19.52 -3.63
CA ARG A 41 -2.90 19.94 -2.94
C ARG A 41 -3.83 18.76 -2.78
N GLU A 42 -4.08 18.02 -3.87
CA GLU A 42 -5.02 16.92 -3.86
C GLU A 42 -4.57 15.89 -2.84
N SER A 43 -3.31 15.47 -2.96
CA SER A 43 -2.68 14.49 -2.09
C SER A 43 -2.82 14.91 -0.64
N LYS A 44 -2.48 16.17 -0.34
CA LYS A 44 -2.50 16.70 1.02
C LYS A 44 -3.92 16.71 1.57
N ILE A 45 -4.87 17.34 0.88
CA ILE A 45 -6.26 17.42 1.35
C ILE A 45 -6.75 16.01 1.64
N PHE A 46 -6.63 15.12 0.65
CA PHE A 46 -7.12 13.76 0.71
C PHE A 46 -6.50 13.01 1.90
N LEU A 47 -5.17 13.08 2.07
CA LEU A 47 -4.44 12.56 3.21
C LEU A 47 -5.06 13.09 4.51
N GLU A 48 -5.10 14.40 4.71
CA GLU A 48 -5.54 15.00 5.97
C GLU A 48 -7.00 14.63 6.28
N SER A 49 -7.85 14.52 5.27
CA SER A 49 -9.24 14.09 5.39
C SER A 49 -9.31 12.72 6.01
N LEU A 50 -8.54 11.76 5.51
CA LEU A 50 -8.55 10.38 5.98
C LEU A 50 -8.10 10.32 7.43
N ILE A 51 -7.06 11.08 7.77
CA ILE A 51 -6.47 11.04 9.10
C ILE A 51 -7.48 11.59 10.10
N SER A 52 -8.06 12.76 9.82
CA SER A 52 -9.05 13.36 10.68
C SER A 52 -10.31 12.50 10.76
N ALA A 53 -10.68 11.82 9.67
CA ALA A 53 -11.81 10.90 9.64
C ALA A 53 -11.58 9.74 10.61
N GLY A 54 -10.35 9.20 10.60
CA GLY A 54 -9.95 8.08 11.40
C GLY A 54 -9.57 6.87 10.57
N LYS A 55 -9.31 7.06 9.27
CA LYS A 55 -9.07 5.96 8.34
C LYS A 55 -7.59 5.56 8.34
N VAL A 56 -6.72 6.51 8.67
CA VAL A 56 -5.28 6.37 8.60
C VAL A 56 -4.69 6.93 9.90
N LYS A 57 -3.56 6.38 10.36
CA LYS A 57 -2.84 6.85 11.54
C LYS A 57 -1.35 7.06 11.26
N ILE A 58 -0.76 8.06 11.92
CA ILE A 58 0.61 8.51 11.76
C ILE A 58 1.53 7.51 12.46
N ALA A 59 2.51 6.98 11.73
CA ALA A 59 3.52 6.09 12.26
C ALA A 59 4.79 6.20 11.44
N GLU A 60 5.91 6.61 12.05
CA GLU A 60 7.24 6.44 11.46
C GLU A 60 7.80 5.04 11.82
N PRO A 61 8.72 4.48 11.02
CA PRO A 61 9.36 3.19 11.26
C PRO A 61 10.29 3.25 12.48
N SER A 62 10.68 2.10 13.04
CA SER A 62 11.80 2.04 13.98
C SER A 62 13.14 1.95 13.23
N LYS A 63 14.24 2.16 13.96
CA LYS A 63 15.62 2.04 13.46
C LYS A 63 15.87 0.63 12.93
N GLU A 64 15.52 -0.39 13.72
CA GLU A 64 15.67 -1.79 13.38
C GLU A 64 14.85 -2.15 12.12
N SER A 65 13.77 -1.42 11.87
CA SER A 65 12.96 -1.60 10.67
C SER A 65 13.75 -1.16 9.44
N ILE A 66 14.32 0.06 9.48
CA ILE A 66 15.10 0.64 8.38
C ILE A 66 16.29 -0.27 8.06
N ASP A 67 17.02 -0.69 9.08
CA ASP A 67 18.22 -1.51 8.90
C ASP A 67 17.92 -2.79 8.12
N ARG A 68 16.74 -3.37 8.31
CA ARG A 68 16.33 -4.58 7.59
C ARG A 68 16.36 -4.35 6.08
N ILE A 69 15.85 -3.21 5.62
CA ILE A 69 15.80 -2.89 4.20
C ILE A 69 17.21 -2.68 3.68
N ILE A 70 18.09 -2.09 4.49
CA ILE A 70 19.49 -1.92 4.10
C ILE A 70 20.12 -3.31 3.93
N GLN A 71 19.94 -4.24 4.86
CA GLN A 71 20.57 -5.55 4.78
C GLN A 71 20.07 -6.35 3.58
N VAL A 72 18.77 -6.37 3.36
CA VAL A 72 18.23 -7.12 2.25
C VAL A 72 18.61 -6.47 0.92
N ALA A 73 18.57 -5.15 0.85
CA ALA A 73 18.98 -4.42 -0.34
C ALA A 73 20.47 -4.65 -0.60
N LYS A 74 21.31 -4.72 0.44
CA LYS A 74 22.74 -4.91 0.24
C LYS A 74 23.06 -6.35 -0.15
N GLU A 75 22.23 -7.30 0.28
CA GLU A 75 22.30 -8.67 -0.18
C GLU A 75 21.93 -8.80 -1.66
N THR A 76 21.34 -7.79 -2.32
CA THR A 76 20.87 -7.93 -3.70
C THR A 76 21.42 -6.88 -4.67
N GLY A 77 21.98 -5.77 -4.20
CA GLY A 77 22.62 -4.78 -5.05
C GLY A 77 22.43 -3.37 -4.50
N GLU A 78 21.34 -2.70 -4.90
CA GLU A 78 21.13 -1.26 -4.80
C GLU A 78 20.76 -0.79 -3.39
N VAL A 79 21.61 -1.06 -2.40
CA VAL A 79 21.39 -0.80 -0.98
C VAL A 79 20.83 0.58 -0.67
N ASN A 80 21.25 1.62 -1.38
CA ASN A 80 20.84 2.98 -1.08
C ASN A 80 20.31 3.70 -2.32
N GLU A 81 20.05 2.98 -3.41
CA GLU A 81 19.55 3.62 -4.63
C GLU A 81 18.04 3.92 -4.54
N LEU A 82 17.37 3.41 -3.50
CA LEU A 82 15.95 3.61 -3.26
C LEU A 82 15.78 4.91 -2.47
N SER A 83 14.71 5.65 -2.75
CA SER A 83 14.40 6.90 -2.07
C SER A 83 14.04 6.66 -0.60
N LYS A 84 14.11 7.71 0.21
CA LYS A 84 13.89 7.64 1.65
C LYS A 84 12.48 7.16 1.97
N ALA A 85 11.45 7.83 1.45
CA ALA A 85 10.07 7.54 1.83
C ALA A 85 9.75 6.07 1.62
N ASP A 86 10.29 5.52 0.53
CA ASP A 86 10.10 4.12 0.17
C ASP A 86 10.69 3.25 1.27
N ILE A 87 11.96 3.47 1.61
CA ILE A 87 12.63 2.74 2.69
C ILE A 87 11.79 2.88 3.98
N GLU A 88 11.28 4.07 4.30
CA GLU A 88 10.54 4.34 5.52
C GLU A 88 9.23 3.54 5.58
N VAL A 89 8.38 3.66 4.56
CA VAL A 89 7.06 3.03 4.47
C VAL A 89 7.22 1.51 4.54
N LEU A 90 8.14 0.97 3.73
CA LEU A 90 8.39 -0.45 3.65
C LEU A 90 8.85 -0.95 5.01
N ALA A 91 9.84 -0.28 5.61
CA ALA A 91 10.36 -0.61 6.93
C ALA A 91 9.25 -0.69 7.98
N LEU A 92 8.44 0.36 8.09
CA LEU A 92 7.31 0.41 9.02
C LEU A 92 6.45 -0.84 8.86
N ALA A 93 6.02 -1.13 7.63
CA ALA A 93 5.15 -2.26 7.37
C ALA A 93 5.78 -3.60 7.74
N TYR A 94 7.11 -3.71 7.71
CA TYR A 94 7.79 -4.94 8.10
C TYR A 94 8.03 -5.00 9.61
N GLU A 95 7.96 -3.88 10.34
CA GLU A 95 7.85 -3.92 11.80
C GLU A 95 6.47 -4.44 12.18
N LEU A 96 5.46 -4.05 11.41
CA LEU A 96 4.06 -4.38 11.61
C LEU A 96 3.70 -5.76 11.06
N LYS A 97 4.54 -6.32 10.19
CA LYS A 97 4.30 -7.52 9.38
C LYS A 97 2.88 -7.52 8.81
N GLY A 98 2.47 -6.39 8.22
CA GLY A 98 1.08 -6.13 7.87
C GLY A 98 0.84 -6.28 6.38
N GLU A 99 0.49 -5.19 5.72
CA GLU A 99 0.22 -5.08 4.30
C GLU A 99 0.74 -3.71 3.87
N ILE A 100 0.90 -3.48 2.56
CA ILE A 100 1.44 -2.23 2.01
C ILE A 100 0.57 -1.87 0.81
N PHE A 101 0.53 -0.58 0.46
CA PHE A 101 -0.03 -0.09 -0.78
C PHE A 101 0.94 0.92 -1.37
N SER A 102 1.48 0.63 -2.55
CA SER A 102 2.33 1.54 -3.29
C SER A 102 2.32 1.19 -4.79
N ASP A 103 3.15 1.85 -5.59
CA ASP A 103 3.17 1.71 -7.05
C ASP A 103 4.56 1.79 -7.71
N ASP A 104 5.61 2.25 -7.03
CA ASP A 104 6.91 2.61 -7.63
C ASP A 104 7.76 1.41 -8.09
N TYR A 105 8.73 1.62 -8.98
CA TYR A 105 9.56 0.54 -9.53
C TYR A 105 10.38 -0.14 -8.41
N ASN A 106 10.99 0.66 -7.55
CA ASN A 106 11.79 0.20 -6.42
C ASN A 106 10.86 -0.36 -5.36
N VAL A 107 9.87 0.43 -4.94
CA VAL A 107 9.04 0.14 -3.77
C VAL A 107 8.41 -1.25 -3.87
N GLN A 108 7.93 -1.59 -5.07
CA GLN A 108 7.25 -2.84 -5.30
C GLN A 108 8.24 -3.99 -5.31
N ASN A 109 9.42 -3.78 -5.89
CA ASN A 109 10.41 -4.80 -6.01
C ASN A 109 10.91 -5.15 -4.62
N ILE A 110 11.31 -4.17 -3.81
CA ILE A 110 11.70 -4.37 -2.42
C ILE A 110 10.66 -5.23 -1.71
N ALA A 111 9.38 -4.83 -1.63
CA ALA A 111 8.40 -5.66 -0.92
C ALA A 111 8.32 -7.09 -1.47
N SER A 112 8.57 -7.28 -2.77
CA SER A 112 8.63 -8.58 -3.41
C SER A 112 9.82 -9.42 -2.91
N LEU A 113 11.08 -8.94 -2.92
CA LEU A 113 12.19 -9.73 -2.38
C LEU A 113 11.97 -9.98 -0.90
N LEU A 114 11.40 -9.01 -0.18
CA LEU A 114 11.12 -9.14 1.24
C LEU A 114 9.97 -10.12 1.51
N GLY A 115 9.14 -10.42 0.52
CA GLY A 115 8.07 -11.39 0.62
C GLY A 115 6.82 -10.87 1.31
N LEU A 116 6.68 -9.55 1.48
CA LEU A 116 5.48 -8.97 2.07
C LEU A 116 4.34 -9.06 1.06
N ARG A 117 3.11 -8.89 1.55
CA ARG A 117 1.89 -8.89 0.75
C ARG A 117 1.42 -7.46 0.64
N PHE A 118 1.16 -7.01 -0.58
CA PHE A 118 0.85 -5.62 -0.83
C PHE A 118 -0.07 -5.48 -2.04
N ARG A 119 -0.37 -4.23 -2.42
CA ARG A 119 -1.23 -3.87 -3.53
C ARG A 119 -0.44 -3.05 -4.55
N THR A 120 -0.87 -3.08 -5.81
CA THR A 120 -0.07 -2.72 -6.97
C THR A 120 -0.99 -2.02 -7.97
N LEU A 121 -0.81 -0.72 -8.19
CA LEU A 121 -1.75 0.10 -8.94
C LEU A 121 -1.95 -0.41 -10.38
N LYS A 122 -0.85 -0.44 -11.12
CA LYS A 122 -0.71 -0.76 -12.53
C LYS A 122 -0.59 -2.28 -12.70
N ARG A 123 -0.03 -2.73 -13.83
CA ARG A 123 0.33 -4.12 -14.06
C ARG A 123 1.62 -4.45 -13.30
N GLY A 124 2.04 -5.72 -13.33
CA GLY A 124 3.31 -6.18 -12.75
C GLY A 124 3.08 -6.73 -11.35
N ILE A 125 3.02 -8.06 -11.18
CA ILE A 125 2.69 -8.75 -9.93
C ILE A 125 3.60 -9.98 -9.72
N LYS A 126 4.81 -9.72 -9.23
CA LYS A 126 5.81 -10.74 -8.90
C LYS A 126 5.33 -11.63 -7.74
N LYS A 127 4.90 -11.02 -6.64
CA LYS A 127 4.59 -11.66 -5.36
C LYS A 127 3.20 -11.18 -4.89
N VAL A 128 2.31 -10.88 -5.83
CA VAL A 128 0.95 -10.38 -5.63
C VAL A 128 0.05 -11.17 -6.60
N ILE A 129 -1.27 -10.97 -6.58
CA ILE A 129 -2.26 -11.81 -7.27
C ILE A 129 -3.01 -10.94 -8.28
N LYS A 130 -3.42 -11.53 -9.41
CA LYS A 130 -4.29 -10.90 -10.39
C LYS A 130 -5.64 -10.60 -9.72
N TRP A 131 -5.86 -9.34 -9.35
CA TRP A 131 -7.14 -8.88 -8.80
C TRP A 131 -8.28 -9.12 -9.79
N ARG A 132 -9.55 -9.12 -9.36
CA ARG A 132 -10.66 -9.57 -10.21
C ARG A 132 -12.04 -9.03 -9.88
N TYR A 133 -12.14 -7.97 -9.07
CA TYR A 133 -13.45 -7.49 -8.66
C TYR A 133 -13.51 -5.97 -8.73
N VAL A 134 -14.68 -5.41 -9.05
CA VAL A 134 -14.93 -3.97 -9.10
C VAL A 134 -16.29 -3.71 -8.44
N CYS A 135 -16.34 -2.70 -7.59
CA CYS A 135 -17.58 -2.10 -7.10
C CYS A 135 -18.26 -1.40 -8.27
N ILE A 136 -19.55 -1.68 -8.47
CA ILE A 136 -20.37 -0.78 -9.27
C ILE A 136 -20.84 0.33 -8.34
N GLY A 137 -20.32 1.53 -8.57
CA GLY A 137 -20.65 2.74 -7.86
C GLY A 137 -19.39 3.54 -7.75
N CYS A 138 -18.69 3.36 -6.64
CA CYS A 138 -17.48 4.10 -6.31
C CYS A 138 -16.27 3.59 -7.10
N GLY A 139 -16.39 2.42 -7.72
CA GLY A 139 -15.42 1.86 -8.64
C GLY A 139 -14.19 1.24 -8.00
N ARG A 140 -14.29 0.88 -6.71
CA ARG A 140 -13.18 0.35 -5.94
C ARG A 140 -12.81 -1.05 -6.44
N LYS A 141 -11.53 -1.24 -6.70
CA LYS A 141 -10.95 -2.53 -7.05
C LYS A 141 -10.92 -3.43 -5.84
N PHE A 142 -11.08 -4.75 -6.03
CA PHE A 142 -10.82 -5.76 -5.02
C PHE A 142 -10.13 -6.96 -5.66
N SER A 143 -9.41 -7.72 -4.85
CA SER A 143 -8.76 -8.95 -5.28
C SER A 143 -9.58 -10.19 -4.94
N THR A 144 -10.42 -10.07 -3.92
CA THR A 144 -10.96 -11.16 -3.13
C THR A 144 -12.22 -10.64 -2.45
N LEU A 145 -13.31 -11.39 -2.57
CA LEU A 145 -14.66 -11.00 -2.21
C LEU A 145 -14.77 -10.75 -0.70
N PRO A 146 -15.20 -9.57 -0.24
CA PRO A 146 -15.24 -9.20 1.19
C PRO A 146 -16.36 -9.90 1.97
N PRO A 147 -16.40 -9.77 3.30
CA PRO A 147 -17.49 -10.23 4.15
C PRO A 147 -18.77 -9.43 3.86
N GLY A 148 -19.54 -9.90 2.89
CA GLY A 148 -20.74 -9.26 2.37
C GLY A 148 -20.80 -9.36 0.85
N GLY A 149 -19.65 -9.40 0.18
CA GLY A 149 -19.55 -9.25 -1.26
C GLY A 149 -20.16 -7.93 -1.74
N VAL A 150 -20.06 -6.90 -0.91
CA VAL A 150 -20.42 -5.51 -1.22
C VAL A 150 -19.12 -4.70 -1.27
N CYS A 151 -19.19 -3.41 -1.56
CA CYS A 151 -18.07 -2.50 -1.36
C CYS A 151 -18.08 -2.06 0.10
N PRO A 152 -17.20 -2.55 0.99
CA PRO A 152 -17.04 -1.97 2.32
C PRO A 152 -16.66 -0.47 2.34
N ASP A 153 -16.46 0.16 1.18
CA ASP A 153 -16.11 1.57 1.05
C ASP A 153 -17.32 2.46 0.80
N CYS A 154 -18.34 1.91 0.12
CA CYS A 154 -19.48 2.68 -0.38
C CYS A 154 -20.83 1.99 -0.10
N GLY A 155 -20.85 0.66 -0.18
CA GLY A 155 -21.94 -0.22 0.21
C GLY A 155 -22.58 -0.95 -0.97
N SER A 156 -22.36 -0.53 -2.20
CA SER A 156 -23.00 -1.14 -3.38
C SER A 156 -22.51 -2.57 -3.65
N LYS A 157 -23.17 -3.28 -4.56
CA LYS A 157 -22.80 -4.64 -4.97
C LYS A 157 -21.56 -4.65 -5.86
N VAL A 158 -20.69 -5.64 -5.70
CA VAL A 158 -19.43 -5.81 -6.43
C VAL A 158 -19.70 -6.83 -7.55
N LYS A 159 -19.03 -6.73 -8.70
CA LYS A 159 -19.04 -7.73 -9.77
C LYS A 159 -17.62 -8.18 -10.05
N LEU A 160 -17.47 -9.34 -10.69
CA LEU A 160 -16.22 -9.75 -11.30
C LEU A 160 -15.99 -8.91 -12.55
N ILE A 161 -14.72 -8.69 -12.92
CA ILE A 161 -14.29 -7.99 -14.12
C ILE A 161 -13.50 -8.93 -15.05
N PRO A 162 -13.50 -8.68 -16.37
CA PRO A 162 -12.94 -9.59 -17.36
C PRO A 162 -11.42 -9.51 -17.44
N ARG A 163 -10.73 -10.34 -16.65
CA ARG A 163 -9.26 -10.43 -16.60
C ARG A 163 -8.64 -9.05 -16.36
N LYS A 164 -7.34 -8.84 -16.63
CA LYS A 164 -6.70 -7.53 -16.49
C LYS A 164 -5.98 -7.20 -17.78
N ARG A 165 -4.75 -7.66 -17.93
CA ARG A 165 -3.82 -7.14 -18.92
C ARG A 165 -3.72 -5.62 -18.78
ZN ZN B . -17.71 1.14 -3.90
N MET A 5 -11.10 2.93 27.49
CA MET A 5 -12.56 3.13 27.56
C MET A 5 -12.90 4.45 26.89
N LEU A 6 -13.01 5.55 27.64
CA LEU A 6 -13.52 6.85 27.14
C LEU A 6 -12.48 7.55 26.27
N ARG A 7 -12.16 6.96 25.13
CA ARG A 7 -11.10 7.37 24.22
C ARG A 7 -11.57 7.12 22.79
N ASN A 8 -10.79 7.59 21.81
CA ASN A 8 -11.09 7.43 20.39
C ASN A 8 -9.76 7.38 19.65
N LEU A 9 -9.44 6.27 18.99
CA LEU A 9 -8.39 6.19 17.98
C LEU A 9 -8.60 4.92 17.16
N LYS A 10 -8.15 4.88 15.90
CA LYS A 10 -8.11 3.69 15.07
C LYS A 10 -7.13 2.64 15.60
N LYS A 11 -7.20 1.40 15.10
CA LYS A 11 -6.12 0.42 15.19
C LYS A 11 -4.87 0.89 14.43
N THR A 12 -3.73 0.19 14.57
CA THR A 12 -2.43 0.62 14.03
C THR A 12 -2.54 0.88 12.55
N LEU A 13 -2.07 2.05 12.14
CA LEU A 13 -2.12 2.52 10.77
C LEU A 13 -0.91 3.42 10.56
N VAL A 14 -0.40 3.45 9.34
CA VAL A 14 0.67 4.36 8.93
C VAL A 14 0.13 5.22 7.78
N LEU A 15 0.63 6.44 7.62
CA LEU A 15 0.23 7.40 6.59
C LEU A 15 1.44 7.75 5.73
N ASP A 16 1.21 8.24 4.51
CA ASP A 16 2.23 8.68 3.56
C ASP A 16 2.07 10.18 3.22
N SER A 17 3.05 10.80 2.55
CA SER A 17 3.10 12.23 2.28
C SER A 17 1.85 12.72 1.55
N SER A 18 1.41 12.01 0.50
CA SER A 18 0.21 12.38 -0.24
C SER A 18 -1.02 12.46 0.65
N VAL A 19 -1.11 11.73 1.76
CA VAL A 19 -2.28 11.78 2.64
C VAL A 19 -2.42 13.19 3.21
N PHE A 20 -1.30 13.78 3.62
CA PHE A 20 -1.25 15.13 4.16
C PHE A 20 -1.46 16.17 3.07
N ILE A 21 -1.02 15.92 1.84
CA ILE A 21 -1.26 16.78 0.68
C ILE A 21 -2.76 16.85 0.41
N GLN A 22 -3.45 15.72 0.35
CA GLN A 22 -4.87 15.68 0.03
C GLN A 22 -5.73 16.20 1.18
N GLY A 23 -5.17 16.36 2.38
CA GLY A 23 -5.85 16.93 3.52
C GLY A 23 -6.72 15.93 4.27
N ILE A 24 -6.42 14.65 4.13
CA ILE A 24 -7.23 13.55 4.64
C ILE A 24 -6.96 13.46 6.13
N ASP A 25 -7.94 13.87 6.95
CA ASP A 25 -7.95 13.68 8.39
C ASP A 25 -8.00 12.17 8.65
N ILE A 26 -6.90 11.59 9.13
CA ILE A 26 -6.79 10.18 9.48
C ILE A 26 -5.69 10.06 10.54
N GLU A 27 -5.76 9.01 11.35
CA GLU A 27 -4.89 8.72 12.48
C GLU A 27 -3.81 7.71 12.10
N GLY A 28 -2.76 7.59 12.92
CA GLY A 28 -1.74 6.57 12.75
C GLY A 28 -0.33 7.09 13.07
N TYR A 29 0.64 6.68 12.25
CA TYR A 29 2.04 7.07 12.38
C TYR A 29 2.52 7.65 11.05
N THR A 30 3.50 8.55 11.10
CA THR A 30 4.08 9.17 9.91
C THR A 30 5.60 9.20 10.05
N THR A 31 6.28 9.07 8.91
CA THR A 31 7.72 8.90 8.77
C THR A 31 8.44 10.26 8.86
N PRO A 32 9.26 10.53 9.89
CA PRO A 32 9.99 11.79 9.99
C PRO A 32 10.91 12.08 8.78
N SER A 33 11.29 11.06 8.00
CA SER A 33 12.23 11.21 6.90
C SER A 33 11.56 11.58 5.56
N VAL A 34 10.23 11.49 5.42
CA VAL A 34 9.53 12.13 4.31
C VAL A 34 9.12 13.53 4.74
N VAL A 35 8.70 13.66 6.01
CA VAL A 35 8.26 14.92 6.58
C VAL A 35 9.40 15.97 6.55
N GLU A 36 10.66 15.52 6.44
CA GLU A 36 11.82 16.39 6.25
C GLU A 36 11.70 17.31 5.03
N GLU A 37 10.90 16.95 4.01
CA GLU A 37 10.83 17.69 2.75
C GLU A 37 9.43 18.22 2.46
N ILE A 38 8.47 18.11 3.39
CA ILE A 38 7.14 18.65 3.16
C ILE A 38 7.25 20.18 3.31
N LYS A 39 7.58 20.85 2.21
CA LYS A 39 7.67 22.30 2.08
C LYS A 39 6.35 22.95 1.68
N ASP A 40 5.38 22.13 1.29
CA ASP A 40 4.06 22.62 0.96
C ASP A 40 3.35 23.02 2.24
N ARG A 41 2.89 24.27 2.32
CA ARG A 41 2.42 24.87 3.56
C ARG A 41 1.14 24.21 4.05
N GLU A 42 0.17 23.95 3.16
CA GLU A 42 -1.09 23.29 3.52
C GLU A 42 -0.76 21.94 4.16
N SER A 43 0.01 21.13 3.42
CA SER A 43 0.42 19.80 3.85
C SER A 43 1.15 19.86 5.20
N LYS A 44 2.17 20.71 5.32
CA LYS A 44 3.00 20.83 6.51
C LYS A 44 2.15 21.21 7.71
N ILE A 45 1.42 22.31 7.61
CA ILE A 45 0.62 22.83 8.70
C ILE A 45 -0.33 21.73 9.14
N PHE A 46 -1.11 21.17 8.21
CA PHE A 46 -2.09 20.13 8.52
C PHE A 46 -1.44 18.93 9.21
N LEU A 47 -0.34 18.42 8.66
CA LEU A 47 0.39 17.28 9.19
C LEU A 47 0.78 17.54 10.65
N GLU A 48 1.48 18.63 10.91
CA GLU A 48 1.92 18.99 12.26
C GLU A 48 0.70 19.19 13.17
N SER A 49 -0.38 19.80 12.67
CA SER A 49 -1.61 20.03 13.42
C SER A 49 -2.21 18.71 13.91
N LEU A 50 -2.21 17.66 13.09
CA LEU A 50 -2.70 16.35 13.47
C LEU A 50 -1.84 15.76 14.58
N ILE A 51 -0.52 15.87 14.48
CA ILE A 51 0.39 15.38 15.51
C ILE A 51 0.08 16.13 16.82
N SER A 52 0.06 17.47 16.77
CA SER A 52 -0.18 18.32 17.91
C SER A 52 -1.58 18.09 18.51
N ALA A 53 -2.56 17.74 17.69
CA ALA A 53 -3.90 17.35 18.13
C ALA A 53 -3.87 16.03 18.90
N GLY A 54 -3.18 15.02 18.35
CA GLY A 54 -3.14 13.68 18.91
C GLY A 54 -3.25 12.58 17.86
N LYS A 55 -3.70 12.93 16.66
CA LYS A 55 -4.25 11.97 15.71
C LYS A 55 -3.13 11.09 15.13
N VAL A 56 -1.96 11.66 14.93
CA VAL A 56 -0.82 11.00 14.30
C VAL A 56 0.37 11.09 15.25
N LYS A 57 1.39 10.26 15.05
CA LYS A 57 2.60 10.24 15.88
C LYS A 57 3.82 10.00 14.98
N ILE A 58 4.94 10.66 15.24
CA ILE A 58 6.18 10.49 14.48
C ILE A 58 6.78 9.10 14.75
N ALA A 59 7.03 8.30 13.73
CA ALA A 59 7.78 7.05 13.85
C ALA A 59 8.49 6.77 12.54
N GLU A 60 9.75 6.36 12.58
CA GLU A 60 10.49 5.87 11.42
C GLU A 60 10.55 4.34 11.37
N PRO A 61 10.82 3.75 10.18
CA PRO A 61 11.15 2.33 10.01
C PRO A 61 12.47 1.95 10.70
N SER A 62 12.85 0.69 10.52
CA SER A 62 14.13 0.14 10.93
C SER A 62 14.85 -0.43 9.72
N LYS A 63 16.14 -0.71 9.92
CA LYS A 63 17.06 -1.15 8.86
C LYS A 63 16.51 -2.40 8.18
N GLU A 64 16.12 -3.42 8.95
CA GLU A 64 15.60 -4.65 8.36
C GLU A 64 14.23 -4.46 7.73
N SER A 65 13.47 -3.43 8.16
CA SER A 65 12.18 -3.09 7.58
C SER A 65 12.42 -2.64 6.13
N ILE A 66 13.36 -1.72 5.92
CA ILE A 66 13.76 -1.24 4.59
C ILE A 66 14.25 -2.43 3.78
N ASP A 67 15.15 -3.23 4.35
CA ASP A 67 15.75 -4.34 3.63
C ASP A 67 14.69 -5.33 3.17
N ARG A 68 13.55 -5.48 3.85
CA ARG A 68 12.43 -6.31 3.40
C ARG A 68 11.94 -5.83 2.03
N ILE A 69 11.70 -4.53 1.87
CA ILE A 69 11.19 -3.97 0.62
C ILE A 69 12.24 -4.18 -0.48
N ILE A 70 13.52 -4.14 -0.15
CA ILE A 70 14.57 -4.52 -1.09
C ILE A 70 14.42 -5.98 -1.49
N GLN A 71 14.26 -6.92 -0.55
CA GLN A 71 14.17 -8.35 -0.87
C GLN A 71 13.02 -8.61 -1.83
N VAL A 72 11.85 -8.09 -1.52
CA VAL A 72 10.67 -8.34 -2.30
C VAL A 72 10.73 -7.60 -3.65
N ALA A 73 11.20 -6.35 -3.64
CA ALA A 73 11.28 -5.55 -4.85
C ALA A 73 12.39 -6.05 -5.78
N LYS A 74 13.42 -6.72 -5.26
CA LYS A 74 14.45 -7.33 -6.09
C LYS A 74 13.96 -8.65 -6.66
N GLU A 75 13.02 -9.33 -5.98
CA GLU A 75 12.32 -10.49 -6.52
C GLU A 75 11.45 -10.11 -7.75
N THR A 76 11.32 -8.83 -8.13
CA THR A 76 10.52 -8.40 -9.26
C THR A 76 11.34 -7.51 -10.22
N GLY A 77 11.89 -6.38 -9.79
CA GLY A 77 12.86 -5.61 -10.60
C GLY A 77 12.94 -4.13 -10.29
N GLU A 78 11.91 -3.53 -9.68
CA GLU A 78 11.87 -2.10 -9.32
C GLU A 78 12.66 -1.81 -8.03
N VAL A 79 13.60 -2.68 -7.65
CA VAL A 79 14.23 -2.80 -6.34
C VAL A 79 14.44 -1.49 -5.58
N ASN A 80 15.15 -0.53 -6.18
CA ASN A 80 15.45 0.75 -5.56
C ASN A 80 14.91 1.88 -6.43
N GLU A 81 14.07 1.57 -7.43
CA GLU A 81 13.47 2.54 -8.32
C GLU A 81 12.60 3.52 -7.52
N LEU A 82 11.96 2.99 -6.48
CA LEU A 82 10.97 3.70 -5.68
C LEU A 82 11.59 4.88 -4.93
N SER A 83 10.77 5.91 -4.71
CA SER A 83 11.02 6.98 -3.77
C SER A 83 11.37 6.38 -2.42
N LYS A 84 12.43 6.87 -1.78
CA LYS A 84 12.84 6.42 -0.46
C LYS A 84 11.69 6.59 0.53
N ALA A 85 11.01 7.74 0.51
CA ALA A 85 9.87 7.99 1.37
C ALA A 85 8.84 6.86 1.29
N ASP A 86 8.50 6.42 0.09
CA ASP A 86 7.53 5.36 -0.18
C ASP A 86 8.04 4.06 0.45
N ILE A 87 9.30 3.69 0.19
CA ILE A 87 9.94 2.53 0.81
C ILE A 87 9.82 2.64 2.34
N GLU A 88 10.09 3.80 2.91
CA GLU A 88 10.14 4.04 4.34
C GLU A 88 8.76 3.90 4.99
N VAL A 89 7.72 4.47 4.39
CA VAL A 89 6.33 4.37 4.86
C VAL A 89 5.92 2.89 4.89
N LEU A 90 6.13 2.20 3.77
CA LEU A 90 5.78 0.80 3.58
C LEU A 90 6.52 -0.04 4.62
N ALA A 91 7.84 0.11 4.68
CA ALA A 91 8.73 -0.57 5.62
C ALA A 91 8.26 -0.41 7.06
N LEU A 92 7.99 0.83 7.49
CA LEU A 92 7.50 1.13 8.82
C LEU A 92 6.28 0.26 9.11
N ALA A 93 5.26 0.34 8.25
CA ALA A 93 4.04 -0.39 8.50
C ALA A 93 4.30 -1.87 8.62
N TYR A 94 5.15 -2.45 7.76
CA TYR A 94 5.40 -3.89 7.78
C TYR A 94 6.11 -4.27 9.08
N GLU A 95 6.98 -3.41 9.64
CA GLU A 95 7.55 -3.59 10.97
C GLU A 95 6.43 -3.70 11.99
N LEU A 96 5.41 -2.85 11.87
CA LEU A 96 4.32 -2.75 12.82
C LEU A 96 3.27 -3.84 12.61
N LYS A 97 3.24 -4.49 11.45
CA LYS A 97 2.15 -5.37 11.01
C LYS A 97 0.78 -4.64 11.09
N GLY A 98 0.78 -3.30 10.97
CA GLY A 98 -0.37 -2.39 10.98
C GLY A 98 -1.05 -2.27 9.61
N GLU A 99 -1.82 -1.20 9.38
CA GLU A 99 -2.30 -0.75 8.06
C GLU A 99 -1.37 0.34 7.50
N ILE A 100 -1.59 0.75 6.25
CA ILE A 100 -0.96 1.90 5.56
C ILE A 100 -2.08 2.77 4.95
N PHE A 101 -1.78 4.02 4.58
CA PHE A 101 -2.57 4.89 3.74
C PHE A 101 -1.61 5.58 2.77
N SER A 102 -1.75 5.32 1.47
CA SER A 102 -1.03 6.00 0.39
C SER A 102 -1.81 5.86 -0.93
N ASP A 103 -1.32 6.44 -2.02
CA ASP A 103 -2.04 6.54 -3.31
C ASP A 103 -1.09 6.59 -4.51
N ASP A 104 0.13 6.08 -4.40
CA ASP A 104 1.11 6.10 -5.49
C ASP A 104 0.92 4.85 -6.36
N TYR A 105 1.33 4.86 -7.63
CA TYR A 105 1.19 3.67 -8.49
C TYR A 105 2.06 2.55 -7.94
N ASN A 106 3.32 2.89 -7.63
CA ASN A 106 4.31 2.00 -7.07
C ASN A 106 3.92 1.58 -5.66
N VAL A 107 3.62 2.50 -4.74
CA VAL A 107 3.34 2.18 -3.34
C VAL A 107 2.21 1.14 -3.26
N GLN A 108 1.18 1.32 -4.09
CA GLN A 108 0.01 0.47 -4.12
C GLN A 108 0.36 -0.91 -4.67
N ASN A 109 1.27 -0.96 -5.66
CA ASN A 109 1.70 -2.18 -6.27
C ASN A 109 2.51 -2.94 -5.23
N ILE A 110 3.55 -2.33 -4.66
CA ILE A 110 4.40 -2.91 -3.62
C ILE A 110 3.51 -3.48 -2.51
N ALA A 111 2.69 -2.68 -1.83
CA ALA A 111 1.82 -3.21 -0.78
C ALA A 111 0.96 -4.38 -1.27
N SER A 112 0.53 -4.40 -2.54
CA SER A 112 -0.16 -5.55 -3.13
C SER A 112 0.72 -6.81 -3.22
N LEU A 113 1.97 -6.79 -3.73
CA LEU A 113 2.80 -7.99 -3.71
C LEU A 113 3.15 -8.37 -2.26
N LEU A 114 3.30 -7.39 -1.38
CA LEU A 114 3.53 -7.58 0.05
C LEU A 114 2.28 -8.01 0.81
N GLY A 115 1.11 -8.08 0.16
CA GLY A 115 -0.16 -8.48 0.73
C GLY A 115 -0.76 -7.50 1.74
N LEU A 116 -0.09 -6.40 2.08
CA LEU A 116 -0.48 -5.56 3.19
C LEU A 116 -1.73 -4.77 2.86
N ARG A 117 -2.73 -4.84 3.74
CA ARG A 117 -3.97 -4.09 3.60
C ARG A 117 -3.68 -2.62 3.85
N PHE A 118 -4.11 -1.75 2.93
CA PHE A 118 -3.94 -0.32 3.09
C PHE A 118 -5.22 0.44 2.76
N ARG A 119 -5.17 1.76 2.86
CA ARG A 119 -6.21 2.70 2.44
C ARG A 119 -5.64 3.55 1.31
N THR A 120 -6.51 4.04 0.44
CA THR A 120 -6.14 4.94 -0.62
C THR A 120 -7.34 5.82 -0.95
N LEU A 121 -7.12 6.82 -1.80
CA LEU A 121 -8.17 7.75 -2.23
C LEU A 121 -9.17 7.02 -3.13
N LYS A 122 -10.32 7.66 -3.37
CA LYS A 122 -11.30 7.26 -4.37
C LYS A 122 -10.61 7.04 -5.72
N ARG A 123 -10.97 5.98 -6.45
CA ARG A 123 -10.59 5.72 -7.84
C ARG A 123 -11.17 4.36 -8.24
N GLY A 124 -11.25 4.07 -9.54
CA GLY A 124 -11.50 2.74 -10.02
C GLY A 124 -10.30 1.84 -9.75
N ILE A 125 -9.27 1.90 -10.62
CA ILE A 125 -8.10 1.01 -10.62
C ILE A 125 -6.89 1.71 -11.24
N LYS A 126 -5.72 1.07 -11.17
CA LYS A 126 -4.54 1.38 -11.96
C LYS A 126 -4.03 0.08 -12.56
N LYS A 127 -4.38 -0.20 -13.82
CA LYS A 127 -4.01 -1.38 -14.62
C LYS A 127 -4.75 -2.67 -14.23
N VAL A 128 -5.30 -2.77 -13.01
CA VAL A 128 -5.97 -3.97 -12.50
C VAL A 128 -7.38 -4.14 -13.09
N ILE A 129 -7.50 -4.41 -14.38
CA ILE A 129 -8.78 -4.56 -15.09
C ILE A 129 -9.65 -5.61 -14.38
N LYS A 130 -10.99 -5.42 -14.42
CA LYS A 130 -11.99 -6.32 -13.82
C LYS A 130 -11.71 -7.74 -14.27
N TRP A 131 -11.70 -8.67 -13.32
CA TRP A 131 -11.23 -10.01 -13.55
C TRP A 131 -12.29 -11.03 -13.16
N ARG A 132 -12.44 -12.10 -13.98
CA ARG A 132 -13.52 -13.08 -13.79
C ARG A 132 -13.13 -14.54 -14.05
N TYR A 133 -11.85 -14.88 -14.17
CA TYR A 133 -11.45 -16.26 -14.36
C TYR A 133 -10.26 -16.63 -13.45
N VAL A 134 -10.32 -17.84 -12.92
CA VAL A 134 -9.27 -18.50 -12.15
C VAL A 134 -8.85 -19.81 -12.84
N CYS A 135 -7.56 -20.12 -12.88
CA CYS A 135 -7.04 -21.46 -13.14
C CYS A 135 -7.08 -22.24 -11.83
N ILE A 136 -7.82 -23.35 -11.79
CA ILE A 136 -7.56 -24.39 -10.79
C ILE A 136 -6.23 -25.02 -11.20
N GLY A 137 -5.26 -25.10 -10.29
CA GLY A 137 -4.01 -25.80 -10.49
C GLY A 137 -2.91 -24.88 -9.98
N CYS A 138 -2.51 -23.93 -10.80
CA CYS A 138 -1.54 -22.93 -10.37
C CYS A 138 -2.22 -21.83 -9.55
N GLY A 139 -3.55 -21.68 -9.68
CA GLY A 139 -4.33 -20.74 -8.90
C GLY A 139 -4.35 -19.32 -9.48
N ARG A 140 -4.00 -19.19 -10.76
CA ARG A 140 -3.66 -17.94 -11.42
C ARG A 140 -4.90 -17.23 -11.90
N LYS A 141 -4.75 -15.93 -12.18
CA LYS A 141 -5.83 -14.99 -12.36
C LYS A 141 -5.91 -14.52 -13.80
N PHE A 142 -7.13 -14.35 -14.31
CA PHE A 142 -7.40 -13.94 -15.68
C PHE A 142 -8.62 -13.03 -15.71
N SER A 143 -8.70 -12.20 -16.74
CA SER A 143 -9.78 -11.23 -16.91
C SER A 143 -10.78 -11.65 -17.98
N THR A 144 -10.42 -12.64 -18.79
CA THR A 144 -11.19 -13.25 -19.86
C THR A 144 -10.80 -14.73 -19.90
N LEU A 145 -11.45 -15.51 -20.76
CA LEU A 145 -11.04 -16.88 -21.04
C LEU A 145 -9.87 -16.81 -22.04
N PRO A 146 -8.75 -17.53 -21.85
CA PRO A 146 -7.67 -17.58 -22.83
C PRO A 146 -8.10 -18.45 -24.02
N PRO A 147 -7.34 -18.49 -25.13
CA PRO A 147 -7.56 -19.47 -26.18
C PRO A 147 -7.50 -20.88 -25.60
N GLY A 148 -8.46 -21.73 -25.98
CA GLY A 148 -8.59 -23.09 -25.45
C GLY A 148 -9.19 -23.16 -24.04
N GLY A 149 -9.26 -22.04 -23.31
CA GLY A 149 -9.82 -21.99 -21.97
C GLY A 149 -9.06 -22.83 -20.95
N VAL A 150 -7.76 -23.02 -21.17
CA VAL A 150 -6.85 -23.71 -20.26
C VAL A 150 -5.71 -22.75 -19.93
N CYS A 151 -5.05 -22.95 -18.80
CA CYS A 151 -4.03 -22.07 -18.27
C CYS A 151 -2.80 -22.09 -19.16
N PRO A 152 -2.39 -20.96 -19.77
CA PRO A 152 -1.12 -20.88 -20.47
C PRO A 152 0.09 -21.13 -19.55
N ASP A 153 -0.06 -20.99 -18.23
CA ASP A 153 1.02 -21.12 -17.26
C ASP A 153 1.25 -22.59 -16.96
N CYS A 154 0.17 -23.33 -16.74
CA CYS A 154 0.20 -24.62 -16.06
C CYS A 154 -0.66 -25.69 -16.73
N GLY A 155 -1.34 -25.32 -17.83
CA GLY A 155 -2.10 -26.21 -18.68
C GLY A 155 -3.47 -26.61 -18.11
N SER A 156 -3.74 -26.34 -16.84
CA SER A 156 -4.95 -26.77 -16.17
C SER A 156 -6.19 -25.95 -16.57
N LYS A 157 -7.38 -26.47 -16.27
CA LYS A 157 -8.62 -25.83 -16.68
C LYS A 157 -8.86 -24.51 -15.95
N VAL A 158 -9.50 -23.57 -16.62
CA VAL A 158 -9.85 -22.26 -16.10
C VAL A 158 -11.38 -22.26 -15.90
N LYS A 159 -11.89 -21.53 -14.90
CA LYS A 159 -13.30 -21.46 -14.55
C LYS A 159 -13.60 -20.10 -13.93
N LEU A 160 -14.86 -19.68 -13.88
CA LEU A 160 -15.22 -18.34 -13.42
C LEU A 160 -15.37 -18.31 -11.90
N ILE A 161 -15.12 -17.16 -11.29
CA ILE A 161 -15.22 -16.95 -9.85
C ILE A 161 -16.34 -15.96 -9.52
N PRO A 162 -16.93 -16.05 -8.31
CA PRO A 162 -18.07 -15.25 -7.93
C PRO A 162 -17.68 -13.78 -7.69
N ARG A 163 -17.98 -12.92 -8.66
CA ARG A 163 -17.62 -11.51 -8.79
C ARG A 163 -16.09 -11.32 -8.80
N LYS A 164 -15.66 -10.08 -9.03
CA LYS A 164 -14.26 -9.67 -8.95
C LYS A 164 -13.63 -9.98 -7.58
N ARG A 165 -14.47 -10.01 -6.53
CA ARG A 165 -14.18 -10.15 -5.11
C ARG A 165 -12.78 -9.67 -4.79
ZN ZN B . -2.69 -22.48 -14.08
N MET A 5 -14.98 -2.11 17.95
CA MET A 5 -13.78 -1.24 17.84
C MET A 5 -13.63 -0.67 16.44
N LEU A 6 -13.27 -1.47 15.43
CA LEU A 6 -12.89 -0.98 14.11
C LEU A 6 -14.12 -1.00 13.20
N ARG A 7 -14.78 0.14 13.02
CA ARG A 7 -15.82 0.33 12.00
C ARG A 7 -15.65 1.66 11.27
N ASN A 8 -15.00 2.66 11.86
CA ASN A 8 -14.56 3.89 11.17
C ASN A 8 -13.09 3.73 10.74
N LEU A 9 -12.62 2.48 10.62
CA LEU A 9 -11.27 2.11 10.24
C LEU A 9 -11.34 0.89 9.33
N LYS A 10 -10.24 0.56 8.66
CA LYS A 10 -10.07 -0.65 7.85
C LYS A 10 -8.90 -1.47 8.36
N LYS A 11 -8.44 -2.45 7.59
CA LYS A 11 -7.23 -3.19 7.92
C LYS A 11 -6.02 -2.25 8.09
N THR A 12 -5.04 -2.70 8.86
CA THR A 12 -3.75 -2.06 9.09
C THR A 12 -3.15 -1.68 7.74
N LEU A 13 -2.95 -0.38 7.56
CA LEU A 13 -2.52 0.27 6.34
C LEU A 13 -1.55 1.38 6.72
N VAL A 14 -0.49 1.53 5.95
CA VAL A 14 0.53 2.56 6.16
C VAL A 14 0.46 3.53 4.97
N LEU A 15 0.87 4.78 5.17
CA LEU A 15 0.66 5.91 4.27
C LEU A 15 1.96 6.67 4.18
N ASP A 16 2.26 7.24 3.01
CA ASP A 16 3.49 8.02 2.79
C ASP A 16 3.19 9.52 2.62
N SER A 17 4.21 10.40 2.69
CA SER A 17 4.12 11.84 2.50
C SER A 17 3.28 12.15 1.26
N SER A 18 3.57 11.44 0.16
CA SER A 18 2.87 11.57 -1.10
C SER A 18 1.34 11.50 -0.98
N VAL A 19 0.80 10.70 -0.07
CA VAL A 19 -0.63 10.53 0.12
C VAL A 19 -1.22 11.86 0.60
N PHE A 20 -0.55 12.51 1.56
CA PHE A 20 -0.99 13.79 2.09
C PHE A 20 -0.78 14.89 1.06
N ILE A 21 0.30 14.82 0.26
CA ILE A 21 0.56 15.75 -0.85
C ILE A 21 -0.63 15.77 -1.83
N GLN A 22 -1.26 14.62 -2.12
CA GLN A 22 -2.40 14.61 -3.03
C GLN A 22 -3.71 14.98 -2.36
N GLY A 23 -3.83 14.81 -1.04
CA GLY A 23 -5.06 15.12 -0.32
C GLY A 23 -6.00 13.92 -0.21
N ILE A 24 -5.46 12.70 -0.30
CA ILE A 24 -6.25 11.49 -0.31
C ILE A 24 -6.69 11.22 1.13
N ASP A 25 -7.96 11.45 1.42
CA ASP A 25 -8.59 11.14 2.70
C ASP A 25 -8.62 9.61 2.88
N ILE A 26 -7.73 9.06 3.70
CA ILE A 26 -7.63 7.62 3.95
C ILE A 26 -7.09 7.41 5.35
N GLU A 27 -7.78 6.55 6.12
CA GLU A 27 -7.42 6.13 7.45
C GLU A 27 -6.23 5.16 7.41
N GLY A 28 -5.26 5.34 8.30
CA GLY A 28 -4.05 4.51 8.31
C GLY A 28 -3.01 5.04 9.28
N TYR A 29 -1.75 4.62 9.11
CA TYR A 29 -0.65 5.04 9.95
C TYR A 29 0.46 5.68 9.11
N THR A 30 1.20 6.59 9.72
CA THR A 30 2.18 7.44 9.04
C THR A 30 3.41 7.66 9.92
N THR A 31 4.58 7.90 9.31
CA THR A 31 5.86 7.97 10.02
C THR A 31 6.08 9.37 10.61
N PRO A 32 6.37 9.47 11.92
CA PRO A 32 6.80 10.73 12.49
C PRO A 32 8.07 11.23 11.80
N SER A 33 8.96 10.34 11.32
CA SER A 33 10.16 10.81 10.65
C SER A 33 9.88 11.61 9.39
N VAL A 34 8.95 11.19 8.53
CA VAL A 34 8.75 11.94 7.29
C VAL A 34 8.02 13.23 7.65
N VAL A 35 7.07 13.21 8.61
CA VAL A 35 6.28 14.42 8.84
C VAL A 35 7.11 15.56 9.35
N GLU A 36 8.23 15.28 10.02
CA GLU A 36 9.06 16.36 10.50
C GLU A 36 9.61 17.20 9.34
N GLU A 37 9.79 16.59 8.16
CA GLU A 37 10.38 17.23 6.99
C GLU A 37 9.31 17.92 6.12
N ILE A 38 8.06 17.49 6.23
CA ILE A 38 6.95 18.05 5.47
C ILE A 38 6.86 19.55 5.77
N LYS A 39 6.72 20.34 4.71
CA LYS A 39 6.62 21.79 4.72
C LYS A 39 5.72 22.32 3.61
N ASP A 40 5.22 21.43 2.77
CA ASP A 40 4.14 21.76 1.84
C ASP A 40 2.91 21.95 2.70
N ARG A 41 2.31 23.14 2.65
CA ARG A 41 1.24 23.50 3.56
C ARG A 41 0.02 22.65 3.32
N GLU A 42 -0.32 22.39 2.06
CA GLU A 42 -1.50 21.61 1.70
C GLU A 42 -1.38 20.25 2.38
N SER A 43 -0.27 19.55 2.10
CA SER A 43 0.09 18.27 2.68
C SER A 43 0.05 18.35 4.20
N LYS A 44 0.76 19.30 4.81
CA LYS A 44 0.89 19.43 6.26
C LYS A 44 -0.46 19.59 6.93
N ILE A 45 -1.21 20.62 6.54
CA ILE A 45 -2.48 20.96 7.16
C ILE A 45 -3.40 19.75 7.02
N PHE A 46 -3.53 19.17 5.82
CA PHE A 46 -4.36 18.01 5.58
C PHE A 46 -3.93 16.80 6.43
N LEU A 47 -2.63 16.51 6.52
CA LEU A 47 -2.08 15.41 7.30
C LEU A 47 -2.50 15.59 8.75
N GLU A 48 -2.18 16.73 9.36
CA GLU A 48 -2.51 17.03 10.74
C GLU A 48 -4.02 16.96 10.94
N SER A 49 -4.82 17.48 10.00
CA SER A 49 -6.28 17.43 10.00
C SER A 49 -6.76 15.99 10.18
N LEU A 50 -6.23 15.04 9.42
CA LEU A 50 -6.62 13.64 9.54
C LEU A 50 -6.30 13.08 10.91
N ILE A 51 -5.12 13.38 11.46
CA ILE A 51 -4.74 12.90 12.79
C ILE A 51 -5.70 13.51 13.81
N SER A 52 -5.95 14.82 13.73
CA SER A 52 -6.88 15.54 14.59
C SER A 52 -8.28 14.92 14.47
N ALA A 53 -8.75 14.63 13.25
CA ALA A 53 -10.06 14.06 12.97
C ALA A 53 -10.19 12.70 13.62
N GLY A 54 -9.14 11.87 13.54
CA GLY A 54 -9.09 10.53 14.14
C GLY A 54 -8.72 9.44 13.15
N LYS A 55 -8.43 9.80 11.90
CA LYS A 55 -8.39 8.85 10.79
C LYS A 55 -6.98 8.24 10.70
N VAL A 56 -5.97 9.07 10.95
CA VAL A 56 -4.58 8.70 10.77
C VAL A 56 -3.86 8.80 12.11
N LYS A 57 -2.79 8.02 12.29
CA LYS A 57 -2.06 7.95 13.54
C LYS A 57 -0.57 7.87 13.29
N ILE A 58 0.20 8.54 14.12
CA ILE A 58 1.66 8.48 14.10
C ILE A 58 2.10 7.07 14.49
N ALA A 59 3.02 6.48 13.75
CA ALA A 59 3.72 5.27 14.12
C ALA A 59 5.10 5.25 13.47
N GLU A 60 6.13 5.07 14.27
CA GLU A 60 7.49 4.83 13.81
C GLU A 60 7.75 3.32 13.57
N PRO A 61 8.65 2.97 12.64
CA PRO A 61 9.17 1.61 12.46
C PRO A 61 10.06 1.22 13.65
N SER A 62 10.68 0.05 13.58
CA SER A 62 11.50 -0.58 14.59
C SER A 62 12.85 -0.93 13.96
N LYS A 63 13.87 -1.15 14.80
CA LYS A 63 15.23 -1.40 14.34
C LYS A 63 15.27 -2.63 13.42
N GLU A 64 14.52 -3.68 13.76
CA GLU A 64 14.44 -4.90 12.95
C GLU A 64 13.68 -4.68 11.64
N SER A 65 12.65 -3.83 11.61
CA SER A 65 11.88 -3.63 10.38
C SER A 65 12.69 -2.77 9.40
N ILE A 66 13.47 -1.79 9.88
CA ILE A 66 14.42 -1.05 9.05
C ILE A 66 15.42 -2.04 8.44
N ASP A 67 16.01 -2.89 9.28
CA ASP A 67 16.96 -3.90 8.84
C ASP A 67 16.35 -4.82 7.78
N ARG A 68 15.06 -5.16 7.90
CA ARG A 68 14.34 -5.96 6.90
C ARG A 68 14.50 -5.35 5.50
N ILE A 69 14.39 -4.03 5.36
CA ILE A 69 14.53 -3.38 4.05
C ILE A 69 15.99 -3.55 3.62
N ILE A 70 16.93 -3.25 4.51
CA ILE A 70 18.36 -3.32 4.23
C ILE A 70 18.74 -4.72 3.73
N GLN A 71 18.17 -5.79 4.31
CA GLN A 71 18.45 -7.17 3.94
C GLN A 71 18.21 -7.35 2.43
N VAL A 72 16.97 -7.17 2.01
CA VAL A 72 16.56 -7.44 0.64
C VAL A 72 17.12 -6.36 -0.30
N ALA A 73 17.28 -5.14 0.18
CA ALA A 73 17.78 -4.02 -0.61
C ALA A 73 19.24 -4.25 -1.00
N LYS A 74 20.11 -4.64 -0.05
CA LYS A 74 21.47 -4.99 -0.39
C LYS A 74 21.51 -6.27 -1.22
N GLU A 75 20.53 -7.17 -1.06
CA GLU A 75 20.39 -8.39 -1.84
C GLU A 75 19.92 -8.11 -3.29
N THR A 76 19.72 -6.85 -3.69
CA THR A 76 19.46 -6.47 -5.08
C THR A 76 20.54 -5.48 -5.55
N GLY A 77 20.83 -4.42 -4.79
CA GLY A 77 21.96 -3.54 -5.03
C GLY A 77 21.84 -2.19 -4.33
N GLU A 78 20.76 -1.47 -4.62
CA GLU A 78 20.46 -0.09 -4.23
C GLU A 78 20.17 0.11 -2.72
N VAL A 79 20.88 -0.58 -1.83
CA VAL A 79 20.61 -0.71 -0.39
C VAL A 79 20.12 0.56 0.30
N ASN A 80 20.81 1.69 0.09
CA ASN A 80 20.47 2.97 0.70
C ASN A 80 20.41 4.03 -0.41
N GLU A 81 20.08 3.63 -1.65
CA GLU A 81 19.80 4.60 -2.71
C GLU A 81 18.46 5.28 -2.47
N LEU A 82 17.55 4.58 -1.80
CA LEU A 82 16.21 5.07 -1.49
C LEU A 82 16.32 6.11 -0.37
N SER A 83 15.29 6.95 -0.22
CA SER A 83 15.22 7.93 0.84
C SER A 83 15.09 7.22 2.20
N LYS A 84 15.52 7.86 3.28
CA LYS A 84 15.36 7.34 4.63
C LYS A 84 13.87 7.24 4.94
N ALA A 85 13.12 8.33 4.74
CA ALA A 85 11.68 8.38 4.97
C ALA A 85 11.02 7.18 4.29
N ASP A 86 11.39 6.88 3.05
CA ASP A 86 10.82 5.78 2.29
C ASP A 86 11.02 4.45 2.99
N ILE A 87 12.27 4.16 3.33
CA ILE A 87 12.68 2.96 4.08
C ILE A 87 11.87 2.90 5.39
N GLU A 88 11.68 4.01 6.08
CA GLU A 88 10.96 4.09 7.35
C GLU A 88 9.48 3.72 7.18
N VAL A 89 8.79 4.23 6.15
CA VAL A 89 7.38 3.92 5.90
C VAL A 89 7.24 2.43 5.53
N LEU A 90 8.08 1.94 4.62
CA LEU A 90 8.03 0.56 4.14
C LEU A 90 8.29 -0.40 5.31
N ALA A 91 9.33 -0.14 6.09
CA ALA A 91 9.70 -0.91 7.29
C ALA A 91 8.49 -1.10 8.19
N LEU A 92 7.88 0.00 8.63
CA LEU A 92 6.69 -0.01 9.48
C LEU A 92 5.65 -0.99 8.93
N ALA A 93 5.29 -0.86 7.65
CA ALA A 93 4.23 -1.68 7.09
C ALA A 93 4.56 -3.18 7.09
N TYR A 94 5.84 -3.55 6.99
CA TYR A 94 6.27 -4.95 7.00
C TYR A 94 6.35 -5.48 8.43
N GLU A 95 6.62 -4.62 9.40
CA GLU A 95 6.50 -4.94 10.82
C GLU A 95 5.06 -5.34 11.12
N LEU A 96 4.13 -4.58 10.55
CA LEU A 96 2.70 -4.70 10.79
C LEU A 96 2.03 -5.74 9.90
N LYS A 97 2.71 -6.20 8.84
CA LYS A 97 2.13 -6.94 7.72
C LYS A 97 0.79 -6.31 7.29
N GLY A 98 0.82 -5.01 6.96
CA GLY A 98 -0.37 -4.23 6.64
C GLY A 98 -0.56 -4.12 5.14
N GLU A 99 -0.89 -2.91 4.70
CA GLU A 99 -0.91 -2.46 3.32
C GLU A 99 -0.11 -1.16 3.30
N ILE A 100 0.21 -0.63 2.13
CA ILE A 100 0.94 0.63 1.99
C ILE A 100 0.17 1.47 0.97
N PHE A 101 0.34 2.79 1.04
CA PHE A 101 -0.14 3.74 0.08
C PHE A 101 0.99 4.72 -0.24
N SER A 102 1.42 4.77 -1.50
CA SER A 102 2.40 5.70 -2.03
C SER A 102 2.37 5.65 -3.58
N ASP A 103 3.33 6.29 -4.28
CA ASP A 103 3.64 5.99 -5.68
C ASP A 103 5.10 6.22 -6.13
N ASP A 104 6.05 6.46 -5.22
CA ASP A 104 7.46 6.75 -5.51
C ASP A 104 8.16 5.70 -6.40
N TYR A 105 9.15 6.11 -7.18
CA TYR A 105 9.87 5.21 -8.09
C TYR A 105 10.62 4.08 -7.35
N ASN A 106 11.06 4.37 -6.12
CA ASN A 106 11.62 3.41 -5.17
C ASN A 106 10.50 2.65 -4.47
N VAL A 107 9.55 3.32 -3.80
CA VAL A 107 8.58 2.69 -2.92
C VAL A 107 7.83 1.54 -3.59
N GLN A 108 7.45 1.73 -4.86
CA GLN A 108 6.68 0.75 -5.60
C GLN A 108 7.51 -0.51 -5.78
N ASN A 109 8.76 -0.30 -6.19
CA ASN A 109 9.70 -1.34 -6.47
C ASN A 109 9.96 -2.09 -5.17
N ILE A 110 10.33 -1.42 -4.07
CA ILE A 110 10.69 -2.07 -2.82
C ILE A 110 9.57 -3.00 -2.35
N ALA A 111 8.33 -2.52 -2.20
CA ALA A 111 7.26 -3.43 -1.80
C ALA A 111 7.08 -4.58 -2.81
N SER A 112 7.35 -4.36 -4.10
CA SER A 112 7.29 -5.40 -5.12
C SER A 112 8.37 -6.46 -4.99
N LEU A 113 9.64 -6.15 -4.65
CA LEU A 113 10.59 -7.24 -4.33
C LEU A 113 10.08 -7.95 -3.09
N LEU A 114 9.66 -7.17 -2.08
CA LEU A 114 9.39 -7.69 -0.75
C LEU A 114 8.18 -8.59 -0.70
N GLY A 115 7.21 -8.36 -1.58
CA GLY A 115 5.98 -9.15 -1.65
C GLY A 115 4.86 -8.54 -0.84
N LEU A 116 4.92 -7.24 -0.49
CA LEU A 116 3.84 -6.58 0.24
C LEU A 116 2.86 -5.91 -0.73
N ARG A 117 1.57 -6.21 -0.56
CA ARG A 117 0.46 -5.66 -1.32
C ARG A 117 0.26 -4.18 -0.95
N PHE A 118 0.19 -3.28 -1.93
CA PHE A 118 0.06 -1.83 -1.69
C PHE A 118 -0.96 -1.21 -2.66
N ARG A 119 -1.19 0.10 -2.56
CA ARG A 119 -2.03 0.88 -3.46
C ARG A 119 -1.21 2.01 -4.04
N THR A 120 -1.28 2.21 -5.34
CA THR A 120 -0.73 3.36 -6.04
C THR A 120 -1.72 4.53 -5.95
N LEU A 121 -1.23 5.76 -5.89
CA LEU A 121 -2.02 6.98 -5.71
C LEU A 121 -3.11 7.09 -6.77
N LYS A 122 -2.73 7.12 -8.06
CA LYS A 122 -3.56 7.25 -9.26
C LYS A 122 -4.93 7.90 -8.99
N ARG A 123 -6.02 7.12 -9.09
CA ARG A 123 -7.41 7.61 -9.15
C ARG A 123 -8.47 6.52 -8.91
N GLY A 124 -8.09 5.31 -8.54
CA GLY A 124 -9.05 4.21 -8.37
C GLY A 124 -9.37 3.56 -9.71
N ILE A 125 -10.45 3.97 -10.37
CA ILE A 125 -11.02 3.37 -11.59
C ILE A 125 -11.55 4.53 -12.46
N LYS A 126 -11.67 4.31 -13.78
CA LYS A 126 -12.32 5.25 -14.72
C LYS A 126 -13.40 4.60 -15.61
N LYS A 127 -13.28 3.31 -15.95
CA LYS A 127 -14.21 2.59 -16.83
C LYS A 127 -13.95 1.08 -16.69
N VAL A 128 -13.63 0.61 -15.48
CA VAL A 128 -13.20 -0.76 -15.24
C VAL A 128 -13.72 -1.18 -13.88
N ILE A 129 -14.92 -1.76 -13.82
CA ILE A 129 -15.57 -2.13 -12.56
C ILE A 129 -14.64 -3.05 -11.77
N LYS A 130 -14.66 -2.92 -10.43
CA LYS A 130 -13.88 -3.73 -9.48
C LYS A 130 -13.98 -5.20 -9.86
N TRP A 131 -12.89 -5.76 -10.38
CA TRP A 131 -12.87 -7.16 -10.76
C TRP A 131 -12.78 -8.02 -9.50
N ARG A 132 -13.32 -9.23 -9.56
CA ARG A 132 -13.74 -9.98 -8.37
C ARG A 132 -13.58 -11.46 -8.50
N TYR A 133 -13.10 -11.97 -9.63
CA TYR A 133 -13.14 -13.38 -9.87
C TYR A 133 -11.87 -13.79 -10.60
N VAL A 134 -11.24 -14.88 -10.18
CA VAL A 134 -9.97 -15.35 -10.71
C VAL A 134 -10.10 -16.84 -11.06
N CYS A 135 -9.68 -17.21 -12.27
CA CYS A 135 -9.56 -18.60 -12.69
C CYS A 135 -8.35 -19.22 -12.01
N ILE A 136 -8.51 -20.37 -11.34
CA ILE A 136 -7.42 -21.03 -10.60
C ILE A 136 -6.47 -21.83 -11.49
N GLY A 137 -6.81 -22.03 -12.76
CA GLY A 137 -6.03 -22.85 -13.69
C GLY A 137 -5.17 -22.04 -14.65
N CYS A 138 -5.41 -20.73 -14.78
CA CYS A 138 -4.66 -19.85 -15.68
C CYS A 138 -4.53 -18.41 -15.14
N GLY A 139 -5.05 -18.15 -13.93
CA GLY A 139 -4.99 -16.86 -13.26
C GLY A 139 -5.86 -15.78 -13.87
N ARG A 140 -6.71 -16.12 -14.82
CA ARG A 140 -7.39 -15.15 -15.65
C ARG A 140 -8.44 -14.41 -14.86
N LYS A 141 -8.60 -13.15 -15.20
CA LYS A 141 -9.40 -12.21 -14.44
C LYS A 141 -10.80 -12.17 -14.98
N PHE A 142 -11.78 -11.99 -14.10
CA PHE A 142 -13.16 -11.73 -14.44
C PHE A 142 -13.72 -10.71 -13.43
N SER A 143 -14.66 -9.87 -13.86
CA SER A 143 -15.43 -9.03 -12.95
C SER A 143 -16.79 -9.63 -12.63
N THR A 144 -17.23 -10.62 -13.42
CA THR A 144 -18.50 -11.31 -13.26
C THR A 144 -18.29 -12.78 -13.47
N LEU A 145 -19.15 -13.53 -12.82
CA LEU A 145 -19.22 -14.96 -12.94
C LEU A 145 -19.64 -15.25 -14.41
N PRO A 146 -18.83 -15.97 -15.20
CA PRO A 146 -19.23 -16.46 -16.51
C PRO A 146 -20.29 -17.57 -16.34
N PRO A 147 -20.98 -18.01 -17.41
CA PRO A 147 -21.82 -19.18 -17.34
C PRO A 147 -21.02 -20.38 -16.83
N GLY A 148 -21.60 -21.12 -15.88
CA GLY A 148 -20.97 -22.28 -15.25
C GLY A 148 -19.88 -21.92 -14.23
N GLY A 149 -19.43 -20.66 -14.14
CA GLY A 149 -18.37 -20.26 -13.23
C GLY A 149 -17.06 -21.00 -13.51
N VAL A 150 -16.73 -21.22 -14.79
CA VAL A 150 -15.51 -21.86 -15.22
C VAL A 150 -14.83 -20.98 -16.28
N CYS A 151 -13.54 -21.22 -16.54
CA CYS A 151 -12.74 -20.51 -17.52
C CYS A 151 -13.15 -20.92 -18.93
N PRO A 152 -13.74 -20.02 -19.74
CA PRO A 152 -13.81 -20.27 -21.18
C PRO A 152 -12.41 -20.34 -21.81
N ASP A 153 -11.37 -19.94 -21.08
CA ASP A 153 -9.99 -19.84 -21.55
C ASP A 153 -9.20 -21.11 -21.23
N CYS A 154 -9.61 -21.90 -20.22
CA CYS A 154 -8.83 -23.03 -19.74
C CYS A 154 -9.65 -24.13 -19.03
N GLY A 155 -10.98 -24.04 -19.00
CA GLY A 155 -11.91 -24.98 -18.38
C GLY A 155 -11.93 -25.02 -16.84
N SER A 156 -10.97 -24.39 -16.16
CA SER A 156 -10.82 -24.51 -14.71
C SER A 156 -11.97 -23.84 -13.96
N LYS A 157 -12.07 -24.08 -12.64
CA LYS A 157 -13.04 -23.42 -11.78
C LYS A 157 -12.58 -22.01 -11.43
N VAL A 158 -13.51 -21.06 -11.31
CA VAL A 158 -13.19 -19.68 -10.91
C VAL A 158 -13.37 -19.59 -9.38
N LYS A 159 -12.77 -18.61 -8.67
CA LYS A 159 -13.06 -18.32 -7.27
C LYS A 159 -13.06 -16.80 -7.07
N LEU A 160 -13.55 -16.32 -5.93
CA LEU A 160 -13.58 -14.89 -5.59
C LEU A 160 -12.21 -14.47 -5.05
N ILE A 161 -11.88 -13.18 -5.17
CA ILE A 161 -10.63 -12.58 -4.69
C ILE A 161 -10.87 -11.43 -3.68
N PRO A 162 -9.90 -11.13 -2.80
CA PRO A 162 -9.95 -10.05 -1.81
C PRO A 162 -9.76 -8.66 -2.45
N ARG A 163 -10.87 -7.92 -2.61
CA ARG A 163 -10.99 -6.63 -3.30
C ARG A 163 -10.60 -6.73 -4.77
N LYS A 164 -9.32 -6.90 -5.10
CA LYS A 164 -8.82 -6.94 -6.48
C LYS A 164 -7.52 -7.72 -6.59
N ARG A 165 -6.58 -7.45 -5.69
CA ARG A 165 -5.24 -8.01 -5.75
C ARG A 165 -5.30 -9.43 -5.23
ZN ZN B . -8.39 -20.16 -16.84
N MET A 5 -13.02 -7.85 23.60
CA MET A 5 -13.47 -6.62 24.26
C MET A 5 -13.75 -5.52 23.23
N LEU A 6 -12.73 -4.88 22.64
CA LEU A 6 -12.94 -3.65 21.87
C LEU A 6 -12.26 -3.75 20.51
N ARG A 7 -12.94 -3.25 19.48
CA ARG A 7 -12.67 -3.50 18.07
C ARG A 7 -12.92 -2.21 17.31
N ASN A 8 -11.87 -1.46 16.98
CA ASN A 8 -11.92 -0.27 16.13
C ASN A 8 -10.77 -0.35 15.12
N LEU A 9 -10.62 0.66 14.27
CA LEU A 9 -9.68 0.70 13.15
C LEU A 9 -10.01 -0.40 12.14
N LYS A 10 -9.28 -0.48 11.03
CA LYS A 10 -9.44 -1.51 10.01
C LYS A 10 -8.31 -2.54 10.13
N LYS A 11 -8.30 -3.52 9.23
CA LYS A 11 -7.16 -4.39 8.99
C LYS A 11 -5.91 -3.57 8.65
N THR A 12 -4.72 -4.14 8.87
CA THR A 12 -3.42 -3.49 8.74
C THR A 12 -3.32 -2.73 7.42
N LEU A 13 -2.93 -1.46 7.49
CA LEU A 13 -2.93 -0.56 6.35
C LEU A 13 -1.88 0.53 6.55
N VAL A 14 -1.26 0.94 5.44
CA VAL A 14 -0.19 1.93 5.44
C VAL A 14 -0.54 3.07 4.47
N LEU A 15 -0.12 4.32 4.77
CA LEU A 15 -0.42 5.55 4.03
C LEU A 15 0.87 6.23 3.59
N ASP A 16 1.00 6.59 2.31
CA ASP A 16 2.16 7.32 1.78
C ASP A 16 1.95 8.83 2.02
N SER A 17 3.00 9.64 1.89
CA SER A 17 2.98 11.11 1.89
C SER A 17 1.86 11.61 0.97
N SER A 18 1.76 11.02 -0.22
CA SER A 18 0.79 11.34 -1.25
C SER A 18 -0.63 11.37 -0.69
N VAL A 19 -0.98 10.53 0.29
CA VAL A 19 -2.31 10.47 0.89
C VAL A 19 -2.62 11.77 1.63
N PHE A 20 -1.62 12.33 2.32
CA PHE A 20 -1.76 13.57 3.08
C PHE A 20 -1.70 14.78 2.16
N ILE A 21 -1.09 14.66 0.99
CA ILE A 21 -1.12 15.67 -0.06
C ILE A 21 -2.55 15.82 -0.57
N GLN A 22 -3.30 14.72 -0.73
CA GLN A 22 -4.69 14.80 -1.17
C GLN A 22 -5.65 15.12 -0.02
N GLY A 23 -5.27 14.82 1.22
CA GLY A 23 -6.06 15.09 2.42
C GLY A 23 -7.02 13.96 2.78
N ILE A 24 -6.78 12.75 2.28
CA ILE A 24 -7.71 11.62 2.38
C ILE A 24 -7.74 11.17 3.84
N ASP A 25 -8.89 11.36 4.49
CA ASP A 25 -9.18 10.85 5.83
C ASP A 25 -9.13 9.32 5.82
N ILE A 26 -8.09 8.71 6.39
CA ILE A 26 -7.97 7.26 6.51
C ILE A 26 -7.04 6.95 7.70
N GLU A 27 -7.28 5.81 8.36
CA GLU A 27 -6.71 5.48 9.67
C GLU A 27 -5.72 4.32 9.50
N GLY A 28 -4.44 4.50 9.85
CA GLY A 28 -3.37 3.53 9.57
C GLY A 28 -1.99 4.00 10.00
N TYR A 29 -0.96 3.39 9.44
CA TYR A 29 0.42 3.74 9.76
C TYR A 29 1.02 4.70 8.73
N THR A 30 1.95 5.55 9.19
CA THR A 30 2.71 6.51 8.42
C THR A 30 4.20 6.38 8.79
N THR A 31 5.08 6.64 7.84
CA THR A 31 6.52 6.54 7.95
C THR A 31 7.03 7.85 8.55
N PRO A 32 7.65 7.85 9.75
CA PRO A 32 8.32 9.05 10.26
C PRO A 32 9.34 9.57 9.24
N SER A 33 9.94 8.61 8.53
CA SER A 33 10.92 8.70 7.49
C SER A 33 10.54 9.67 6.35
N VAL A 34 9.26 9.75 5.98
CA VAL A 34 8.81 10.67 4.94
C VAL A 34 8.22 11.94 5.55
N VAL A 35 7.59 11.83 6.73
CA VAL A 35 6.98 12.97 7.39
C VAL A 35 8.00 14.07 7.62
N GLU A 36 9.27 13.73 7.87
CA GLU A 36 10.35 14.70 8.00
C GLU A 36 10.41 15.71 6.84
N GLU A 37 9.96 15.33 5.65
CA GLU A 37 10.07 16.14 4.45
C GLU A 37 8.83 17.04 4.28
N ILE A 38 7.68 16.67 4.87
CA ILE A 38 6.37 17.29 4.62
C ILE A 38 6.39 18.77 5.04
N LYS A 39 6.85 19.62 4.12
CA LYS A 39 6.89 21.08 4.16
C LYS A 39 5.55 21.69 3.74
N ASP A 40 4.67 20.86 3.20
CA ASP A 40 3.35 21.26 2.77
C ASP A 40 2.52 21.47 4.02
N ARG A 41 1.92 22.65 4.20
CA ARG A 41 1.12 22.92 5.40
C ARG A 41 -0.15 22.10 5.38
N GLU A 42 -0.85 22.05 4.25
CA GLU A 42 -2.11 21.35 4.08
C GLU A 42 -1.92 19.91 4.55
N SER A 43 -0.86 19.28 4.06
CA SER A 43 -0.53 17.91 4.37
C SER A 43 -0.09 17.76 5.82
N LYS A 44 0.85 18.59 6.30
CA LYS A 44 1.40 18.49 7.64
C LYS A 44 0.31 18.63 8.67
N ILE A 45 -0.43 19.73 8.62
CA ILE A 45 -1.48 20.05 9.58
C ILE A 45 -2.46 18.87 9.62
N PHE A 46 -2.92 18.39 8.45
CA PHE A 46 -3.83 17.26 8.34
C PHE A 46 -3.27 16.02 9.03
N LEU A 47 -2.08 15.58 8.62
CA LEU A 47 -1.35 14.43 9.15
C LEU A 47 -1.24 14.51 10.68
N GLU A 48 -0.74 15.63 11.18
CA GLU A 48 -0.53 15.84 12.61
C GLU A 48 -1.86 15.83 13.35
N SER A 49 -2.93 16.39 12.76
CA SER A 49 -4.27 16.35 13.34
C SER A 49 -4.75 14.90 13.47
N LEU A 50 -4.53 14.08 12.44
CA LEU A 50 -4.93 12.68 12.43
C LEU A 50 -4.14 11.88 13.46
N ILE A 51 -2.84 12.15 13.61
CA ILE A 51 -2.06 11.57 14.70
C ILE A 51 -2.64 12.06 16.04
N SER A 52 -2.95 13.35 16.18
CA SER A 52 -3.61 13.96 17.34
C SER A 52 -5.04 13.45 17.57
N ALA A 53 -5.57 12.59 16.69
CA ALA A 53 -6.89 11.97 16.79
C ALA A 53 -6.79 10.44 16.92
N GLY A 54 -5.57 9.91 16.98
CA GLY A 54 -5.26 8.50 17.24
C GLY A 54 -5.38 7.63 15.99
N LYS A 55 -5.76 8.22 14.85
CA LYS A 55 -6.12 7.49 13.65
C LYS A 55 -4.90 7.16 12.82
N VAL A 56 -3.84 7.96 12.88
CA VAL A 56 -2.62 7.74 12.12
C VAL A 56 -1.48 7.59 13.13
N LYS A 57 -0.52 6.70 12.85
CA LYS A 57 0.49 6.27 13.82
C LYS A 57 1.84 6.04 13.18
N ILE A 58 2.91 6.36 13.91
CA ILE A 58 4.27 6.42 13.40
C ILE A 58 4.90 5.03 13.44
N ALA A 59 5.32 4.52 12.28
CA ALA A 59 6.07 3.28 12.12
C ALA A 59 6.99 3.35 10.90
N GLU A 60 8.27 3.04 11.04
CA GLU A 60 9.25 2.96 9.94
C GLU A 60 9.61 1.50 9.59
N PRO A 61 10.10 1.23 8.36
CA PRO A 61 10.51 -0.10 7.92
C PRO A 61 11.77 -0.61 8.63
N SER A 62 11.92 -1.94 8.66
CA SER A 62 13.16 -2.59 9.01
C SER A 62 14.07 -2.68 7.77
N LYS A 63 15.37 -2.91 8.00
CA LYS A 63 16.34 -3.23 6.96
C LYS A 63 15.86 -4.38 6.07
N GLU A 64 15.29 -5.42 6.68
CA GLU A 64 14.84 -6.63 5.98
C GLU A 64 13.68 -6.30 5.04
N SER A 65 12.92 -5.25 5.36
CA SER A 65 11.86 -4.71 4.53
C SER A 65 12.44 -3.98 3.32
N ILE A 66 13.45 -3.11 3.54
CA ILE A 66 14.12 -2.38 2.46
C ILE A 66 14.72 -3.38 1.47
N ASP A 67 15.43 -4.39 2.00
CA ASP A 67 16.09 -5.44 1.22
C ASP A 67 15.12 -6.07 0.23
N ARG A 68 13.87 -6.29 0.65
CA ARG A 68 12.80 -6.88 -0.15
C ARG A 68 12.62 -6.09 -1.44
N ILE A 69 12.52 -4.76 -1.35
CA ILE A 69 12.35 -3.91 -2.52
C ILE A 69 13.61 -4.05 -3.36
N ILE A 70 14.81 -3.94 -2.77
CA ILE A 70 16.08 -4.00 -3.50
C ILE A 70 16.11 -5.23 -4.42
N GLN A 71 15.69 -6.40 -3.94
CA GLN A 71 15.73 -7.65 -4.69
C GLN A 71 14.91 -7.53 -5.98
N VAL A 72 13.62 -7.24 -5.83
CA VAL A 72 12.70 -7.25 -6.96
C VAL A 72 12.99 -6.04 -7.86
N ALA A 73 13.46 -4.93 -7.28
CA ALA A 73 13.74 -3.69 -7.95
C ALA A 73 14.95 -3.84 -8.87
N LYS A 74 16.09 -4.31 -8.36
CA LYS A 74 17.25 -4.58 -9.19
C LYS A 74 16.91 -5.63 -10.25
N GLU A 75 16.00 -6.57 -9.96
CA GLU A 75 15.54 -7.59 -10.90
C GLU A 75 14.74 -6.97 -12.08
N THR A 76 14.19 -5.76 -11.96
CA THR A 76 13.42 -5.12 -13.04
C THR A 76 13.95 -3.73 -13.45
N GLY A 77 15.12 -3.32 -12.94
CA GLY A 77 15.89 -2.21 -13.46
C GLY A 77 16.24 -1.21 -12.38
N GLU A 78 15.32 -0.29 -12.14
CA GLU A 78 15.49 0.82 -11.21
C GLU A 78 15.57 0.25 -9.79
N VAL A 79 16.77 -0.03 -9.30
CA VAL A 79 16.92 -0.51 -7.93
C VAL A 79 16.72 0.61 -6.92
N ASN A 80 17.36 1.76 -7.12
CA ASN A 80 17.32 2.88 -6.21
C ASN A 80 17.06 4.17 -6.98
N GLU A 81 16.56 4.07 -8.21
CA GLU A 81 16.09 5.25 -8.96
C GLU A 81 14.77 5.77 -8.35
N LEU A 82 14.14 4.98 -7.49
CA LEU A 82 12.95 5.37 -6.72
C LEU A 82 13.42 6.03 -5.43
N SER A 83 12.62 6.96 -4.91
CA SER A 83 13.01 7.79 -3.77
C SER A 83 13.12 6.95 -2.49
N LYS A 84 13.83 7.48 -1.48
CA LYS A 84 13.95 6.83 -0.19
C LYS A 84 12.57 6.60 0.42
N ALA A 85 11.80 7.67 0.61
CA ALA A 85 10.49 7.62 1.24
C ALA A 85 9.57 6.60 0.55
N ASP A 86 9.66 6.55 -0.78
CA ASP A 86 8.89 5.69 -1.68
C ASP A 86 9.11 4.23 -1.27
N ILE A 87 10.38 3.83 -1.30
CA ILE A 87 10.87 2.52 -0.95
C ILE A 87 10.49 2.22 0.50
N GLU A 88 10.67 3.18 1.40
CA GLU A 88 10.42 3.02 2.83
C GLU A 88 8.95 2.69 3.10
N VAL A 89 8.02 3.41 2.47
CA VAL A 89 6.59 3.18 2.64
C VAL A 89 6.23 1.75 2.24
N LEU A 90 6.62 1.38 1.01
CA LEU A 90 6.31 0.09 0.42
C LEU A 90 6.88 -1.01 1.30
N ALA A 91 8.16 -0.90 1.63
CA ALA A 91 8.88 -1.80 2.51
C ALA A 91 8.13 -2.07 3.81
N LEU A 92 7.79 -1.03 4.57
CA LEU A 92 7.16 -1.19 5.88
C LEU A 92 5.88 -2.01 5.73
N ALA A 93 5.04 -1.68 4.74
CA ALA A 93 3.84 -2.48 4.51
C ALA A 93 4.19 -3.93 4.18
N TYR A 94 5.21 -4.21 3.37
CA TYR A 94 5.59 -5.60 3.05
C TYR A 94 6.12 -6.37 4.27
N GLU A 95 6.62 -5.68 5.30
CA GLU A 95 6.85 -6.30 6.61
C GLU A 95 5.49 -6.67 7.20
N LEU A 96 4.52 -5.75 7.16
CA LEU A 96 3.26 -5.84 7.89
C LEU A 96 2.21 -6.74 7.24
N LYS A 97 2.32 -7.02 5.95
CA LYS A 97 1.34 -7.75 5.13
C LYS A 97 -0.07 -7.16 5.19
N GLY A 98 -0.17 -5.85 5.40
CA GLY A 98 -1.41 -5.09 5.38
C GLY A 98 -1.81 -4.68 3.98
N GLU A 99 -1.84 -3.38 3.75
CA GLU A 99 -2.37 -2.74 2.56
C GLU A 99 -1.63 -1.41 2.41
N ILE A 100 -1.61 -0.81 1.21
CA ILE A 100 -0.91 0.45 0.96
C ILE A 100 -1.90 1.43 0.31
N PHE A 101 -1.68 2.71 0.54
CA PHE A 101 -2.38 3.80 -0.12
C PHE A 101 -1.33 4.77 -0.67
N SER A 102 -1.33 5.00 -1.98
CA SER A 102 -0.54 5.97 -2.69
C SER A 102 -1.18 6.24 -4.07
N ASP A 103 -0.48 6.88 -5.01
CA ASP A 103 -1.00 7.35 -6.29
C ASP A 103 0.05 7.40 -7.42
N ASP A 104 1.25 6.84 -7.25
CA ASP A 104 2.40 7.21 -8.10
C ASP A 104 2.74 6.14 -9.15
N TYR A 105 3.31 6.51 -10.30
CA TYR A 105 3.62 5.56 -11.37
C TYR A 105 4.54 4.44 -10.86
N ASN A 106 5.59 4.82 -10.14
CA ASN A 106 6.51 3.86 -9.58
C ASN A 106 5.85 3.11 -8.45
N VAL A 107 5.28 3.83 -7.48
CA VAL A 107 4.74 3.22 -6.27
C VAL A 107 3.73 2.13 -6.63
N GLN A 108 2.88 2.39 -7.63
CA GLN A 108 1.83 1.50 -8.07
C GLN A 108 2.45 0.27 -8.71
N ASN A 109 3.45 0.48 -9.55
CA ASN A 109 4.11 -0.56 -10.27
C ASN A 109 4.75 -1.49 -9.27
N ILE A 110 5.61 -1.00 -8.37
CA ILE A 110 6.29 -1.78 -7.33
C ILE A 110 5.27 -2.64 -6.58
N ALA A 111 4.20 -2.09 -5.99
CA ALA A 111 3.21 -2.92 -5.31
C ALA A 111 2.61 -4.03 -6.19
N SER A 112 2.42 -3.78 -7.48
CA SER A 112 1.90 -4.76 -8.43
C SER A 112 2.82 -5.97 -8.55
N LEU A 113 4.09 -5.81 -8.92
CA LEU A 113 5.03 -6.93 -9.02
C LEU A 113 5.18 -7.60 -7.68
N LEU A 114 5.16 -6.82 -6.59
CA LEU A 114 5.34 -7.35 -5.23
C LEU A 114 4.10 -8.13 -4.79
N GLY A 115 2.97 -7.99 -5.48
CA GLY A 115 1.75 -8.73 -5.18
C GLY A 115 0.87 -8.06 -4.13
N LEU A 116 1.25 -6.88 -3.63
CA LEU A 116 0.62 -6.31 -2.47
C LEU A 116 -0.63 -5.53 -2.89
N ARG A 117 -1.73 -5.75 -2.18
CA ARG A 117 -2.98 -5.02 -2.38
C ARG A 117 -2.82 -3.56 -1.95
N PHE A 118 -3.34 -2.63 -2.75
CA PHE A 118 -3.23 -1.21 -2.45
C PHE A 118 -4.33 -0.41 -3.14
N ARG A 119 -4.51 0.86 -2.76
CA ARG A 119 -5.46 1.79 -3.39
C ARG A 119 -4.79 2.71 -4.39
N THR A 120 -5.58 3.34 -5.23
CA THR A 120 -5.16 4.27 -6.27
C THR A 120 -6.22 5.36 -6.31
N LEU A 121 -5.81 6.63 -6.28
CA LEU A 121 -6.76 7.74 -6.31
C LEU A 121 -7.28 7.95 -7.73
N LYS A 122 -8.36 8.74 -7.82
CA LYS A 122 -9.08 9.07 -9.04
C LYS A 122 -9.67 7.83 -9.70
N ARG A 123 -10.30 8.00 -10.86
CA ARG A 123 -10.74 6.91 -11.70
C ARG A 123 -9.54 6.26 -12.39
N GLY A 124 -9.79 5.11 -13.01
CA GLY A 124 -8.81 4.46 -13.85
C GLY A 124 -7.79 3.73 -12.99
N ILE A 125 -6.66 3.39 -13.59
CA ILE A 125 -5.67 2.46 -13.03
C ILE A 125 -4.22 2.88 -13.27
N LYS A 126 -3.96 3.91 -14.06
CA LYS A 126 -2.64 4.44 -14.43
C LYS A 126 -1.70 3.35 -14.99
N LYS A 127 -1.07 2.51 -14.17
CA LYS A 127 -0.26 1.36 -14.60
C LYS A 127 -0.75 0.03 -14.02
N VAL A 128 -1.71 0.04 -13.10
CA VAL A 128 -2.28 -1.16 -12.52
C VAL A 128 -3.07 -1.87 -13.61
N ILE A 129 -3.36 -3.15 -13.39
CA ILE A 129 -4.08 -4.02 -14.29
C ILE A 129 -5.53 -4.08 -13.78
N LYS A 130 -6.45 -4.71 -14.52
CA LYS A 130 -7.70 -5.21 -13.94
C LYS A 130 -7.40 -6.17 -12.80
N TRP A 131 -8.40 -6.38 -11.94
CA TRP A 131 -8.38 -7.40 -10.92
C TRP A 131 -9.66 -8.21 -11.04
N ARG A 132 -9.64 -9.46 -10.56
CA ARG A 132 -10.52 -10.53 -11.07
C ARG A 132 -10.80 -11.61 -10.06
N TYR A 133 -10.40 -11.43 -8.80
CA TYR A 133 -10.53 -12.49 -7.84
C TYR A 133 -10.70 -11.93 -6.44
N VAL A 134 -11.40 -12.67 -5.57
CA VAL A 134 -11.62 -12.34 -4.16
C VAL A 134 -11.35 -13.56 -3.30
N CYS A 135 -10.71 -13.39 -2.15
CA CYS A 135 -10.75 -14.32 -1.03
C CYS A 135 -12.14 -14.26 -0.41
N ILE A 136 -12.81 -15.41 -0.28
CA ILE A 136 -13.86 -15.53 0.73
C ILE A 136 -13.15 -15.67 2.08
N GLY A 137 -13.44 -14.77 3.01
CA GLY A 137 -13.19 -14.97 4.44
C GLY A 137 -12.44 -13.80 5.07
N CYS A 138 -11.68 -13.05 4.27
CA CYS A 138 -11.03 -11.80 4.62
C CYS A 138 -11.10 -10.78 3.47
N GLY A 139 -11.90 -11.07 2.43
CA GLY A 139 -12.29 -10.15 1.36
C GLY A 139 -11.17 -9.65 0.46
N ARG A 140 -9.99 -10.28 0.52
CA ARG A 140 -8.78 -9.76 -0.10
C ARG A 140 -8.94 -9.84 -1.61
N LYS A 141 -8.72 -8.72 -2.28
CA LYS A 141 -8.72 -8.62 -3.72
C LYS A 141 -7.48 -9.32 -4.27
N PHE A 142 -7.54 -9.95 -5.44
CA PHE A 142 -6.38 -10.38 -6.19
C PHE A 142 -6.64 -10.10 -7.67
N SER A 143 -5.56 -9.93 -8.43
CA SER A 143 -5.62 -9.73 -9.87
C SER A 143 -5.24 -10.99 -10.64
N THR A 144 -4.53 -11.91 -9.99
CA THR A 144 -4.14 -13.21 -10.52
C THR A 144 -4.39 -14.23 -9.41
N LEU A 145 -4.59 -15.49 -9.80
CA LEU A 145 -4.90 -16.53 -8.83
C LEU A 145 -3.60 -16.96 -8.16
N PRO A 146 -3.52 -16.99 -6.82
CA PRO A 146 -2.33 -17.43 -6.09
C PRO A 146 -2.11 -18.95 -6.26
N PRO A 147 -0.96 -19.50 -5.81
CA PRO A 147 -0.80 -20.94 -5.58
C PRO A 147 -1.89 -21.43 -4.63
N GLY A 148 -2.33 -22.67 -4.81
CA GLY A 148 -3.53 -23.27 -4.23
C GLY A 148 -4.83 -22.67 -4.77
N GLY A 149 -4.79 -21.44 -5.28
CA GLY A 149 -5.95 -20.58 -5.41
C GLY A 149 -6.52 -20.26 -4.04
N VAL A 150 -5.64 -20.04 -3.05
CA VAL A 150 -6.03 -19.80 -1.68
C VAL A 150 -5.40 -18.49 -1.19
N CYS A 151 -6.04 -17.86 -0.21
CA CYS A 151 -5.68 -16.56 0.32
C CYS A 151 -4.44 -16.66 1.20
N PRO A 152 -3.28 -16.11 0.80
CA PRO A 152 -2.12 -16.01 1.67
C PRO A 152 -2.31 -15.18 2.95
N ASP A 153 -3.49 -14.56 3.15
CA ASP A 153 -3.76 -13.66 4.28
C ASP A 153 -4.64 -14.29 5.34
N CYS A 154 -5.47 -15.26 4.93
CA CYS A 154 -6.43 -15.91 5.80
C CYS A 154 -6.62 -17.41 5.57
N GLY A 155 -6.12 -17.95 4.46
CA GLY A 155 -6.12 -19.37 4.14
C GLY A 155 -7.52 -19.91 3.92
N SER A 156 -8.16 -19.44 2.84
CA SER A 156 -9.41 -19.94 2.30
C SER A 156 -9.35 -19.85 0.78
N LYS A 157 -10.36 -20.38 0.09
CA LYS A 157 -10.45 -20.36 -1.37
C LYS A 157 -10.59 -18.93 -1.90
N VAL A 158 -9.96 -18.64 -3.03
CA VAL A 158 -10.14 -17.41 -3.81
C VAL A 158 -11.08 -17.75 -5.00
N LYS A 159 -11.96 -16.82 -5.44
CA LYS A 159 -12.93 -17.06 -6.50
C LYS A 159 -13.16 -15.82 -7.36
N LEU A 160 -13.66 -16.04 -8.58
CA LEU A 160 -13.91 -15.02 -9.59
C LEU A 160 -15.11 -14.15 -9.19
N ILE A 161 -14.83 -12.89 -8.86
CA ILE A 161 -15.81 -11.80 -8.77
C ILE A 161 -16.34 -11.38 -10.13
N PRO A 162 -17.47 -10.63 -10.19
CA PRO A 162 -17.93 -10.03 -11.42
C PRO A 162 -16.99 -8.91 -11.86
N ARG A 163 -16.47 -9.04 -13.08
CA ARG A 163 -15.50 -8.17 -13.76
C ARG A 163 -14.45 -7.61 -12.79
N LYS A 164 -14.61 -6.37 -12.33
CA LYS A 164 -13.78 -5.74 -11.29
C LYS A 164 -14.59 -4.98 -10.27
N ARG A 165 -15.68 -4.36 -10.71
CA ARG A 165 -16.53 -3.52 -9.88
C ARG A 165 -17.62 -4.41 -9.33
ZN ZN B . -8.41 -14.01 2.85
N MET A 5 -7.20 10.89 26.46
CA MET A 5 -8.51 11.25 25.88
C MET A 5 -8.55 10.81 24.43
N LEU A 6 -9.66 10.19 24.00
CA LEU A 6 -9.88 9.76 22.62
C LEU A 6 -11.30 10.07 22.16
N ARG A 7 -11.55 10.01 20.86
CA ARG A 7 -12.88 10.31 20.28
C ARG A 7 -13.32 9.28 19.27
N ASN A 8 -12.41 8.75 18.44
CA ASN A 8 -12.65 7.57 17.62
C ASN A 8 -11.39 6.72 17.56
N LEU A 9 -10.21 7.34 17.40
CA LEU A 9 -8.87 6.73 17.40
C LEU A 9 -8.87 5.40 16.64
N LYS A 10 -8.95 5.47 15.30
CA LYS A 10 -8.95 4.29 14.44
C LYS A 10 -7.64 3.53 14.65
N LYS A 11 -7.64 2.23 14.37
CA LYS A 11 -6.53 1.31 14.61
C LYS A 11 -5.21 1.72 13.92
N THR A 12 -4.11 0.99 14.15
CA THR A 12 -2.81 1.26 13.54
C THR A 12 -2.94 1.55 12.05
N LEU A 13 -2.36 2.67 11.63
CA LEU A 13 -2.42 3.21 10.29
C LEU A 13 -1.17 4.06 10.07
N VAL A 14 -0.66 4.10 8.85
CA VAL A 14 0.45 4.97 8.45
C VAL A 14 -0.04 5.86 7.30
N LEU A 15 0.52 7.08 7.17
CA LEU A 15 0.11 8.12 6.23
C LEU A 15 1.34 8.56 5.44
N ASP A 16 1.19 8.78 4.13
CA ASP A 16 2.28 9.20 3.24
C ASP A 16 2.38 10.73 3.14
N SER A 17 3.54 11.25 2.74
CA SER A 17 3.78 12.63 2.25
C SER A 17 2.56 13.25 1.55
N SER A 18 2.08 12.57 0.51
CA SER A 18 1.03 13.01 -0.37
C SER A 18 -0.29 13.25 0.36
N VAL A 19 -0.56 12.54 1.47
CA VAL A 19 -1.76 12.72 2.27
C VAL A 19 -1.71 14.12 2.89
N PHE A 20 -0.54 14.55 3.36
CA PHE A 20 -0.32 15.86 3.94
C PHE A 20 -0.40 16.96 2.88
N ILE A 21 0.07 16.66 1.66
CA ILE A 21 -0.03 17.56 0.51
C ILE A 21 -1.49 17.94 0.26
N GLN A 22 -2.42 16.96 0.23
CA GLN A 22 -3.82 17.27 -0.06
C GLN A 22 -4.53 17.89 1.15
N GLY A 23 -4.05 17.62 2.36
CA GLY A 23 -4.65 18.14 3.59
C GLY A 23 -5.74 17.22 4.13
N ILE A 24 -5.60 15.92 3.91
CA ILE A 24 -6.58 14.94 4.38
C ILE A 24 -6.35 14.77 5.87
N ASP A 25 -7.19 15.38 6.70
CA ASP A 25 -7.24 15.09 8.13
C ASP A 25 -7.44 13.58 8.27
N ILE A 26 -6.45 12.91 8.83
CA ILE A 26 -6.47 11.49 9.21
C ILE A 26 -5.32 11.30 10.22
N GLU A 27 -5.27 10.13 10.84
CA GLU A 27 -4.60 9.84 12.09
C GLU A 27 -3.87 8.50 11.98
N GLY A 28 -2.78 8.28 12.72
CA GLY A 28 -1.89 7.15 12.49
C GLY A 28 -0.45 7.53 12.83
N TYR A 29 0.48 7.23 11.93
CA TYR A 29 1.88 7.62 12.02
C TYR A 29 2.35 8.31 10.74
N THR A 30 3.34 9.18 10.89
CA THR A 30 4.02 9.87 9.81
C THR A 30 5.53 9.67 10.01
N THR A 31 6.24 9.52 8.89
CA THR A 31 7.62 9.07 8.82
C THR A 31 8.53 10.31 8.89
N PRO A 32 9.38 10.43 9.92
CA PRO A 32 10.22 11.61 10.10
C PRO A 32 11.17 11.78 8.91
N SER A 33 11.60 10.67 8.30
CA SER A 33 12.51 10.70 7.18
C SER A 33 11.89 11.29 5.92
N VAL A 34 10.55 11.33 5.82
CA VAL A 34 9.84 12.01 4.75
C VAL A 34 9.72 13.48 5.10
N VAL A 35 9.23 13.82 6.31
CA VAL A 35 9.00 15.22 6.65
C VAL A 35 10.29 16.03 6.55
N GLU A 36 11.44 15.39 6.76
CA GLU A 36 12.71 16.08 6.66
C GLU A 36 13.02 16.55 5.24
N GLU A 37 12.33 16.05 4.21
CA GLU A 37 12.40 16.58 2.86
C GLU A 37 11.20 17.47 2.53
N ILE A 38 10.03 17.23 3.13
CA ILE A 38 8.83 18.03 2.87
C ILE A 38 9.18 19.50 3.09
N LYS A 39 8.86 20.30 2.08
CA LYS A 39 9.26 21.69 1.93
C LYS A 39 8.05 22.56 1.61
N ASP A 40 7.02 21.96 0.99
CA ASP A 40 5.79 22.68 0.78
C ASP A 40 5.13 22.89 2.13
N ARG A 41 4.83 24.14 2.45
CA ARG A 41 4.38 24.51 3.78
C ARG A 41 2.94 24.09 4.02
N GLU A 42 2.07 24.06 3.02
CA GLU A 42 0.72 23.55 3.19
C GLU A 42 0.74 22.10 3.64
N SER A 43 1.68 21.31 3.12
CA SER A 43 1.93 19.95 3.59
C SER A 43 2.57 20.00 4.98
N LYS A 44 3.72 20.66 5.14
CA LYS A 44 4.53 20.61 6.36
C LYS A 44 3.73 21.11 7.57
N ILE A 45 3.18 22.31 7.51
CA ILE A 45 2.42 22.92 8.60
C ILE A 45 1.31 21.96 9.00
N PHE A 46 0.50 21.50 8.04
CA PHE A 46 -0.61 20.60 8.29
C PHE A 46 -0.12 19.33 9.01
N LEU A 47 0.89 18.66 8.48
CA LEU A 47 1.53 17.47 9.04
C LEU A 47 1.91 17.71 10.50
N GLU A 48 2.72 18.74 10.78
CA GLU A 48 3.22 19.04 12.11
C GLU A 48 2.06 19.37 13.07
N SER A 49 1.04 20.04 12.56
CA SER A 49 -0.15 20.41 13.31
C SER A 49 -0.90 19.14 13.74
N LEU A 50 -1.02 18.16 12.85
CA LEU A 50 -1.68 16.89 13.17
C LEU A 50 -0.87 16.13 14.23
N ILE A 51 0.48 16.09 14.12
CA ILE A 51 1.32 15.48 15.15
C ILE A 51 0.99 16.16 16.48
N SER A 52 1.03 17.49 16.49
CA SER A 52 0.81 18.29 17.69
C SER A 52 -0.63 18.13 18.23
N ALA A 53 -1.60 17.78 17.38
CA ALA A 53 -3.01 17.55 17.72
C ALA A 53 -3.31 16.09 18.11
N GLY A 54 -2.33 15.20 18.06
CA GLY A 54 -2.49 13.84 18.51
C GLY A 54 -3.23 12.98 17.50
N LYS A 55 -3.17 13.34 16.22
CA LYS A 55 -3.83 12.57 15.18
C LYS A 55 -2.79 11.56 14.74
N VAL A 56 -1.61 12.07 14.41
CA VAL A 56 -0.50 11.31 13.96
C VAL A 56 0.58 11.34 15.03
N LYS A 57 1.52 10.42 14.96
CA LYS A 57 2.72 10.42 15.78
C LYS A 57 3.93 10.16 14.88
N ILE A 58 5.13 10.58 15.27
CA ILE A 58 6.34 10.27 14.51
C ILE A 58 6.65 8.78 14.63
N ALA A 59 6.95 8.09 13.53
CA ALA A 59 7.61 6.80 13.56
C ALA A 59 8.32 6.53 12.25
N GLU A 60 9.60 6.16 12.32
CA GLU A 60 10.34 5.58 11.20
C GLU A 60 10.22 4.05 11.21
N PRO A 61 10.39 3.37 10.08
CA PRO A 61 10.47 1.91 9.99
C PRO A 61 11.73 1.38 10.68
N SER A 62 11.80 0.06 10.89
CA SER A 62 13.05 -0.60 11.22
C SER A 62 13.79 -0.96 9.92
N LYS A 63 15.09 -1.26 10.03
CA LYS A 63 15.88 -1.83 8.95
C LYS A 63 15.21 -3.08 8.35
N GLU A 64 14.70 -3.97 9.20
CA GLU A 64 14.11 -5.22 8.75
C GLU A 64 12.79 -4.94 8.02
N SER A 65 12.20 -3.77 8.23
CA SER A 65 11.02 -3.33 7.53
C SER A 65 11.39 -2.83 6.13
N ILE A 66 12.49 -2.09 5.96
CA ILE A 66 12.97 -1.68 4.64
C ILE A 66 13.27 -2.95 3.83
N ASP A 67 14.04 -3.87 4.42
CA ASP A 67 14.49 -5.09 3.77
C ASP A 67 13.31 -5.92 3.26
N ARG A 68 12.17 -5.85 3.94
CA ARG A 68 10.94 -6.52 3.56
C ARG A 68 10.50 -6.08 2.17
N ILE A 69 10.44 -4.75 1.95
CA ILE A 69 10.00 -4.19 0.69
C ILE A 69 10.99 -4.61 -0.38
N ILE A 70 12.30 -4.58 -0.10
CA ILE A 70 13.34 -5.03 -1.01
C ILE A 70 13.05 -6.46 -1.50
N GLN A 71 12.60 -7.38 -0.64
CA GLN A 71 12.43 -8.77 -1.04
C GLN A 71 11.34 -8.91 -2.10
N VAL A 72 10.17 -8.33 -1.83
CA VAL A 72 9.07 -8.47 -2.77
C VAL A 72 9.31 -7.55 -3.98
N ALA A 73 9.92 -6.39 -3.77
CA ALA A 73 10.26 -5.43 -4.82
C ALA A 73 11.23 -6.07 -5.82
N LYS A 74 12.33 -6.70 -5.38
CA LYS A 74 13.21 -7.42 -6.31
C LYS A 74 12.48 -8.60 -6.93
N GLU A 75 11.52 -9.23 -6.23
CA GLU A 75 10.75 -10.33 -6.79
C GLU A 75 9.91 -9.83 -7.97
N THR A 76 9.43 -8.58 -7.95
CA THR A 76 8.65 -7.99 -9.04
C THR A 76 9.50 -7.21 -10.05
N GLY A 77 10.74 -6.85 -9.73
CA GLY A 77 11.67 -6.21 -10.65
C GLY A 77 12.27 -4.98 -9.99
N GLU A 78 11.52 -3.90 -9.98
CA GLU A 78 11.95 -2.60 -9.50
C GLU A 78 12.23 -2.64 -7.99
N VAL A 79 13.44 -3.00 -7.58
CA VAL A 79 13.75 -3.19 -6.17
C VAL A 79 13.92 -1.86 -5.45
N ASN A 80 14.58 -0.89 -6.07
CA ASN A 80 14.89 0.41 -5.51
C ASN A 80 14.62 1.50 -6.56
N GLU A 81 13.79 1.19 -7.57
CA GLU A 81 13.32 2.22 -8.48
C GLU A 81 12.33 3.16 -7.80
N LEU A 82 11.75 2.72 -6.67
CA LEU A 82 10.76 3.48 -5.92
C LEU A 82 11.45 4.47 -4.99
N SER A 83 10.75 5.56 -4.67
CA SER A 83 11.20 6.61 -3.78
C SER A 83 11.52 6.06 -2.39
N LYS A 84 12.50 6.68 -1.71
CA LYS A 84 12.83 6.35 -0.33
C LYS A 84 11.61 6.49 0.56
N ALA A 85 10.95 7.65 0.50
CA ALA A 85 9.87 7.97 1.42
C ALA A 85 8.73 6.97 1.26
N ASP A 86 8.50 6.51 0.02
CA ASP A 86 7.50 5.50 -0.31
C ASP A 86 7.86 4.20 0.41
N ILE A 87 9.09 3.72 0.19
CA ILE A 87 9.61 2.52 0.82
C ILE A 87 9.44 2.64 2.35
N GLU A 88 9.77 3.80 2.94
CA GLU A 88 9.76 4.02 4.37
C GLU A 88 8.34 3.91 4.97
N VAL A 89 7.36 4.55 4.33
CA VAL A 89 5.96 4.52 4.73
C VAL A 89 5.44 3.08 4.68
N LEU A 90 5.59 2.43 3.53
CA LEU A 90 5.13 1.07 3.28
C LEU A 90 5.79 0.13 4.30
N ALA A 91 7.10 0.25 4.49
CA ALA A 91 7.89 -0.54 5.42
C ALA A 91 7.32 -0.52 6.82
N LEU A 92 7.15 0.68 7.38
CA LEU A 92 6.64 0.79 8.75
C LEU A 92 5.31 0.06 8.86
N ALA A 93 4.37 0.29 7.94
CA ALA A 93 3.05 -0.28 8.06
C ALA A 93 3.04 -1.81 8.09
N TYR A 94 4.08 -2.45 7.57
CA TYR A 94 4.23 -3.90 7.62
C TYR A 94 4.98 -4.35 8.85
N GLU A 95 5.80 -3.50 9.49
CA GLU A 95 6.41 -3.80 10.78
C GLU A 95 5.33 -4.02 11.83
N LEU A 96 4.29 -3.18 11.82
CA LEU A 96 3.26 -3.14 12.83
C LEU A 96 1.93 -3.65 12.28
N LYS A 97 1.94 -4.26 11.08
CA LYS A 97 0.81 -4.94 10.45
C LYS A 97 -0.46 -4.08 10.57
N GLY A 98 -0.34 -2.80 10.19
CA GLY A 98 -1.35 -1.78 10.43
C GLY A 98 -2.20 -1.57 9.20
N GLU A 99 -2.25 -0.33 8.73
CA GLU A 99 -2.98 0.12 7.56
C GLU A 99 -2.12 1.23 6.91
N ILE A 100 -2.43 1.65 5.69
CA ILE A 100 -1.68 2.66 4.94
C ILE A 100 -2.68 3.65 4.35
N PHE A 101 -2.20 4.85 4.03
CA PHE A 101 -2.94 5.86 3.29
C PHE A 101 -1.99 6.47 2.26
N SER A 102 -2.17 6.15 0.97
CA SER A 102 -1.48 6.74 -0.17
C SER A 102 -2.20 6.37 -1.47
N ASP A 103 -1.83 6.93 -2.63
CA ASP A 103 -2.53 6.68 -3.91
C ASP A 103 -1.61 6.66 -5.15
N ASP A 104 -0.28 6.75 -5.00
CA ASP A 104 0.71 6.68 -6.07
C ASP A 104 0.64 5.37 -6.88
N TYR A 105 1.15 5.34 -8.10
CA TYR A 105 1.15 4.14 -8.94
C TYR A 105 1.94 3.02 -8.27
N ASN A 106 3.12 3.35 -7.76
CA ASN A 106 3.95 2.41 -7.04
C ASN A 106 3.36 2.09 -5.69
N VAL A 107 2.96 3.09 -4.90
CA VAL A 107 2.57 2.87 -3.51
C VAL A 107 1.38 1.92 -3.42
N GLN A 108 0.41 2.07 -4.36
CA GLN A 108 -0.77 1.23 -4.37
C GLN A 108 -0.35 -0.20 -4.69
N ASN A 109 0.48 -0.33 -5.73
CA ASN A 109 0.92 -1.60 -6.25
C ASN A 109 1.64 -2.37 -5.16
N ILE A 110 2.72 -1.81 -4.59
CA ILE A 110 3.52 -2.43 -3.53
C ILE A 110 2.60 -2.94 -2.40
N ALA A 111 1.72 -2.11 -1.82
CA ALA A 111 0.82 -2.60 -0.77
C ALA A 111 -0.03 -3.80 -1.21
N SER A 112 -0.46 -3.84 -2.47
CA SER A 112 -1.23 -4.92 -3.06
C SER A 112 -0.44 -6.24 -3.12
N LEU A 113 0.78 -6.29 -3.67
CA LEU A 113 1.60 -7.52 -3.71
C LEU A 113 2.06 -7.94 -2.32
N LEU A 114 2.10 -7.01 -1.37
CA LEU A 114 2.38 -7.28 0.04
C LEU A 114 1.12 -7.71 0.81
N GLY A 115 -0.06 -7.58 0.19
CA GLY A 115 -1.33 -8.01 0.73
C GLY A 115 -1.90 -7.09 1.81
N LEU A 116 -1.30 -5.93 2.06
CA LEU A 116 -1.73 -5.05 3.13
C LEU A 116 -2.98 -4.27 2.71
N ARG A 117 -3.89 -4.05 3.64
CA ARG A 117 -5.09 -3.23 3.48
C ARG A 117 -4.70 -1.76 3.62
N PHE A 118 -5.21 -0.89 2.76
CA PHE A 118 -4.92 0.54 2.80
C PHE A 118 -6.15 1.35 2.35
N ARG A 119 -6.01 2.66 2.18
CA ARG A 119 -7.03 3.55 1.61
C ARG A 119 -6.48 4.30 0.41
N THR A 120 -7.38 4.82 -0.41
CA THR A 120 -7.06 5.54 -1.64
C THR A 120 -7.96 6.77 -1.74
N LEU A 121 -7.49 7.83 -2.41
CA LEU A 121 -8.23 9.07 -2.64
C LEU A 121 -9.26 8.84 -3.76
N LYS A 122 -10.49 9.36 -3.65
CA LYS A 122 -11.60 9.31 -4.63
C LYS A 122 -11.49 8.10 -5.57
N ARG A 123 -11.69 6.88 -5.06
CA ARG A 123 -11.31 5.64 -5.76
C ARG A 123 -12.47 4.64 -5.83
N GLY A 124 -12.27 3.51 -6.53
CA GLY A 124 -13.27 2.50 -6.73
C GLY A 124 -13.01 1.30 -5.81
N ILE A 125 -12.09 0.43 -6.21
CA ILE A 125 -11.84 -0.85 -5.55
C ILE A 125 -10.36 -1.04 -5.19
N LYS A 126 -9.54 0.02 -5.18
CA LYS A 126 -8.09 0.01 -4.94
C LYS A 126 -7.39 -1.18 -5.62
N LYS A 127 -7.78 -1.49 -6.86
CA LYS A 127 -7.35 -2.65 -7.64
C LYS A 127 -7.39 -3.94 -6.81
N VAL A 128 -8.59 -4.51 -6.62
CA VAL A 128 -8.78 -5.73 -5.83
C VAL A 128 -9.79 -6.70 -6.47
N ILE A 129 -9.78 -6.82 -7.81
CA ILE A 129 -10.71 -7.69 -8.54
C ILE A 129 -10.53 -9.13 -8.03
N LYS A 130 -11.60 -9.75 -7.51
CA LYS A 130 -11.58 -11.14 -7.06
C LYS A 130 -11.42 -12.02 -8.29
N TRP A 131 -10.37 -12.82 -8.35
CA TRP A 131 -10.06 -13.63 -9.53
C TRP A 131 -11.01 -14.83 -9.62
N ARG A 132 -11.31 -15.33 -10.82
CA ARG A 132 -12.28 -16.42 -11.06
C ARG A 132 -11.93 -17.30 -12.26
N TYR A 133 -10.69 -17.26 -12.76
CA TYR A 133 -10.33 -18.07 -13.93
C TYR A 133 -9.02 -18.79 -13.69
N VAL A 134 -8.92 -20.04 -14.16
CA VAL A 134 -7.73 -20.87 -14.04
C VAL A 134 -7.43 -21.47 -15.42
N CYS A 135 -6.17 -21.45 -15.85
CA CYS A 135 -5.68 -22.29 -16.93
C CYS A 135 -5.72 -23.73 -16.42
N ILE A 136 -6.49 -24.61 -17.06
CA ILE A 136 -6.25 -26.05 -16.87
C ILE A 136 -4.95 -26.37 -17.63
N GLY A 137 -3.99 -26.94 -16.93
CA GLY A 137 -2.75 -27.44 -17.48
C GLY A 137 -1.63 -26.83 -16.67
N CYS A 138 -1.21 -25.63 -17.06
CA CYS A 138 -0.11 -24.95 -16.36
C CYS A 138 -0.59 -24.41 -15.01
N GLY A 139 -1.91 -24.27 -14.82
CA GLY A 139 -2.51 -23.96 -13.53
C GLY A 139 -2.42 -22.49 -13.19
N ARG A 140 -2.28 -21.62 -14.20
CA ARG A 140 -2.11 -20.19 -14.05
C ARG A 140 -3.43 -19.55 -13.65
N LYS A 141 -3.37 -18.52 -12.83
CA LYS A 141 -4.51 -17.75 -12.36
C LYS A 141 -4.77 -16.61 -13.32
N PHE A 142 -6.05 -16.26 -13.51
CA PHE A 142 -6.46 -15.05 -14.20
C PHE A 142 -7.64 -14.44 -13.47
N SER A 143 -7.75 -13.12 -13.51
CA SER A 143 -8.87 -12.37 -12.98
C SER A 143 -9.89 -12.03 -14.06
N THR A 144 -9.53 -12.18 -15.33
CA THR A 144 -10.35 -11.85 -16.49
C THR A 144 -10.03 -12.87 -17.59
N LEU A 145 -10.87 -12.94 -18.62
CA LEU A 145 -10.63 -13.84 -19.74
C LEU A 145 -9.54 -13.20 -20.62
N PRO A 146 -8.46 -13.90 -20.99
CA PRO A 146 -7.45 -13.37 -21.91
C PRO A 146 -8.02 -13.24 -23.34
N PRO A 147 -7.32 -12.58 -24.27
CA PRO A 147 -7.73 -12.49 -25.67
C PRO A 147 -7.78 -13.88 -26.29
N GLY A 148 -8.91 -14.25 -26.90
CA GLY A 148 -9.15 -15.60 -27.42
C GLY A 148 -9.52 -16.62 -26.35
N GLY A 149 -9.42 -16.26 -25.06
CA GLY A 149 -9.68 -17.13 -23.93
C GLY A 149 -8.87 -18.41 -24.01
N VAL A 150 -7.55 -18.32 -24.14
CA VAL A 150 -6.62 -19.43 -23.93
C VAL A 150 -5.49 -18.89 -23.07
N CYS A 151 -4.74 -19.77 -22.42
CA CYS A 151 -3.59 -19.41 -21.61
C CYS A 151 -2.54 -18.80 -22.53
N PRO A 152 -2.21 -17.51 -22.38
CA PRO A 152 -1.07 -16.97 -23.09
C PRO A 152 0.26 -17.62 -22.66
N ASP A 153 0.26 -18.35 -21.55
CA ASP A 153 1.43 -18.87 -20.84
C ASP A 153 1.66 -20.36 -21.09
N CYS A 154 0.67 -21.05 -21.68
CA CYS A 154 0.80 -22.44 -22.08
C CYS A 154 -0.16 -22.90 -23.20
N GLY A 155 -0.97 -22.01 -23.77
CA GLY A 155 -1.89 -22.29 -24.89
C GLY A 155 -3.17 -23.03 -24.48
N SER A 156 -3.21 -23.63 -23.30
CA SER A 156 -4.35 -24.43 -22.86
C SER A 156 -5.59 -23.59 -22.56
N LYS A 157 -6.78 -24.21 -22.52
CA LYS A 157 -8.01 -23.47 -22.28
C LYS A 157 -8.03 -22.97 -20.83
N VAL A 158 -8.60 -21.78 -20.63
CA VAL A 158 -8.85 -21.22 -19.29
C VAL A 158 -10.31 -21.57 -18.95
N LYS A 159 -10.63 -21.87 -17.69
CA LYS A 159 -11.99 -22.19 -17.23
C LYS A 159 -12.30 -21.46 -15.93
N LEU A 160 -13.59 -21.23 -15.68
CA LEU A 160 -14.09 -20.55 -14.48
C LEU A 160 -13.89 -21.47 -13.27
N ILE A 161 -13.39 -20.93 -12.17
CA ILE A 161 -13.32 -21.61 -10.88
C ILE A 161 -14.45 -21.12 -9.98
N PRO A 162 -14.84 -21.89 -8.94
CA PRO A 162 -15.90 -21.53 -8.01
C PRO A 162 -15.42 -20.46 -7.01
N ARG A 163 -15.04 -19.28 -7.52
CA ARG A 163 -14.63 -18.09 -6.77
C ARG A 163 -13.32 -18.33 -5.99
N LYS A 164 -12.82 -17.28 -5.33
CA LYS A 164 -11.54 -17.33 -4.62
C LYS A 164 -11.67 -18.10 -3.32
N ARG A 165 -12.61 -17.70 -2.46
CA ARG A 165 -12.87 -18.35 -1.18
C ARG A 165 -13.87 -19.44 -1.46
ZN ZN B . -1.60 -22.31 -18.87
N MET A 5 -15.45 4.60 23.68
CA MET A 5 -14.34 5.49 24.03
C MET A 5 -13.74 6.06 22.74
N LEU A 6 -12.76 5.37 22.15
CA LEU A 6 -12.16 5.76 20.87
C LEU A 6 -13.25 5.71 19.80
N ARG A 7 -13.78 4.52 19.53
CA ARG A 7 -14.67 4.15 18.42
C ARG A 7 -13.98 4.32 17.06
N ASN A 8 -13.29 5.44 16.87
CA ASN A 8 -12.27 5.71 15.87
C ASN A 8 -11.01 4.89 16.20
N LEU A 9 -9.88 5.30 15.63
CA LEU A 9 -8.54 4.75 15.81
C LEU A 9 -8.51 3.21 15.81
N LYS A 10 -8.50 2.63 14.60
CA LYS A 10 -8.24 1.20 14.40
C LYS A 10 -6.82 0.86 14.85
N LYS A 11 -6.41 -0.39 14.56
CA LYS A 11 -5.06 -0.87 14.85
C LYS A 11 -3.94 -0.02 14.24
N THR A 12 -2.72 -0.28 14.70
CA THR A 12 -1.53 0.48 14.35
C THR A 12 -1.37 0.51 12.84
N LEU A 13 -1.31 1.73 12.30
CA LEU A 13 -1.21 2.01 10.88
C LEU A 13 -0.31 3.21 10.71
N VAL A 14 0.41 3.22 9.61
CA VAL A 14 1.37 4.26 9.28
C VAL A 14 0.99 4.87 7.92
N LEU A 15 1.37 6.13 7.71
CA LEU A 15 1.02 6.96 6.56
C LEU A 15 2.30 7.51 5.93
N ASP A 16 2.31 7.76 4.62
CA ASP A 16 3.48 8.36 3.92
C ASP A 16 3.24 9.80 3.42
N SER A 17 4.26 10.47 2.87
CA SER A 17 4.17 11.80 2.28
C SER A 17 3.01 11.95 1.29
N SER A 18 2.82 10.97 0.41
CA SER A 18 1.79 11.04 -0.62
C SER A 18 0.43 11.24 0.03
N VAL A 19 0.16 10.58 1.17
CA VAL A 19 -1.11 10.65 1.87
C VAL A 19 -1.48 12.11 2.16
N PHE A 20 -0.50 12.90 2.62
CA PHE A 20 -0.70 14.30 2.93
C PHE A 20 -0.76 15.17 1.68
N ILE A 21 -0.14 14.75 0.57
CA ILE A 21 -0.28 15.42 -0.72
C ILE A 21 -1.71 15.24 -1.27
N GLN A 22 -2.31 14.06 -1.12
CA GLN A 22 -3.63 13.77 -1.65
C GLN A 22 -4.74 14.38 -0.78
N GLY A 23 -4.43 14.74 0.46
CA GLY A 23 -5.37 15.32 1.39
C GLY A 23 -6.21 14.28 2.14
N ILE A 24 -5.76 13.03 2.15
CA ILE A 24 -6.52 11.91 2.65
C ILE A 24 -6.56 12.05 4.16
N ASP A 25 -7.70 12.43 4.70
CA ASP A 25 -7.94 12.43 6.14
C ASP A 25 -7.90 10.96 6.58
N ILE A 26 -6.97 10.60 7.47
CA ILE A 26 -6.75 9.25 8.00
C ILE A 26 -6.00 9.39 9.33
N GLU A 27 -5.97 8.33 10.16
CA GLU A 27 -5.55 8.37 11.55
C GLU A 27 -4.64 7.18 11.90
N GLY A 28 -3.40 7.46 12.31
CA GLY A 28 -2.27 6.55 12.44
C GLY A 28 -1.01 7.25 12.96
N TYR A 29 0.17 6.81 12.50
CA TYR A 29 1.46 7.44 12.75
C TYR A 29 2.10 7.96 11.46
N THR A 30 2.92 9.00 11.57
CA THR A 30 3.79 9.54 10.53
C THR A 30 5.25 9.51 11.01
N THR A 31 6.18 9.74 10.08
CA THR A 31 7.61 9.72 10.29
C THR A 31 8.13 11.16 10.25
N PRO A 32 8.65 11.70 11.37
CA PRO A 32 9.00 13.11 11.48
C PRO A 32 9.98 13.56 10.39
N SER A 33 10.90 12.67 10.02
CA SER A 33 11.95 12.91 9.06
C SER A 33 11.43 13.01 7.62
N VAL A 34 10.22 12.54 7.33
CA VAL A 34 9.51 12.89 6.11
C VAL A 34 8.93 14.28 6.29
N VAL A 35 8.21 14.50 7.40
CA VAL A 35 7.43 15.71 7.59
C VAL A 35 8.29 16.96 7.47
N GLU A 36 9.53 16.96 7.94
CA GLU A 36 10.37 18.15 7.82
C GLU A 36 10.70 18.47 6.35
N GLU A 37 10.62 17.51 5.42
CA GLU A 37 10.90 17.71 4.00
C GLU A 37 9.62 18.01 3.20
N ILE A 38 8.44 17.84 3.80
CA ILE A 38 7.17 18.23 3.20
C ILE A 38 7.18 19.75 3.04
N LYS A 39 7.14 20.19 1.78
CA LYS A 39 7.41 21.57 1.39
C LYS A 39 6.31 22.18 0.55
N ASP A 40 5.36 21.39 0.07
CA ASP A 40 4.15 21.93 -0.52
C ASP A 40 3.26 22.41 0.62
N ARG A 41 2.75 23.64 0.54
CA ARG A 41 2.01 24.20 1.67
C ARG A 41 0.69 23.45 1.87
N GLU A 42 0.05 23.01 0.79
CA GLU A 42 -1.21 22.27 0.81
C GLU A 42 -1.05 21.05 1.71
N SER A 43 0.00 20.27 1.44
CA SER A 43 0.32 19.10 2.21
C SER A 43 0.62 19.48 3.65
N LYS A 44 1.52 20.46 3.85
CA LYS A 44 2.02 20.85 5.16
C LYS A 44 0.90 21.30 6.09
N ILE A 45 0.06 22.24 5.63
CA ILE A 45 -1.08 22.77 6.35
C ILE A 45 -2.00 21.62 6.76
N PHE A 46 -2.38 20.77 5.80
CA PHE A 46 -3.28 19.66 6.06
C PHE A 46 -2.67 18.65 7.04
N LEU A 47 -1.39 18.32 6.88
CA LEU A 47 -0.68 17.39 7.72
C LEU A 47 -0.68 17.87 9.17
N GLU A 48 -0.34 19.14 9.41
CA GLU A 48 -0.35 19.74 10.73
C GLU A 48 -1.76 19.71 11.32
N SER A 49 -2.80 19.84 10.49
CA SER A 49 -4.20 19.64 10.88
C SER A 49 -4.32 18.32 11.61
N LEU A 50 -3.86 17.24 10.99
CA LEU A 50 -4.06 15.90 11.50
C LEU A 50 -3.25 15.62 12.76
N ILE A 51 -2.07 16.22 12.90
CA ILE A 51 -1.31 16.15 14.16
C ILE A 51 -2.16 16.85 15.23
N SER A 52 -2.56 18.10 14.97
CA SER A 52 -3.33 18.92 15.89
C SER A 52 -4.66 18.24 16.29
N ALA A 53 -5.31 17.57 15.34
CA ALA A 53 -6.58 16.88 15.49
C ALA A 53 -6.46 15.51 16.17
N GLY A 54 -5.25 15.13 16.61
CA GLY A 54 -5.04 13.95 17.44
C GLY A 54 -5.14 12.67 16.62
N LYS A 55 -4.96 12.74 15.29
CA LYS A 55 -5.12 11.60 14.41
C LYS A 55 -3.80 11.08 13.86
N VAL A 56 -2.79 11.91 13.68
CA VAL A 56 -1.52 11.47 13.12
C VAL A 56 -0.40 11.79 14.10
N LYS A 57 -0.03 10.81 14.92
CA LYS A 57 1.08 10.95 15.83
C LYS A 57 2.38 10.90 15.05
N ILE A 58 3.40 11.49 15.63
CA ILE A 58 4.78 11.39 15.17
C ILE A 58 5.34 10.07 15.72
N ALA A 59 6.25 9.44 14.97
CA ALA A 59 7.07 8.31 15.38
C ALA A 59 8.12 8.01 14.29
N GLU A 60 9.41 7.97 14.62
CA GLU A 60 10.44 7.52 13.68
C GLU A 60 10.77 6.02 13.83
N PRO A 61 11.34 5.39 12.79
CA PRO A 61 11.88 4.03 12.82
C PRO A 61 13.11 3.93 13.71
N SER A 62 13.42 2.73 14.19
CA SER A 62 14.75 2.34 14.64
C SER A 62 15.68 2.16 13.44
N LYS A 63 16.99 2.21 13.71
CA LYS A 63 18.04 1.87 12.76
C LYS A 63 17.82 0.46 12.22
N GLU A 64 17.52 -0.52 13.08
CA GLU A 64 17.31 -1.90 12.65
C GLU A 64 16.13 -2.00 11.68
N SER A 65 15.12 -1.15 11.84
CA SER A 65 13.96 -1.09 10.98
C SER A 65 14.37 -0.61 9.59
N ILE A 66 15.21 0.44 9.49
CA ILE A 66 15.77 0.87 8.21
C ILE A 66 16.57 -0.28 7.61
N ASP A 67 17.44 -0.92 8.40
CA ASP A 67 18.30 -1.99 7.94
C ASP A 67 17.47 -3.15 7.38
N ARG A 68 16.28 -3.42 7.93
CA ARG A 68 15.36 -4.42 7.40
C ARG A 68 15.03 -4.16 5.94
N ILE A 69 14.71 -2.91 5.58
CA ILE A 69 14.35 -2.59 4.19
C ILE A 69 15.58 -2.89 3.34
N ILE A 70 16.76 -2.45 3.79
CA ILE A 70 18.02 -2.66 3.10
C ILE A 70 18.24 -4.16 2.84
N GLN A 71 17.86 -5.08 3.74
CA GLN A 71 18.09 -6.51 3.53
C GLN A 71 17.28 -7.05 2.37
N VAL A 72 16.01 -6.68 2.27
CA VAL A 72 15.14 -7.20 1.22
C VAL A 72 15.37 -6.42 -0.07
N ALA A 73 15.59 -5.11 0.03
CA ALA A 73 15.89 -4.24 -1.09
C ALA A 73 17.20 -4.66 -1.77
N LYS A 74 18.25 -5.00 -1.02
CA LYS A 74 19.48 -5.53 -1.60
C LYS A 74 19.30 -6.95 -2.10
N GLU A 75 18.44 -7.76 -1.48
CA GLU A 75 18.12 -9.11 -1.96
C GLU A 75 17.51 -9.03 -3.35
N THR A 76 16.57 -8.10 -3.60
CA THR A 76 15.93 -7.96 -4.90
C THR A 76 16.84 -7.18 -5.88
N GLY A 77 17.36 -5.99 -5.53
CA GLY A 77 18.27 -5.25 -6.39
C GLY A 77 18.52 -3.82 -5.94
N GLU A 78 17.55 -2.93 -6.13
CA GLU A 78 17.67 -1.52 -5.80
C GLU A 78 17.69 -1.34 -4.29
N VAL A 79 18.88 -1.36 -3.67
CA VAL A 79 19.00 -1.21 -2.23
C VAL A 79 18.77 0.22 -1.76
N ASN A 80 19.49 1.21 -2.30
CA ASN A 80 19.43 2.59 -1.82
C ASN A 80 18.94 3.54 -2.92
N GLU A 81 18.30 3.00 -3.96
CA GLU A 81 17.74 3.81 -5.04
C GLU A 81 16.54 4.63 -4.54
N LEU A 82 15.82 4.08 -3.57
CA LEU A 82 14.57 4.67 -3.08
C LEU A 82 14.86 5.85 -2.16
N SER A 83 13.90 6.75 -1.99
CA SER A 83 14.05 7.90 -1.11
C SER A 83 14.18 7.44 0.33
N LYS A 84 14.85 8.27 1.14
CA LYS A 84 14.93 8.02 2.57
C LYS A 84 13.54 8.02 3.17
N ALA A 85 12.71 9.04 2.87
CA ALA A 85 11.36 9.13 3.39
C ALA A 85 10.56 7.87 3.10
N ASP A 86 10.69 7.30 1.90
CA ASP A 86 9.97 6.08 1.53
C ASP A 86 10.29 4.98 2.53
N ILE A 87 11.59 4.73 2.64
CA ILE A 87 12.20 3.72 3.48
C ILE A 87 11.88 3.98 4.95
N GLU A 88 11.87 5.24 5.43
CA GLU A 88 11.55 5.56 6.80
C GLU A 88 10.13 5.14 7.16
N VAL A 89 9.14 5.52 6.34
CA VAL A 89 7.73 5.17 6.56
C VAL A 89 7.59 3.65 6.64
N LEU A 90 8.11 2.96 5.62
CA LEU A 90 8.05 1.51 5.46
C LEU A 90 8.65 0.86 6.70
N ALA A 91 9.89 1.21 7.04
CA ALA A 91 10.63 0.72 8.19
C ALA A 91 9.85 0.87 9.48
N LEU A 92 9.37 2.09 9.76
CA LEU A 92 8.67 2.40 10.98
C LEU A 92 7.48 1.46 11.12
N ALA A 93 6.68 1.34 10.06
CA ALA A 93 5.55 0.44 10.04
C ALA A 93 5.97 -1.01 10.30
N TYR A 94 7.08 -1.48 9.73
CA TYR A 94 7.52 -2.86 9.92
C TYR A 94 8.02 -3.10 11.34
N GLU A 95 8.59 -2.09 12.00
CA GLU A 95 8.89 -2.19 13.42
C GLU A 95 7.60 -2.37 14.19
N LEU A 96 6.59 -1.60 13.81
CA LEU A 96 5.31 -1.53 14.49
C LEU A 96 4.45 -2.74 14.14
N LYS A 97 4.82 -3.52 13.12
CA LYS A 97 4.09 -4.67 12.61
C LYS A 97 2.62 -4.31 12.36
N GLY A 98 2.36 -3.07 11.96
CA GLY A 98 1.05 -2.48 11.74
C GLY A 98 0.67 -2.58 10.27
N GLU A 99 0.12 -1.50 9.72
CA GLU A 99 -0.39 -1.36 8.35
C GLU A 99 0.20 -0.10 7.72
N ILE A 100 0.19 0.05 6.39
CA ILE A 100 0.86 1.13 5.68
C ILE A 100 -0.15 1.75 4.71
N PHE A 101 -0.01 3.05 4.45
CA PHE A 101 -0.81 3.76 3.48
C PHE A 101 0.09 4.67 2.65
N SER A 102 0.06 4.48 1.32
CA SER A 102 0.95 5.21 0.43
C SER A 102 0.42 5.17 -1.02
N ASP A 103 1.09 5.87 -1.94
CA ASP A 103 0.91 5.73 -3.39
C ASP A 103 2.25 6.01 -4.08
N ASP A 104 2.94 4.95 -4.54
CA ASP A 104 4.17 5.03 -5.33
C ASP A 104 4.44 3.69 -6.02
N TYR A 105 5.16 3.68 -7.14
CA TYR A 105 5.54 2.43 -7.81
C TYR A 105 6.47 1.62 -6.90
N ASN A 106 7.48 2.28 -6.31
CA ASN A 106 8.41 1.66 -5.38
C ASN A 106 7.67 1.20 -4.13
N VAL A 107 6.93 2.08 -3.45
CA VAL A 107 6.32 1.79 -2.15
C VAL A 107 5.45 0.53 -2.22
N GLN A 108 4.68 0.41 -3.31
CA GLN A 108 3.77 -0.70 -3.55
C GLN A 108 4.55 -2.00 -3.54
N ASN A 109 5.65 -2.02 -4.29
CA ASN A 109 6.50 -3.18 -4.41
C ASN A 109 7.13 -3.50 -3.07
N ILE A 110 7.84 -2.56 -2.43
CA ILE A 110 8.55 -2.81 -1.18
C ILE A 110 7.61 -3.41 -0.15
N ALA A 111 6.48 -2.80 0.17
CA ALA A 111 5.54 -3.43 1.11
C ALA A 111 5.06 -4.82 0.66
N SER A 112 4.93 -5.07 -0.64
CA SER A 112 4.68 -6.40 -1.19
C SER A 112 5.77 -7.39 -0.77
N LEU A 113 7.05 -7.19 -1.13
CA LEU A 113 8.13 -8.14 -0.85
C LEU A 113 8.47 -8.26 0.63
N LEU A 114 8.05 -7.27 1.41
CA LEU A 114 8.19 -7.30 2.86
C LEU A 114 7.07 -8.07 3.54
N GLY A 115 6.03 -8.46 2.79
CA GLY A 115 4.88 -9.16 3.33
C GLY A 115 4.13 -8.31 4.34
N LEU A 116 4.06 -6.98 4.12
CA LEU A 116 3.24 -6.11 4.95
C LEU A 116 1.99 -5.66 4.19
N ARG A 117 0.80 -5.93 4.72
CA ARG A 117 -0.46 -5.45 4.15
C ARG A 117 -0.44 -3.94 4.16
N PHE A 118 -0.42 -3.33 2.99
CA PHE A 118 -0.56 -1.89 2.84
C PHE A 118 -1.85 -1.60 2.09
N ARG A 119 -2.14 -0.32 1.88
CA ARG A 119 -3.34 0.17 1.22
C ARG A 119 -2.91 0.91 -0.03
N THR A 120 -3.37 0.48 -1.20
CA THR A 120 -3.19 1.23 -2.43
C THR A 120 -4.25 2.32 -2.52
N LEU A 121 -3.87 3.50 -3.05
CA LEU A 121 -4.84 4.48 -3.52
C LEU A 121 -5.51 3.99 -4.80
N LYS A 122 -6.48 4.77 -5.30
CA LYS A 122 -7.38 4.46 -6.41
C LYS A 122 -8.12 3.16 -6.09
N ARG A 123 -9.33 3.27 -5.52
CA ARG A 123 -10.17 2.09 -5.25
C ARG A 123 -10.39 1.28 -6.53
N GLY A 124 -10.89 0.05 -6.39
CA GLY A 124 -11.19 -0.80 -7.53
C GLY A 124 -12.14 -0.11 -8.51
N ILE A 125 -12.04 -0.50 -9.78
CA ILE A 125 -12.76 0.03 -10.94
C ILE A 125 -12.33 1.48 -11.22
N LYS A 126 -12.73 2.01 -12.38
CA LYS A 126 -12.11 3.17 -13.05
C LYS A 126 -10.69 2.87 -13.52
N LYS A 127 -10.31 1.59 -13.62
CA LYS A 127 -9.20 1.14 -14.44
C LYS A 127 -9.34 -0.36 -14.68
N VAL A 128 -9.42 -1.15 -13.60
CA VAL A 128 -9.36 -2.59 -13.68
C VAL A 128 -10.65 -3.14 -14.27
N ILE A 129 -10.57 -4.36 -14.77
CA ILE A 129 -11.69 -5.14 -15.26
C ILE A 129 -11.76 -6.31 -14.28
N LYS A 130 -12.83 -6.40 -13.49
CA LYS A 130 -12.98 -7.57 -12.62
C LYS A 130 -13.33 -8.74 -13.51
N TRP A 131 -12.62 -9.85 -13.30
CA TRP A 131 -12.71 -11.04 -14.10
C TRP A 131 -14.01 -11.80 -13.79
N ARG A 132 -14.51 -12.61 -14.73
CA ARG A 132 -15.80 -13.27 -14.65
C ARG A 132 -15.84 -14.58 -15.42
N TYR A 133 -14.70 -15.23 -15.68
CA TYR A 133 -14.70 -16.50 -16.40
C TYR A 133 -13.70 -17.47 -15.80
N VAL A 134 -13.97 -18.76 -15.89
CA VAL A 134 -13.13 -19.83 -15.33
C VAL A 134 -13.11 -21.02 -16.30
N CYS A 135 -11.93 -21.58 -16.57
CA CYS A 135 -11.78 -22.89 -17.19
C CYS A 135 -12.33 -23.94 -16.22
N ILE A 136 -13.25 -24.80 -16.66
CA ILE A 136 -13.64 -25.96 -15.88
C ILE A 136 -12.54 -27.03 -15.97
N GLY A 137 -11.89 -27.31 -14.86
CA GLY A 137 -10.96 -28.42 -14.69
C GLY A 137 -9.65 -27.87 -14.15
N CYS A 138 -8.84 -27.26 -15.03
CA CYS A 138 -7.59 -26.66 -14.59
C CYS A 138 -7.85 -25.40 -13.77
N GLY A 139 -9.07 -24.86 -13.85
CA GLY A 139 -9.58 -23.85 -12.93
C GLY A 139 -9.09 -22.44 -13.20
N ARG A 140 -8.46 -22.23 -14.35
CA ARG A 140 -7.75 -21.02 -14.71
C ARG A 140 -8.73 -19.88 -14.88
N LYS A 141 -8.34 -18.72 -14.39
CA LYS A 141 -9.12 -17.50 -14.43
C LYS A 141 -9.05 -16.88 -15.82
N PHE A 142 -10.12 -16.23 -16.25
CA PHE A 142 -10.13 -15.36 -17.42
C PHE A 142 -10.99 -14.13 -17.11
N SER A 143 -10.65 -13.00 -17.75
CA SER A 143 -11.38 -11.75 -17.67
C SER A 143 -12.23 -11.48 -18.91
N THR A 144 -12.22 -12.38 -19.89
CA THR A 144 -13.01 -12.37 -21.11
C THR A 144 -13.25 -13.82 -21.49
N LEU A 145 -14.14 -14.06 -22.44
CA LEU A 145 -14.23 -15.37 -23.08
C LEU A 145 -13.06 -15.43 -24.07
N PRO A 146 -12.16 -16.41 -23.99
CA PRO A 146 -11.03 -16.51 -24.92
C PRO A 146 -11.53 -16.93 -26.32
N PRO A 147 -10.66 -16.93 -27.36
CA PRO A 147 -11.01 -17.52 -28.65
C PRO A 147 -11.46 -18.98 -28.45
N GLY A 148 -12.52 -19.37 -29.15
CA GLY A 148 -13.17 -20.67 -29.00
C GLY A 148 -13.91 -20.86 -27.66
N GLY A 149 -13.74 -19.95 -26.70
CA GLY A 149 -14.26 -20.09 -25.35
C GLY A 149 -13.68 -21.30 -24.63
N VAL A 150 -12.44 -21.70 -24.96
CA VAL A 150 -11.78 -22.86 -24.36
C VAL A 150 -10.49 -22.41 -23.71
N CYS A 151 -9.95 -23.22 -22.80
CA CYS A 151 -8.76 -22.93 -22.05
C CYS A 151 -7.54 -23.06 -22.96
N PRO A 152 -6.80 -21.98 -23.28
CA PRO A 152 -5.49 -22.10 -23.90
C PRO A 152 -4.51 -22.99 -23.11
N ASP A 153 -4.79 -23.24 -21.82
CA ASP A 153 -3.92 -23.98 -20.92
C ASP A 153 -4.22 -25.47 -20.94
N CYS A 154 -5.45 -25.86 -21.27
CA CYS A 154 -5.91 -27.23 -21.05
C CYS A 154 -7.03 -27.71 -21.99
N GLY A 155 -7.46 -26.89 -22.95
CA GLY A 155 -8.47 -27.23 -23.95
C GLY A 155 -9.91 -27.23 -23.45
N SER A 156 -10.14 -27.19 -22.13
CA SER A 156 -11.46 -27.33 -21.55
C SER A 156 -12.34 -26.12 -21.81
N LYS A 157 -13.66 -26.29 -21.71
CA LYS A 157 -14.61 -25.19 -21.83
C LYS A 157 -14.37 -24.18 -20.71
N VAL A 158 -14.44 -22.90 -21.04
CA VAL A 158 -14.48 -21.82 -20.05
C VAL A 158 -15.96 -21.53 -19.79
N LYS A 159 -16.33 -21.19 -18.55
CA LYS A 159 -17.69 -20.84 -18.16
C LYS A 159 -17.69 -19.54 -17.37
N LEU A 160 -18.78 -18.79 -17.47
CA LEU A 160 -18.98 -17.56 -16.71
C LEU A 160 -19.13 -17.92 -15.25
N ILE A 161 -18.42 -17.23 -14.35
CA ILE A 161 -18.60 -17.38 -12.90
C ILE A 161 -19.48 -16.25 -12.38
N PRO A 162 -20.15 -16.44 -11.23
CA PRO A 162 -20.97 -15.41 -10.62
C PRO A 162 -20.09 -14.36 -9.92
N ARG A 163 -19.45 -13.48 -10.71
CA ARG A 163 -18.59 -12.37 -10.30
C ARG A 163 -17.33 -12.83 -9.56
N LYS A 164 -16.40 -11.89 -9.34
CA LYS A 164 -15.20 -12.07 -8.52
C LYS A 164 -15.57 -12.32 -7.05
N ARG A 165 -16.49 -11.54 -6.50
CA ARG A 165 -16.83 -11.67 -5.09
C ARG A 165 -17.65 -12.92 -4.95
ZN ZN B . -7.93 -25.03 -18.22
N MET A 5 -21.82 7.70 21.77
CA MET A 5 -20.40 7.81 22.10
C MET A 5 -19.69 6.62 21.48
N LEU A 6 -19.01 6.79 20.34
CA LEU A 6 -18.65 5.65 19.48
C LEU A 6 -17.14 5.59 19.26
N ARG A 7 -16.66 4.46 18.75
CA ARG A 7 -15.26 4.28 18.39
C ARG A 7 -15.13 3.30 17.22
N ASN A 8 -14.16 3.54 16.36
CA ASN A 8 -13.77 2.69 15.24
C ASN A 8 -12.33 3.04 14.87
N LEU A 9 -11.59 2.05 14.35
CA LEU A 9 -10.32 2.20 13.68
C LEU A 9 -10.06 0.93 12.84
N LYS A 10 -9.43 1.11 11.69
CA LYS A 10 -8.99 0.02 10.83
C LYS A 10 -7.91 -0.80 11.55
N LYS A 11 -7.67 -2.01 11.03
CA LYS A 11 -6.52 -2.83 11.37
C LYS A 11 -5.24 -2.08 10.97
N THR A 12 -4.11 -2.44 11.58
CA THR A 12 -2.86 -1.70 11.45
C THR A 12 -2.49 -1.52 9.99
N LEU A 13 -2.12 -0.29 9.66
CA LEU A 13 -1.93 0.22 8.32
C LEU A 13 -0.96 1.37 8.44
N VAL A 14 -0.10 1.51 7.44
CA VAL A 14 0.85 2.61 7.37
C VAL A 14 0.59 3.38 6.06
N LEU A 15 0.79 4.69 6.08
CA LEU A 15 0.47 5.61 4.99
C LEU A 15 1.76 6.27 4.55
N ASP A 16 1.94 6.40 3.25
CA ASP A 16 3.15 7.02 2.69
C ASP A 16 2.91 8.51 2.43
N SER A 17 3.99 9.28 2.27
CA SER A 17 4.01 10.69 1.92
C SER A 17 2.96 11.04 0.85
N SER A 18 2.94 10.28 -0.24
CA SER A 18 2.07 10.57 -1.37
C SER A 18 0.59 10.50 -0.99
N VAL A 19 0.18 9.74 0.02
CA VAL A 19 -1.21 9.66 0.48
C VAL A 19 -1.65 11.04 0.98
N PHE A 20 -0.79 11.68 1.76
CA PHE A 20 -1.03 13.00 2.32
C PHE A 20 -1.04 14.05 1.22
N ILE A 21 -0.23 13.86 0.18
CA ILE A 21 -0.24 14.71 -1.01
C ILE A 21 -1.60 14.66 -1.70
N GLN A 22 -2.20 13.48 -1.88
CA GLN A 22 -3.48 13.41 -2.59
C GLN A 22 -4.62 13.96 -1.73
N GLY A 23 -4.49 13.88 -0.41
CA GLY A 23 -5.51 14.30 0.54
C GLY A 23 -6.40 13.14 1.00
N ILE A 24 -5.94 11.89 0.89
CA ILE A 24 -6.76 10.72 1.18
C ILE A 24 -6.87 10.59 2.70
N ASP A 25 -8.09 10.77 3.22
CA ASP A 25 -8.44 10.61 4.63
C ASP A 25 -8.45 9.11 4.96
N ILE A 26 -7.48 8.63 5.76
CA ILE A 26 -7.34 7.20 6.10
C ILE A 26 -6.55 7.07 7.41
N GLU A 27 -7.05 6.35 8.42
CA GLU A 27 -6.34 6.13 9.67
C GLU A 27 -5.14 5.20 9.46
N GLY A 28 -4.21 5.20 10.41
CA GLY A 28 -3.00 4.38 10.38
C GLY A 28 -1.82 5.10 10.99
N TYR A 29 -0.61 4.83 10.50
CA TYR A 29 0.63 5.44 10.97
C TYR A 29 1.37 6.11 9.80
N THR A 30 2.21 7.10 10.11
CA THR A 30 3.09 7.78 9.18
C THR A 30 4.51 7.73 9.75
N THR A 31 5.51 7.71 8.87
CA THR A 31 6.90 7.78 9.31
C THR A 31 7.25 9.23 9.65
N PRO A 32 7.85 9.48 10.83
CA PRO A 32 8.43 10.77 11.12
C PRO A 32 9.58 11.09 10.16
N SER A 33 10.21 10.08 9.57
CA SER A 33 11.32 10.26 8.65
C SER A 33 10.97 10.86 7.30
N VAL A 34 9.76 10.63 6.79
CA VAL A 34 9.38 11.30 5.56
C VAL A 34 8.70 12.64 5.90
N VAL A 35 7.90 12.70 6.99
CA VAL A 35 7.12 13.93 7.26
C VAL A 35 8.02 15.14 7.44
N GLU A 36 9.27 14.94 7.84
CA GLU A 36 10.18 16.05 8.05
C GLU A 36 10.31 16.92 6.79
N GLU A 37 10.13 16.30 5.61
CA GLU A 37 10.42 16.88 4.30
C GLU A 37 9.14 17.25 3.57
N ILE A 38 7.97 16.83 4.05
CA ILE A 38 6.67 17.22 3.51
C ILE A 38 6.47 18.70 3.87
N LYS A 39 7.13 19.59 3.12
CA LYS A 39 6.97 21.03 3.26
C LYS A 39 5.69 21.52 2.61
N ASP A 40 5.14 20.73 1.68
CA ASP A 40 4.04 21.13 0.83
C ASP A 40 2.84 21.40 1.72
N ARG A 41 2.34 22.62 1.66
CA ARG A 41 1.46 23.19 2.67
C ARG A 41 0.22 22.34 2.84
N GLU A 42 -0.44 22.01 1.73
CA GLU A 42 -1.64 21.20 1.70
C GLU A 42 -1.38 19.87 2.39
N SER A 43 -0.37 19.17 1.88
CA SER A 43 -0.01 17.83 2.29
C SER A 43 0.34 17.81 3.80
N LYS A 44 1.13 18.79 4.24
CA LYS A 44 1.58 18.92 5.62
C LYS A 44 0.40 19.19 6.56
N ILE A 45 -0.32 20.27 6.29
CA ILE A 45 -1.45 20.72 7.11
C ILE A 45 -2.43 19.56 7.26
N PHE A 46 -2.77 18.88 6.16
CA PHE A 46 -3.69 17.75 6.17
C PHE A 46 -3.18 16.65 7.09
N LEU A 47 -1.94 16.18 6.86
CA LEU A 47 -1.29 15.12 7.62
C LEU A 47 -1.36 15.45 9.12
N GLU A 48 -0.87 16.63 9.50
CA GLU A 48 -0.80 17.07 10.89
C GLU A 48 -2.20 17.22 11.51
N SER A 49 -3.22 17.52 10.70
CA SER A 49 -4.61 17.63 11.16
C SER A 49 -5.12 16.25 11.54
N LEU A 50 -4.91 15.25 10.70
CA LEU A 50 -5.31 13.87 10.94
C LEU A 50 -4.59 13.29 12.15
N ILE A 51 -3.30 13.62 12.33
CA ILE A 51 -2.59 13.29 13.56
C ILE A 51 -3.28 13.93 14.75
N SER A 52 -3.63 15.22 14.65
CA SER A 52 -4.32 15.90 15.75
C SER A 52 -5.70 15.30 16.03
N ALA A 53 -6.40 14.79 15.02
CA ALA A 53 -7.69 14.12 15.16
C ALA A 53 -7.54 12.66 15.61
N GLY A 54 -6.30 12.18 15.76
CA GLY A 54 -5.99 10.84 16.22
C GLY A 54 -6.10 9.78 15.14
N LYS A 55 -6.45 10.16 13.91
CA LYS A 55 -6.58 9.28 12.75
C LYS A 55 -5.23 8.63 12.48
N VAL A 56 -4.21 9.47 12.33
CA VAL A 56 -2.87 9.04 11.98
C VAL A 56 -2.01 9.17 13.22
N LYS A 57 -0.96 8.36 13.32
CA LYS A 57 -0.01 8.38 14.41
C LYS A 57 1.41 8.35 13.85
N ILE A 58 2.35 8.83 14.65
CA ILE A 58 3.77 8.78 14.36
C ILE A 58 4.27 7.39 14.75
N ALA A 59 5.06 6.77 13.88
CA ALA A 59 5.87 5.59 14.18
C ALA A 59 7.02 5.52 13.18
N GLU A 60 8.25 5.40 13.66
CA GLU A 60 9.41 5.06 12.83
C GLU A 60 9.58 3.54 12.75
N PRO A 61 10.23 3.02 11.69
CA PRO A 61 10.56 1.61 11.56
C PRO A 61 11.57 1.16 12.62
N SER A 62 11.78 -0.15 12.70
CA SER A 62 12.98 -0.72 13.30
C SER A 62 14.07 -0.81 12.23
N LYS A 63 15.32 -0.77 12.70
CA LYS A 63 16.51 -1.21 11.98
C LYS A 63 16.29 -2.58 11.33
N GLU A 64 15.67 -3.51 12.05
CA GLU A 64 15.38 -4.86 11.58
C GLU A 64 14.49 -4.80 10.34
N SER A 65 13.45 -3.97 10.38
CA SER A 65 12.55 -3.83 9.25
C SER A 65 13.27 -3.22 8.04
N ILE A 66 14.18 -2.24 8.23
CA ILE A 66 14.96 -1.65 7.14
C ILE A 66 15.81 -2.76 6.50
N ASP A 67 16.52 -3.55 7.32
CA ASP A 67 17.33 -4.68 6.87
C ASP A 67 16.50 -5.70 6.09
N ARG A 68 15.21 -5.85 6.43
CA ARG A 68 14.29 -6.74 5.75
C ARG A 68 14.14 -6.36 4.28
N ILE A 69 14.05 -5.07 3.97
CA ILE A 69 13.93 -4.59 2.59
C ILE A 69 15.24 -4.90 1.90
N ILE A 70 16.36 -4.53 2.53
CA ILE A 70 17.70 -4.66 1.99
C ILE A 70 17.96 -6.09 1.51
N GLN A 71 17.44 -7.13 2.18
CA GLN A 71 17.59 -8.50 1.73
C GLN A 71 16.96 -8.70 0.36
N VAL A 72 15.65 -8.51 0.28
CA VAL A 72 14.91 -8.83 -0.93
C VAL A 72 15.32 -7.88 -2.06
N ALA A 73 15.61 -6.62 -1.72
CA ALA A 73 16.04 -5.58 -2.65
C ALA A 73 17.39 -5.95 -3.26
N LYS A 74 18.43 -6.28 -2.46
CA LYS A 74 19.71 -6.70 -3.02
C LYS A 74 19.60 -8.02 -3.78
N GLU A 75 18.56 -8.81 -3.52
CA GLU A 75 18.33 -10.09 -4.21
C GLU A 75 17.65 -9.87 -5.56
N THR A 76 17.00 -8.73 -5.80
CA THR A 76 16.30 -8.44 -7.05
C THR A 76 17.03 -7.37 -7.87
N GLY A 77 17.86 -6.52 -7.24
CA GLY A 77 18.74 -5.61 -7.95
C GLY A 77 19.02 -4.36 -7.15
N GLU A 78 18.11 -3.39 -7.24
CA GLU A 78 18.28 -2.05 -6.70
C GLU A 78 18.12 -2.13 -5.19
N VAL A 79 19.21 -2.31 -4.44
CA VAL A 79 19.16 -2.40 -2.99
C VAL A 79 18.86 -1.07 -2.32
N ASN A 80 19.52 -0.01 -2.74
CA ASN A 80 19.41 1.32 -2.17
C ASN A 80 19.23 2.36 -3.28
N GLU A 81 19.01 1.91 -4.51
CA GLU A 81 18.51 2.74 -5.60
C GLU A 81 17.03 3.13 -5.37
N LEU A 82 16.47 2.83 -4.19
CA LEU A 82 15.23 3.39 -3.68
C LEU A 82 15.57 4.43 -2.62
N SER A 83 14.75 5.46 -2.53
CA SER A 83 14.92 6.49 -1.53
C SER A 83 14.60 5.94 -0.14
N LYS A 84 15.17 6.58 0.87
CA LYS A 84 15.05 6.17 2.24
C LYS A 84 13.59 6.20 2.69
N ALA A 85 12.86 7.28 2.44
CA ALA A 85 11.43 7.39 2.81
C ALA A 85 10.61 6.19 2.32
N ASP A 86 10.88 5.68 1.11
CA ASP A 86 10.20 4.51 0.54
C ASP A 86 10.50 3.31 1.42
N ILE A 87 11.80 3.03 1.61
CA ILE A 87 12.33 1.95 2.42
C ILE A 87 11.71 2.03 3.82
N GLU A 88 11.60 3.22 4.41
CA GLU A 88 11.14 3.46 5.78
C GLU A 88 9.67 3.10 5.96
N VAL A 89 8.76 3.62 5.12
CA VAL A 89 7.33 3.32 5.24
C VAL A 89 7.11 1.82 5.02
N LEU A 90 7.74 1.26 3.98
CA LEU A 90 7.63 -0.15 3.64
C LEU A 90 8.09 -0.98 4.84
N ALA A 91 9.31 -0.75 5.31
CA ALA A 91 9.88 -1.37 6.50
C ALA A 91 8.93 -1.33 7.68
N LEU A 92 8.51 -0.14 8.09
CA LEU A 92 7.68 0.06 9.28
C LEU A 92 6.48 -0.88 9.22
N ALA A 93 5.78 -0.88 8.08
CA ALA A 93 4.62 -1.72 7.89
C ALA A 93 4.92 -3.22 7.85
N TYR A 94 6.13 -3.64 7.45
CA TYR A 94 6.50 -5.06 7.45
C TYR A 94 6.86 -5.50 8.86
N GLU A 95 7.38 -4.60 9.71
CA GLU A 95 7.53 -4.87 11.13
C GLU A 95 6.12 -5.06 11.72
N LEU A 96 5.17 -4.23 11.31
CA LEU A 96 3.80 -4.24 11.81
C LEU A 96 2.93 -5.29 11.12
N LYS A 97 3.41 -5.98 10.07
CA LYS A 97 2.69 -7.01 9.31
C LYS A 97 1.31 -6.55 8.83
N GLY A 98 1.07 -5.25 8.64
CA GLY A 98 -0.28 -4.66 8.62
C GLY A 98 -0.83 -4.43 7.21
N GLU A 99 -0.88 -3.17 6.79
CA GLU A 99 -1.20 -2.72 5.45
C GLU A 99 -0.31 -1.51 5.15
N ILE A 100 -0.25 -1.11 3.88
CA ILE A 100 0.47 0.06 3.39
C ILE A 100 -0.46 0.76 2.42
N PHE A 101 -0.28 2.07 2.25
CA PHE A 101 -0.91 2.87 1.23
C PHE A 101 0.15 3.79 0.65
N SER A 102 0.40 3.70 -0.65
CA SER A 102 1.41 4.45 -1.40
C SER A 102 0.96 4.43 -2.88
N ASP A 103 1.76 4.88 -3.88
CA ASP A 103 1.52 4.55 -5.30
C ASP A 103 2.75 4.59 -6.22
N ASP A 104 3.95 4.99 -5.75
CA ASP A 104 5.15 5.17 -6.59
C ASP A 104 5.60 3.87 -7.28
N TYR A 105 6.20 3.99 -8.46
CA TYR A 105 6.55 2.88 -9.36
C TYR A 105 7.47 1.84 -8.73
N ASN A 106 8.34 2.27 -7.83
CA ASN A 106 9.17 1.42 -7.00
C ASN A 106 8.36 0.81 -5.88
N VAL A 107 7.62 1.65 -5.13
CA VAL A 107 6.98 1.25 -3.88
C VAL A 107 6.05 0.05 -4.11
N GLN A 108 5.30 0.07 -5.21
CA GLN A 108 4.34 -0.97 -5.50
C GLN A 108 5.05 -2.30 -5.77
N ASN A 109 6.21 -2.20 -6.42
CA ASN A 109 7.02 -3.35 -6.77
C ASN A 109 7.50 -4.00 -5.48
N ILE A 110 8.18 -3.24 -4.61
CA ILE A 110 8.72 -3.73 -3.34
C ILE A 110 7.61 -4.41 -2.54
N ALA A 111 6.48 -3.76 -2.27
CA ALA A 111 5.42 -4.43 -1.50
C ALA A 111 4.91 -5.71 -2.16
N SER A 112 4.93 -5.80 -3.50
CA SER A 112 4.65 -7.04 -4.22
C SER A 112 5.64 -8.13 -3.84
N LEU A 113 6.95 -7.97 -4.09
CA LEU A 113 7.96 -9.01 -3.85
C LEU A 113 8.17 -9.33 -2.38
N LEU A 114 7.72 -8.45 -1.49
CA LEU A 114 7.75 -8.65 -0.05
C LEU A 114 6.53 -9.41 0.46
N GLY A 115 5.43 -9.40 -0.28
CA GLY A 115 4.19 -10.01 0.18
C GLY A 115 3.57 -9.27 1.36
N LEU A 116 3.63 -7.92 1.35
CA LEU A 116 2.75 -7.13 2.19
C LEU A 116 1.52 -6.72 1.39
N ARG A 117 0.32 -7.02 1.89
CA ARG A 117 -0.94 -6.59 1.32
C ARG A 117 -1.05 -5.08 1.49
N PHE A 118 -1.08 -4.30 0.41
CA PHE A 118 -1.03 -2.84 0.44
C PHE A 118 -2.23 -2.25 -0.29
N ARG A 119 -2.19 -0.97 -0.65
CA ARG A 119 -3.20 -0.21 -1.39
C ARG A 119 -2.52 0.71 -2.39
N THR A 120 -3.30 1.19 -3.35
CA THR A 120 -2.88 1.96 -4.52
C THR A 120 -3.87 3.09 -4.80
N LEU A 121 -3.46 4.09 -5.59
CA LEU A 121 -4.27 5.24 -6.00
C LEU A 121 -4.98 5.02 -7.34
N LYS A 122 -4.59 3.98 -8.07
CA LYS A 122 -5.01 3.65 -9.44
C LYS A 122 -6.50 3.94 -9.64
N ARG A 123 -6.82 4.91 -10.51
CA ARG A 123 -8.17 5.43 -10.75
C ARG A 123 -9.17 4.31 -10.97
N GLY A 124 -10.36 4.46 -10.39
CA GLY A 124 -11.44 3.47 -10.38
C GLY A 124 -11.81 2.98 -11.77
N ILE A 125 -12.72 3.68 -12.45
CA ILE A 125 -13.32 3.25 -13.71
C ILE A 125 -13.60 4.51 -14.53
N LYS A 126 -13.48 4.45 -15.85
CA LYS A 126 -13.94 5.51 -16.75
C LYS A 126 -14.66 4.99 -18.00
N LYS A 127 -14.52 3.69 -18.33
CA LYS A 127 -15.05 3.11 -19.57
C LYS A 127 -15.11 1.58 -19.46
N VAL A 128 -15.07 0.99 -18.28
CA VAL A 128 -14.74 -0.41 -18.08
C VAL A 128 -15.68 -1.02 -17.04
N ILE A 129 -15.71 -2.34 -16.96
CA ILE A 129 -16.58 -3.08 -16.06
C ILE A 129 -16.02 -2.98 -14.64
N LYS A 130 -16.91 -3.00 -13.63
CA LYS A 130 -16.57 -3.33 -12.25
C LYS A 130 -16.29 -4.84 -12.18
N TRP A 131 -15.14 -5.25 -12.74
CA TRP A 131 -14.63 -6.61 -12.73
C TRP A 131 -14.45 -7.13 -11.30
N ARG A 132 -14.49 -8.43 -11.05
CA ARG A 132 -14.44 -8.92 -9.66
C ARG A 132 -13.72 -10.24 -9.46
N TYR A 133 -12.97 -10.74 -10.44
CA TYR A 133 -12.33 -12.03 -10.30
C TYR A 133 -10.93 -11.99 -10.87
N VAL A 134 -9.96 -12.56 -10.16
CA VAL A 134 -8.57 -12.60 -10.59
C VAL A 134 -8.09 -14.07 -10.55
N CYS A 135 -7.44 -14.53 -11.63
CA CYS A 135 -6.70 -15.79 -11.60
C CYS A 135 -5.52 -15.62 -10.63
N ILE A 136 -5.22 -16.67 -9.86
CA ILE A 136 -4.13 -16.65 -8.89
C ILE A 136 -2.82 -17.20 -9.45
N GLY A 137 -2.82 -17.85 -10.62
CA GLY A 137 -1.60 -18.36 -11.25
C GLY A 137 -1.01 -17.42 -12.31
N CYS A 138 -1.80 -16.50 -12.86
CA CYS A 138 -1.38 -15.64 -13.96
C CYS A 138 -1.97 -14.22 -13.91
N GLY A 139 -2.69 -13.86 -12.84
CA GLY A 139 -3.17 -12.51 -12.59
C GLY A 139 -4.25 -12.02 -13.55
N ARG A 140 -4.82 -12.92 -14.34
CA ARG A 140 -5.78 -12.59 -15.39
C ARG A 140 -7.08 -12.08 -14.80
N LYS A 141 -7.75 -11.16 -15.50
CA LYS A 141 -8.79 -10.31 -14.95
C LYS A 141 -10.16 -10.67 -15.50
N PHE A 142 -10.93 -11.44 -14.74
CA PHE A 142 -12.27 -11.82 -15.12
C PHE A 142 -13.26 -10.86 -14.48
N SER A 143 -14.31 -10.56 -15.22
CA SER A 143 -15.45 -9.80 -14.73
C SER A 143 -16.49 -10.73 -14.11
N THR A 144 -16.46 -12.02 -14.44
CA THR A 144 -17.41 -13.03 -14.00
C THR A 144 -16.68 -14.35 -13.81
N LEU A 145 -17.32 -15.26 -13.09
CA LEU A 145 -16.75 -16.54 -12.73
C LEU A 145 -16.74 -17.40 -14.01
N PRO A 146 -15.58 -17.82 -14.56
CA PRO A 146 -15.54 -18.66 -15.76
C PRO A 146 -16.14 -20.04 -15.47
N PRO A 147 -16.39 -20.87 -16.51
CA PRO A 147 -16.81 -22.25 -16.30
C PRO A 147 -15.79 -22.98 -15.42
N GLY A 148 -16.29 -23.70 -14.41
CA GLY A 148 -15.48 -24.40 -13.43
C GLY A 148 -14.88 -23.47 -12.37
N GLY A 149 -14.82 -22.15 -12.59
CA GLY A 149 -14.18 -21.19 -11.70
C GLY A 149 -12.69 -21.47 -11.57
N VAL A 150 -12.04 -21.72 -12.70
CA VAL A 150 -10.61 -21.93 -12.82
C VAL A 150 -10.15 -21.04 -13.97
N CYS A 151 -8.86 -20.67 -14.05
CA CYS A 151 -8.34 -19.93 -15.17
C CYS A 151 -8.39 -20.84 -16.39
N PRO A 152 -9.25 -20.56 -17.38
CA PRO A 152 -9.21 -21.29 -18.65
C PRO A 152 -7.87 -21.09 -19.37
N ASP A 153 -7.09 -20.10 -18.94
CA ASP A 153 -6.01 -19.46 -19.68
C ASP A 153 -4.63 -19.80 -19.10
N CYS A 154 -4.57 -20.39 -17.89
CA CYS A 154 -3.34 -20.92 -17.32
C CYS A 154 -3.57 -22.17 -16.47
N GLY A 155 -4.83 -22.46 -16.13
CA GLY A 155 -5.19 -23.53 -15.20
C GLY A 155 -4.74 -23.21 -13.78
N SER A 156 -5.58 -22.48 -13.06
CA SER A 156 -5.44 -22.24 -11.63
C SER A 156 -6.83 -22.01 -11.07
N LYS A 157 -6.98 -21.88 -9.76
CA LYS A 157 -8.18 -21.24 -9.20
C LYS A 157 -8.29 -19.79 -9.69
N VAL A 158 -9.50 -19.27 -9.78
CA VAL A 158 -9.80 -17.84 -9.83
C VAL A 158 -10.35 -17.47 -8.44
N LYS A 159 -10.12 -16.24 -7.95
CA LYS A 159 -10.67 -15.77 -6.69
C LYS A 159 -11.35 -14.43 -6.84
N LEU A 160 -12.31 -14.16 -5.97
CA LEU A 160 -13.08 -12.92 -5.94
C LEU A 160 -12.21 -11.82 -5.34
N ILE A 161 -11.84 -10.80 -6.13
CA ILE A 161 -11.16 -9.62 -5.62
C ILE A 161 -12.16 -8.63 -4.99
N PRO A 162 -11.70 -7.72 -4.12
CA PRO A 162 -12.55 -6.74 -3.46
C PRO A 162 -12.88 -5.55 -4.41
N ARG A 163 -13.99 -5.63 -5.16
CA ARG A 163 -14.55 -4.58 -6.04
C ARG A 163 -13.48 -3.68 -6.66
N LYS A 164 -12.87 -4.09 -7.77
CA LYS A 164 -11.83 -3.36 -8.54
C LYS A 164 -10.46 -3.30 -7.86
N ARG A 165 -10.40 -3.12 -6.53
CA ARG A 165 -9.22 -2.63 -5.83
C ARG A 165 -8.04 -3.53 -6.12
ZN ZN B . -4.44 -17.76 -15.02
N MET A 5 -12.68 11.68 28.31
CA MET A 5 -13.84 11.35 27.47
C MET A 5 -13.45 11.35 26.00
N LEU A 6 -14.12 10.50 25.20
CA LEU A 6 -14.02 10.37 23.74
C LEU A 6 -12.60 10.03 23.27
N ARG A 7 -12.30 8.73 23.16
CA ARG A 7 -11.08 8.22 22.53
C ARG A 7 -11.45 7.04 21.62
N ASN A 8 -10.50 6.58 20.79
CA ASN A 8 -10.57 5.46 19.85
C ASN A 8 -9.41 5.53 18.89
N LEU A 9 -8.43 4.63 19.01
CA LEU A 9 -7.31 4.44 18.09
C LEU A 9 -7.40 3.06 17.44
N LYS A 10 -6.59 2.81 16.41
CA LYS A 10 -6.38 1.52 15.76
C LYS A 10 -5.16 0.82 16.37
N LYS A 11 -4.88 -0.40 15.91
CA LYS A 11 -3.58 -1.04 16.04
C LYS A 11 -2.49 -0.17 15.38
N THR A 12 -1.22 -0.48 15.66
CA THR A 12 -0.04 0.09 15.04
C THR A 12 -0.21 0.18 13.53
N LEU A 13 -0.09 1.39 13.00
CA LEU A 13 -0.25 1.68 11.58
C LEU A 13 0.69 2.82 11.23
N VAL A 14 1.20 2.82 10.01
CA VAL A 14 1.98 3.93 9.48
C VAL A 14 1.23 4.52 8.27
N LEU A 15 1.24 5.84 8.16
CA LEU A 15 0.67 6.60 7.05
C LEU A 15 1.82 7.16 6.25
N ASP A 16 1.62 7.27 4.93
CA ASP A 16 2.56 7.89 4.03
C ASP A 16 2.19 9.33 3.69
N SER A 17 3.15 10.10 3.19
CA SER A 17 3.04 11.47 2.71
C SER A 17 1.78 11.68 1.86
N SER A 18 1.60 10.83 0.84
CA SER A 18 0.49 10.96 -0.08
C SER A 18 -0.87 10.84 0.62
N VAL A 19 -0.96 10.20 1.78
CA VAL A 19 -2.20 10.09 2.55
C VAL A 19 -2.65 11.47 3.01
N PHE A 20 -1.69 12.32 3.43
CA PHE A 20 -1.95 13.68 3.87
C PHE A 20 -2.28 14.58 2.68
N ILE A 21 -1.64 14.34 1.54
CA ILE A 21 -1.88 15.06 0.29
C ILE A 21 -3.33 14.87 -0.13
N GLN A 22 -3.86 13.64 -0.11
CA GLN A 22 -5.26 13.42 -0.46
C GLN A 22 -6.19 13.86 0.68
N GLY A 23 -5.70 13.91 1.91
CA GLY A 23 -6.46 14.35 3.07
C GLY A 23 -7.36 13.23 3.57
N ILE A 24 -6.84 12.01 3.61
CA ILE A 24 -7.54 10.82 4.06
C ILE A 24 -7.47 10.82 5.59
N ASP A 25 -8.60 11.02 6.22
CA ASP A 25 -8.75 11.02 7.67
C ASP A 25 -8.50 9.60 8.21
N ILE A 26 -7.29 9.34 8.70
CA ILE A 26 -6.85 8.07 9.27
C ILE A 26 -5.72 8.37 10.26
N GLU A 27 -5.39 7.41 11.11
CA GLU A 27 -4.65 7.57 12.36
C GLU A 27 -3.54 6.52 12.40
N GLY A 28 -2.46 6.78 13.15
CA GLY A 28 -1.26 5.95 13.15
C GLY A 28 -0.03 6.80 13.43
N TYR A 29 1.12 6.40 12.87
CA TYR A 29 2.36 7.17 12.87
C TYR A 29 2.67 7.66 11.46
N THR A 30 3.53 8.67 11.34
CA THR A 30 4.07 9.17 10.08
C THR A 30 5.55 9.52 10.30
N THR A 31 6.31 9.63 9.22
CA THR A 31 7.76 9.78 9.29
C THR A 31 8.17 11.27 9.21
N PRO A 32 8.90 11.79 10.22
CA PRO A 32 9.32 13.20 10.22
C PRO A 32 10.18 13.54 9.00
N SER A 33 10.85 12.53 8.46
CA SER A 33 11.72 12.61 7.32
C SER A 33 11.04 13.04 6.01
N VAL A 34 9.77 12.68 5.79
CA VAL A 34 9.02 13.17 4.65
C VAL A 34 8.21 14.41 5.02
N VAL A 35 7.76 14.56 6.28
CA VAL A 35 7.13 15.81 6.71
C VAL A 35 8.05 17.03 6.45
N GLU A 36 9.36 16.84 6.30
CA GLU A 36 10.32 17.84 5.84
C GLU A 36 10.00 18.44 4.46
N GLU A 37 9.35 17.69 3.56
CA GLU A 37 9.01 18.13 2.21
C GLU A 37 7.52 18.51 2.09
N ILE A 38 6.69 18.10 3.06
CA ILE A 38 5.28 18.46 3.14
C ILE A 38 5.17 19.98 3.32
N LYS A 39 4.78 20.68 2.24
CA LYS A 39 4.47 22.11 2.25
C LYS A 39 3.06 22.40 1.76
N ASP A 40 2.37 21.43 1.14
CA ASP A 40 1.05 21.71 0.58
C ASP A 40 0.15 22.12 1.73
N ARG A 41 -0.41 23.32 1.72
CA ARG A 41 -1.08 23.81 2.92
C ARG A 41 -2.25 22.92 3.31
N GLU A 42 -2.96 22.32 2.36
CA GLU A 42 -3.96 21.29 2.62
C GLU A 42 -3.30 20.19 3.46
N SER A 43 -2.29 19.53 2.88
CA SER A 43 -1.57 18.41 3.47
C SER A 43 -1.02 18.74 4.86
N LYS A 44 -0.41 19.92 5.04
CA LYS A 44 0.24 20.35 6.26
C LYS A 44 -0.77 20.66 7.33
N ILE A 45 -1.75 21.53 7.05
CA ILE A 45 -2.81 21.86 7.99
C ILE A 45 -3.43 20.56 8.46
N PHE A 46 -3.85 19.68 7.54
CA PHE A 46 -4.44 18.38 7.85
C PHE A 46 -3.56 17.54 8.78
N LEU A 47 -2.30 17.31 8.40
CA LEU A 47 -1.32 16.58 9.20
C LEU A 47 -1.23 17.14 10.62
N GLU A 48 -1.05 18.46 10.76
CA GLU A 48 -0.96 19.14 12.04
C GLU A 48 -2.28 19.06 12.83
N SER A 49 -3.43 19.08 12.15
CA SER A 49 -4.73 18.93 12.78
C SER A 49 -4.82 17.54 13.40
N LEU A 50 -4.40 16.52 12.66
CA LEU A 50 -4.47 15.14 13.11
C LEU A 50 -3.49 14.86 14.25
N ILE A 51 -2.30 15.47 14.21
CA ILE A 51 -1.39 15.48 15.34
C ILE A 51 -2.08 16.15 16.53
N SER A 52 -2.65 17.35 16.35
CA SER A 52 -3.28 18.07 17.46
C SER A 52 -4.57 17.39 17.97
N ALA A 53 -5.18 16.51 17.17
CA ALA A 53 -6.33 15.70 17.54
C ALA A 53 -5.92 14.37 18.20
N GLY A 54 -4.62 14.03 18.17
CA GLY A 54 -4.06 12.87 18.85
C GLY A 54 -4.00 11.61 17.99
N LYS A 55 -4.46 11.70 16.74
CA LYS A 55 -4.65 10.56 15.86
C LYS A 55 -3.39 10.23 15.06
N VAL A 56 -2.53 11.21 14.78
CA VAL A 56 -1.30 10.98 14.04
C VAL A 56 -0.13 11.34 14.95
N LYS A 57 0.95 10.54 14.92
CA LYS A 57 2.13 10.68 15.74
C LYS A 57 3.37 10.67 14.84
N ILE A 58 4.43 11.33 15.25
CA ILE A 58 5.70 11.31 14.54
C ILE A 58 6.49 10.09 15.04
N ALA A 59 7.17 9.40 14.13
CA ALA A 59 8.18 8.39 14.42
C ALA A 59 9.03 8.16 13.19
N GLU A 60 10.36 8.15 13.31
CA GLU A 60 11.28 7.76 12.24
C GLU A 60 11.63 6.26 12.33
N PRO A 61 12.01 5.61 11.20
CA PRO A 61 12.45 4.21 11.17
C PRO A 61 13.84 4.05 11.82
N SER A 62 14.30 2.80 11.96
CA SER A 62 15.61 2.46 12.50
C SER A 62 16.52 1.96 11.39
N LYS A 63 17.84 1.93 11.64
CA LYS A 63 18.85 1.49 10.67
C LYS A 63 18.54 0.10 10.15
N GLU A 64 18.27 -0.84 11.06
CA GLU A 64 18.03 -2.23 10.70
C GLU A 64 16.72 -2.36 9.93
N SER A 65 15.78 -1.44 10.16
CA SER A 65 14.54 -1.37 9.41
C SER A 65 14.83 -0.97 7.96
N ILE A 66 15.63 0.08 7.74
CA ILE A 66 15.99 0.60 6.42
C ILE A 66 16.81 -0.45 5.65
N ASP A 67 17.79 -1.08 6.29
CA ASP A 67 18.65 -2.05 5.62
C ASP A 67 17.83 -3.22 5.09
N ARG A 68 16.77 -3.61 5.81
CA ARG A 68 15.84 -4.65 5.37
C ARG A 68 15.28 -4.32 3.99
N ILE A 69 14.88 -3.07 3.75
CA ILE A 69 14.29 -2.69 2.47
C ILE A 69 15.38 -2.85 1.43
N ILE A 70 16.61 -2.38 1.69
CA ILE A 70 17.71 -2.54 0.77
C ILE A 70 17.93 -4.03 0.45
N GLN A 71 17.79 -4.95 1.41
CA GLN A 71 18.01 -6.38 1.18
C GLN A 71 17.00 -6.92 0.18
N VAL A 72 15.70 -6.81 0.48
CA VAL A 72 14.70 -7.45 -0.35
C VAL A 72 14.55 -6.67 -1.67
N ALA A 73 14.74 -5.35 -1.65
CA ALA A 73 14.71 -4.53 -2.86
C ALA A 73 15.81 -4.99 -3.82
N LYS A 74 17.07 -5.08 -3.38
CA LYS A 74 18.14 -5.56 -4.26
C LYS A 74 17.94 -7.03 -4.63
N GLU A 75 17.34 -7.84 -3.76
CA GLU A 75 17.03 -9.25 -4.01
C GLU A 75 16.04 -9.41 -5.18
N THR A 76 15.36 -8.35 -5.61
CA THR A 76 14.53 -8.36 -6.80
C THR A 76 15.08 -7.43 -7.90
N GLY A 77 15.79 -6.35 -7.56
CA GLY A 77 16.37 -5.43 -8.52
C GLY A 77 16.47 -4.04 -7.94
N GLU A 78 15.51 -3.18 -8.27
CA GLU A 78 15.47 -1.75 -8.03
C GLU A 78 15.58 -1.49 -6.53
N VAL A 79 16.81 -1.23 -6.11
CA VAL A 79 17.26 -1.20 -4.72
C VAL A 79 17.14 0.21 -4.16
N ASN A 80 17.57 1.20 -4.94
CA ASN A 80 17.63 2.59 -4.50
C ASN A 80 16.82 3.47 -5.46
N GLU A 81 16.09 2.89 -6.40
CA GLU A 81 15.27 3.64 -7.36
C GLU A 81 14.04 4.27 -6.67
N LEU A 82 13.60 3.68 -5.55
CA LEU A 82 12.39 4.06 -4.83
C LEU A 82 12.65 5.35 -4.03
N SER A 83 11.58 6.06 -3.69
CA SER A 83 11.68 7.34 -3.02
C SER A 83 12.19 7.17 -1.59
N LYS A 84 12.81 8.22 -1.04
CA LYS A 84 13.32 8.20 0.33
C LYS A 84 12.17 8.02 1.31
N ALA A 85 11.17 8.89 1.17
CA ALA A 85 9.99 8.92 2.00
C ALA A 85 9.37 7.53 2.06
N ASP A 86 9.23 6.92 0.88
CA ASP A 86 8.57 5.64 0.66
C ASP A 86 9.30 4.58 1.47
N ILE A 87 10.59 4.40 1.23
CA ILE A 87 11.42 3.41 1.92
C ILE A 87 11.32 3.60 3.43
N GLU A 88 11.31 4.83 3.93
CA GLU A 88 11.30 5.10 5.36
C GLU A 88 9.95 4.72 6.00
N VAL A 89 8.82 5.04 5.37
CA VAL A 89 7.49 4.65 5.85
C VAL A 89 7.43 3.14 5.93
N LEU A 90 7.83 2.48 4.84
CA LEU A 90 7.84 1.04 4.69
C LEU A 90 8.70 0.43 5.82
N ALA A 91 9.94 0.90 5.96
CA ALA A 91 10.87 0.48 7.00
C ALA A 91 10.27 0.59 8.39
N LEU A 92 9.72 1.76 8.75
CA LEU A 92 9.12 1.93 10.06
C LEU A 92 8.05 0.87 10.28
N ALA A 93 7.13 0.67 9.34
CA ALA A 93 6.04 -0.27 9.56
C ALA A 93 6.53 -1.71 9.72
N TYR A 94 7.76 -2.03 9.34
CA TYR A 94 8.37 -3.35 9.49
C TYR A 94 9.23 -3.42 10.76
N GLU A 95 9.63 -2.29 11.33
CA GLU A 95 10.28 -2.23 12.64
C GLU A 95 9.35 -2.85 13.68
N LEU A 96 8.07 -2.49 13.60
CA LEU A 96 7.05 -2.76 14.59
C LEU A 96 5.97 -3.72 14.05
N LYS A 97 6.04 -4.08 12.77
CA LYS A 97 5.19 -5.07 12.09
C LYS A 97 3.70 -4.74 12.27
N GLY A 98 3.35 -3.48 12.01
CA GLY A 98 2.00 -2.95 12.13
C GLY A 98 1.28 -3.06 10.79
N GLU A 99 0.96 -1.91 10.20
CA GLU A 99 0.27 -1.80 8.92
C GLU A 99 0.76 -0.53 8.24
N ILE A 100 0.43 -0.31 6.96
CA ILE A 100 0.82 0.86 6.18
C ILE A 100 -0.44 1.43 5.50
N PHE A 101 -0.40 2.67 5.02
CA PHE A 101 -1.36 3.27 4.11
C PHE A 101 -0.59 4.07 3.05
N SER A 102 -0.70 3.72 1.76
CA SER A 102 -0.04 4.34 0.61
C SER A 102 -0.55 3.67 -0.69
N ASP A 103 -0.12 4.13 -1.88
CA ASP A 103 -0.65 3.66 -3.18
C ASP A 103 0.30 3.80 -4.40
N ASP A 104 1.51 4.32 -4.26
CA ASP A 104 2.50 4.46 -5.35
C ASP A 104 2.84 3.13 -6.05
N TYR A 105 3.42 3.18 -7.26
CA TYR A 105 3.84 1.99 -8.00
C TYR A 105 4.83 1.18 -7.16
N ASN A 106 5.88 1.84 -6.68
CA ASN A 106 6.96 1.23 -5.93
C ASN A 106 6.49 0.90 -4.52
N VAL A 107 5.77 1.81 -3.88
CA VAL A 107 5.46 1.70 -2.47
C VAL A 107 4.64 0.43 -2.21
N GLN A 108 3.61 0.22 -3.04
CA GLN A 108 2.74 -0.93 -2.93
C GLN A 108 3.54 -2.21 -3.19
N ASN A 109 4.48 -2.12 -4.14
CA ASN A 109 5.19 -3.29 -4.60
C ASN A 109 6.11 -3.78 -3.50
N ILE A 110 6.96 -2.89 -2.97
CA ILE A 110 7.85 -3.18 -1.84
C ILE A 110 7.06 -3.84 -0.72
N ALA A 111 5.95 -3.26 -0.27
CA ALA A 111 5.18 -3.91 0.79
C ALA A 111 4.70 -5.31 0.41
N SER A 112 4.39 -5.58 -0.87
CA SER A 112 4.02 -6.89 -1.36
C SER A 112 5.16 -7.90 -1.26
N LEU A 113 6.38 -7.63 -1.77
CA LEU A 113 7.49 -8.58 -1.65
C LEU A 113 7.86 -8.80 -0.18
N LEU A 114 7.66 -7.77 0.65
CA LEU A 114 7.87 -7.83 2.09
C LEU A 114 6.70 -8.48 2.83
N GLY A 115 5.57 -8.75 2.17
CA GLY A 115 4.41 -9.38 2.78
C GLY A 115 3.66 -8.52 3.80
N LEU A 116 3.96 -7.24 3.96
CA LEU A 116 3.32 -6.43 5.00
C LEU A 116 2.02 -5.84 4.48
N ARG A 117 0.90 -6.17 5.14
CA ARG A 117 -0.44 -5.73 4.78
C ARG A 117 -0.55 -4.21 4.85
N PHE A 118 -1.39 -3.61 4.01
CA PHE A 118 -1.57 -2.16 3.97
C PHE A 118 -2.95 -1.78 3.42
N ARG A 119 -3.30 -0.48 3.40
CA ARG A 119 -4.50 0.07 2.76
C ARG A 119 -4.11 0.90 1.54
N THR A 120 -4.99 0.96 0.56
CA THR A 120 -4.79 1.62 -0.72
C THR A 120 -5.71 2.83 -0.85
N LEU A 121 -5.34 3.77 -1.73
CA LEU A 121 -6.20 4.88 -2.15
C LEU A 121 -7.23 4.36 -3.16
N LYS A 122 -8.28 5.15 -3.45
CA LYS A 122 -9.45 4.70 -4.22
C LYS A 122 -9.38 5.04 -5.70
N ARG A 123 -8.34 5.68 -6.25
CA ARG A 123 -8.40 6.23 -7.61
C ARG A 123 -7.50 5.48 -8.58
N GLY A 124 -7.87 5.50 -9.86
CA GLY A 124 -7.19 4.74 -10.90
C GLY A 124 -7.25 3.23 -10.63
N ILE A 125 -6.45 2.50 -11.40
CA ILE A 125 -6.06 1.13 -11.12
C ILE A 125 -4.55 1.18 -10.94
N LYS A 126 -4.04 0.27 -10.11
CA LYS A 126 -2.64 0.10 -9.79
C LYS A 126 -2.29 -1.39 -9.97
N LYS A 127 -3.04 -2.31 -9.37
CA LYS A 127 -2.70 -3.74 -9.27
C LYS A 127 -3.93 -4.64 -9.48
N VAL A 128 -4.80 -4.29 -10.46
CA VAL A 128 -6.00 -5.06 -10.81
C VAL A 128 -6.09 -5.07 -12.34
N ILE A 129 -6.68 -6.11 -12.94
CA ILE A 129 -6.78 -6.26 -14.38
C ILE A 129 -8.27 -6.37 -14.74
N LYS A 130 -8.62 -6.28 -16.03
CA LYS A 130 -9.87 -6.84 -16.50
C LYS A 130 -9.82 -8.34 -16.32
N TRP A 131 -10.64 -8.86 -15.41
CA TRP A 131 -11.06 -10.24 -15.54
C TRP A 131 -11.82 -10.40 -16.87
N ARG A 132 -11.83 -11.62 -17.43
CA ARG A 132 -12.18 -11.89 -18.84
C ARG A 132 -12.23 -13.37 -19.21
N TYR A 133 -12.24 -14.31 -18.24
CA TYR A 133 -12.62 -15.71 -18.48
C TYR A 133 -13.45 -16.29 -17.32
N VAL A 134 -14.32 -17.28 -17.55
CA VAL A 134 -15.21 -17.88 -16.55
C VAL A 134 -15.10 -19.40 -16.63
N CYS A 135 -14.94 -20.08 -15.48
CA CYS A 135 -15.16 -21.52 -15.35
C CYS A 135 -16.66 -21.78 -15.45
N ILE A 136 -17.11 -22.70 -16.32
CA ILE A 136 -18.49 -23.15 -16.35
C ILE A 136 -18.72 -24.19 -15.25
N GLY A 137 -19.33 -23.79 -14.14
CA GLY A 137 -19.73 -24.70 -13.08
C GLY A 137 -19.62 -23.97 -11.76
N CYS A 138 -18.42 -23.96 -11.18
CA CYS A 138 -18.19 -23.25 -9.93
C CYS A 138 -18.23 -21.73 -10.14
N GLY A 139 -18.15 -21.30 -11.40
CA GLY A 139 -18.26 -19.91 -11.79
C GLY A 139 -17.12 -19.08 -11.27
N ARG A 140 -15.91 -19.65 -11.24
CA ARG A 140 -14.72 -18.91 -10.89
C ARG A 140 -14.41 -17.94 -12.03
N LYS A 141 -13.89 -16.79 -11.66
CA LYS A 141 -13.59 -15.69 -12.54
C LYS A 141 -12.08 -15.64 -12.73
N PHE A 142 -11.63 -15.54 -13.97
CA PHE A 142 -10.24 -15.50 -14.35
C PHE A 142 -9.99 -14.26 -15.20
N SER A 143 -8.73 -13.88 -15.34
CA SER A 143 -8.33 -12.78 -16.21
C SER A 143 -7.48 -13.31 -17.38
N THR A 144 -7.01 -14.54 -17.31
CA THR A 144 -6.27 -15.21 -18.38
C THR A 144 -6.70 -16.68 -18.39
N LEU A 145 -6.51 -17.36 -19.52
CA LEU A 145 -6.75 -18.78 -19.60
C LEU A 145 -5.66 -19.50 -18.79
N PRO A 146 -6.00 -20.38 -17.82
CA PRO A 146 -5.03 -21.13 -17.05
C PRO A 146 -4.34 -22.23 -17.89
N PRO A 147 -3.30 -22.91 -17.39
CA PRO A 147 -2.58 -23.96 -18.10
C PRO A 147 -3.45 -25.21 -18.25
N GLY A 148 -4.01 -25.39 -19.45
CA GLY A 148 -4.99 -26.43 -19.79
C GLY A 148 -6.38 -25.83 -20.04
N GLY A 149 -6.63 -24.62 -19.57
CA GLY A 149 -7.89 -23.92 -19.77
C GLY A 149 -9.06 -24.59 -19.06
N VAL A 150 -8.82 -25.19 -17.89
CA VAL A 150 -9.82 -25.82 -17.01
C VAL A 150 -9.71 -25.19 -15.62
N CYS A 151 -10.70 -25.41 -14.74
CA CYS A 151 -10.74 -24.92 -13.38
C CYS A 151 -9.77 -25.72 -12.52
N PRO A 152 -8.65 -25.15 -12.04
CA PRO A 152 -7.89 -25.82 -11.01
C PRO A 152 -8.68 -25.98 -9.70
N ASP A 153 -9.80 -25.27 -9.52
CA ASP A 153 -10.66 -25.36 -8.36
C ASP A 153 -11.63 -26.52 -8.53
N CYS A 154 -12.22 -26.73 -9.73
CA CYS A 154 -13.38 -27.57 -9.89
C CYS A 154 -13.33 -28.47 -11.14
N GLY A 155 -12.21 -28.47 -11.84
CA GLY A 155 -11.91 -29.27 -13.02
C GLY A 155 -12.66 -28.90 -14.31
N SER A 156 -13.72 -28.10 -14.22
CA SER A 156 -14.59 -27.78 -15.35
C SER A 156 -13.89 -26.93 -16.40
N LYS A 157 -14.45 -26.86 -17.61
CA LYS A 157 -13.86 -26.08 -18.68
C LYS A 157 -14.01 -24.58 -18.38
N VAL A 158 -13.12 -23.79 -18.97
CA VAL A 158 -13.17 -22.32 -18.92
C VAL A 158 -13.59 -21.81 -20.30
N LYS A 159 -14.35 -20.71 -20.35
CA LYS A 159 -14.71 -20.01 -21.57
C LYS A 159 -14.58 -18.50 -21.38
N LEU A 160 -14.66 -17.74 -22.46
CA LEU A 160 -14.71 -16.28 -22.44
C LEU A 160 -16.11 -15.80 -22.04
N ILE A 161 -16.22 -14.58 -21.54
CA ILE A 161 -17.42 -13.86 -21.22
C ILE A 161 -17.35 -12.48 -21.89
N PRO A 162 -18.49 -11.83 -22.09
CA PRO A 162 -18.52 -10.53 -22.73
C PRO A 162 -18.12 -9.37 -21.81
N ARG A 163 -18.10 -8.13 -22.35
CA ARG A 163 -17.61 -6.89 -21.75
C ARG A 163 -17.92 -6.78 -20.25
N LYS A 164 -16.91 -6.42 -19.45
CA LYS A 164 -17.09 -6.09 -18.03
C LYS A 164 -17.99 -4.85 -17.88
N ARG A 165 -17.75 -3.78 -18.64
CA ARG A 165 -18.43 -2.50 -18.44
C ARG A 165 -18.85 -1.90 -19.77
ZN ZN B . -14.65 -24.00 -11.50
N MET A 5 -16.87 1.00 18.38
CA MET A 5 -15.66 1.80 18.11
C MET A 5 -14.63 0.94 17.38
N LEU A 6 -13.93 1.52 16.40
CA LEU A 6 -12.84 0.95 15.61
C LEU A 6 -13.21 -0.40 14.99
N ARG A 7 -13.79 -0.33 13.79
CA ARG A 7 -14.28 -1.42 12.97
C ARG A 7 -13.96 -1.16 11.49
N ASN A 8 -14.40 -2.07 10.61
CA ASN A 8 -14.08 -2.22 9.19
C ASN A 8 -12.79 -1.54 8.77
N LEU A 9 -11.72 -2.33 8.74
CA LEU A 9 -10.41 -1.99 8.23
C LEU A 9 -9.85 -3.27 7.63
N LYS A 10 -9.06 -3.17 6.56
CA LYS A 10 -8.38 -4.34 6.01
C LYS A 10 -7.31 -4.80 6.98
N LYS A 11 -6.77 -6.00 6.69
CA LYS A 11 -5.55 -6.56 7.28
C LYS A 11 -4.35 -5.60 7.18
N THR A 12 -3.24 -5.92 7.83
CA THR A 12 -2.10 -5.03 8.00
C THR A 12 -1.65 -4.43 6.68
N LEU A 13 -1.74 -3.10 6.56
CA LEU A 13 -1.41 -2.38 5.36
C LEU A 13 -0.77 -1.05 5.72
N VAL A 14 0.21 -0.64 4.92
CA VAL A 14 0.86 0.64 5.07
C VAL A 14 0.70 1.48 3.80
N LEU A 15 0.77 2.80 3.96
CA LEU A 15 0.48 3.85 2.98
C LEU A 15 1.69 4.79 2.93
N ASP A 16 1.90 5.49 1.81
CA ASP A 16 2.91 6.54 1.69
C ASP A 16 2.25 7.91 1.44
N SER A 17 3.02 8.99 1.63
CA SER A 17 2.74 10.36 1.19
C SER A 17 2.00 10.41 -0.14
N SER A 18 2.51 9.69 -1.15
CA SER A 18 1.95 9.67 -2.49
C SER A 18 0.47 9.32 -2.50
N VAL A 19 0.04 8.39 -1.66
CA VAL A 19 -1.33 7.92 -1.56
C VAL A 19 -2.25 9.07 -1.17
N PHE A 20 -1.83 9.88 -0.19
CA PHE A 20 -2.62 11.03 0.23
C PHE A 20 -2.60 12.12 -0.84
N ILE A 21 -1.50 12.29 -1.58
CA ILE A 21 -1.40 13.23 -2.69
C ILE A 21 -2.45 12.88 -3.75
N GLN A 22 -2.52 11.63 -4.17
CA GLN A 22 -3.50 11.24 -5.19
C GLN A 22 -4.93 11.28 -4.61
N GLY A 23 -5.05 11.23 -3.28
CA GLY A 23 -6.31 11.33 -2.57
C GLY A 23 -7.02 9.99 -2.46
N ILE A 24 -6.27 8.88 -2.54
CA ILE A 24 -6.82 7.53 -2.66
C ILE A 24 -7.42 7.14 -1.31
N ASP A 25 -8.74 7.01 -1.27
CA ASP A 25 -9.49 6.44 -0.16
C ASP A 25 -8.98 5.02 0.09
N ILE A 26 -8.32 4.78 1.23
CA ILE A 26 -7.87 3.48 1.72
C ILE A 26 -7.55 3.65 3.22
N GLU A 27 -7.88 2.65 4.04
CA GLU A 27 -7.47 2.54 5.44
C GLU A 27 -6.02 2.05 5.49
N GLY A 28 -5.36 2.18 6.64
CA GLY A 28 -4.05 1.57 6.87
C GLY A 28 -3.25 2.36 7.90
N TYR A 29 -1.96 2.08 7.97
CA TYR A 29 -1.01 2.80 8.79
C TYR A 29 -0.19 3.73 7.88
N THR A 30 0.25 4.87 8.42
CA THR A 30 1.16 5.80 7.76
C THR A 30 2.14 6.42 8.77
N THR A 31 3.13 7.16 8.24
CA THR A 31 4.30 7.65 8.94
C THR A 31 4.14 9.10 9.45
N PRO A 32 4.22 9.30 10.77
CA PRO A 32 4.25 10.63 11.35
C PRO A 32 5.53 11.40 11.01
N SER A 33 6.53 10.78 10.37
CA SER A 33 7.73 11.46 9.90
C SER A 33 7.63 11.96 8.46
N VAL A 34 6.85 11.32 7.57
CA VAL A 34 6.68 11.89 6.23
C VAL A 34 5.67 13.03 6.31
N VAL A 35 4.59 12.88 7.11
CA VAL A 35 3.47 13.84 7.05
C VAL A 35 3.88 15.27 7.34
N GLU A 36 4.99 15.44 8.06
CA GLU A 36 5.45 16.75 8.44
C GLU A 36 5.95 17.54 7.21
N GLU A 37 6.36 16.86 6.13
CA GLU A 37 6.80 17.48 4.88
C GLU A 37 5.58 17.86 4.03
N ILE A 38 4.51 17.06 4.08
CA ILE A 38 3.28 17.26 3.33
C ILE A 38 2.78 18.68 3.61
N LYS A 39 2.53 19.45 2.55
CA LYS A 39 1.98 20.81 2.62
C LYS A 39 0.84 21.03 1.63
N ASP A 40 0.73 20.18 0.61
CA ASP A 40 -0.33 20.30 -0.38
C ASP A 40 -1.66 20.15 0.33
N ARG A 41 -2.56 21.10 0.11
CA ARG A 41 -3.82 21.18 0.83
C ARG A 41 -4.65 19.92 0.60
N GLU A 42 -4.71 19.40 -0.63
CA GLU A 42 -5.55 18.25 -0.94
C GLU A 42 -5.07 17.07 -0.10
N SER A 43 -3.77 16.77 -0.20
CA SER A 43 -3.10 15.70 0.53
C SER A 43 -3.27 15.89 2.03
N LYS A 44 -2.91 17.06 2.57
CA LYS A 44 -2.95 17.33 4.00
C LYS A 44 -4.36 17.09 4.52
N ILE A 45 -5.33 17.83 3.98
CA ILE A 45 -6.71 17.78 4.44
C ILE A 45 -7.17 16.32 4.37
N PHE A 46 -7.03 15.67 3.21
CA PHE A 46 -7.47 14.30 2.99
C PHE A 46 -6.88 13.34 4.04
N LEU A 47 -5.58 13.42 4.27
CA LEU A 47 -4.84 12.62 5.24
C LEU A 47 -5.45 12.85 6.62
N GLU A 48 -5.58 14.10 7.05
CA GLU A 48 -6.08 14.45 8.37
C GLU A 48 -7.53 13.96 8.56
N SER A 49 -8.36 14.09 7.51
CA SER A 49 -9.72 13.61 7.47
C SER A 49 -9.76 12.08 7.66
N LEU A 50 -8.92 11.33 6.94
CA LEU A 50 -8.87 9.89 7.05
C LEU A 50 -8.47 9.44 8.45
N ILE A 51 -7.53 10.14 9.09
CA ILE A 51 -7.20 9.84 10.49
C ILE A 51 -8.39 10.20 11.38
N SER A 52 -9.02 11.36 11.19
CA SER A 52 -10.18 11.82 11.95
C SER A 52 -11.29 10.76 11.89
N ALA A 53 -11.62 10.28 10.68
CA ALA A 53 -12.57 9.22 10.40
C ALA A 53 -12.09 7.83 10.84
N GLY A 54 -10.85 7.66 11.31
CA GLY A 54 -10.32 6.41 11.81
C GLY A 54 -9.98 5.40 10.70
N LYS A 55 -9.94 5.85 9.43
CA LYS A 55 -9.44 5.05 8.33
C LYS A 55 -7.95 4.76 8.60
N VAL A 56 -7.19 5.78 8.99
CA VAL A 56 -5.74 5.73 9.03
C VAL A 56 -5.28 5.93 10.47
N LYS A 57 -4.16 5.30 10.83
CA LYS A 57 -3.50 5.39 12.12
C LYS A 57 -2.06 5.81 11.92
N ILE A 58 -1.35 6.10 13.01
CA ILE A 58 0.01 6.62 13.04
C ILE A 58 0.96 5.61 13.66
N ALA A 59 2.15 5.46 13.06
CA ALA A 59 3.16 4.47 13.39
C ALA A 59 4.51 4.95 12.82
N GLU A 60 5.55 5.08 13.65
CA GLU A 60 6.93 5.33 13.19
C GLU A 60 7.81 4.08 13.35
N PRO A 61 8.79 3.87 12.45
CA PRO A 61 9.57 2.64 12.36
C PRO A 61 10.60 2.50 13.49
N SER A 62 11.21 1.31 13.54
CA SER A 62 12.19 0.90 14.54
C SER A 62 13.57 0.76 13.90
N LYS A 63 14.64 0.78 14.69
CA LYS A 63 16.01 0.76 14.16
C LYS A 63 16.27 -0.49 13.33
N GLU A 64 15.88 -1.67 13.83
CA GLU A 64 15.96 -2.92 13.10
C GLU A 64 15.27 -2.80 11.74
N SER A 65 14.14 -2.11 11.69
CA SER A 65 13.36 -2.05 10.46
C SER A 65 14.09 -1.23 9.41
N ILE A 66 14.69 -0.11 9.79
CA ILE A 66 15.45 0.75 8.91
C ILE A 66 16.69 -0.03 8.44
N ASP A 67 17.40 -0.69 9.37
CA ASP A 67 18.61 -1.43 9.03
C ASP A 67 18.33 -2.53 8.01
N ARG A 68 17.17 -3.18 8.10
CA ARG A 68 16.73 -4.22 7.16
C ARG A 68 16.82 -3.71 5.72
N ILE A 69 16.37 -2.48 5.47
CA ILE A 69 16.37 -1.92 4.12
C ILE A 69 17.83 -1.71 3.75
N ILE A 70 18.61 -1.05 4.62
CA ILE A 70 20.02 -0.74 4.39
C ILE A 70 20.80 -2.01 3.98
N GLN A 71 20.48 -3.19 4.53
CA GLN A 71 21.20 -4.41 4.19
C GLN A 71 20.96 -4.82 2.73
N VAL A 72 19.70 -4.98 2.35
CA VAL A 72 19.41 -5.41 0.98
C VAL A 72 19.80 -4.27 0.01
N ALA A 73 19.56 -3.02 0.39
CA ALA A 73 19.92 -1.83 -0.35
C ALA A 73 21.42 -1.79 -0.68
N LYS A 74 22.30 -1.98 0.32
CA LYS A 74 23.74 -2.00 0.09
C LYS A 74 24.19 -3.24 -0.69
N GLU A 75 23.45 -4.34 -0.65
CA GLU A 75 23.78 -5.53 -1.44
C GLU A 75 23.38 -5.34 -2.92
N THR A 76 22.32 -4.58 -3.22
CA THR A 76 22.02 -4.19 -4.59
C THR A 76 23.00 -3.09 -5.02
N GLY A 77 22.92 -1.88 -4.45
CA GLY A 77 23.78 -0.77 -4.83
C GLY A 77 23.46 0.47 -4.02
N GLU A 78 22.34 1.10 -4.33
CA GLU A 78 21.93 2.36 -3.72
C GLU A 78 21.56 2.13 -2.26
N VAL A 79 22.54 2.34 -1.37
CA VAL A 79 22.31 2.17 0.06
C VAL A 79 21.61 3.38 0.66
N ASN A 80 22.21 4.57 0.58
CA ASN A 80 21.69 5.75 1.26
C ASN A 80 21.21 6.81 0.28
N GLU A 81 21.16 6.48 -1.01
CA GLU A 81 20.74 7.44 -2.04
C GLU A 81 19.24 7.72 -2.00
N LEU A 82 18.46 6.96 -1.22
CA LEU A 82 16.99 7.03 -1.19
C LEU A 82 16.53 8.00 -0.10
N SER A 83 15.29 8.51 -0.20
CA SER A 83 14.73 9.44 0.79
C SER A 83 14.49 8.77 2.14
N LYS A 84 14.46 9.57 3.22
CA LYS A 84 14.14 9.08 4.56
C LYS A 84 12.74 8.49 4.58
N ALA A 85 11.75 9.28 4.19
CA ALA A 85 10.35 8.88 4.19
C ALA A 85 10.14 7.54 3.48
N ASP A 86 10.85 7.35 2.37
CA ASP A 86 10.84 6.14 1.54
C ASP A 86 11.21 4.94 2.39
N ILE A 87 12.43 4.98 2.93
CA ILE A 87 13.04 3.94 3.75
C ILE A 87 12.14 3.70 4.96
N GLU A 88 11.63 4.76 5.60
CA GLU A 88 10.77 4.68 6.76
C GLU A 88 9.55 3.82 6.44
N VAL A 89 8.73 4.24 5.47
CA VAL A 89 7.45 3.60 5.17
C VAL A 89 7.68 2.11 4.87
N LEU A 90 8.66 1.81 4.02
CA LEU A 90 9.03 0.44 3.66
C LEU A 90 9.44 -0.34 4.91
N ALA A 91 10.36 0.21 5.70
CA ALA A 91 10.87 -0.38 6.93
C ALA A 91 9.76 -0.81 7.87
N LEU A 92 8.92 0.13 8.28
CA LEU A 92 7.76 -0.13 9.13
C LEU A 92 6.97 -1.32 8.61
N ALA A 93 6.57 -1.30 7.35
CA ALA A 93 5.74 -2.36 6.78
C ALA A 93 6.40 -3.71 7.00
N TYR A 94 7.68 -3.86 6.68
CA TYR A 94 8.36 -5.14 6.80
C TYR A 94 8.46 -5.60 8.27
N GLU A 95 8.50 -4.68 9.24
CA GLU A 95 8.40 -5.00 10.67
C GLU A 95 6.99 -5.51 10.99
N LEU A 96 5.97 -4.97 10.32
CA LEU A 96 4.56 -5.33 10.51
C LEU A 96 4.15 -6.57 9.73
N LYS A 97 4.91 -6.98 8.71
CA LYS A 97 4.57 -8.07 7.80
C LYS A 97 3.15 -7.88 7.25
N GLY A 98 2.90 -6.68 6.71
CA GLY A 98 1.66 -6.28 6.08
C GLY A 98 1.82 -6.08 4.57
N GLU A 99 1.05 -5.17 4.00
CA GLU A 99 1.11 -4.73 2.61
C GLU A 99 1.56 -3.27 2.58
N ILE A 100 1.86 -2.73 1.40
CA ILE A 100 2.38 -1.37 1.20
C ILE A 100 1.56 -0.72 0.08
N PHE A 101 1.46 0.61 0.07
CA PHE A 101 0.86 1.39 -0.99
C PHE A 101 1.72 2.64 -1.23
N SER A 102 2.37 2.68 -2.39
CA SER A 102 3.26 3.73 -2.86
C SER A 102 3.37 3.60 -4.38
N ASP A 103 4.14 4.45 -5.08
CA ASP A 103 4.20 4.47 -6.55
C ASP A 103 5.50 5.07 -7.11
N ASP A 104 6.59 4.98 -6.35
CA ASP A 104 7.85 5.68 -6.66
C ASP A 104 8.79 4.76 -7.42
N TYR A 105 9.75 5.27 -8.18
CA TYR A 105 10.64 4.40 -8.96
C TYR A 105 11.57 3.63 -8.04
N ASN A 106 12.10 4.27 -7.00
CA ASN A 106 12.88 3.55 -5.99
C ASN A 106 11.96 2.66 -5.16
N VAL A 107 10.84 3.17 -4.62
CA VAL A 107 10.01 2.41 -3.71
C VAL A 107 9.55 1.07 -4.34
N GLN A 108 9.21 1.12 -5.63
CA GLN A 108 8.72 -0.04 -6.34
C GLN A 108 9.83 -1.08 -6.48
N ASN A 109 11.05 -0.63 -6.75
CA ASN A 109 12.21 -1.49 -6.85
C ASN A 109 12.49 -2.09 -5.49
N ILE A 110 12.66 -1.27 -4.44
CA ILE A 110 12.96 -1.73 -3.07
C ILE A 110 11.93 -2.76 -2.62
N ALA A 111 10.63 -2.48 -2.65
CA ALA A 111 9.63 -3.51 -2.29
C ALA A 111 9.74 -4.77 -3.18
N SER A 112 10.12 -4.63 -4.44
CA SER A 112 10.36 -5.75 -5.34
C SER A 112 11.48 -6.65 -4.80
N LEU A 113 12.71 -6.14 -4.61
CA LEU A 113 13.82 -6.97 -4.11
C LEU A 113 13.50 -7.52 -2.74
N LEU A 114 12.74 -6.78 -1.92
CA LEU A 114 12.40 -7.21 -0.56
C LEU A 114 11.33 -8.28 -0.53
N GLY A 115 10.69 -8.59 -1.65
CA GLY A 115 9.68 -9.64 -1.70
C GLY A 115 8.31 -9.19 -1.17
N LEU A 116 8.13 -7.91 -0.83
CA LEU A 116 6.94 -7.49 -0.14
C LEU A 116 5.84 -7.15 -1.15
N ARG A 117 4.64 -7.68 -0.94
CA ARG A 117 3.47 -7.35 -1.75
C ARG A 117 3.05 -5.90 -1.52
N PHE A 118 2.79 -5.17 -2.61
CA PHE A 118 2.35 -3.78 -2.53
C PHE A 118 1.36 -3.47 -3.66
N ARG A 119 0.83 -2.25 -3.72
CA ARG A 119 0.02 -1.72 -4.83
C ARG A 119 0.77 -0.58 -5.49
N THR A 120 0.46 -0.30 -6.75
CA THR A 120 0.97 0.84 -7.51
C THR A 120 -0.21 1.67 -8.00
N LEU A 121 0.04 2.92 -8.36
CA LEU A 121 -0.94 3.74 -9.07
C LEU A 121 -0.95 3.38 -10.56
N LYS A 122 0.23 3.38 -11.19
CA LYS A 122 0.39 2.93 -12.57
C LYS A 122 -0.05 1.47 -12.67
N ARG A 123 -0.46 1.07 -13.87
CA ARG A 123 -0.95 -0.28 -14.14
C ARG A 123 0.21 -1.27 -14.14
N GLY A 124 -0.06 -2.55 -14.31
CA GLY A 124 0.94 -3.61 -14.34
C GLY A 124 1.01 -4.32 -13.01
N ILE A 125 1.88 -5.33 -12.91
CA ILE A 125 2.16 -6.15 -11.74
C ILE A 125 3.55 -6.77 -11.94
N LYS A 126 4.23 -7.18 -10.86
CA LYS A 126 5.50 -7.92 -10.93
C LYS A 126 5.51 -9.19 -10.09
N LYS A 127 4.72 -9.26 -9.02
CA LYS A 127 4.59 -10.46 -8.18
C LYS A 127 3.23 -10.46 -7.49
N VAL A 128 2.17 -10.05 -8.20
CA VAL A 128 0.88 -9.68 -7.60
C VAL A 128 -0.23 -10.22 -8.48
N ILE A 129 -1.29 -10.78 -7.89
CA ILE A 129 -2.49 -11.22 -8.60
C ILE A 129 -3.34 -9.97 -8.89
N LYS A 130 -3.69 -9.73 -10.16
CA LYS A 130 -4.49 -8.58 -10.59
C LYS A 130 -5.98 -8.88 -10.40
N TRP A 131 -6.68 -8.11 -9.56
CA TRP A 131 -8.10 -8.28 -9.27
C TRP A 131 -8.94 -8.36 -10.56
N ARG A 132 -10.01 -9.17 -10.55
CA ARG A 132 -10.69 -9.61 -11.78
C ARG A 132 -12.13 -10.03 -11.58
N TYR A 133 -12.70 -9.82 -10.39
CA TYR A 133 -14.07 -10.20 -10.12
C TYR A 133 -14.79 -9.05 -9.43
N VAL A 134 -15.98 -8.69 -9.89
CA VAL A 134 -16.77 -7.60 -9.32
C VAL A 134 -18.14 -8.14 -8.89
N CYS A 135 -18.58 -7.79 -7.68
CA CYS A 135 -19.96 -7.99 -7.25
C CYS A 135 -20.84 -7.02 -8.02
N ILE A 136 -21.92 -7.54 -8.62
CA ILE A 136 -23.00 -6.70 -9.10
C ILE A 136 -23.87 -6.36 -7.88
N GLY A 137 -23.89 -5.10 -7.47
CA GLY A 137 -24.64 -4.65 -6.31
C GLY A 137 -23.92 -3.47 -5.67
N CYS A 138 -22.87 -3.74 -4.89
CA CYS A 138 -22.06 -2.69 -4.28
C CYS A 138 -20.72 -2.49 -5.01
N GLY A 139 -20.37 -3.33 -5.98
CA GLY A 139 -19.16 -3.15 -6.77
C GLY A 139 -17.88 -3.66 -6.10
N ARG A 140 -18.04 -4.52 -5.10
CA ARG A 140 -16.96 -5.07 -4.28
C ARG A 140 -16.02 -5.90 -5.15
N LYS A 141 -14.74 -5.96 -4.76
CA LYS A 141 -13.65 -6.17 -5.69
C LYS A 141 -12.82 -7.36 -5.29
N PHE A 142 -13.10 -8.49 -5.92
CA PHE A 142 -12.44 -9.74 -5.59
C PHE A 142 -11.33 -9.99 -6.60
N SER A 143 -10.26 -10.61 -6.13
CA SER A 143 -9.21 -11.14 -6.98
C SER A 143 -9.41 -12.65 -7.18
N THR A 144 -10.30 -13.28 -6.42
CA THR A 144 -10.59 -14.70 -6.43
C THR A 144 -12.06 -14.90 -6.29
N LEU A 145 -12.48 -16.11 -6.65
CA LEU A 145 -13.86 -16.51 -6.54
C LEU A 145 -14.05 -16.86 -5.06
N PRO A 146 -14.94 -16.18 -4.30
CA PRO A 146 -15.23 -16.54 -2.93
C PRO A 146 -15.96 -17.90 -2.90
N PRO A 147 -15.98 -18.60 -1.76
CA PRO A 147 -16.79 -19.80 -1.57
C PRO A 147 -18.27 -19.43 -1.65
N GLY A 148 -18.92 -19.79 -2.75
CA GLY A 148 -20.29 -19.45 -3.11
C GLY A 148 -20.35 -18.62 -4.39
N GLY A 149 -19.25 -17.99 -4.81
CA GLY A 149 -19.21 -17.11 -5.96
C GLY A 149 -20.24 -15.97 -5.88
N VAL A 150 -20.55 -15.50 -4.68
CA VAL A 150 -21.47 -14.39 -4.43
C VAL A 150 -20.75 -13.37 -3.53
N CYS A 151 -21.26 -12.15 -3.43
CA CYS A 151 -20.81 -11.19 -2.43
C CYS A 151 -21.18 -11.75 -1.07
N PRO A 152 -20.21 -12.10 -0.19
CA PRO A 152 -20.50 -12.36 1.21
C PRO A 152 -21.13 -11.16 1.94
N ASP A 153 -21.26 -10.03 1.25
CA ASP A 153 -21.65 -8.73 1.78
C ASP A 153 -22.93 -8.19 1.16
N CYS A 154 -23.26 -8.59 -0.08
CA CYS A 154 -24.49 -8.17 -0.79
C CYS A 154 -25.43 -9.34 -1.00
N GLY A 155 -24.91 -10.55 -0.87
CA GLY A 155 -25.60 -11.76 -1.30
C GLY A 155 -26.07 -11.66 -2.75
N SER A 156 -25.17 -11.29 -3.66
CA SER A 156 -25.43 -11.09 -5.08
C SER A 156 -24.42 -11.88 -5.90
N LYS A 157 -24.69 -12.13 -7.18
CA LYS A 157 -23.75 -12.82 -8.06
C LYS A 157 -22.55 -11.93 -8.39
N VAL A 158 -21.35 -12.52 -8.41
CA VAL A 158 -20.13 -11.84 -8.86
C VAL A 158 -20.04 -12.08 -10.38
N LYS A 159 -19.40 -11.20 -11.15
CA LYS A 159 -19.04 -11.48 -12.53
C LYS A 159 -17.55 -11.22 -12.73
N LEU A 160 -16.99 -11.87 -13.74
CA LEU A 160 -15.61 -11.67 -14.15
C LEU A 160 -15.56 -10.41 -15.00
N ILE A 161 -14.78 -9.41 -14.57
CA ILE A 161 -14.61 -8.17 -15.33
C ILE A 161 -13.56 -8.36 -16.44
N PRO A 162 -13.61 -7.53 -17.50
CA PRO A 162 -12.72 -7.67 -18.65
C PRO A 162 -11.35 -7.09 -18.30
N ARG A 163 -10.52 -7.86 -17.59
CA ARG A 163 -9.21 -7.50 -17.02
C ARG A 163 -9.33 -6.28 -16.08
N LYS A 164 -8.27 -5.97 -15.33
CA LYS A 164 -8.14 -4.64 -14.72
C LYS A 164 -7.98 -3.63 -15.86
N ARG A 165 -6.78 -3.60 -16.45
CA ARG A 165 -6.38 -2.67 -17.49
C ARG A 165 -7.43 -2.70 -18.58
ZN ZN B . -21.27 -6.73 -3.10
N MET A 5 -16.15 7.28 21.38
CA MET A 5 -15.85 6.40 20.24
C MET A 5 -17.16 5.91 19.67
N LEU A 6 -17.29 5.85 18.34
CA LEU A 6 -18.28 5.01 17.68
C LEU A 6 -17.49 4.21 16.65
N ARG A 7 -17.55 4.58 15.36
CA ARG A 7 -16.96 3.80 14.28
C ARG A 7 -15.64 4.38 13.73
N ASN A 8 -15.18 5.50 14.27
CA ASN A 8 -13.88 6.08 13.93
C ASN A 8 -12.74 5.21 14.50
N LEU A 9 -11.50 5.44 14.03
CA LEU A 9 -10.20 4.81 14.35
C LEU A 9 -10.08 3.47 13.63
N LYS A 10 -9.28 3.40 12.56
CA LYS A 10 -9.07 2.13 11.86
C LYS A 10 -8.09 1.24 12.65
N LYS A 11 -8.08 -0.05 12.33
CA LYS A 11 -7.02 -1.00 12.70
C LYS A 11 -5.65 -0.46 12.25
N THR A 12 -4.55 -0.95 12.82
CA THR A 12 -3.20 -0.41 12.67
C THR A 12 -2.88 -0.06 11.23
N LEU A 13 -2.61 1.22 11.00
CA LEU A 13 -2.51 1.84 9.70
C LEU A 13 -1.28 2.74 9.72
N VAL A 14 -0.49 2.74 8.66
CA VAL A 14 0.61 3.68 8.49
C VAL A 14 0.34 4.53 7.25
N LEU A 15 0.77 5.80 7.27
CA LEU A 15 0.61 6.77 6.20
C LEU A 15 2.00 7.13 5.66
N ASP A 16 2.13 7.41 4.36
CA ASP A 16 3.33 8.04 3.80
C ASP A 16 3.18 9.56 3.70
N SER A 17 4.25 10.26 3.30
CA SER A 17 4.23 11.71 3.10
C SER A 17 3.14 12.15 2.12
N SER A 18 2.99 11.41 1.01
CA SER A 18 2.09 11.78 -0.05
C SER A 18 0.64 11.84 0.45
N VAL A 19 0.26 11.09 1.49
CA VAL A 19 -1.09 11.14 2.06
C VAL A 19 -1.42 12.57 2.52
N PHE A 20 -0.44 13.21 3.17
CA PHE A 20 -0.54 14.57 3.67
C PHE A 20 -0.53 15.59 2.52
N ILE A 21 0.26 15.31 1.48
CA ILE A 21 0.35 16.13 0.28
C ILE A 21 -0.98 16.15 -0.48
N GLN A 22 -1.83 15.12 -0.35
CA GLN A 22 -3.15 15.13 -0.98
C GLN A 22 -4.22 15.68 -0.04
N GLY A 23 -4.00 15.62 1.28
CA GLY A 23 -4.94 16.12 2.27
C GLY A 23 -5.97 15.07 2.71
N ILE A 24 -5.67 13.79 2.50
CA ILE A 24 -6.57 12.67 2.75
C ILE A 24 -6.77 12.59 4.26
N ASP A 25 -7.97 12.92 4.74
CA ASP A 25 -8.33 12.90 6.15
C ASP A 25 -8.41 11.44 6.66
N ILE A 26 -7.32 10.90 7.18
CA ILE A 26 -7.21 9.51 7.63
C ILE A 26 -6.47 9.47 8.97
N GLU A 27 -6.53 8.34 9.69
CA GLU A 27 -6.13 8.20 11.07
C GLU A 27 -5.23 6.97 11.20
N GLY A 28 -3.99 7.14 11.64
CA GLY A 28 -2.96 6.10 11.64
C GLY A 28 -1.65 6.63 12.19
N TYR A 29 -0.55 5.93 11.92
CA TYR A 29 0.79 6.26 12.37
C TYR A 29 1.59 6.84 11.20
N THR A 30 2.54 7.72 11.51
CA THR A 30 3.39 8.38 10.54
C THR A 30 4.83 8.35 11.05
N THR A 31 5.77 8.30 10.12
CA THR A 31 7.19 8.26 10.36
C THR A 31 7.65 9.68 10.68
N PRO A 32 8.21 9.95 11.88
CA PRO A 32 8.88 11.22 12.11
C PRO A 32 10.00 11.45 11.08
N SER A 33 10.55 10.33 10.60
CA SER A 33 11.56 10.17 9.58
C SER A 33 11.28 10.95 8.29
N VAL A 34 10.06 10.88 7.75
CA VAL A 34 9.72 11.59 6.52
C VAL A 34 9.13 12.96 6.86
N VAL A 35 8.38 13.09 7.96
CA VAL A 35 7.87 14.38 8.38
C VAL A 35 9.04 15.37 8.56
N GLU A 36 10.26 14.91 8.85
CA GLU A 36 11.44 15.74 8.94
C GLU A 36 11.76 16.54 7.66
N GLU A 37 11.24 16.12 6.51
CA GLU A 37 11.43 16.78 5.22
C GLU A 37 10.22 17.65 4.85
N ILE A 38 9.04 17.37 5.42
CA ILE A 38 7.78 17.99 5.00
C ILE A 38 7.88 19.49 5.25
N LYS A 39 7.80 20.23 4.14
CA LYS A 39 7.95 21.68 4.09
C LYS A 39 6.83 22.34 3.31
N ASP A 40 6.08 21.58 2.51
CA ASP A 40 4.98 22.12 1.73
C ASP A 40 3.89 22.56 2.69
N ARG A 41 3.51 23.85 2.65
CA ARG A 41 2.69 24.47 3.69
C ARG A 41 1.39 23.70 3.89
N GLU A 42 0.73 23.34 2.79
CA GLU A 42 -0.55 22.65 2.78
C GLU A 42 -0.43 21.35 3.57
N SER A 43 0.53 20.53 3.16
CA SER A 43 0.78 19.22 3.73
C SER A 43 1.14 19.35 5.21
N LYS A 44 2.01 20.31 5.55
CA LYS A 44 2.50 20.50 6.90
C LYS A 44 1.36 20.91 7.82
N ILE A 45 0.64 21.98 7.47
CA ILE A 45 -0.50 22.48 8.23
C ILE A 45 -1.44 21.31 8.49
N PHE A 46 -1.88 20.63 7.43
CA PHE A 46 -2.83 19.53 7.50
C PHE A 46 -2.35 18.44 8.46
N LEU A 47 -1.15 17.91 8.23
CA LEU A 47 -0.54 16.86 9.04
C LEU A 47 -0.55 17.30 10.50
N GLU A 48 0.05 18.45 10.82
CA GLU A 48 0.16 18.93 12.19
C GLU A 48 -1.22 19.08 12.84
N SER A 49 -2.22 19.59 12.11
CA SER A 49 -3.58 19.72 12.60
C SER A 49 -4.20 18.37 12.94
N LEU A 50 -3.90 17.32 12.17
CA LEU A 50 -4.38 15.97 12.43
C LEU A 50 -3.63 15.33 13.60
N ILE A 51 -2.33 15.59 13.74
CA ILE A 51 -1.58 15.18 14.92
C ILE A 51 -2.20 15.86 16.15
N SER A 52 -2.47 17.16 16.08
CA SER A 52 -3.04 17.90 17.20
C SER A 52 -4.48 17.42 17.50
N ALA A 53 -5.25 17.04 16.48
CA ALA A 53 -6.57 16.43 16.63
C ALA A 53 -6.50 15.00 17.19
N GLY A 54 -5.32 14.38 17.26
CA GLY A 54 -5.16 13.07 17.88
C GLY A 54 -5.43 11.92 16.91
N LYS A 55 -5.34 12.17 15.60
CA LYS A 55 -5.66 11.18 14.57
C LYS A 55 -4.42 10.60 13.90
N VAL A 56 -3.30 11.32 13.84
CA VAL A 56 -2.07 10.85 13.21
C VAL A 56 -0.98 10.82 14.28
N LYS A 57 -0.28 9.70 14.48
CA LYS A 57 0.64 9.50 15.61
C LYS A 57 2.06 9.16 15.18
N ILE A 58 3.06 9.65 15.91
CA ILE A 58 4.47 9.52 15.59
C ILE A 58 4.94 8.11 15.95
N ALA A 59 5.48 7.38 14.98
CA ALA A 59 6.19 6.14 15.20
C ALA A 59 7.24 5.93 14.12
N GLU A 60 8.50 5.69 14.50
CA GLU A 60 9.56 5.31 13.58
C GLU A 60 9.73 3.78 13.46
N PRO A 61 10.32 3.30 12.35
CA PRO A 61 10.73 1.91 12.16
C PRO A 61 11.86 1.50 13.10
N SER A 62 12.22 0.22 13.08
CA SER A 62 13.44 -0.27 13.71
C SER A 62 14.46 -0.67 12.66
N LYS A 63 15.70 -0.82 13.12
CA LYS A 63 16.84 -1.30 12.36
C LYS A 63 16.48 -2.55 11.53
N GLU A 64 15.87 -3.54 12.17
CA GLU A 64 15.53 -4.82 11.52
C GLU A 64 14.43 -4.63 10.47
N SER A 65 13.54 -3.66 10.69
CA SER A 65 12.46 -3.28 9.79
C SER A 65 13.05 -2.71 8.49
N ILE A 66 14.01 -1.79 8.60
CA ILE A 66 14.71 -1.19 7.47
C ILE A 66 15.49 -2.29 6.75
N ASP A 67 16.20 -3.14 7.49
CA ASP A 67 17.03 -4.17 6.90
C ASP A 67 16.19 -5.12 6.05
N ARG A 68 14.95 -5.40 6.48
CA ARG A 68 14.03 -6.24 5.74
C ARG A 68 13.81 -5.74 4.32
N ILE A 69 13.68 -4.42 4.15
CA ILE A 69 13.50 -3.84 2.82
C ILE A 69 14.79 -3.96 2.04
N ILE A 70 15.95 -3.72 2.65
CA ILE A 70 17.21 -3.98 1.97
C ILE A 70 17.19 -5.41 1.43
N GLN A 71 16.93 -6.42 2.27
CA GLN A 71 17.00 -7.82 1.86
C GLN A 71 16.11 -8.11 0.65
N VAL A 72 14.84 -7.78 0.76
CA VAL A 72 13.87 -8.09 -0.27
C VAL A 72 14.14 -7.29 -1.55
N ALA A 73 14.57 -6.04 -1.38
CA ALA A 73 14.97 -5.16 -2.47
C ALA A 73 16.23 -5.70 -3.15
N LYS A 74 17.13 -6.34 -2.40
CA LYS A 74 18.32 -7.00 -2.90
C LYS A 74 17.94 -8.09 -3.89
N GLU A 75 17.04 -8.96 -3.42
CA GLU A 75 16.45 -10.04 -4.18
C GLU A 75 15.54 -9.54 -5.31
N THR A 76 15.39 -8.23 -5.53
CA THR A 76 14.55 -7.64 -6.57
C THR A 76 15.32 -6.51 -7.33
N GLY A 77 16.64 -6.40 -7.13
CA GLY A 77 17.54 -5.58 -7.92
C GLY A 77 17.85 -4.24 -7.27
N GLU A 78 16.86 -3.34 -7.29
CA GLU A 78 17.01 -1.94 -6.90
C GLU A 78 17.01 -1.81 -5.36
N VAL A 79 18.11 -2.24 -4.74
CA VAL A 79 18.27 -2.37 -3.30
C VAL A 79 18.29 -1.03 -2.57
N ASN A 80 18.92 -0.01 -3.13
CA ASN A 80 19.12 1.27 -2.45
C ASN A 80 18.71 2.44 -3.35
N GLU A 81 18.02 2.14 -4.45
CA GLU A 81 17.55 3.14 -5.41
C GLU A 81 16.41 3.98 -4.82
N LEU A 82 15.70 3.42 -3.83
CA LEU A 82 14.52 4.06 -3.25
C LEU A 82 14.92 5.19 -2.31
N SER A 83 14.03 6.17 -2.10
CA SER A 83 14.24 7.18 -1.08
C SER A 83 14.28 6.51 0.29
N LYS A 84 15.00 7.11 1.22
CA LYS A 84 14.98 6.70 2.61
C LYS A 84 13.55 6.74 3.16
N ALA A 85 12.77 7.79 2.89
CA ALA A 85 11.40 7.89 3.39
C ALA A 85 10.50 6.75 2.89
N ASP A 86 10.66 6.30 1.64
CA ASP A 86 9.95 5.13 1.08
C ASP A 86 10.20 3.95 2.01
N ILE A 87 11.48 3.66 2.19
CA ILE A 87 11.98 2.53 2.97
C ILE A 87 11.42 2.62 4.40
N GLU A 88 11.45 3.80 5.00
CA GLU A 88 11.08 4.05 6.39
C GLU A 88 9.59 3.83 6.63
N VAL A 89 8.71 4.43 5.82
CA VAL A 89 7.25 4.27 5.98
C VAL A 89 6.91 2.78 5.87
N LEU A 90 7.44 2.12 4.83
CA LEU A 90 7.20 0.72 4.55
C LEU A 90 7.66 -0.12 5.74
N ALA A 91 8.93 0.02 6.10
CA ALA A 91 9.56 -0.69 7.21
C ALA A 91 8.73 -0.59 8.48
N LEU A 92 8.30 0.63 8.84
CA LEU A 92 7.54 0.90 10.04
C LEU A 92 6.29 0.01 10.05
N ALA A 93 5.52 0.02 8.97
CA ALA A 93 4.32 -0.80 8.86
C ALA A 93 4.64 -2.30 8.92
N TYR A 94 5.78 -2.74 8.39
CA TYR A 94 6.16 -4.14 8.40
C TYR A 94 6.65 -4.58 9.79
N GLU A 95 7.10 -3.64 10.62
CA GLU A 95 7.30 -3.89 12.04
C GLU A 95 5.92 -4.18 12.64
N LEU A 96 4.97 -3.30 12.35
CA LEU A 96 3.66 -3.26 12.98
C LEU A 96 2.71 -4.32 12.43
N LYS A 97 3.05 -4.94 11.30
CA LYS A 97 2.24 -5.95 10.60
C LYS A 97 0.82 -5.44 10.32
N GLY A 98 0.65 -4.13 10.11
CA GLY A 98 -0.65 -3.48 9.97
C GLY A 98 -1.01 -3.27 8.51
N GLU A 99 -1.31 -2.03 8.16
CA GLU A 99 -1.66 -1.57 6.82
C GLU A 99 -0.88 -0.31 6.47
N ILE A 100 -0.86 0.08 5.20
CA ILE A 100 -0.16 1.26 4.69
C ILE A 100 -1.15 2.06 3.82
N PHE A 101 -0.84 3.33 3.55
CA PHE A 101 -1.48 4.21 2.59
C PHE A 101 -0.35 4.96 1.87
N SER A 102 -0.25 4.87 0.54
CA SER A 102 0.76 5.55 -0.27
C SER A 102 0.34 5.57 -1.75
N ASP A 103 1.11 6.23 -2.62
CA ASP A 103 0.97 6.21 -4.08
C ASP A 103 2.27 6.67 -4.73
N ASP A 104 3.16 5.74 -5.06
CA ASP A 104 4.29 5.93 -5.98
C ASP A 104 4.64 4.60 -6.65
N TYR A 105 5.20 4.58 -7.85
CA TYR A 105 5.39 3.35 -8.63
C TYR A 105 6.24 2.33 -7.86
N ASN A 106 7.31 2.80 -7.21
CA ASN A 106 8.18 2.03 -6.33
C ASN A 106 7.42 1.59 -5.10
N VAL A 107 6.84 2.54 -4.37
CA VAL A 107 6.23 2.30 -3.08
C VAL A 107 5.20 1.17 -3.19
N GLN A 108 4.44 1.19 -4.29
CA GLN A 108 3.38 0.24 -4.53
C GLN A 108 3.97 -1.14 -4.80
N ASN A 109 5.06 -1.20 -5.56
CA ASN A 109 5.77 -2.40 -5.94
C ASN A 109 6.23 -3.08 -4.66
N ILE A 110 7.05 -2.40 -3.85
CA ILE A 110 7.68 -2.95 -2.66
C ILE A 110 6.59 -3.55 -1.76
N ALA A 111 5.59 -2.78 -1.31
CA ALA A 111 4.58 -3.37 -0.44
C ALA A 111 3.86 -4.57 -1.08
N SER A 112 3.69 -4.58 -2.41
CA SER A 112 3.14 -5.74 -3.12
C SER A 112 4.02 -6.98 -3.01
N LEU A 113 5.32 -6.95 -3.35
CA LEU A 113 6.17 -8.14 -3.20
C LEU A 113 6.25 -8.54 -1.73
N LEU A 114 6.25 -7.55 -0.83
CA LEU A 114 6.31 -7.82 0.59
C LEU A 114 5.00 -8.42 1.09
N GLY A 115 3.88 -8.24 0.40
CA GLY A 115 2.57 -8.77 0.77
C GLY A 115 1.85 -7.93 1.81
N LEU A 116 2.31 -6.71 2.09
CA LEU A 116 1.64 -5.84 3.04
C LEU A 116 0.49 -5.13 2.33
N ARG A 117 -0.73 -5.37 2.79
CA ARG A 117 -1.95 -4.85 2.22
C ARG A 117 -1.98 -3.34 2.46
N PHE A 118 -2.28 -2.56 1.42
CA PHE A 118 -2.26 -1.11 1.48
C PHE A 118 -3.32 -0.50 0.59
N ARG A 119 -3.54 0.81 0.73
CA ARG A 119 -4.39 1.61 -0.13
C ARG A 119 -3.52 2.39 -1.08
N THR A 120 -3.89 2.39 -2.36
CA THR A 120 -3.39 3.32 -3.34
C THR A 120 -4.31 4.53 -3.42
N LEU A 121 -3.89 5.60 -4.11
CA LEU A 121 -4.79 6.72 -4.41
C LEU A 121 -5.58 6.46 -5.69
N LYS A 122 -4.88 6.09 -6.77
CA LYS A 122 -5.46 6.03 -8.11
C LYS A 122 -6.64 5.05 -8.16
N ARG A 123 -7.66 5.36 -8.97
CA ARG A 123 -8.86 4.52 -9.08
C ARG A 123 -8.52 3.15 -9.68
N GLY A 124 -7.56 3.10 -10.59
CA GLY A 124 -7.02 1.85 -11.13
C GLY A 124 -7.93 1.11 -12.12
N ILE A 125 -9.12 1.63 -12.43
CA ILE A 125 -10.07 1.10 -13.41
C ILE A 125 -10.73 2.31 -14.07
N LYS A 126 -10.85 2.27 -15.40
CA LYS A 126 -11.83 3.07 -16.14
C LYS A 126 -13.13 2.29 -16.34
N LYS A 127 -13.13 1.14 -17.03
CA LYS A 127 -14.37 0.43 -17.37
C LYS A 127 -14.22 -1.10 -17.44
N VAL A 128 -13.04 -1.65 -17.14
CA VAL A 128 -12.87 -3.09 -17.00
C VAL A 128 -13.46 -3.43 -15.63
N ILE A 129 -14.47 -4.29 -15.56
CA ILE A 129 -15.14 -4.68 -14.32
C ILE A 129 -14.11 -5.31 -13.37
N LYS A 130 -14.42 -5.39 -12.07
CA LYS A 130 -13.61 -6.10 -11.09
C LYS A 130 -13.43 -7.53 -11.58
N TRP A 131 -12.23 -7.82 -12.09
CA TRP A 131 -11.96 -9.14 -12.62
C TRP A 131 -11.67 -10.07 -11.46
N ARG A 132 -12.11 -11.32 -11.55
CA ARG A 132 -11.87 -12.28 -10.47
C ARG A 132 -11.87 -13.71 -10.92
N TYR A 133 -11.58 -14.01 -12.18
CA TYR A 133 -11.54 -15.40 -12.63
C TYR A 133 -10.24 -15.67 -13.38
N VAL A 134 -9.65 -16.85 -13.15
CA VAL A 134 -8.41 -17.31 -13.77
C VAL A 134 -8.64 -18.71 -14.33
N CYS A 135 -8.17 -18.97 -15.55
CA CYS A 135 -8.04 -20.31 -16.09
C CYS A 135 -6.89 -21.03 -15.36
N ILE A 136 -7.07 -22.31 -15.06
CA ILE A 136 -6.02 -23.16 -14.51
C ILE A 136 -5.26 -23.84 -15.65
N GLY A 137 -4.09 -23.32 -15.98
CA GLY A 137 -3.22 -23.84 -17.02
C GLY A 137 -2.68 -22.68 -17.84
N CYS A 138 -3.49 -22.13 -18.74
CA CYS A 138 -3.03 -21.03 -19.59
C CYS A 138 -3.05 -19.69 -18.84
N GLY A 139 -3.65 -19.68 -17.65
CA GLY A 139 -3.63 -18.55 -16.72
C GLY A 139 -4.36 -17.32 -17.21
N ARG A 140 -5.29 -17.51 -18.15
CA ARG A 140 -6.08 -16.45 -18.74
C ARG A 140 -6.96 -15.82 -17.69
N LYS A 141 -6.99 -14.50 -17.70
CA LYS A 141 -7.77 -13.67 -16.81
C LYS A 141 -9.15 -13.46 -17.43
N PHE A 142 -10.21 -13.56 -16.62
CA PHE A 142 -11.57 -13.26 -17.02
C PHE A 142 -12.18 -12.34 -15.98
N SER A 143 -13.11 -11.48 -16.40
CA SER A 143 -13.82 -10.62 -15.46
C SER A 143 -15.07 -11.30 -14.90
N THR A 144 -15.62 -12.28 -15.59
CA THR A 144 -16.77 -13.07 -15.17
C THR A 144 -16.51 -14.54 -15.56
N LEU A 145 -17.37 -15.46 -15.13
CA LEU A 145 -17.27 -16.86 -15.52
C LEU A 145 -17.60 -16.94 -17.02
N PRO A 146 -16.81 -17.64 -17.85
CA PRO A 146 -17.18 -17.88 -19.25
C PRO A 146 -18.34 -18.91 -19.33
N PRO A 147 -18.97 -19.10 -20.49
CA PRO A 147 -19.91 -20.19 -20.68
C PRO A 147 -19.22 -21.53 -20.36
N GLY A 148 -19.93 -22.41 -19.65
CA GLY A 148 -19.40 -23.69 -19.19
C GLY A 148 -18.38 -23.57 -18.05
N GLY A 149 -17.90 -22.36 -17.70
CA GLY A 149 -16.87 -22.19 -16.69
C GLY A 149 -15.53 -22.80 -17.09
N VAL A 150 -15.25 -22.89 -18.39
CA VAL A 150 -14.02 -23.48 -18.92
C VAL A 150 -13.39 -22.47 -19.88
N CYS A 151 -12.10 -22.64 -20.18
CA CYS A 151 -11.31 -21.69 -20.91
C CYS A 151 -11.61 -21.83 -22.41
N PRO A 152 -12.22 -20.84 -23.08
CA PRO A 152 -12.30 -20.85 -24.54
C PRO A 152 -10.92 -20.91 -25.24
N ASP A 153 -9.83 -20.65 -24.51
CA ASP A 153 -8.46 -20.57 -25.04
C ASP A 153 -7.70 -21.87 -24.90
N CYS A 154 -8.07 -22.71 -23.92
CA CYS A 154 -7.31 -23.89 -23.57
C CYS A 154 -8.14 -25.05 -23.00
N GLY A 155 -9.46 -24.91 -22.93
CA GLY A 155 -10.43 -25.92 -22.52
C GLY A 155 -10.48 -26.20 -21.01
N SER A 156 -9.51 -25.70 -20.24
CA SER A 156 -9.37 -26.01 -18.83
C SER A 156 -10.44 -25.37 -17.98
N LYS A 157 -10.56 -25.80 -16.71
CA LYS A 157 -11.44 -25.16 -15.74
C LYS A 157 -11.00 -23.70 -15.52
N VAL A 158 -11.98 -22.84 -15.22
CA VAL A 158 -11.73 -21.48 -14.75
C VAL A 158 -12.19 -21.45 -13.29
N LYS A 159 -11.48 -20.71 -12.43
CA LYS A 159 -11.77 -20.60 -11.00
C LYS A 159 -11.66 -19.17 -10.53
N LEU A 160 -12.38 -18.84 -9.47
CA LEU A 160 -12.41 -17.52 -8.88
C LEU A 160 -11.13 -17.30 -8.07
N ILE A 161 -10.55 -16.12 -8.19
CA ILE A 161 -9.29 -15.74 -7.53
C ILE A 161 -9.50 -14.74 -6.38
N PRO A 162 -8.53 -14.68 -5.44
CA PRO A 162 -8.52 -13.71 -4.35
C PRO A 162 -8.33 -12.28 -4.88
N ARG A 163 -9.26 -11.38 -4.54
CA ARG A 163 -9.31 -9.98 -4.93
C ARG A 163 -8.99 -9.79 -6.42
N LYS A 164 -8.05 -8.91 -6.81
CA LYS A 164 -7.67 -8.71 -8.22
C LYS A 164 -6.18 -8.46 -8.49
N ARG A 165 -5.50 -7.84 -7.54
CA ARG A 165 -4.05 -7.68 -7.56
C ARG A 165 -3.46 -8.93 -6.95
ZN ZN B . -6.88 -21.40 -20.34
N MET A 5 -18.67 12.67 21.71
CA MET A 5 -18.58 11.59 20.72
C MET A 5 -17.13 11.37 20.32
N LEU A 6 -16.46 10.39 20.93
CA LEU A 6 -15.15 9.89 20.53
C LEU A 6 -15.22 9.20 19.17
N ARG A 7 -14.07 8.77 18.63
CA ARG A 7 -14.00 7.70 17.64
C ARG A 7 -12.78 6.83 17.97
N ASN A 8 -12.62 5.69 17.32
CA ASN A 8 -11.58 4.70 17.62
C ASN A 8 -10.80 4.41 16.34
N LEU A 9 -9.76 3.56 16.42
CA LEU A 9 -8.97 3.16 15.26
C LEU A 9 -8.48 1.71 15.37
N LYS A 10 -8.05 1.15 14.23
CA LYS A 10 -7.59 -0.23 14.12
C LYS A 10 -6.19 -0.46 14.73
N LYS A 11 -5.64 -1.67 14.56
CA LYS A 11 -4.26 -2.01 14.92
C LYS A 11 -3.24 -0.98 14.41
N THR A 12 -2.10 -0.89 15.09
CA THR A 12 -0.97 -0.02 14.77
C THR A 12 -0.75 0.04 13.28
N LEU A 13 -0.89 1.24 12.71
CA LEU A 13 -0.80 1.47 11.29
C LEU A 13 0.01 2.72 11.06
N VAL A 14 0.79 2.71 9.99
CA VAL A 14 1.65 3.81 9.63
C VAL A 14 1.32 4.29 8.21
N LEU A 15 1.63 5.56 7.91
CA LEU A 15 1.17 6.30 6.74
C LEU A 15 2.37 7.00 6.10
N ASP A 16 2.39 7.15 4.78
CA ASP A 16 3.44 7.86 4.05
C ASP A 16 2.95 9.19 3.44
N SER A 17 3.86 10.00 2.91
CA SER A 17 3.59 11.30 2.30
C SER A 17 2.52 11.21 1.21
N SER A 18 2.56 10.19 0.34
CA SER A 18 1.61 9.99 -0.75
C SER A 18 0.18 9.93 -0.22
N VAL A 19 -0.04 9.32 0.95
CA VAL A 19 -1.35 9.20 1.58
C VAL A 19 -1.97 10.61 1.77
N PHE A 20 -1.18 11.55 2.30
CA PHE A 20 -1.66 12.90 2.57
C PHE A 20 -1.83 13.70 1.28
N ILE A 21 -1.01 13.44 0.27
CA ILE A 21 -1.07 14.10 -1.04
C ILE A 21 -2.43 13.81 -1.68
N GLN A 22 -2.87 12.54 -1.70
CA GLN A 22 -4.16 12.20 -2.29
C GLN A 22 -5.31 12.64 -1.37
N GLY A 23 -5.06 12.76 -0.06
CA GLY A 23 -6.04 13.22 0.90
C GLY A 23 -6.85 12.08 1.54
N ILE A 24 -6.27 10.89 1.63
CA ILE A 24 -6.94 9.70 2.11
C ILE A 24 -7.12 9.83 3.62
N ASP A 25 -8.36 10.04 4.07
CA ASP A 25 -8.75 9.98 5.48
C ASP A 25 -8.46 8.56 6.00
N ILE A 26 -7.53 8.41 6.94
CA ILE A 26 -7.21 7.17 7.64
C ILE A 26 -6.50 7.55 8.96
N GLU A 27 -6.74 6.78 10.02
CA GLU A 27 -6.09 6.93 11.31
C GLU A 27 -4.80 6.12 11.31
N GLY A 28 -3.73 6.61 11.94
CA GLY A 28 -2.43 5.97 11.92
C GLY A 28 -1.35 6.86 12.53
N TYR A 29 -0.10 6.64 12.14
CA TYR A 29 1.04 7.48 12.52
C TYR A 29 1.67 8.10 11.25
N THR A 30 2.28 9.27 11.37
CA THR A 30 2.99 9.97 10.30
C THR A 30 4.40 10.38 10.76
N THR A 31 5.35 10.35 9.83
CA THR A 31 6.78 10.46 10.09
C THR A 31 7.22 11.94 10.02
N PRO A 32 7.74 12.50 11.14
CA PRO A 32 8.01 13.92 11.27
C PRO A 32 9.08 14.49 10.34
N SER A 33 9.77 13.66 9.55
CA SER A 33 10.83 14.09 8.64
C SER A 33 10.43 13.87 7.17
N VAL A 34 9.28 13.27 6.88
CA VAL A 34 8.56 13.44 5.61
C VAL A 34 7.82 14.77 5.70
N VAL A 35 7.12 15.03 6.82
CA VAL A 35 6.24 16.18 6.88
C VAL A 35 6.99 17.51 6.79
N GLU A 36 8.30 17.50 7.06
CA GLU A 36 9.08 18.69 6.94
C GLU A 36 9.19 19.13 5.46
N GLU A 37 9.08 18.19 4.51
CA GLU A 37 9.09 18.47 3.09
C GLU A 37 7.72 18.99 2.68
N ILE A 38 6.66 18.38 3.23
CA ILE A 38 5.27 18.54 2.84
C ILE A 38 4.92 20.03 2.91
N LYS A 39 4.90 20.66 1.74
CA LYS A 39 4.56 22.07 1.54
C LYS A 39 3.39 22.21 0.60
N ASP A 40 2.98 21.11 -0.04
CA ASP A 40 1.80 21.12 -0.87
C ASP A 40 0.64 21.49 0.03
N ARG A 41 -0.12 22.50 -0.38
CA ARG A 41 -1.15 23.13 0.44
C ARG A 41 -2.17 22.07 0.88
N GLU A 42 -2.69 21.32 -0.09
CA GLU A 42 -3.70 20.30 0.12
C GLU A 42 -3.15 19.24 1.06
N SER A 43 -2.00 18.66 0.74
CA SER A 43 -1.38 17.64 1.57
C SER A 43 -1.12 18.15 2.99
N LYS A 44 -0.56 19.36 3.14
CA LYS A 44 -0.18 19.89 4.43
C LYS A 44 -1.42 20.10 5.29
N ILE A 45 -2.38 20.90 4.80
CA ILE A 45 -3.57 21.27 5.54
C ILE A 45 -4.31 19.97 5.93
N PHE A 46 -4.48 19.05 4.99
CA PHE A 46 -5.12 17.78 5.26
C PHE A 46 -4.38 17.01 6.34
N LEU A 47 -3.06 16.80 6.21
CA LEU A 47 -2.23 16.09 7.18
C LEU A 47 -2.43 16.71 8.57
N GLU A 48 -2.28 18.02 8.68
CA GLU A 48 -2.41 18.75 9.92
C GLU A 48 -3.81 18.59 10.52
N SER A 49 -4.84 18.56 9.67
CA SER A 49 -6.23 18.36 10.04
C SER A 49 -6.37 17.06 10.82
N LEU A 50 -5.78 15.99 10.32
CA LEU A 50 -5.87 14.66 10.90
C LEU A 50 -5.17 14.61 12.26
N ILE A 51 -4.06 15.35 12.39
CA ILE A 51 -3.40 15.50 13.67
C ILE A 51 -4.38 16.16 14.64
N SER A 52 -4.94 17.32 14.29
CA SER A 52 -5.88 18.05 15.14
C SER A 52 -7.13 17.22 15.46
N ALA A 53 -7.64 16.44 14.50
CA ALA A 53 -8.79 15.57 14.66
C ALA A 53 -8.51 14.41 15.62
N GLY A 54 -7.25 14.01 15.78
CA GLY A 54 -6.87 12.91 16.65
C GLY A 54 -6.77 11.58 15.93
N LYS A 55 -6.85 11.56 14.60
CA LYS A 55 -6.75 10.34 13.81
C LYS A 55 -5.30 9.98 13.55
N VAL A 56 -4.42 10.96 13.39
CA VAL A 56 -3.01 10.68 13.12
C VAL A 56 -2.18 11.25 14.25
N LYS A 57 -1.06 10.60 14.57
CA LYS A 57 -0.07 11.06 15.54
C LYS A 57 1.32 11.06 14.91
N ILE A 58 2.25 11.85 15.43
CA ILE A 58 3.62 11.89 14.95
C ILE A 58 4.37 10.68 15.51
N ALA A 59 5.15 9.99 14.67
CA ALA A 59 6.14 9.01 15.12
C ALA A 59 7.26 8.81 14.09
N GLU A 60 8.52 8.93 14.52
CA GLU A 60 9.72 8.70 13.71
C GLU A 60 10.42 7.38 14.05
N PRO A 61 11.18 6.79 13.10
CA PRO A 61 11.98 5.58 13.30
C PRO A 61 13.13 5.72 14.32
N SER A 62 13.63 4.58 14.78
CA SER A 62 14.87 4.42 15.56
C SER A 62 16.04 4.19 14.60
N LYS A 63 17.27 4.31 15.12
CA LYS A 63 18.51 3.89 14.46
C LYS A 63 18.38 2.45 13.96
N GLU A 64 17.82 1.57 14.78
CA GLU A 64 17.68 0.15 14.48
C GLU A 64 16.64 -0.10 13.40
N SER A 65 15.65 0.79 13.30
CA SER A 65 14.63 0.74 12.26
C SER A 65 15.28 0.99 10.90
N ILE A 66 16.10 2.04 10.77
CA ILE A 66 16.71 2.41 9.50
C ILE A 66 17.67 1.31 9.05
N ASP A 67 18.47 0.74 9.97
CA ASP A 67 19.43 -0.30 9.60
C ASP A 67 18.72 -1.54 9.07
N ARG A 68 17.52 -1.83 9.59
CA ARG A 68 16.65 -2.90 9.11
C ARG A 68 16.46 -2.80 7.59
N ILE A 69 16.25 -1.61 7.04
CA ILE A 69 16.06 -1.43 5.60
C ILE A 69 17.40 -1.63 4.90
N ILE A 70 18.48 -1.05 5.43
CA ILE A 70 19.82 -1.16 4.86
C ILE A 70 20.22 -2.63 4.69
N GLN A 71 19.90 -3.52 5.64
CA GLN A 71 20.23 -4.94 5.55
C GLN A 71 19.63 -5.52 4.27
N VAL A 72 18.30 -5.59 4.24
CA VAL A 72 17.61 -6.35 3.22
C VAL A 72 17.75 -5.65 1.86
N ALA A 73 17.87 -4.31 1.86
CA ALA A 73 18.12 -3.51 0.66
C ALA A 73 19.51 -3.81 0.06
N LYS A 74 20.59 -3.76 0.87
CA LYS A 74 21.94 -3.99 0.34
C LYS A 74 22.10 -5.42 -0.15
N GLU A 75 21.34 -6.39 0.38
CA GLU A 75 21.34 -7.76 -0.14
C GLU A 75 20.88 -7.74 -1.61
N THR A 76 19.74 -7.13 -1.91
CA THR A 76 19.14 -7.15 -3.24
C THR A 76 19.86 -6.22 -4.22
N GLY A 77 20.28 -5.02 -3.79
CA GLY A 77 21.12 -4.16 -4.60
C GLY A 77 21.07 -2.70 -4.21
N GLU A 78 20.00 -2.00 -4.59
CA GLU A 78 19.84 -0.58 -4.31
C GLU A 78 19.59 -0.36 -2.82
N VAL A 79 20.68 -0.15 -2.08
CA VAL A 79 20.64 0.05 -0.64
C VAL A 79 20.05 1.39 -0.24
N ASN A 80 20.46 2.46 -0.92
CA ASN A 80 20.08 3.81 -0.55
C ASN A 80 19.55 4.58 -1.75
N GLU A 81 19.26 3.90 -2.85
CA GLU A 81 18.68 4.56 -4.02
C GLU A 81 17.20 4.90 -3.77
N LEU A 82 16.63 4.41 -2.66
CA LEU A 82 15.24 4.65 -2.30
C LEU A 82 15.09 5.99 -1.60
N SER A 83 13.89 6.53 -1.65
CA SER A 83 13.55 7.86 -1.18
C SER A 83 13.76 7.97 0.34
N LYS A 84 13.91 9.20 0.83
CA LYS A 84 14.16 9.46 2.24
C LYS A 84 12.97 9.02 3.06
N ALA A 85 11.79 9.57 2.76
CA ALA A 85 10.55 9.26 3.43
C ALA A 85 10.24 7.77 3.36
N ASP A 86 10.51 7.13 2.22
CA ASP A 86 10.23 5.71 2.00
C ASP A 86 10.93 4.88 3.05
N ILE A 87 12.24 5.09 3.19
CA ILE A 87 13.07 4.40 4.16
C ILE A 87 12.48 4.62 5.57
N GLU A 88 12.13 5.85 5.92
CA GLU A 88 11.71 6.19 7.27
C GLU A 88 10.37 5.57 7.65
N VAL A 89 9.35 5.73 6.80
CA VAL A 89 7.99 5.28 7.05
C VAL A 89 8.01 3.76 7.24
N LEU A 90 8.65 3.06 6.29
CA LEU A 90 8.82 1.61 6.33
C LEU A 90 9.51 1.22 7.63
N ALA A 91 10.71 1.75 7.87
CA ALA A 91 11.52 1.48 9.05
C ALA A 91 10.71 1.56 10.34
N LEU A 92 10.07 2.70 10.57
CA LEU A 92 9.29 2.97 11.77
C LEU A 92 8.19 1.94 11.94
N ALA A 93 7.42 1.65 10.88
CA ALA A 93 6.44 0.59 10.94
C ALA A 93 7.07 -0.74 11.33
N TYR A 94 8.25 -1.07 10.80
CA TYR A 94 8.92 -2.34 11.07
C TYR A 94 9.39 -2.41 12.53
N GLU A 95 9.68 -1.29 13.18
CA GLU A 95 9.93 -1.26 14.63
C GLU A 95 8.64 -1.50 15.41
N LEU A 96 7.49 -1.11 14.86
CA LEU A 96 6.17 -1.27 15.47
C LEU A 96 5.54 -2.62 15.14
N LYS A 97 6.07 -3.34 14.14
CA LYS A 97 5.41 -4.45 13.45
C LYS A 97 3.95 -4.10 13.09
N GLY A 98 3.66 -2.82 12.84
CA GLY A 98 2.34 -2.34 12.47
C GLY A 98 2.03 -2.68 11.02
N GLU A 99 1.03 -2.01 10.46
CA GLU A 99 0.70 -2.00 9.03
C GLU A 99 1.23 -0.70 8.41
N ILE A 100 1.25 -0.61 7.09
CA ILE A 100 1.79 0.51 6.33
C ILE A 100 0.77 0.87 5.25
N PHE A 101 0.75 2.15 4.87
CA PHE A 101 0.01 2.69 3.75
C PHE A 101 0.97 3.63 3.02
N SER A 102 1.19 3.41 1.72
CA SER A 102 2.03 4.19 0.83
C SER A 102 1.44 4.06 -0.58
N ASP A 103 2.24 4.12 -1.65
CA ASP A 103 1.82 3.81 -3.01
C ASP A 103 2.97 3.33 -3.91
N ASP A 104 4.22 3.67 -3.59
CA ASP A 104 5.35 3.73 -4.52
C ASP A 104 5.86 2.36 -4.95
N TYR A 105 6.25 2.16 -6.22
CA TYR A 105 6.66 0.86 -6.75
C TYR A 105 7.74 0.17 -5.90
N ASN A 106 8.68 0.95 -5.38
CA ASN A 106 9.72 0.54 -4.46
C ASN A 106 9.13 0.22 -3.09
N VAL A 107 8.29 1.07 -2.51
CA VAL A 107 7.74 0.81 -1.18
C VAL A 107 7.01 -0.53 -1.15
N GLN A 108 6.32 -0.86 -2.25
CA GLN A 108 5.55 -2.07 -2.33
C GLN A 108 6.49 -3.27 -2.34
N ASN A 109 7.62 -3.12 -3.05
CA ASN A 109 8.67 -4.11 -3.08
C ASN A 109 9.30 -4.26 -1.70
N ILE A 110 9.80 -3.18 -1.09
CA ILE A 110 10.51 -3.26 0.19
C ILE A 110 9.64 -3.96 1.23
N ALA A 111 8.40 -3.55 1.46
CA ALA A 111 7.56 -4.29 2.40
C ALA A 111 7.35 -5.76 1.99
N SER A 112 7.26 -6.07 0.69
CA SER A 112 7.21 -7.43 0.18
C SER A 112 8.43 -8.24 0.67
N LEU A 113 9.66 -7.88 0.32
CA LEU A 113 10.86 -8.64 0.72
C LEU A 113 11.04 -8.65 2.24
N LEU A 114 10.50 -7.66 2.94
CA LEU A 114 10.60 -7.56 4.40
C LEU A 114 9.55 -8.38 5.13
N GLY A 115 8.55 -8.92 4.43
CA GLY A 115 7.49 -9.71 5.04
C GLY A 115 6.45 -8.88 5.77
N LEU A 116 6.39 -7.56 5.55
CA LEU A 116 5.41 -6.70 6.21
C LEU A 116 4.15 -6.55 5.36
N ARG A 117 2.98 -6.65 5.99
CA ARG A 117 1.65 -6.49 5.40
C ARG A 117 1.29 -5.01 5.28
N PHE A 118 0.81 -4.57 4.12
CA PHE A 118 0.55 -3.15 3.85
C PHE A 118 -0.59 -2.99 2.84
N ARG A 119 -0.91 -1.77 2.41
CA ARG A 119 -2.02 -1.44 1.48
C ARG A 119 -1.60 -1.26 0.03
N THR A 120 -2.57 -1.06 -0.88
CA THR A 120 -2.34 -0.69 -2.27
C THR A 120 -3.43 0.30 -2.74
N LEU A 121 -3.06 1.55 -3.07
CA LEU A 121 -3.96 2.54 -3.67
C LEU A 121 -4.46 2.03 -5.01
N LYS A 122 -3.55 1.79 -5.94
CA LYS A 122 -3.84 1.34 -7.31
C LYS A 122 -4.18 -0.16 -7.28
N ARG A 123 -4.51 -0.75 -8.43
CA ARG A 123 -4.60 -2.20 -8.57
C ARG A 123 -3.30 -2.82 -8.07
N GLY A 124 -3.42 -3.95 -7.38
CA GLY A 124 -2.34 -4.71 -6.80
C GLY A 124 -3.01 -5.85 -6.08
N ILE A 125 -3.06 -7.04 -6.71
CA ILE A 125 -3.62 -8.25 -6.11
C ILE A 125 -2.72 -8.74 -4.96
N LYS A 126 -3.30 -9.49 -4.01
CA LYS A 126 -2.56 -10.12 -2.91
C LYS A 126 -3.02 -11.55 -2.62
N LYS A 127 -4.27 -11.95 -2.92
CA LYS A 127 -4.66 -13.36 -2.95
C LYS A 127 -5.64 -13.68 -4.09
N VAL A 128 -5.64 -12.90 -5.16
CA VAL A 128 -6.54 -13.07 -6.31
C VAL A 128 -5.66 -13.27 -7.55
N ILE A 129 -6.17 -14.01 -8.53
CA ILE A 129 -5.39 -14.37 -9.71
C ILE A 129 -5.83 -13.44 -10.85
N LYS A 130 -5.00 -13.32 -11.87
CA LYS A 130 -5.38 -12.65 -13.10
C LYS A 130 -6.51 -13.43 -13.77
N TRP A 131 -7.36 -12.73 -14.52
CA TRP A 131 -8.52 -13.31 -15.16
C TRP A 131 -8.94 -12.47 -16.35
N ARG A 132 -9.89 -12.97 -17.16
CA ARG A 132 -10.14 -12.41 -18.49
C ARG A 132 -11.49 -12.65 -19.11
N TYR A 133 -12.42 -13.35 -18.46
CA TYR A 133 -13.62 -13.77 -19.14
C TYR A 133 -14.86 -13.62 -18.26
N VAL A 134 -16.01 -13.36 -18.87
CA VAL A 134 -17.29 -13.19 -18.18
C VAL A 134 -18.38 -13.96 -18.93
N CYS A 135 -19.14 -14.79 -18.22
CA CYS A 135 -20.38 -15.37 -18.71
C CYS A 135 -21.40 -14.26 -18.89
N ILE A 136 -22.24 -14.37 -19.92
CA ILE A 136 -23.39 -13.49 -20.14
C ILE A 136 -24.65 -14.23 -19.66
N GLY A 137 -25.02 -13.96 -18.42
CA GLY A 137 -26.13 -14.59 -17.72
C GLY A 137 -26.04 -14.19 -16.26
N CYS A 138 -25.32 -14.99 -15.46
CA CYS A 138 -25.08 -14.71 -14.04
C CYS A 138 -23.77 -13.92 -13.85
N GLY A 139 -23.21 -13.36 -14.92
CA GLY A 139 -22.01 -12.54 -14.92
C GLY A 139 -20.75 -13.23 -14.40
N ARG A 140 -20.72 -14.56 -14.46
CA ARG A 140 -19.71 -15.38 -13.79
C ARG A 140 -18.34 -15.11 -14.39
N LYS A 141 -17.39 -14.77 -13.55
CA LYS A 141 -16.00 -14.54 -13.94
C LYS A 141 -15.33 -15.87 -14.26
N PHE A 142 -14.34 -15.86 -15.15
CA PHE A 142 -13.42 -16.96 -15.36
C PHE A 142 -12.03 -16.40 -15.68
N SER A 143 -11.00 -17.13 -15.29
CA SER A 143 -9.62 -16.78 -15.58
C SER A 143 -9.17 -17.30 -16.94
N THR A 144 -9.79 -18.37 -17.42
CA THR A 144 -9.40 -19.11 -18.61
C THR A 144 -10.66 -19.63 -19.29
N LEU A 145 -10.59 -19.98 -20.57
CA LEU A 145 -11.76 -20.41 -21.34
C LEU A 145 -12.14 -21.85 -20.92
N PRO A 146 -13.39 -22.12 -20.46
CA PRO A 146 -13.84 -23.48 -20.16
C PRO A 146 -14.06 -24.27 -21.47
N PRO A 147 -14.31 -25.59 -21.42
CA PRO A 147 -14.71 -26.34 -22.61
C PRO A 147 -15.93 -25.70 -23.27
N GLY A 148 -15.91 -25.61 -24.60
CA GLY A 148 -16.94 -24.93 -25.40
C GLY A 148 -16.94 -23.40 -25.23
N GLY A 149 -16.19 -22.85 -24.27
CA GLY A 149 -16.26 -21.46 -23.88
C GLY A 149 -17.66 -21.08 -23.40
N VAL A 150 -18.36 -21.98 -22.71
CA VAL A 150 -19.70 -21.76 -22.16
C VAL A 150 -19.61 -21.88 -20.64
N CYS A 151 -20.56 -21.29 -19.93
CA CYS A 151 -20.62 -21.31 -18.48
C CYS A 151 -20.99 -22.73 -18.05
N PRO A 152 -20.10 -23.50 -17.38
CA PRO A 152 -20.50 -24.77 -16.77
C PRO A 152 -21.67 -24.61 -15.76
N ASP A 153 -21.90 -23.39 -15.29
CA ASP A 153 -22.79 -23.07 -14.19
C ASP A 153 -24.17 -22.64 -14.69
N CYS A 154 -24.25 -22.10 -15.91
CA CYS A 154 -25.48 -21.52 -16.43
C CYS A 154 -25.72 -21.83 -17.91
N GLY A 155 -24.78 -22.52 -18.54
CA GLY A 155 -24.79 -22.94 -19.95
C GLY A 155 -24.59 -21.82 -20.97
N SER A 156 -24.69 -20.55 -20.57
CA SER A 156 -24.59 -19.42 -21.49
C SER A 156 -23.19 -19.30 -22.08
N LYS A 157 -23.07 -18.54 -23.17
CA LYS A 157 -21.78 -18.26 -23.75
C LYS A 157 -20.95 -17.38 -22.80
N VAL A 158 -19.63 -17.47 -22.91
CA VAL A 158 -18.69 -16.62 -22.19
C VAL A 158 -18.07 -15.66 -23.22
N LYS A 159 -17.72 -14.45 -22.81
CA LYS A 159 -17.04 -13.46 -23.64
C LYS A 159 -15.82 -12.90 -22.92
N LEU A 160 -14.91 -12.31 -23.69
CA LEU A 160 -13.66 -11.74 -23.21
C LEU A 160 -13.92 -10.28 -22.82
N ILE A 161 -13.75 -9.95 -21.54
CA ILE A 161 -13.87 -8.59 -21.01
C ILE A 161 -12.68 -7.71 -21.43
N PRO A 162 -12.73 -6.37 -21.23
CA PRO A 162 -11.64 -5.43 -21.53
C PRO A 162 -10.52 -5.50 -20.49
N ARG A 163 -9.90 -6.69 -20.33
CA ARG A 163 -8.82 -6.96 -19.37
C ARG A 163 -9.26 -6.63 -17.93
N LYS A 164 -8.31 -6.57 -17.00
CA LYS A 164 -8.58 -6.47 -15.55
C LYS A 164 -7.64 -5.52 -14.82
N ARG A 165 -6.40 -5.52 -15.29
CA ARG A 165 -5.21 -4.96 -14.65
C ARG A 165 -5.38 -3.49 -14.28
ZN ZN B . -22.98 -18.17 -16.24
N MET A 5 -11.01 4.32 24.89
CA MET A 5 -10.41 5.66 24.71
C MET A 5 -10.21 6.00 23.23
N LEU A 6 -9.70 5.07 22.41
CA LEU A 6 -9.37 5.23 21.00
C LEU A 6 -10.21 4.20 20.25
N ARG A 7 -11.22 4.58 19.46
CA ARG A 7 -12.05 3.67 18.67
C ARG A 7 -12.18 4.26 17.26
N ASN A 8 -11.22 4.04 16.36
CA ASN A 8 -11.24 4.60 14.99
C ASN A 8 -10.48 3.68 14.05
N LEU A 9 -9.17 3.53 14.27
CA LEU A 9 -8.32 2.60 13.51
C LEU A 9 -8.85 1.18 13.69
N LYS A 10 -8.68 0.33 12.67
CA LYS A 10 -9.33 -0.98 12.61
C LYS A 10 -8.35 -2.14 12.70
N LYS A 11 -7.14 -2.01 12.13
CA LYS A 11 -6.04 -2.94 12.35
C LYS A 11 -4.73 -2.20 12.10
N THR A 12 -3.56 -2.83 12.23
CA THR A 12 -2.29 -2.18 11.95
C THR A 12 -2.28 -1.82 10.48
N LEU A 13 -2.03 -0.53 10.22
CA LEU A 13 -2.22 0.12 8.95
C LEU A 13 -1.14 1.18 8.85
N VAL A 14 -0.46 1.28 7.72
CA VAL A 14 0.50 2.36 7.46
C VAL A 14 -0.04 3.24 6.33
N LEU A 15 0.34 4.52 6.32
CA LEU A 15 -0.11 5.58 5.42
C LEU A 15 1.11 6.26 4.80
N ASP A 16 1.04 6.48 3.49
CA ASP A 16 2.07 7.11 2.65
C ASP A 16 1.83 8.62 2.52
N SER A 17 2.84 9.38 2.12
CA SER A 17 2.77 10.79 1.75
C SER A 17 1.59 11.10 0.82
N SER A 18 1.37 10.28 -0.21
CA SER A 18 0.29 10.44 -1.17
C SER A 18 -1.07 10.57 -0.47
N VAL A 19 -1.29 9.87 0.65
CA VAL A 19 -2.56 9.82 1.35
C VAL A 19 -2.92 11.21 1.88
N PHE A 20 -1.91 11.96 2.32
CA PHE A 20 -2.08 13.27 2.92
C PHE A 20 -2.25 14.35 1.86
N ILE A 21 -1.52 14.24 0.74
CA ILE A 21 -1.68 15.11 -0.42
C ILE A 21 -3.15 15.10 -0.87
N GLN A 22 -3.78 13.91 -0.87
CA GLN A 22 -5.17 13.73 -1.25
C GLN A 22 -6.16 14.10 -0.14
N GLY A 23 -5.70 14.27 1.10
CA GLY A 23 -6.50 14.69 2.22
C GLY A 23 -7.36 13.58 2.82
N ILE A 24 -6.95 12.32 2.63
CA ILE A 24 -7.76 11.14 2.92
C ILE A 24 -7.72 10.89 4.41
N ASP A 25 -8.83 11.16 5.07
CA ASP A 25 -8.99 10.83 6.49
C ASP A 25 -8.98 9.31 6.62
N ILE A 26 -7.94 8.75 7.24
CA ILE A 26 -7.77 7.34 7.59
C ILE A 26 -6.80 7.29 8.79
N GLU A 27 -6.78 6.21 9.56
CA GLU A 27 -6.15 6.13 10.88
C GLU A 27 -5.21 4.92 10.96
N GLY A 28 -3.96 5.14 11.39
CA GLY A 28 -2.84 4.19 11.23
C GLY A 28 -1.51 4.79 11.72
N TYR A 29 -0.40 4.40 11.09
CA TYR A 29 0.94 4.93 11.29
C TYR A 29 1.45 5.59 10.03
N THR A 30 2.42 6.49 10.12
CA THR A 30 3.14 7.03 8.97
C THR A 30 4.60 7.30 9.37
N THR A 31 5.47 7.52 8.40
CA THR A 31 6.91 7.56 8.61
C THR A 31 7.40 8.98 8.96
N PRO A 32 8.11 9.15 10.08
CA PRO A 32 8.86 10.39 10.32
C PRO A 32 9.97 10.58 9.27
N SER A 33 10.25 9.53 8.50
CA SER A 33 11.17 9.48 7.42
C SER A 33 10.68 10.24 6.18
N VAL A 34 9.38 10.29 5.90
CA VAL A 34 8.84 11.07 4.79
C VAL A 34 8.43 12.46 5.24
N VAL A 35 7.92 12.64 6.48
CA VAL A 35 7.54 14.00 6.88
C VAL A 35 8.70 14.98 6.89
N GLU A 36 9.94 14.48 6.89
CA GLU A 36 11.08 15.36 6.82
C GLU A 36 11.04 16.24 5.54
N GLU A 37 10.36 15.75 4.50
CA GLU A 37 10.42 16.24 3.13
C GLU A 37 9.07 16.85 2.71
N ILE A 38 7.97 16.47 3.38
CA ILE A 38 6.65 17.05 3.13
C ILE A 38 6.66 18.51 3.59
N LYS A 39 6.87 19.42 2.65
CA LYS A 39 6.62 20.85 2.83
C LYS A 39 5.20 21.25 2.41
N ASP A 40 4.59 20.46 1.52
CA ASP A 40 3.31 20.73 0.86
C ASP A 40 2.22 21.08 1.87
N ARG A 41 1.51 22.20 1.64
CA ARG A 41 0.58 22.82 2.58
C ARG A 41 -0.43 21.81 3.09
N GLU A 42 -1.35 21.39 2.21
CA GLU A 42 -2.54 20.69 2.65
C GLU A 42 -2.13 19.41 3.33
N SER A 43 -1.22 18.69 2.66
CA SER A 43 -0.60 17.47 3.12
C SER A 43 -0.04 17.67 4.53
N LYS A 44 0.83 18.65 4.74
CA LYS A 44 1.50 18.90 6.01
C LYS A 44 0.48 19.21 7.11
N ILE A 45 -0.39 20.19 6.87
CA ILE A 45 -1.38 20.67 7.84
C ILE A 45 -2.23 19.47 8.28
N PHE A 46 -2.75 18.72 7.32
CA PHE A 46 -3.58 17.56 7.54
C PHE A 46 -2.81 16.46 8.31
N LEU A 47 -1.59 16.12 7.90
CA LEU A 47 -0.75 15.13 8.59
C LEU A 47 -0.54 15.53 10.06
N GLU A 48 -0.17 16.79 10.31
CA GLU A 48 0.00 17.33 11.67
C GLU A 48 -1.31 17.25 12.46
N SER A 49 -2.44 17.56 11.81
CA SER A 49 -3.78 17.50 12.38
C SER A 49 -4.07 16.10 12.90
N LEU A 50 -3.86 15.09 12.06
CA LEU A 50 -4.15 13.70 12.37
C LEU A 50 -3.26 13.20 13.51
N ILE A 51 -2.00 13.63 13.52
CA ILE A 51 -1.08 13.36 14.61
C ILE A 51 -1.63 13.98 15.90
N SER A 52 -2.01 15.26 15.87
CA SER A 52 -2.59 15.96 17.02
C SER A 52 -3.89 15.28 17.48
N ALA A 53 -4.69 14.75 16.54
CA ALA A 53 -5.94 14.04 16.79
C ALA A 53 -5.70 12.60 17.27
N GLY A 54 -4.48 12.07 17.17
CA GLY A 54 -4.10 10.76 17.68
C GLY A 54 -4.57 9.60 16.80
N LYS A 55 -5.09 9.92 15.61
CA LYS A 55 -5.49 8.94 14.60
C LYS A 55 -4.29 8.41 13.83
N VAL A 56 -3.17 9.12 13.85
CA VAL A 56 -1.99 8.81 13.10
C VAL A 56 -0.84 8.87 14.09
N LYS A 57 0.07 7.91 14.04
CA LYS A 57 1.26 7.89 14.87
C LYS A 57 2.50 7.77 14.03
N ILE A 58 3.52 8.50 14.44
CA ILE A 58 4.84 8.48 13.85
C ILE A 58 5.48 7.12 14.19
N ALA A 59 5.96 6.39 13.18
CA ALA A 59 6.72 5.16 13.33
C ALA A 59 7.65 4.98 12.13
N GLU A 60 8.94 4.76 12.36
CA GLU A 60 9.92 4.53 11.29
C GLU A 60 10.24 3.04 11.09
N PRO A 61 10.69 2.64 9.89
CA PRO A 61 11.32 1.36 9.59
C PRO A 61 12.69 1.21 10.26
N SER A 62 13.27 0.02 10.15
CA SER A 62 14.56 -0.36 10.70
C SER A 62 15.47 -0.90 9.59
N LYS A 63 16.74 -1.18 9.91
CA LYS A 63 17.71 -1.64 8.91
C LYS A 63 17.16 -2.86 8.18
N GLU A 64 16.71 -3.86 8.94
CA GLU A 64 16.23 -5.11 8.36
C GLU A 64 15.03 -4.85 7.45
N SER A 65 14.23 -3.83 7.78
CA SER A 65 13.06 -3.44 7.00
C SER A 65 13.49 -2.92 5.63
N ILE A 66 14.41 -1.97 5.59
CA ILE A 66 14.88 -1.37 4.34
C ILE A 66 15.54 -2.45 3.49
N ASP A 67 16.40 -3.27 4.11
CA ASP A 67 17.09 -4.36 3.45
C ASP A 67 16.09 -5.31 2.78
N ARG A 68 14.96 -5.59 3.44
CA ARG A 68 13.88 -6.45 2.93
C ARG A 68 13.50 -6.05 1.51
N ILE A 69 13.33 -4.75 1.27
CA ILE A 69 12.91 -4.23 -0.02
C ILE A 69 14.07 -4.41 -1.00
N ILE A 70 15.29 -4.04 -0.61
CA ILE A 70 16.50 -4.15 -1.43
C ILE A 70 16.65 -5.59 -1.97
N GLN A 71 16.43 -6.61 -1.12
CA GLN A 71 16.67 -8.00 -1.49
C GLN A 71 15.78 -8.39 -2.68
N VAL A 72 14.47 -8.24 -2.53
CA VAL A 72 13.54 -8.63 -3.58
C VAL A 72 13.70 -7.67 -4.78
N ALA A 73 13.93 -6.38 -4.52
CA ALA A 73 14.10 -5.35 -5.53
C ALA A 73 15.27 -5.67 -6.46
N LYS A 74 16.46 -6.00 -5.95
CA LYS A 74 17.57 -6.39 -6.82
C LYS A 74 17.27 -7.68 -7.54
N GLU A 75 16.56 -8.62 -6.91
CA GLU A 75 16.29 -9.91 -7.54
C GLU A 75 15.42 -9.73 -8.79
N THR A 76 14.38 -8.90 -8.71
CA THR A 76 13.50 -8.63 -9.85
C THR A 76 14.11 -7.60 -10.82
N GLY A 77 14.73 -6.52 -10.33
CA GLY A 77 15.20 -5.39 -11.10
C GLY A 77 14.65 -4.11 -10.46
N GLU A 78 15.46 -3.05 -10.55
CA GLU A 78 15.25 -1.66 -10.14
C GLU A 78 15.55 -1.52 -8.64
N VAL A 79 16.72 -2.01 -8.18
CA VAL A 79 17.03 -2.13 -6.76
C VAL A 79 16.94 -0.80 -6.00
N ASN A 80 17.61 0.22 -6.50
CA ASN A 80 17.84 1.46 -5.77
C ASN A 80 17.16 2.63 -6.47
N GLU A 81 16.30 2.36 -7.45
CA GLU A 81 15.65 3.39 -8.27
C GLU A 81 14.39 3.95 -7.60
N LEU A 82 13.82 3.21 -6.66
CA LEU A 82 12.58 3.61 -5.99
C LEU A 82 12.87 4.74 -5.03
N SER A 83 11.87 5.60 -4.81
CA SER A 83 11.97 6.74 -3.92
C SER A 83 12.32 6.31 -2.51
N LYS A 84 12.98 7.20 -1.80
CA LYS A 84 13.32 7.03 -0.39
C LYS A 84 12.07 6.69 0.41
N ALA A 85 11.08 7.58 0.39
CA ALA A 85 9.91 7.43 1.22
C ALA A 85 9.13 6.17 0.89
N ASP A 86 9.09 5.78 -0.39
CA ASP A 86 8.37 4.59 -0.88
C ASP A 86 8.89 3.38 -0.14
N ILE A 87 10.21 3.18 -0.20
CA ILE A 87 10.91 2.08 0.43
C ILE A 87 10.61 2.11 1.93
N GLU A 88 10.65 3.28 2.57
CA GLU A 88 10.45 3.41 4.00
C GLU A 88 9.04 3.00 4.42
N VAL A 89 8.01 3.56 3.79
CA VAL A 89 6.61 3.28 4.09
C VAL A 89 6.35 1.78 3.94
N LEU A 90 6.77 1.20 2.81
CA LEU A 90 6.64 -0.22 2.52
C LEU A 90 7.33 -1.04 3.61
N ALA A 91 8.62 -0.80 3.82
CA ALA A 91 9.46 -1.49 4.78
C ALA A 91 8.86 -1.50 6.18
N LEU A 92 8.39 -0.33 6.64
CA LEU A 92 7.82 -0.14 7.96
C LEU A 92 6.62 -1.06 8.12
N ALA A 93 5.70 -1.07 7.15
CA ALA A 93 4.56 -1.98 7.18
C ALA A 93 4.97 -3.44 7.17
N TYR A 94 6.05 -3.81 6.48
CA TYR A 94 6.52 -5.19 6.46
C TYR A 94 7.09 -5.59 7.83
N GLU A 95 7.58 -4.62 8.61
CA GLU A 95 7.98 -4.81 10.01
C GLU A 95 6.78 -4.95 10.96
N LEU A 96 5.57 -4.73 10.44
CA LEU A 96 4.33 -4.65 11.22
C LEU A 96 3.30 -5.68 10.77
N LYS A 97 3.53 -6.35 9.63
CA LYS A 97 2.66 -7.41 9.08
C LYS A 97 1.20 -6.93 9.00
N GLY A 98 1.02 -5.63 8.69
CA GLY A 98 -0.26 -4.96 8.70
C GLY A 98 -0.74 -4.73 7.28
N GLU A 99 -1.15 -3.49 7.01
CA GLU A 99 -1.62 -3.00 5.72
C GLU A 99 -0.95 -1.66 5.40
N ILE A 100 -1.13 -1.17 4.17
CA ILE A 100 -0.47 0.01 3.61
C ILE A 100 -1.56 0.82 2.91
N PHE A 101 -1.37 2.13 2.81
CA PHE A 101 -2.14 3.02 1.95
C PHE A 101 -1.17 3.93 1.16
N SER A 102 -1.13 3.82 -0.17
CA SER A 102 -0.34 4.56 -1.16
C SER A 102 -1.05 4.46 -2.53
N ASP A 103 -0.42 4.95 -3.61
CA ASP A 103 -1.05 5.14 -4.92
C ASP A 103 -0.13 4.98 -6.14
N ASP A 104 1.11 4.55 -5.99
CA ASP A 104 2.18 4.81 -6.97
C ASP A 104 2.47 3.59 -7.84
N TYR A 105 3.10 3.76 -9.00
CA TYR A 105 3.30 2.64 -9.92
C TYR A 105 4.22 1.57 -9.33
N ASN A 106 5.35 2.00 -8.78
CA ASN A 106 6.31 1.15 -8.10
C ASN A 106 5.72 0.66 -6.79
N VAL A 107 5.14 1.55 -5.97
CA VAL A 107 4.70 1.19 -4.63
C VAL A 107 3.73 0.01 -4.74
N GLN A 108 2.80 0.07 -5.70
CA GLN A 108 1.77 -0.93 -5.88
C GLN A 108 2.39 -2.28 -6.24
N ASN A 109 3.32 -2.23 -7.20
CA ASN A 109 4.08 -3.35 -7.71
C ASN A 109 4.81 -3.99 -6.53
N ILE A 110 5.67 -3.27 -5.82
CA ILE A 110 6.52 -3.81 -4.75
C ILE A 110 5.68 -4.55 -3.70
N ALA A 111 4.66 -3.94 -3.11
CA ALA A 111 3.83 -4.68 -2.14
C ALA A 111 3.24 -5.95 -2.75
N SER A 112 2.89 -5.95 -4.04
CA SER A 112 2.46 -7.13 -4.76
C SER A 112 3.46 -8.29 -4.71
N LEU A 113 4.72 -8.11 -5.15
CA LEU A 113 5.72 -9.18 -5.14
C LEU A 113 6.12 -9.57 -3.72
N LEU A 114 5.93 -8.67 -2.76
CA LEU A 114 6.16 -8.93 -1.35
C LEU A 114 4.97 -9.66 -0.71
N GLY A 115 3.76 -9.58 -1.29
CA GLY A 115 2.55 -10.22 -0.80
C GLY A 115 1.76 -9.39 0.22
N LEU A 116 2.12 -8.12 0.43
CA LEU A 116 1.49 -7.31 1.46
C LEU A 116 0.18 -6.71 0.94
N ARG A 117 -0.92 -6.97 1.65
CA ARG A 117 -2.25 -6.47 1.36
C ARG A 117 -2.25 -4.95 1.50
N PHE A 118 -2.86 -4.22 0.55
CA PHE A 118 -2.79 -2.77 0.56
C PHE A 118 -4.01 -2.12 -0.10
N ARG A 119 -4.05 -0.80 -0.05
CA ARG A 119 -5.09 0.03 -0.67
C ARG A 119 -4.56 0.76 -1.90
N THR A 120 -5.45 1.31 -2.71
CA THR A 120 -5.07 2.19 -3.82
C THR A 120 -6.12 3.29 -3.92
N LEU A 121 -5.74 4.43 -4.49
CA LEU A 121 -6.66 5.50 -4.86
C LEU A 121 -7.51 5.06 -6.06
N LYS A 122 -8.23 6.01 -6.67
CA LYS A 122 -9.06 5.83 -7.85
C LYS A 122 -10.17 4.84 -7.54
N ARG A 123 -11.29 5.38 -7.04
CA ARG A 123 -12.53 4.64 -6.72
C ARG A 123 -13.08 3.85 -7.90
N GLY A 124 -12.73 4.20 -9.14
CA GLY A 124 -13.25 3.58 -10.35
C GLY A 124 -12.11 3.13 -11.24
N ILE A 125 -12.13 3.52 -12.52
CA ILE A 125 -11.09 3.26 -13.50
C ILE A 125 -10.55 4.61 -13.99
N LYS A 126 -9.32 4.64 -14.51
CA LYS A 126 -8.78 5.78 -15.25
C LYS A 126 -8.10 5.29 -16.52
N LYS A 127 -7.03 4.51 -16.39
CA LYS A 127 -6.32 3.86 -17.50
C LYS A 127 -6.05 2.43 -17.06
N VAL A 128 -7.10 1.64 -16.88
CA VAL A 128 -7.04 0.26 -16.43
C VAL A 128 -8.16 -0.49 -17.15
N ILE A 129 -7.97 -1.79 -17.36
CA ILE A 129 -9.02 -2.68 -17.83
C ILE A 129 -10.04 -2.89 -16.70
N LYS A 130 -11.18 -3.49 -17.05
CA LYS A 130 -12.08 -4.18 -16.14
C LYS A 130 -11.35 -5.29 -15.37
N TRP A 131 -12.07 -6.00 -14.52
CA TRP A 131 -11.58 -7.20 -13.88
C TRP A 131 -12.80 -8.09 -13.61
N ARG A 132 -12.59 -9.41 -13.53
CA ARG A 132 -13.68 -10.40 -13.45
C ARG A 132 -13.32 -11.63 -12.66
N TYR A 133 -12.19 -11.68 -11.96
CA TYR A 133 -11.78 -12.89 -11.27
C TYR A 133 -11.32 -12.59 -9.86
N VAL A 134 -11.70 -13.43 -8.89
CA VAL A 134 -11.45 -13.24 -7.47
C VAL A 134 -10.85 -14.53 -6.89
N CYS A 135 -9.80 -14.41 -6.08
CA CYS A 135 -9.20 -15.51 -5.34
C CYS A 135 -10.08 -15.83 -4.14
N ILE A 136 -10.57 -17.06 -4.04
CA ILE A 136 -11.19 -17.52 -2.80
C ILE A 136 -10.04 -17.90 -1.86
N GLY A 137 -9.81 -17.10 -0.83
CA GLY A 137 -8.76 -17.35 0.14
C GLY A 137 -8.25 -16.03 0.70
N CYS A 138 -7.36 -15.37 -0.05
CA CYS A 138 -6.85 -14.05 0.33
C CYS A 138 -7.74 -12.92 -0.20
N GLY A 139 -8.61 -13.21 -1.17
CA GLY A 139 -9.52 -12.24 -1.76
C GLY A 139 -8.83 -11.31 -2.75
N ARG A 140 -7.82 -11.80 -3.46
CA ARG A 140 -7.16 -11.00 -4.49
C ARG A 140 -8.08 -10.80 -5.67
N LYS A 141 -7.81 -9.74 -6.44
CA LYS A 141 -8.45 -9.45 -7.70
C LYS A 141 -7.53 -9.85 -8.84
N PHE A 142 -8.09 -10.31 -9.96
CA PHE A 142 -7.39 -10.54 -11.20
C PHE A 142 -8.29 -10.08 -12.35
N SER A 143 -7.66 -9.60 -13.43
CA SER A 143 -8.34 -9.29 -14.68
C SER A 143 -8.28 -10.47 -15.64
N THR A 144 -7.31 -11.36 -15.48
CA THR A 144 -7.09 -12.50 -16.37
C THR A 144 -6.79 -13.73 -15.55
N LEU A 145 -7.03 -14.88 -16.16
CA LEU A 145 -6.88 -16.18 -15.57
C LEU A 145 -5.38 -16.47 -15.49
N PRO A 146 -4.75 -16.50 -14.30
CA PRO A 146 -3.31 -16.74 -14.14
C PRO A 146 -2.97 -18.19 -14.51
N PRO A 147 -1.68 -18.56 -14.57
CA PRO A 147 -1.27 -19.93 -14.86
C PRO A 147 -1.82 -20.86 -13.78
N GLY A 148 -2.64 -21.82 -14.19
CA GLY A 148 -3.30 -22.78 -13.33
C GLY A 148 -4.62 -22.29 -12.76
N GLY A 149 -4.98 -21.02 -12.95
CA GLY A 149 -6.20 -20.44 -12.39
C GLY A 149 -6.22 -20.49 -10.87
N VAL A 150 -5.06 -20.27 -10.26
CA VAL A 150 -4.87 -20.22 -8.81
C VAL A 150 -4.44 -18.81 -8.43
N CYS A 151 -4.30 -18.47 -7.15
CA CYS A 151 -3.79 -17.17 -6.74
C CYS A 151 -2.27 -17.25 -6.61
N PRO A 152 -1.50 -16.77 -7.60
CA PRO A 152 -0.03 -16.62 -7.53
C PRO A 152 0.43 -15.54 -6.54
N ASP A 153 -0.25 -15.43 -5.42
CA ASP A 153 -0.09 -14.43 -4.38
C ASP A 153 -0.49 -14.97 -3.01
N CYS A 154 -1.23 -16.08 -2.95
CA CYS A 154 -1.59 -16.73 -1.69
C CYS A 154 -1.68 -18.25 -1.81
N GLY A 155 -2.07 -18.76 -2.98
CA GLY A 155 -2.25 -20.17 -3.28
C GLY A 155 -3.65 -20.64 -2.91
N SER A 156 -4.57 -20.61 -3.87
CA SER A 156 -5.92 -21.16 -3.80
C SER A 156 -6.57 -21.01 -5.18
N LYS A 157 -7.76 -21.55 -5.43
CA LYS A 157 -8.46 -21.46 -6.71
C LYS A 157 -9.09 -20.09 -6.93
N VAL A 158 -8.98 -19.53 -8.14
CA VAL A 158 -9.65 -18.27 -8.49
C VAL A 158 -11.04 -18.64 -9.08
N LYS A 159 -12.00 -17.71 -9.07
CA LYS A 159 -13.32 -17.90 -9.66
C LYS A 159 -13.84 -16.59 -10.26
N LEU A 160 -14.75 -16.69 -11.23
CA LEU A 160 -15.34 -15.53 -11.90
C LEU A 160 -16.40 -14.91 -11.00
N ILE A 161 -16.55 -13.59 -11.05
CA ILE A 161 -17.47 -12.79 -10.21
C ILE A 161 -18.59 -12.13 -11.04
N PRO A 162 -19.67 -11.67 -10.38
CA PRO A 162 -20.76 -10.94 -11.04
C PRO A 162 -20.31 -9.54 -11.46
N ARG A 163 -19.84 -9.40 -12.71
CA ARG A 163 -19.46 -8.12 -13.32
C ARG A 163 -18.29 -7.47 -12.55
N LYS A 164 -17.88 -6.26 -12.94
CA LYS A 164 -16.80 -5.52 -12.29
C LYS A 164 -17.17 -5.05 -10.88
N ARG A 165 -18.46 -4.81 -10.59
CA ARG A 165 -18.91 -3.77 -9.67
C ARG A 165 -19.70 -4.40 -8.55
ZN ZN B . -5.23 -15.18 -3.00
N MET A 5 -5.19 0.94 24.04
CA MET A 5 -4.34 2.04 24.51
C MET A 5 -3.63 2.62 23.29
N LEU A 6 -3.66 3.94 23.11
CA LEU A 6 -3.19 4.68 21.93
C LEU A 6 -3.61 3.98 20.62
N ARG A 7 -4.91 4.06 20.31
CA ARG A 7 -5.51 3.46 19.11
C ARG A 7 -6.50 4.47 18.59
N ASN A 8 -6.12 5.24 17.57
CA ASN A 8 -6.97 6.30 17.02
C ASN A 8 -8.23 5.71 16.39
N LEU A 9 -8.13 4.58 15.69
CA LEU A 9 -9.29 3.91 15.09
C LEU A 9 -9.05 2.40 15.02
N LYS A 10 -7.88 1.94 14.58
CA LYS A 10 -7.48 0.54 14.44
C LYS A 10 -6.13 0.31 15.13
N LYS A 11 -5.45 -0.81 14.84
CA LYS A 11 -4.06 -1.02 15.29
C LYS A 11 -3.14 0.06 14.75
N THR A 12 -2.00 0.21 15.42
CA THR A 12 -0.90 1.08 15.04
C THR A 12 -0.54 0.81 13.58
N LEU A 13 -0.54 1.86 12.78
CA LEU A 13 -0.30 1.78 11.35
C LEU A 13 0.48 3.01 10.93
N VAL A 14 1.40 2.84 9.99
CA VAL A 14 2.12 3.98 9.41
C VAL A 14 1.81 4.04 7.90
N LEU A 15 1.79 5.24 7.32
CA LEU A 15 1.34 5.51 5.96
C LEU A 15 2.47 6.22 5.19
N ASP A 16 2.76 5.78 3.97
CA ASP A 16 3.78 6.34 3.09
C ASP A 16 3.25 7.53 2.29
N SER A 17 4.15 8.36 1.72
CA SER A 17 3.84 9.44 0.79
C SER A 17 2.85 9.00 -0.30
N SER A 18 3.06 7.83 -0.89
CA SER A 18 2.25 7.37 -2.01
C SER A 18 0.78 7.21 -1.63
N VAL A 19 0.49 6.85 -0.36
CA VAL A 19 -0.85 6.64 0.15
C VAL A 19 -1.65 7.95 0.04
N PHE A 20 -1.01 9.06 0.39
CA PHE A 20 -1.62 10.37 0.31
C PHE A 20 -1.78 10.81 -1.14
N ILE A 21 -0.81 10.49 -2.00
CA ILE A 21 -0.91 10.76 -3.43
C ILE A 21 -2.19 10.12 -3.97
N GLN A 22 -2.40 8.82 -3.77
CA GLN A 22 -3.54 8.16 -4.40
C GLN A 22 -4.87 8.65 -3.83
N GLY A 23 -4.88 9.13 -2.58
CA GLY A 23 -6.10 9.59 -1.94
C GLY A 23 -6.76 8.46 -1.17
N ILE A 24 -5.98 7.58 -0.53
CA ILE A 24 -6.51 6.45 0.23
C ILE A 24 -6.87 7.00 1.61
N ASP A 25 -8.17 7.11 1.90
CA ASP A 25 -8.66 7.56 3.21
C ASP A 25 -8.36 6.42 4.20
N ILE A 26 -7.47 6.61 5.16
CA ILE A 26 -7.00 5.57 6.09
C ILE A 26 -6.59 6.28 7.41
N GLU A 27 -6.25 5.52 8.46
CA GLU A 27 -5.87 6.03 9.77
C GLU A 27 -4.45 5.58 10.09
N GLY A 28 -3.68 6.35 10.86
CA GLY A 28 -2.37 5.94 11.33
C GLY A 28 -1.48 7.13 11.58
N TYR A 29 -0.22 7.03 11.18
CA TYR A 29 0.80 8.04 11.36
C TYR A 29 1.56 8.29 10.06
N THR A 30 2.12 9.48 9.90
CA THR A 30 2.94 9.87 8.75
C THR A 30 4.25 10.49 9.24
N THR A 31 5.33 10.23 8.51
CA THR A 31 6.67 10.62 8.86
C THR A 31 6.94 12.07 8.39
N PRO A 32 7.29 12.97 9.32
CA PRO A 32 7.48 14.37 8.98
C PRO A 32 8.67 14.61 8.05
N SER A 33 9.54 13.63 7.88
CA SER A 33 10.65 13.69 6.96
C SER A 33 10.21 13.54 5.50
N VAL A 34 9.33 12.60 5.19
CA VAL A 34 8.90 12.40 3.80
C VAL A 34 7.92 13.50 3.42
N VAL A 35 7.06 13.96 4.34
CA VAL A 35 6.06 14.96 3.95
C VAL A 35 6.67 16.28 3.52
N GLU A 36 7.92 16.56 3.91
CA GLU A 36 8.53 17.78 3.44
C GLU A 36 8.72 17.75 1.92
N GLU A 37 8.82 16.56 1.32
CA GLU A 37 9.07 16.38 -0.09
C GLU A 37 7.81 16.77 -0.90
N ILE A 38 6.64 16.59 -0.28
CA ILE A 38 5.33 16.57 -0.90
C ILE A 38 4.96 17.98 -1.39
N LYS A 39 5.47 18.34 -2.56
CA LYS A 39 5.09 19.54 -3.30
C LYS A 39 3.72 19.41 -3.96
N ASP A 40 3.24 18.18 -4.14
CA ASP A 40 2.01 17.89 -4.88
C ASP A 40 0.79 18.36 -4.11
N ARG A 41 -0.12 19.06 -4.80
CA ARG A 41 -1.32 19.62 -4.22
C ARG A 41 -2.21 18.55 -3.64
N GLU A 42 -2.66 17.61 -4.46
CA GLU A 42 -3.72 16.69 -4.05
C GLU A 42 -3.22 15.86 -2.88
N SER A 43 -2.00 15.32 -2.96
CA SER A 43 -1.35 14.65 -1.85
C SER A 43 -1.28 15.56 -0.62
N LYS A 44 -0.69 16.76 -0.71
CA LYS A 44 -0.47 17.64 0.44
C LYS A 44 -1.78 18.01 1.12
N ILE A 45 -2.74 18.51 0.34
CA ILE A 45 -4.02 18.95 0.84
C ILE A 45 -4.66 17.77 1.56
N PHE A 46 -4.86 16.64 0.87
CA PHE A 46 -5.50 15.45 1.42
C PHE A 46 -4.81 14.95 2.68
N LEU A 47 -3.47 14.86 2.67
CA LEU A 47 -2.68 14.48 3.82
C LEU A 47 -3.04 15.38 4.99
N GLU A 48 -2.99 16.69 4.81
CA GLU A 48 -3.29 17.61 5.89
C GLU A 48 -4.77 17.61 6.27
N SER A 49 -5.68 17.30 5.35
CA SER A 49 -7.10 17.11 5.64
C SER A 49 -7.24 15.93 6.61
N LEU A 50 -6.61 14.80 6.31
CA LEU A 50 -6.60 13.60 7.15
C LEU A 50 -6.07 13.90 8.54
N ILE A 51 -4.98 14.68 8.65
CA ILE A 51 -4.46 15.09 9.95
C ILE A 51 -5.54 15.90 10.68
N SER A 52 -6.03 16.98 10.07
CA SER A 52 -7.01 17.86 10.70
C SER A 52 -8.32 17.14 11.04
N ALA A 53 -8.69 16.10 10.29
CA ALA A 53 -9.85 15.26 10.51
C ALA A 53 -9.63 14.28 11.67
N GLY A 54 -8.39 14.10 12.14
CA GLY A 54 -8.03 13.32 13.31
C GLY A 54 -7.44 11.95 12.98
N LYS A 55 -7.44 11.55 11.71
CA LYS A 55 -7.15 10.18 11.30
C LYS A 55 -5.66 9.92 11.10
N VAL A 56 -4.84 10.92 10.84
CA VAL A 56 -3.40 10.69 10.71
C VAL A 56 -2.69 11.64 11.67
N LYS A 57 -1.52 11.25 12.20
CA LYS A 57 -0.74 12.07 13.10
C LYS A 57 0.74 12.04 12.73
N ILE A 58 1.49 13.06 13.12
CA ILE A 58 2.92 13.18 12.82
C ILE A 58 3.71 12.35 13.81
N ALA A 59 4.64 11.52 13.32
CA ALA A 59 5.61 10.78 14.12
C ALA A 59 6.82 10.40 13.26
N GLU A 60 8.05 10.69 13.70
CA GLU A 60 9.29 10.28 13.03
C GLU A 60 9.90 9.01 13.66
N PRO A 61 10.76 8.26 12.93
CA PRO A 61 11.43 7.06 13.44
C PRO A 61 12.59 7.37 14.40
N SER A 62 12.79 6.53 15.40
CA SER A 62 14.01 6.47 16.21
C SER A 62 15.19 6.06 15.33
N LYS A 63 16.42 6.41 15.72
CA LYS A 63 17.62 5.97 15.00
C LYS A 63 17.77 4.46 15.16
N GLU A 64 17.42 3.89 16.32
CA GLU A 64 17.48 2.44 16.51
C GLU A 64 16.54 1.71 15.53
N SER A 65 15.52 2.39 14.98
CA SER A 65 14.68 1.82 13.93
C SER A 65 15.27 2.01 12.53
N ILE A 66 15.90 3.16 12.23
CA ILE A 66 16.62 3.36 10.97
C ILE A 66 17.71 2.29 10.86
N ASP A 67 18.50 2.12 11.92
CA ASP A 67 19.56 1.12 11.96
C ASP A 67 19.00 -0.28 11.72
N ARG A 68 17.75 -0.55 12.08
CA ARG A 68 17.13 -1.85 11.83
C ARG A 68 17.05 -2.16 10.34
N ILE A 69 16.70 -1.18 9.51
CA ILE A 69 16.68 -1.36 8.07
C ILE A 69 18.13 -1.55 7.62
N ILE A 70 19.07 -0.72 8.09
CA ILE A 70 20.48 -0.82 7.71
C ILE A 70 21.03 -2.20 8.05
N GLN A 71 20.51 -2.92 9.05
CA GLN A 71 20.91 -4.28 9.34
C GLN A 71 20.47 -5.17 8.19
N VAL A 72 19.17 -5.44 8.08
CA VAL A 72 18.70 -6.44 7.12
C VAL A 72 19.09 -6.04 5.69
N ALA A 73 19.05 -4.74 5.38
CA ALA A 73 19.39 -4.21 4.07
C ALA A 73 20.88 -4.41 3.73
N LYS A 74 21.85 -4.23 4.65
CA LYS A 74 23.23 -4.55 4.33
C LYS A 74 23.48 -6.05 4.28
N GLU A 75 22.70 -6.86 5.01
CA GLU A 75 22.83 -8.31 4.98
C GLU A 75 22.50 -8.77 3.56
N THR A 76 21.34 -8.35 3.04
CA THR A 76 20.89 -8.72 1.72
C THR A 76 21.73 -8.03 0.62
N GLY A 77 22.06 -6.75 0.76
CA GLY A 77 22.98 -6.05 -0.12
C GLY A 77 22.71 -4.55 -0.17
N GLU A 78 21.56 -4.15 -0.72
CA GLU A 78 21.17 -2.80 -1.17
C GLU A 78 20.92 -1.79 -0.02
N VAL A 79 21.81 -1.75 0.97
CA VAL A 79 21.69 -1.09 2.26
C VAL A 79 21.03 0.28 2.26
N ASN A 80 21.37 1.15 1.32
CA ASN A 80 20.80 2.50 1.21
C ASN A 80 20.36 2.78 -0.22
N GLU A 81 20.32 1.75 -1.07
CA GLU A 81 19.89 1.88 -2.45
C GLU A 81 18.37 2.08 -2.54
N LEU A 82 17.65 1.87 -1.43
CA LEU A 82 16.24 2.21 -1.27
C LEU A 82 16.07 3.72 -1.11
N SER A 83 14.83 4.23 -1.07
CA SER A 83 14.63 5.62 -0.75
C SER A 83 14.99 5.90 0.71
N LYS A 84 15.35 7.17 0.95
CA LYS A 84 15.38 7.78 2.26
C LYS A 84 14.04 7.64 2.96
N ALA A 85 12.95 8.05 2.28
CA ALA A 85 11.62 8.07 2.89
C ALA A 85 11.21 6.65 3.25
N ASP A 86 11.59 5.69 2.40
CA ASP A 86 11.22 4.29 2.56
C ASP A 86 11.82 3.79 3.86
N ILE A 87 13.13 3.96 4.02
CA ILE A 87 13.85 3.60 5.22
C ILE A 87 13.17 4.22 6.45
N GLU A 88 12.67 5.46 6.36
CA GLU A 88 12.01 6.15 7.47
C GLU A 88 10.63 5.57 7.81
N VAL A 89 9.72 5.47 6.84
CA VAL A 89 8.36 4.96 7.02
C VAL A 89 8.44 3.53 7.58
N LEU A 90 9.25 2.70 6.93
CA LEU A 90 9.46 1.31 7.29
C LEU A 90 9.99 1.21 8.72
N ALA A 91 11.11 1.89 9.01
CA ALA A 91 11.73 1.94 10.32
C ALA A 91 10.70 2.22 11.40
N LEU A 92 9.98 3.33 11.27
CA LEU A 92 9.04 3.77 12.28
C LEU A 92 8.05 2.66 12.60
N ALA A 93 7.43 2.03 11.59
CA ALA A 93 6.50 0.95 11.85
C ALA A 93 7.15 -0.26 12.51
N TYR A 94 8.42 -0.54 12.24
CA TYR A 94 9.15 -1.61 12.93
C TYR A 94 9.47 -1.20 14.37
N GLU A 95 9.66 0.09 14.64
CA GLU A 95 9.78 0.65 15.99
C GLU A 95 8.50 0.36 16.79
N LEU A 96 7.37 0.31 16.10
CA LEU A 96 6.02 0.17 16.65
C LEU A 96 5.51 -1.26 16.59
N LYS A 97 6.17 -2.17 15.85
CA LYS A 97 5.66 -3.50 15.51
C LYS A 97 4.22 -3.45 14.95
N GLY A 98 3.84 -2.34 14.32
CA GLY A 98 2.49 -2.09 13.85
C GLY A 98 2.33 -2.54 12.40
N GLU A 99 1.55 -1.81 11.62
CA GLU A 99 1.26 -2.06 10.20
C GLU A 99 1.83 -0.90 9.37
N ILE A 100 1.91 -1.09 8.05
CA ILE A 100 2.35 -0.09 7.08
C ILE A 100 1.32 -0.07 5.94
N PHE A 101 1.29 1.00 5.16
CA PHE A 101 0.64 1.08 3.87
C PHE A 101 1.66 1.74 2.96
N SER A 102 2.17 1.01 1.95
CA SER A 102 3.11 1.47 0.94
C SER A 102 3.14 0.46 -0.21
N ASP A 103 3.65 0.84 -1.39
CA ASP A 103 3.42 0.12 -2.65
C ASP A 103 4.56 0.31 -3.66
N ASP A 104 5.78 0.57 -3.17
CA ASP A 104 6.99 0.69 -4.00
C ASP A 104 7.66 -0.68 -4.17
N TYR A 105 8.50 -0.87 -5.19
CA TYR A 105 9.06 -2.21 -5.48
C TYR A 105 9.93 -2.67 -4.31
N ASN A 106 10.84 -1.80 -3.85
CA ASN A 106 11.70 -2.03 -2.72
C ASN A 106 10.90 -2.02 -1.44
N VAL A 107 10.02 -1.03 -1.22
CA VAL A 107 9.37 -0.86 0.06
C VAL A 107 8.55 -2.12 0.40
N GLN A 108 7.98 -2.74 -0.64
CA GLN A 108 7.21 -3.95 -0.51
C GLN A 108 8.12 -5.12 -0.14
N ASN A 109 9.31 -5.16 -0.73
CA ASN A 109 10.28 -6.21 -0.49
C ASN A 109 10.82 -6.09 0.93
N ILE A 110 11.34 -4.92 1.32
CA ILE A 110 11.89 -4.68 2.65
C ILE A 110 10.84 -5.12 3.68
N ALA A 111 9.60 -4.64 3.65
CA ALA A 111 8.59 -5.11 4.61
C ALA A 111 8.44 -6.64 4.63
N SER A 112 8.43 -7.29 3.46
CA SER A 112 8.40 -8.74 3.35
C SER A 112 9.54 -9.42 4.15
N LEU A 113 10.83 -9.14 3.85
CA LEU A 113 11.96 -9.74 4.56
C LEU A 113 12.06 -9.29 6.00
N LEU A 114 11.47 -8.14 6.36
CA LEU A 114 11.41 -7.65 7.74
C LEU A 114 10.27 -8.29 8.52
N GLY A 115 9.55 -9.24 7.92
CA GLY A 115 8.46 -9.93 8.58
C GLY A 115 7.37 -8.97 9.04
N LEU A 116 7.16 -7.83 8.36
CA LEU A 116 6.12 -6.88 8.74
C LEU A 116 4.97 -6.89 7.74
N ARG A 117 3.74 -7.08 8.25
CA ARG A 117 2.50 -7.03 7.49
C ARG A 117 2.18 -5.59 7.16
N PHE A 118 1.98 -5.30 5.90
CA PHE A 118 1.62 -3.98 5.38
C PHE A 118 0.44 -4.13 4.43
N ARG A 119 0.08 -3.07 3.71
CA ARG A 119 -0.87 -3.14 2.60
C ARG A 119 -0.25 -2.43 1.40
N THR A 120 -0.61 -2.89 0.22
CA THR A 120 -0.26 -2.24 -1.04
C THR A 120 -1.52 -1.61 -1.64
N LEU A 121 -1.39 -1.05 -2.85
CA LEU A 121 -2.39 -0.28 -3.56
C LEU A 121 -3.44 -1.20 -4.22
N LYS A 122 -3.98 -0.79 -5.36
CA LYS A 122 -4.89 -1.53 -6.24
C LYS A 122 -5.96 -2.30 -5.46
N ARG A 123 -6.99 -1.58 -5.04
CA ARG A 123 -8.15 -2.15 -4.34
C ARG A 123 -8.74 -3.29 -5.19
N GLY A 124 -9.46 -4.21 -4.57
CA GLY A 124 -10.20 -5.29 -5.24
C GLY A 124 -11.48 -4.79 -5.89
N ILE A 125 -11.41 -3.61 -6.52
CA ILE A 125 -12.45 -2.85 -7.20
C ILE A 125 -13.64 -2.51 -6.30
N LYS A 126 -14.34 -1.42 -6.62
CA LYS A 126 -15.70 -1.15 -6.14
C LYS A 126 -16.49 -0.49 -7.25
N LYS A 127 -16.04 0.69 -7.72
CA LYS A 127 -16.75 1.52 -8.71
C LYS A 127 -16.06 1.59 -10.08
N VAL A 128 -14.89 1.00 -10.20
CA VAL A 128 -14.07 0.96 -11.41
C VAL A 128 -14.27 -0.44 -12.05
N ILE A 129 -13.54 -0.74 -13.12
CA ILE A 129 -13.47 -2.00 -13.88
C ILE A 129 -14.80 -2.80 -13.85
N LYS A 130 -15.76 -2.35 -14.65
CA LYS A 130 -17.08 -2.96 -14.84
C LYS A 130 -16.90 -4.23 -15.69
N TRP A 131 -16.52 -5.31 -15.04
CA TRP A 131 -16.22 -6.63 -15.59
C TRP A 131 -17.41 -7.17 -16.41
N ARG A 132 -17.11 -7.83 -17.54
CA ARG A 132 -18.12 -8.36 -18.46
C ARG A 132 -17.70 -9.72 -19.04
N TYR A 133 -16.86 -10.53 -18.38
CA TYR A 133 -16.59 -11.88 -18.86
C TYR A 133 -16.37 -12.86 -17.70
N VAL A 134 -16.90 -14.07 -17.79
CA VAL A 134 -16.85 -15.11 -16.76
C VAL A 134 -16.30 -16.39 -17.41
N CYS A 135 -15.32 -17.03 -16.80
CA CYS A 135 -14.98 -18.42 -17.10
C CYS A 135 -16.09 -19.32 -16.56
N ILE A 136 -16.76 -20.09 -17.41
CA ILE A 136 -17.55 -21.21 -16.91
C ILE A 136 -16.58 -22.29 -16.40
N GLY A 137 -16.76 -22.74 -15.17
CA GLY A 137 -16.09 -23.91 -14.62
C GLY A 137 -15.36 -23.48 -13.37
N CYS A 138 -14.24 -22.78 -13.54
CA CYS A 138 -13.48 -22.31 -12.39
C CYS A 138 -14.09 -21.03 -11.79
N GLY A 139 -15.07 -20.44 -12.47
CA GLY A 139 -15.78 -19.26 -12.06
C GLY A 139 -14.87 -18.05 -11.91
N ARG A 140 -13.86 -17.91 -12.78
CA ARG A 140 -13.00 -16.73 -12.76
C ARG A 140 -13.74 -15.58 -13.39
N LYS A 141 -13.62 -14.42 -12.77
CA LYS A 141 -14.05 -13.15 -13.31
C LYS A 141 -12.97 -12.62 -14.24
N PHE A 142 -13.37 -11.96 -15.32
CA PHE A 142 -12.52 -11.26 -16.27
C PHE A 142 -13.21 -9.97 -16.66
N SER A 143 -12.44 -8.95 -17.03
CA SER A 143 -12.97 -7.76 -17.66
C SER A 143 -12.50 -7.67 -19.13
N THR A 144 -11.59 -8.54 -19.57
CA THR A 144 -11.12 -8.60 -20.94
C THR A 144 -11.05 -10.05 -21.39
N LEU A 145 -11.12 -10.25 -22.71
CA LEU A 145 -11.01 -11.56 -23.30
C LEU A 145 -9.53 -11.97 -23.23
N PRO A 146 -9.16 -13.08 -22.56
CA PRO A 146 -7.78 -13.57 -22.56
C PRO A 146 -7.37 -14.02 -23.97
N PRO A 147 -6.09 -14.30 -24.23
CA PRO A 147 -5.63 -14.75 -25.54
C PRO A 147 -6.31 -16.05 -25.96
N GLY A 148 -7.16 -15.99 -26.99
CA GLY A 148 -7.97 -17.10 -27.51
C GLY A 148 -9.34 -17.21 -26.84
N GLY A 149 -9.61 -16.38 -25.84
CA GLY A 149 -10.85 -16.35 -25.09
C GLY A 149 -11.11 -17.68 -24.42
N VAL A 150 -10.12 -18.28 -23.76
CA VAL A 150 -10.26 -19.45 -22.91
C VAL A 150 -9.57 -19.13 -21.59
N CYS A 151 -9.99 -19.76 -20.50
CA CYS A 151 -9.46 -19.48 -19.18
C CYS A 151 -8.03 -19.99 -19.09
N PRO A 152 -7.05 -19.08 -18.95
CA PRO A 152 -5.64 -19.44 -18.89
C PRO A 152 -5.26 -20.07 -17.54
N ASP A 153 -6.24 -20.35 -16.68
CA ASP A 153 -6.06 -20.85 -15.31
C ASP A 153 -6.66 -22.23 -15.10
N CYS A 154 -7.63 -22.58 -15.93
CA CYS A 154 -8.41 -23.80 -15.80
C CYS A 154 -8.63 -24.52 -17.13
N GLY A 155 -8.58 -23.79 -18.26
CA GLY A 155 -8.87 -24.33 -19.58
C GLY A 155 -10.37 -24.55 -19.73
N SER A 156 -11.10 -23.47 -20.00
CA SER A 156 -12.53 -23.51 -20.26
C SER A 156 -12.91 -22.29 -21.09
N LYS A 157 -14.15 -22.24 -21.60
CA LYS A 157 -14.59 -21.11 -22.39
C LYS A 157 -15.03 -19.97 -21.47
N VAL A 158 -14.54 -18.78 -21.76
CA VAL A 158 -15.01 -17.55 -21.13
C VAL A 158 -16.26 -17.12 -21.92
N LYS A 159 -17.29 -16.58 -21.26
CA LYS A 159 -18.48 -16.02 -21.88
C LYS A 159 -18.87 -14.73 -21.17
N LEU A 160 -19.82 -13.98 -21.73
CA LEU A 160 -20.33 -12.74 -21.18
C LEU A 160 -21.10 -12.99 -19.87
N ILE A 161 -21.14 -11.98 -18.98
CA ILE A 161 -21.78 -12.04 -17.66
C ILE A 161 -23.28 -11.98 -17.79
N PRO A 162 -24.00 -12.56 -16.83
CA PRO A 162 -25.40 -12.28 -16.69
C PRO A 162 -25.60 -10.85 -16.18
N ARG A 163 -25.67 -9.88 -17.11
CA ARG A 163 -26.00 -8.46 -16.93
C ARG A 163 -25.40 -7.84 -15.66
N LYS A 164 -24.10 -7.50 -15.69
CA LYS A 164 -23.40 -6.90 -14.55
C LYS A 164 -24.10 -5.62 -14.09
N ARG A 165 -24.34 -4.72 -15.04
CA ARG A 165 -25.19 -3.55 -14.89
C ARG A 165 -26.37 -3.79 -15.79
ZN ZN B . -11.49 -20.91 -15.54
N MET A 5 -8.68 19.93 24.00
CA MET A 5 -9.41 20.59 22.90
C MET A 5 -8.98 20.04 21.54
N LEU A 6 -7.70 20.18 21.16
CA LEU A 6 -7.23 20.10 19.78
C LEU A 6 -6.21 18.97 19.63
N ARG A 7 -6.64 17.73 19.85
CA ARG A 7 -5.95 16.55 19.35
C ARG A 7 -7.00 15.52 18.98
N ASN A 8 -6.64 14.58 18.11
CA ASN A 8 -7.50 13.54 17.59
C ASN A 8 -6.65 12.27 17.57
N LEU A 9 -6.98 11.29 18.42
CA LEU A 9 -6.35 9.98 18.43
C LEU A 9 -7.30 8.92 18.96
N LYS A 10 -6.95 7.65 18.79
CA LYS A 10 -7.52 6.52 19.52
C LYS A 10 -6.37 5.70 20.11
N LYS A 11 -5.42 5.30 19.28
CA LYS A 11 -4.14 4.76 19.71
C LYS A 11 -3.02 5.33 18.87
N THR A 12 -1.77 5.15 19.30
CA THR A 12 -0.59 5.51 18.54
C THR A 12 -0.67 4.78 17.21
N LEU A 13 -0.63 5.57 16.14
CA LEU A 13 -0.86 5.14 14.79
C LEU A 13 0.04 5.95 13.91
N VAL A 14 0.54 5.34 12.84
CA VAL A 14 1.43 5.96 11.89
C VAL A 14 0.83 5.87 10.49
N LEU A 15 1.32 6.69 9.56
CA LEU A 15 0.72 6.95 8.25
C LEU A 15 1.84 6.97 7.22
N ASP A 16 1.54 6.51 6.00
CA ASP A 16 2.46 6.48 4.87
C ASP A 16 2.16 7.58 3.85
N SER A 17 3.12 7.88 2.95
CA SER A 17 3.01 8.92 1.94
C SER A 17 1.71 8.77 1.13
N SER A 18 1.36 7.54 0.79
CA SER A 18 0.23 7.21 -0.07
C SER A 18 -1.09 7.55 0.60
N VAL A 19 -1.16 7.55 1.93
CA VAL A 19 -2.36 7.90 2.68
C VAL A 19 -2.73 9.34 2.34
N PHE A 20 -1.73 10.22 2.32
CA PHE A 20 -1.89 11.62 1.96
C PHE A 20 -2.20 11.76 0.47
N ILE A 21 -1.63 10.92 -0.39
CA ILE A 21 -1.92 10.92 -1.81
C ILE A 21 -3.42 10.64 -2.04
N GLN A 22 -3.98 9.60 -1.40
CA GLN A 22 -5.37 9.25 -1.63
C GLN A 22 -6.29 10.29 -0.97
N GLY A 23 -5.81 10.93 0.10
CA GLY A 23 -6.57 11.88 0.87
C GLY A 23 -7.46 11.16 1.89
N ILE A 24 -6.94 10.10 2.50
CA ILE A 24 -7.64 9.36 3.52
C ILE A 24 -7.53 10.20 4.79
N ASP A 25 -8.66 10.74 5.25
CA ASP A 25 -8.75 11.59 6.42
C ASP A 25 -8.58 10.74 7.68
N ILE A 26 -7.36 10.62 8.19
CA ILE A 26 -7.00 9.85 9.36
C ILE A 26 -5.90 10.60 10.13
N GLU A 27 -5.89 10.45 11.46
CA GLU A 27 -5.09 11.26 12.38
C GLU A 27 -4.01 10.37 13.00
N GLY A 28 -2.73 10.73 12.91
CA GLY A 28 -1.60 9.88 13.31
C GLY A 28 -0.24 10.51 13.01
N TYR A 29 0.84 9.80 13.32
CA TYR A 29 2.18 10.30 13.06
C TYR A 29 2.54 10.11 11.58
N THR A 30 3.43 10.96 11.07
CA THR A 30 4.03 10.90 9.74
C THR A 30 5.53 11.21 9.87
N THR A 31 6.32 10.82 8.86
CA THR A 31 7.77 10.83 8.88
C THR A 31 8.28 12.13 8.22
N PRO A 32 9.10 12.94 8.91
CA PRO A 32 9.80 14.06 8.26
C PRO A 32 10.66 13.58 7.10
N SER A 33 11.04 12.30 7.11
CA SER A 33 11.92 11.66 6.17
C SER A 33 11.26 11.28 4.83
N VAL A 34 9.91 11.24 4.72
CA VAL A 34 9.19 11.05 3.46
C VAL A 34 8.52 12.35 3.00
N VAL A 35 8.05 13.21 3.90
CA VAL A 35 7.37 14.44 3.50
C VAL A 35 8.31 15.38 2.72
N GLU A 36 9.62 15.17 2.76
CA GLU A 36 10.56 15.85 1.86
C GLU A 36 10.36 15.48 0.39
N GLU A 37 9.70 14.37 0.06
CA GLU A 37 9.37 13.95 -1.31
C GLU A 37 7.91 14.28 -1.66
N ILE A 38 7.01 14.34 -0.66
CA ILE A 38 5.62 14.73 -0.88
C ILE A 38 5.61 16.17 -1.39
N LYS A 39 5.40 16.35 -2.69
CA LYS A 39 5.35 17.66 -3.33
C LYS A 39 4.06 17.86 -4.12
N ASP A 40 3.28 16.81 -4.37
CA ASP A 40 1.98 16.95 -5.01
C ASP A 40 1.12 17.83 -4.12
N ARG A 41 0.60 18.93 -4.66
CA ARG A 41 -0.20 19.89 -3.92
C ARG A 41 -1.43 19.24 -3.32
N GLU A 42 -2.06 18.30 -4.02
CA GLU A 42 -3.27 17.63 -3.56
C GLU A 42 -3.00 17.04 -2.18
N SER A 43 -2.00 16.18 -2.14
CA SER A 43 -1.53 15.46 -0.98
C SER A 43 -0.94 16.40 0.06
N LYS A 44 -0.17 17.41 -0.37
CA LYS A 44 0.53 18.31 0.52
C LYS A 44 -0.46 19.21 1.24
N ILE A 45 -1.35 19.89 0.53
CA ILE A 45 -2.37 20.76 1.13
C ILE A 45 -3.04 20.00 2.26
N PHE A 46 -3.50 18.79 1.97
CA PHE A 46 -4.13 17.91 2.94
C PHE A 46 -3.20 17.66 4.14
N LEU A 47 -2.03 17.03 3.93
CA LEU A 47 -1.04 16.75 4.95
C LEU A 47 -0.69 17.96 5.82
N GLU A 48 -0.39 19.11 5.23
CA GLU A 48 0.05 20.31 5.95
C GLU A 48 -1.07 20.86 6.83
N SER A 49 -2.30 20.89 6.31
CA SER A 49 -3.48 21.30 7.08
C SER A 49 -3.70 20.32 8.24
N LEU A 50 -3.58 19.02 8.01
CA LEU A 50 -3.74 18.01 9.04
C LEU A 50 -2.68 18.17 10.12
N ILE A 51 -1.43 18.42 9.76
CA ILE A 51 -0.35 18.73 10.70
C ILE A 51 -0.72 20.00 11.47
N SER A 52 -1.17 21.05 10.79
CA SER A 52 -1.49 22.34 11.39
C SER A 52 -2.63 22.19 12.40
N ALA A 53 -3.69 21.46 12.06
CA ALA A 53 -4.82 21.15 12.92
C ALA A 53 -4.46 20.10 13.98
N GLY A 54 -3.26 19.53 13.93
CA GLY A 54 -2.77 18.58 14.92
C GLY A 54 -3.48 17.24 14.81
N LYS A 55 -4.10 16.96 13.66
CA LYS A 55 -4.54 15.64 13.26
C LYS A 55 -3.29 14.77 13.08
N VAL A 56 -2.23 15.36 12.54
CA VAL A 56 -1.03 14.63 12.15
C VAL A 56 0.17 15.24 12.87
N LYS A 57 1.19 14.42 13.14
CA LYS A 57 2.34 14.79 13.95
C LYS A 57 3.63 14.29 13.31
N ILE A 58 4.71 15.04 13.47
CA ILE A 58 6.01 14.74 12.89
C ILE A 58 6.76 13.85 13.88
N ALA A 59 7.20 12.69 13.43
CA ALA A 59 8.10 11.79 14.16
C ALA A 59 8.92 11.01 13.14
N GLU A 60 10.23 10.87 13.35
CA GLU A 60 11.09 9.96 12.58
C GLU A 60 11.45 8.73 13.43
N PRO A 61 11.78 7.59 12.80
CA PRO A 61 12.20 6.37 13.48
C PRO A 61 13.50 6.54 14.25
N SER A 62 13.79 5.58 15.12
CA SER A 62 15.11 5.42 15.69
C SER A 62 15.98 4.64 14.69
N LYS A 63 17.29 4.77 14.82
CA LYS A 63 18.24 3.94 14.08
C LYS A 63 18.01 2.46 14.36
N GLU A 64 17.70 2.11 15.61
CA GLU A 64 17.43 0.74 15.98
C GLU A 64 16.18 0.21 15.29
N SER A 65 15.23 1.10 15.00
CA SER A 65 13.99 0.80 14.29
C SER A 65 14.34 0.36 12.87
N ILE A 66 15.14 1.16 12.15
CA ILE A 66 15.57 0.84 10.79
C ILE A 66 16.27 -0.52 10.76
N ASP A 67 17.22 -0.74 11.67
CA ASP A 67 17.95 -2.01 11.74
C ASP A 67 16.99 -3.17 12.00
N ARG A 68 15.97 -2.97 12.84
CA ARG A 68 14.94 -3.98 13.10
C ARG A 68 14.26 -4.45 11.81
N ILE A 69 14.03 -3.55 10.85
CA ILE A 69 13.45 -3.93 9.57
C ILE A 69 14.49 -4.79 8.86
N ILE A 70 15.72 -4.31 8.69
CA ILE A 70 16.81 -5.03 8.00
C ILE A 70 16.95 -6.47 8.53
N GLN A 71 16.74 -6.70 9.84
CA GLN A 71 16.80 -8.02 10.45
C GLN A 71 15.79 -8.94 9.76
N VAL A 72 14.50 -8.69 9.98
CA VAL A 72 13.44 -9.56 9.47
C VAL A 72 13.38 -9.50 7.94
N ALA A 73 13.71 -8.34 7.35
CA ALA A 73 13.67 -8.08 5.93
C ALA A 73 14.66 -8.96 5.17
N LYS A 74 15.93 -9.05 5.61
CA LYS A 74 16.89 -9.96 4.99
C LYS A 74 16.49 -11.42 5.26
N GLU A 75 15.91 -11.69 6.43
CA GLU A 75 15.34 -13.00 6.75
C GLU A 75 14.06 -13.28 5.95
N THR A 76 13.63 -12.42 5.01
CA THR A 76 12.61 -12.69 4.01
C THR A 76 13.09 -12.40 2.57
N GLY A 77 14.31 -11.88 2.37
CA GLY A 77 14.98 -11.72 1.10
C GLY A 77 15.31 -10.25 0.83
N GLU A 78 14.34 -9.53 0.26
CA GLU A 78 14.36 -8.15 -0.21
C GLU A 78 14.57 -7.14 0.92
N VAL A 79 15.78 -7.12 1.47
CA VAL A 79 16.18 -6.34 2.63
C VAL A 79 16.09 -4.83 2.41
N ASN A 80 16.64 -4.35 1.30
CA ASN A 80 16.73 -2.92 1.00
C ASN A 80 16.05 -2.63 -0.33
N GLU A 81 15.37 -3.62 -0.91
CA GLU A 81 14.63 -3.54 -2.15
C GLU A 81 13.33 -2.72 -2.00
N LEU A 82 12.97 -2.32 -0.77
CA LEU A 82 11.90 -1.36 -0.51
C LEU A 82 12.48 0.07 -0.53
N SER A 83 11.62 1.07 -0.67
CA SER A 83 11.96 2.48 -0.48
C SER A 83 12.43 2.69 0.97
N LYS A 84 13.36 3.61 1.17
CA LYS A 84 13.75 4.04 2.51
C LYS A 84 12.56 4.63 3.22
N ALA A 85 11.79 5.47 2.53
CA ALA A 85 10.66 6.15 3.12
C ALA A 85 9.70 5.11 3.73
N ASP A 86 9.53 3.98 3.05
CA ASP A 86 8.69 2.86 3.48
C ASP A 86 9.21 2.25 4.77
N ILE A 87 10.48 1.83 4.73
CA ILE A 87 11.22 1.25 5.85
C ILE A 87 11.10 2.17 7.06
N GLU A 88 11.17 3.50 6.87
CA GLU A 88 11.13 4.49 7.91
C GLU A 88 9.75 4.60 8.60
N VAL A 89 8.65 4.66 7.83
CA VAL A 89 7.29 4.70 8.36
C VAL A 89 7.08 3.44 9.22
N LEU A 90 7.37 2.27 8.62
CA LEU A 90 7.23 0.97 9.23
C LEU A 90 8.01 0.94 10.54
N ALA A 91 9.30 1.27 10.46
CA ALA A 91 10.23 1.31 11.59
C ALA A 91 9.70 2.15 12.75
N LEU A 92 9.28 3.39 12.48
CA LEU A 92 8.74 4.27 13.52
C LEU A 92 7.66 3.51 14.29
N ALA A 93 6.68 2.93 13.58
CA ALA A 93 5.55 2.29 14.24
C ALA A 93 5.96 1.09 15.11
N TYR A 94 7.16 0.54 14.94
CA TYR A 94 7.66 -0.58 15.72
C TYR A 94 8.31 -0.09 17.00
N GLU A 95 9.02 1.03 16.95
CA GLU A 95 9.67 1.66 18.11
C GLU A 95 8.66 1.84 19.25
N LEU A 96 7.46 2.29 18.91
CA LEU A 96 6.41 2.70 19.82
C LEU A 96 5.25 1.69 19.84
N LYS A 97 5.40 0.55 19.14
CA LYS A 97 4.45 -0.56 19.07
C LYS A 97 3.02 -0.06 18.91
N GLY A 98 2.81 0.80 17.91
CA GLY A 98 1.54 1.44 17.62
C GLY A 98 0.79 0.69 16.53
N GLU A 99 0.52 1.36 15.43
CA GLU A 99 -0.22 0.87 14.29
C GLU A 99 0.26 1.65 13.07
N ILE A 100 -0.10 1.23 11.87
CA ILE A 100 0.33 1.84 10.61
C ILE A 100 -0.93 1.99 9.73
N PHE A 101 -0.89 2.86 8.74
CA PHE A 101 -1.85 2.98 7.66
C PHE A 101 -1.04 3.07 6.38
N SER A 102 -1.16 2.06 5.52
CA SER A 102 -0.19 1.74 4.49
C SER A 102 -0.79 0.70 3.54
N ASP A 103 -0.50 0.71 2.23
CA ASP A 103 -1.15 -0.23 1.29
C ASP A 103 -0.25 -0.76 0.17
N ASP A 104 0.98 -0.27 0.01
CA ASP A 104 1.96 -0.73 -0.98
C ASP A 104 2.18 -2.24 -0.94
N TYR A 105 2.50 -2.87 -2.07
CA TYR A 105 2.71 -4.31 -2.11
C TYR A 105 3.81 -4.77 -1.15
N ASN A 106 4.88 -3.96 -1.03
CA ASN A 106 5.97 -4.16 -0.08
C ASN A 106 5.47 -3.91 1.33
N VAL A 107 4.89 -2.74 1.60
CA VAL A 107 4.61 -2.28 2.95
C VAL A 107 3.72 -3.27 3.69
N GLN A 108 2.71 -3.82 2.98
CA GLN A 108 1.77 -4.74 3.56
C GLN A 108 2.49 -6.02 4.01
N ASN A 109 3.44 -6.48 3.19
CA ASN A 109 4.21 -7.68 3.47
C ASN A 109 5.07 -7.41 4.70
N ILE A 110 5.92 -6.37 4.67
CA ILE A 110 6.84 -6.05 5.78
C ILE A 110 6.07 -5.96 7.10
N ALA A 111 4.99 -5.19 7.20
CA ALA A 111 4.24 -5.16 8.44
C ALA A 111 3.64 -6.53 8.82
N SER A 112 3.27 -7.37 7.84
CA SER A 112 2.80 -8.72 8.09
C SER A 112 3.89 -9.58 8.74
N LEU A 113 5.06 -9.76 8.14
CA LEU A 113 6.11 -10.60 8.73
C LEU A 113 6.55 -10.09 10.10
N LEU A 114 6.49 -8.78 10.30
CA LEU A 114 6.83 -8.15 11.57
C LEU A 114 5.72 -8.38 12.61
N GLY A 115 4.47 -8.50 12.18
CA GLY A 115 3.31 -8.72 13.04
C GLY A 115 2.59 -7.45 13.46
N LEU A 116 2.99 -6.29 12.94
CA LEU A 116 2.45 -5.02 13.38
C LEU A 116 1.12 -4.77 12.70
N ARG A 117 0.05 -4.67 13.47
CA ARG A 117 -1.28 -4.44 12.92
C ARG A 117 -1.30 -3.08 12.20
N PHE A 118 -1.98 -2.99 11.06
CA PHE A 118 -2.12 -1.79 10.28
C PHE A 118 -3.50 -1.75 9.63
N ARG A 119 -3.80 -0.71 8.84
CA ARG A 119 -5.03 -0.57 8.05
C ARG A 119 -4.69 -0.57 6.57
N THR A 120 -5.56 -1.15 5.73
CA THR A 120 -5.39 -1.20 4.28
C THR A 120 -6.44 -0.31 3.58
N LEU A 121 -6.30 -0.10 2.27
CA LEU A 121 -7.33 0.47 1.40
C LEU A 121 -8.25 -0.64 0.88
N LYS A 122 -9.19 -0.30 -0.02
CA LYS A 122 -10.25 -1.17 -0.54
C LYS A 122 -9.73 -2.16 -1.60
N ARG A 123 -8.83 -3.07 -1.22
CA ARG A 123 -8.47 -4.24 -2.01
C ARG A 123 -9.61 -5.27 -1.95
N GLY A 124 -9.31 -6.56 -2.04
CA GLY A 124 -10.30 -7.62 -1.85
C GLY A 124 -11.16 -7.92 -3.07
N ILE A 125 -11.01 -7.14 -4.15
CA ILE A 125 -11.72 -7.24 -5.42
C ILE A 125 -13.23 -7.09 -5.21
N LYS A 126 -13.72 -5.88 -5.47
CA LYS A 126 -15.14 -5.57 -5.36
C LYS A 126 -15.75 -5.12 -6.69
N LYS A 127 -14.96 -4.80 -7.71
CA LYS A 127 -15.47 -4.23 -8.95
C LYS A 127 -14.65 -4.72 -10.14
N VAL A 128 -13.35 -4.45 -10.13
CA VAL A 128 -12.44 -4.82 -11.20
C VAL A 128 -12.39 -6.35 -11.37
N ILE A 129 -12.17 -6.80 -12.61
CA ILE A 129 -12.00 -8.19 -13.01
C ILE A 129 -10.69 -8.22 -13.82
N LYS A 130 -10.20 -9.40 -14.20
CA LYS A 130 -8.92 -9.63 -14.88
C LYS A 130 -9.20 -10.78 -15.85
N TRP A 131 -9.17 -10.45 -17.14
CA TRP A 131 -9.68 -11.23 -18.28
C TRP A 131 -9.12 -12.66 -18.32
N ARG A 132 -9.80 -13.54 -19.07
CA ARG A 132 -9.62 -14.99 -18.94
C ARG A 132 -10.11 -15.82 -20.11
N TYR A 133 -10.31 -15.24 -21.29
CA TYR A 133 -10.71 -15.99 -22.48
C TYR A 133 -10.04 -15.47 -23.74
N VAL A 134 -9.96 -16.32 -24.76
CA VAL A 134 -9.40 -15.99 -26.06
C VAL A 134 -10.21 -16.69 -27.15
N CYS A 135 -10.49 -16.00 -28.24
CA CYS A 135 -10.95 -16.56 -29.50
C CYS A 135 -9.76 -17.29 -30.15
N ILE A 136 -9.94 -18.56 -30.48
CA ILE A 136 -8.98 -19.25 -31.33
C ILE A 136 -9.17 -18.76 -32.77
N GLY A 137 -8.14 -18.16 -33.34
CA GLY A 137 -8.11 -17.77 -34.74
C GLY A 137 -7.77 -16.30 -34.82
N CYS A 138 -8.75 -15.43 -34.58
CA CYS A 138 -8.51 -13.99 -34.59
C CYS A 138 -7.75 -13.52 -33.34
N GLY A 139 -7.49 -14.45 -32.41
CA GLY A 139 -6.69 -14.27 -31.22
C GLY A 139 -7.22 -13.21 -30.26
N ARG A 140 -8.50 -12.88 -30.39
CA ARG A 140 -9.09 -11.76 -29.71
C ARG A 140 -9.34 -12.14 -28.28
N LYS A 141 -9.03 -11.21 -27.40
CA LYS A 141 -9.20 -11.31 -25.98
C LYS A 141 -10.67 -11.18 -25.63
N PHE A 142 -11.06 -11.88 -24.56
CA PHE A 142 -12.38 -11.81 -23.99
C PHE A 142 -12.24 -11.83 -22.47
N SER A 143 -12.99 -10.95 -21.82
CA SER A 143 -13.06 -10.84 -20.37
C SER A 143 -14.12 -11.78 -19.81
N THR A 144 -15.12 -12.12 -20.60
CA THR A 144 -16.28 -12.93 -20.24
C THR A 144 -16.68 -13.73 -21.48
N LEU A 145 -17.63 -14.63 -21.33
CA LEU A 145 -17.87 -15.68 -22.31
C LEU A 145 -19.06 -15.25 -23.17
N PRO A 146 -18.88 -14.99 -24.48
CA PRO A 146 -20.01 -14.71 -25.37
C PRO A 146 -20.92 -15.95 -25.49
N PRO A 147 -22.13 -15.84 -26.08
CA PRO A 147 -23.01 -16.99 -26.29
C PRO A 147 -22.30 -18.06 -27.13
N GLY A 148 -22.52 -19.34 -26.81
CA GLY A 148 -21.80 -20.48 -27.38
C GLY A 148 -20.30 -20.51 -27.03
N GLY A 149 -19.78 -19.46 -26.39
CA GLY A 149 -18.38 -19.12 -26.43
C GLY A 149 -17.91 -19.09 -27.87
N VAL A 150 -18.43 -18.19 -28.70
CA VAL A 150 -17.93 -17.97 -30.07
C VAL A 150 -17.72 -16.46 -30.23
N CYS A 151 -16.76 -16.06 -31.04
CA CYS A 151 -16.27 -14.70 -31.12
C CYS A 151 -17.34 -13.86 -31.80
N PRO A 152 -18.01 -12.90 -31.14
CA PRO A 152 -18.89 -11.97 -31.83
C PRO A 152 -18.20 -11.19 -32.96
N ASP A 153 -16.86 -11.19 -32.96
CA ASP A 153 -16.01 -10.35 -33.78
C ASP A 153 -15.54 -11.09 -35.03
N CYS A 154 -15.39 -12.43 -34.95
CA CYS A 154 -14.88 -13.23 -36.07
C CYS A 154 -15.59 -14.58 -36.24
N GLY A 155 -16.50 -14.88 -35.32
CA GLY A 155 -17.31 -16.10 -35.29
C GLY A 155 -16.65 -17.32 -34.62
N SER A 156 -15.34 -17.30 -34.37
CA SER A 156 -14.60 -18.51 -33.97
C SER A 156 -14.75 -18.87 -32.50
N LYS A 157 -14.42 -20.11 -32.14
CA LYS A 157 -14.65 -20.62 -30.79
C LYS A 157 -13.75 -19.94 -29.76
N VAL A 158 -14.33 -19.56 -28.62
CA VAL A 158 -13.62 -18.92 -27.50
C VAL A 158 -13.31 -19.97 -26.44
N LYS A 159 -12.12 -19.89 -25.83
CA LYS A 159 -11.59 -20.86 -24.88
C LYS A 159 -10.84 -20.14 -23.75
N LEU A 160 -10.57 -20.85 -22.65
CA LEU A 160 -9.96 -20.33 -21.43
C LEU A 160 -8.43 -20.28 -21.55
N ILE A 161 -7.79 -19.23 -21.01
CA ILE A 161 -6.34 -18.98 -21.12
C ILE A 161 -5.63 -19.09 -19.77
N PRO A 162 -4.29 -19.22 -19.74
CA PRO A 162 -3.47 -19.28 -18.54
C PRO A 162 -3.36 -17.90 -17.84
N ARG A 163 -4.48 -17.43 -17.26
CA ARG A 163 -4.60 -16.17 -16.52
C ARG A 163 -4.13 -14.93 -17.30
N LYS A 164 -4.23 -13.77 -16.66
CA LYS A 164 -3.69 -12.52 -17.17
C LYS A 164 -2.17 -12.54 -17.02
N ARG A 165 -1.67 -12.74 -15.80
CA ARG A 165 -0.23 -12.70 -15.55
C ARG A 165 0.43 -13.84 -16.30
ZN ZN B . -12.25 -14.14 -33.07
N MET A 5 -20.72 7.91 6.09
CA MET A 5 -19.59 7.00 6.35
C MET A 5 -19.67 6.48 7.77
N LEU A 6 -19.70 5.16 7.93
CA LEU A 6 -19.84 4.50 9.22
C LEU A 6 -18.48 4.27 9.87
N ARG A 7 -17.62 5.29 9.91
CA ARG A 7 -16.24 5.31 10.44
C ARG A 7 -15.25 4.43 9.65
N ASN A 8 -15.69 3.24 9.20
CA ASN A 8 -15.11 2.35 8.20
C ASN A 8 -13.60 2.24 8.34
N LEU A 9 -13.08 1.58 9.37
CA LEU A 9 -11.67 1.65 9.79
C LEU A 9 -11.07 0.29 10.19
N LYS A 10 -9.75 0.21 10.32
CA LYS A 10 -9.00 -0.98 10.74
C LYS A 10 -7.81 -0.59 11.62
N LYS A 11 -7.02 -1.59 12.05
CA LYS A 11 -5.84 -1.44 12.90
C LYS A 11 -4.77 -0.51 12.32
N THR A 12 -3.76 -0.15 13.11
CA THR A 12 -2.61 0.58 12.61
C THR A 12 -1.97 -0.23 11.49
N LEU A 13 -1.74 0.47 10.37
CA LEU A 13 -1.32 -0.08 9.11
C LEU A 13 -0.61 1.04 8.39
N VAL A 14 0.44 0.70 7.66
CA VAL A 14 1.24 1.67 6.93
C VAL A 14 1.23 1.27 5.44
N LEU A 15 1.57 2.21 4.56
CA LEU A 15 1.35 2.14 3.13
C LEU A 15 2.61 2.68 2.44
N ASP A 16 2.91 2.20 1.24
CA ASP A 16 4.12 2.55 0.50
C ASP A 16 3.78 3.28 -0.82
N SER A 17 4.76 3.88 -1.49
CA SER A 17 4.61 4.62 -2.74
C SER A 17 3.80 3.82 -3.75
N SER A 18 4.16 2.55 -3.94
CA SER A 18 3.51 1.63 -4.84
C SER A 18 2.01 1.60 -4.62
N VAL A 19 1.51 1.69 -3.39
CA VAL A 19 0.09 1.61 -3.10
C VAL A 19 -0.65 2.78 -3.76
N PHE A 20 -0.06 3.97 -3.73
CA PHE A 20 -0.63 5.16 -4.32
C PHE A 20 -0.48 5.13 -5.84
N ILE A 21 0.62 4.60 -6.35
CA ILE A 21 0.82 4.34 -7.78
C ILE A 21 -0.31 3.44 -8.31
N GLN A 22 -0.56 2.33 -7.62
CA GLN A 22 -1.55 1.35 -8.03
C GLN A 22 -2.97 1.90 -7.90
N GLY A 23 -3.17 2.95 -7.12
CA GLY A 23 -4.46 3.58 -6.96
C GLY A 23 -5.36 2.79 -6.02
N ILE A 24 -4.78 2.15 -5.01
CA ILE A 24 -5.46 1.24 -4.11
C ILE A 24 -6.06 2.11 -3.02
N ASP A 25 -7.38 2.29 -3.08
CA ASP A 25 -8.12 2.96 -2.01
C ASP A 25 -7.96 2.09 -0.75
N ILE A 26 -7.29 2.59 0.28
CA ILE A 26 -7.11 1.94 1.58
C ILE A 26 -6.82 3.06 2.59
N GLU A 27 -6.67 2.73 3.87
CA GLU A 27 -6.57 3.65 5.00
C GLU A 27 -5.42 3.18 5.88
N GLY A 28 -4.62 4.11 6.39
CA GLY A 28 -3.40 3.80 7.12
C GLY A 28 -2.57 5.07 7.31
N TYR A 29 -1.26 4.92 7.27
CA TYR A 29 -0.32 6.03 7.37
C TYR A 29 0.61 6.00 6.17
N THR A 30 1.08 7.16 5.75
CA THR A 30 2.01 7.38 4.65
C THR A 30 3.15 8.28 5.13
N THR A 31 4.33 8.08 4.57
CA THR A 31 5.52 8.80 4.95
C THR A 31 5.56 10.14 4.23
N PRO A 32 5.71 11.27 4.96
CA PRO A 32 6.00 12.53 4.31
C PRO A 32 7.30 12.42 3.50
N SER A 33 8.23 11.59 3.97
CA SER A 33 9.51 11.29 3.35
C SER A 33 9.41 10.72 1.93
N VAL A 34 8.32 10.05 1.56
CA VAL A 34 8.15 9.53 0.20
C VAL A 34 7.29 10.49 -0.60
N VAL A 35 6.25 11.12 -0.03
CA VAL A 35 5.35 11.94 -0.83
C VAL A 35 6.07 13.13 -1.43
N GLU A 36 7.14 13.60 -0.79
CA GLU A 36 7.92 14.68 -1.33
C GLU A 36 8.66 14.27 -2.62
N GLU A 37 8.77 12.97 -2.89
CA GLU A 37 9.38 12.41 -4.09
C GLU A 37 8.30 12.32 -5.17
N ILE A 38 7.15 11.70 -4.85
CA ILE A 38 6.06 11.32 -5.76
C ILE A 38 5.65 12.51 -6.66
N LYS A 39 6.14 12.53 -7.91
CA LYS A 39 5.88 13.61 -8.87
C LYS A 39 4.76 13.30 -9.85
N ASP A 40 4.44 12.02 -10.05
CA ASP A 40 3.39 11.61 -10.98
C ASP A 40 2.08 12.16 -10.49
N ARG A 41 1.29 12.74 -11.39
CA ARG A 41 0.00 13.30 -11.03
C ARG A 41 -0.89 12.25 -10.40
N GLU A 42 -0.95 11.04 -10.96
CA GLU A 42 -1.99 10.08 -10.59
C GLU A 42 -1.81 9.72 -9.13
N SER A 43 -0.64 9.20 -8.82
CA SER A 43 -0.17 8.80 -7.52
C SER A 43 -0.25 9.97 -6.54
N LYS A 44 0.20 11.18 -6.93
CA LYS A 44 0.17 12.36 -6.06
C LYS A 44 -1.26 12.73 -5.69
N ILE A 45 -2.12 13.00 -6.68
CA ILE A 45 -3.50 13.41 -6.48
C ILE A 45 -4.18 12.37 -5.60
N PHE A 46 -4.10 11.10 -5.99
CA PHE A 46 -4.76 10.02 -5.30
C PHE A 46 -4.28 9.87 -3.84
N LEU A 47 -2.98 9.95 -3.59
CA LEU A 47 -2.41 9.90 -2.25
C LEU A 47 -3.01 11.02 -1.40
N GLU A 48 -2.94 12.26 -1.89
CA GLU A 48 -3.45 13.42 -1.16
C GLU A 48 -4.97 13.34 -0.98
N SER A 49 -5.68 12.71 -1.92
CA SER A 49 -7.11 12.47 -1.86
C SER A 49 -7.43 11.73 -0.57
N LEU A 50 -6.71 10.63 -0.33
CA LEU A 50 -6.91 9.78 0.82
C LEU A 50 -6.55 10.50 2.11
N ILE A 51 -5.49 11.32 2.12
CA ILE A 51 -5.14 12.10 3.31
C ILE A 51 -6.31 13.01 3.65
N SER A 52 -6.73 13.87 2.72
CA SER A 52 -7.76 14.86 3.03
C SER A 52 -9.12 14.24 3.31
N ALA A 53 -9.42 13.07 2.73
CA ALA A 53 -10.60 12.29 3.06
C ALA A 53 -10.52 11.68 4.46
N GLY A 54 -9.34 11.66 5.10
CA GLY A 54 -9.09 11.07 6.41
C GLY A 54 -8.82 9.58 6.35
N LYS A 55 -8.71 9.00 5.14
CA LYS A 55 -8.36 7.60 4.98
C LYS A 55 -6.94 7.40 5.47
N VAL A 56 -6.02 8.30 5.13
CA VAL A 56 -4.60 8.11 5.40
C VAL A 56 -4.13 9.32 6.22
N LYS A 57 -3.00 9.20 6.93
CA LYS A 57 -2.38 10.31 7.62
C LYS A 57 -0.87 10.30 7.47
N ILE A 58 -0.25 11.46 7.64
CA ILE A 58 1.19 11.65 7.60
C ILE A 58 1.82 11.08 8.87
N ALA A 59 2.89 10.30 8.71
CA ALA A 59 3.79 9.88 9.78
C ALA A 59 5.17 9.54 9.20
N GLU A 60 6.24 10.10 9.75
CA GLU A 60 7.63 9.70 9.43
C GLU A 60 8.17 8.70 10.48
N PRO A 61 9.17 7.87 10.12
CA PRO A 61 9.87 7.02 11.08
C PRO A 61 10.71 7.84 12.06
N SER A 62 11.17 7.19 13.13
CA SER A 62 12.14 7.72 14.07
C SER A 62 13.54 7.24 13.68
N LYS A 63 14.59 7.86 14.23
CA LYS A 63 15.99 7.47 14.05
C LYS A 63 16.16 5.99 14.39
N GLU A 64 15.66 5.59 15.55
CA GLU A 64 15.69 4.22 16.06
C GLU A 64 15.05 3.25 15.05
N SER A 65 13.94 3.66 14.45
CA SER A 65 13.22 2.88 13.46
C SER A 65 14.08 2.63 12.22
N ILE A 66 14.78 3.65 11.70
CA ILE A 66 15.68 3.49 10.55
C ILE A 66 16.85 2.60 10.93
N ASP A 67 17.45 2.84 12.10
CA ASP A 67 18.59 2.08 12.62
C ASP A 67 18.29 0.60 12.64
N ARG A 68 17.07 0.21 13.06
CA ARG A 68 16.59 -1.17 13.06
C ARG A 68 16.81 -1.81 11.70
N ILE A 69 16.45 -1.12 10.62
CA ILE A 69 16.56 -1.66 9.27
C ILE A 69 18.03 -1.90 8.97
N ILE A 70 18.91 -0.96 9.32
CA ILE A 70 20.35 -1.13 9.08
C ILE A 70 20.88 -2.39 9.79
N GLN A 71 20.37 -2.70 11.00
CA GLN A 71 20.87 -3.82 11.79
C GLN A 71 20.65 -5.13 11.03
N VAL A 72 19.41 -5.38 10.63
CA VAL A 72 19.05 -6.64 9.99
C VAL A 72 19.46 -6.63 8.51
N ALA A 73 19.38 -5.48 7.84
CA ALA A 73 19.72 -5.40 6.43
C ALA A 73 21.21 -5.71 6.24
N LYS A 74 22.12 -5.18 7.08
CA LYS A 74 23.52 -5.59 6.98
C LYS A 74 23.68 -7.06 7.41
N GLU A 75 22.93 -7.53 8.40
CA GLU A 75 22.96 -8.94 8.83
C GLU A 75 22.57 -9.91 7.71
N THR A 76 21.79 -9.47 6.73
CA THR A 76 21.31 -10.32 5.63
C THR A 76 22.07 -10.03 4.34
N GLY A 77 22.22 -8.78 3.93
CA GLY A 77 22.67 -8.35 2.63
C GLY A 77 21.92 -7.09 2.22
N GLU A 78 22.65 -6.16 1.63
CA GLU A 78 22.22 -5.01 0.85
C GLU A 78 21.75 -3.86 1.75
N VAL A 79 22.46 -3.63 2.87
CA VAL A 79 22.11 -2.74 3.96
C VAL A 79 21.44 -1.43 3.57
N ASN A 80 22.02 -0.73 2.59
CA ASN A 80 21.56 0.57 2.16
C ASN A 80 21.24 0.57 0.67
N GLU A 81 21.20 -0.59 0.03
CA GLU A 81 20.97 -0.67 -1.41
C GLU A 81 19.49 -0.44 -1.77
N LEU A 82 18.62 -0.78 -0.83
CA LEU A 82 17.17 -0.59 -0.92
C LEU A 82 16.90 0.91 -1.05
N SER A 83 15.81 1.27 -1.72
CA SER A 83 15.53 2.69 -1.92
C SER A 83 15.16 3.35 -0.58
N LYS A 84 15.33 4.68 -0.56
CA LYS A 84 15.20 5.49 0.63
C LYS A 84 13.81 5.34 1.23
N ALA A 85 12.77 5.63 0.45
CA ALA A 85 11.40 5.62 0.92
C ALA A 85 11.02 4.25 1.47
N ASP A 86 11.55 3.18 0.87
CA ASP A 86 11.26 1.80 1.22
C ASP A 86 11.69 1.54 2.65
N ILE A 87 12.95 1.87 2.96
CA ILE A 87 13.48 1.81 4.32
C ILE A 87 12.59 2.63 5.26
N GLU A 88 12.21 3.85 4.86
CA GLU A 88 11.46 4.78 5.71
C GLU A 88 10.05 4.28 6.04
N VAL A 89 9.31 3.83 5.03
CA VAL A 89 7.97 3.28 5.14
C VAL A 89 8.02 2.11 6.12
N LEU A 90 8.88 1.14 5.82
CA LEU A 90 8.97 -0.09 6.59
C LEU A 90 9.37 0.23 8.03
N ALA A 91 10.44 1.01 8.24
CA ALA A 91 10.87 1.50 9.55
C ALA A 91 9.70 2.04 10.38
N LEU A 92 8.89 2.96 9.82
CA LEU A 92 7.72 3.49 10.50
C LEU A 92 6.83 2.37 11.03
N ALA A 93 6.45 1.42 10.17
CA ALA A 93 5.58 0.33 10.61
C ALA A 93 6.21 -0.53 11.70
N TYR A 94 7.54 -0.61 11.78
CA TYR A 94 8.20 -1.38 12.83
C TYR A 94 8.21 -0.63 14.16
N GLU A 95 8.15 0.71 14.15
CA GLU A 95 7.81 1.47 15.35
C GLU A 95 6.37 1.14 15.74
N LEU A 96 5.46 1.20 14.76
CA LEU A 96 4.02 1.12 15.01
C LEU A 96 3.54 -0.31 15.26
N LYS A 97 4.37 -1.32 14.94
CA LYS A 97 4.14 -2.77 15.04
C LYS A 97 2.82 -3.23 14.41
N GLY A 98 2.35 -2.51 13.38
CA GLY A 98 1.01 -2.66 12.84
C GLY A 98 0.93 -3.67 11.71
N GLU A 99 0.76 -3.15 10.50
CA GLU A 99 0.82 -3.89 9.26
C GLU A 99 1.39 -2.95 8.19
N ILE A 100 1.71 -3.47 7.00
CA ILE A 100 2.23 -2.70 5.87
C ILE A 100 1.44 -3.07 4.61
N PHE A 101 1.50 -2.22 3.59
CA PHE A 101 1.03 -2.49 2.25
C PHE A 101 2.08 -1.98 1.25
N SER A 102 2.56 -2.85 0.35
CA SER A 102 3.46 -2.51 -0.75
C SER A 102 3.47 -3.64 -1.81
N ASP A 103 4.45 -3.66 -2.74
CA ASP A 103 4.72 -4.80 -3.66
C ASP A 103 6.19 -5.07 -4.01
N ASP A 104 7.14 -4.19 -3.68
CA ASP A 104 8.49 -4.18 -4.25
C ASP A 104 9.39 -5.36 -3.85
N TYR A 105 10.38 -5.71 -4.66
CA TYR A 105 11.21 -6.89 -4.40
C TYR A 105 11.99 -6.79 -3.08
N ASN A 106 12.46 -5.60 -2.74
CA ASN A 106 13.12 -5.41 -1.44
C ASN A 106 12.10 -5.28 -0.34
N VAL A 107 10.99 -4.56 -0.56
CA VAL A 107 10.07 -4.23 0.51
C VAL A 107 9.49 -5.51 1.11
N GLN A 108 9.24 -6.51 0.26
CA GLN A 108 8.67 -7.77 0.68
C GLN A 108 9.69 -8.56 1.52
N ASN A 109 10.93 -8.64 1.00
CA ASN A 109 12.04 -9.34 1.61
C ASN A 109 12.30 -8.75 2.98
N ILE A 110 12.60 -7.45 3.08
CA ILE A 110 12.95 -6.78 4.33
C ILE A 110 11.88 -7.06 5.38
N ALA A 111 10.59 -6.81 5.09
CA ALA A 111 9.57 -7.15 6.08
C ALA A 111 9.56 -8.62 6.50
N SER A 112 9.89 -9.54 5.61
CA SER A 112 9.95 -10.97 5.93
C SER A 112 11.11 -11.28 6.89
N LEU A 113 12.36 -10.82 6.68
CA LEU A 113 13.45 -11.06 7.63
C LEU A 113 13.22 -10.36 8.97
N LEU A 114 12.44 -9.28 8.97
CA LEU A 114 12.02 -8.56 10.17
C LEU A 114 10.82 -9.25 10.84
N GLY A 115 10.11 -10.11 10.11
CA GLY A 115 8.95 -10.82 10.59
C GLY A 115 7.71 -9.95 10.74
N LEU A 116 7.64 -8.78 10.11
CA LEU A 116 6.44 -7.94 10.16
C LEU A 116 5.51 -8.34 9.03
N ARG A 117 4.23 -8.52 9.36
CA ARG A 117 3.18 -8.99 8.47
C ARG A 117 2.64 -7.85 7.61
N PHE A 118 2.26 -8.14 6.35
CA PHE A 118 1.87 -7.10 5.41
C PHE A 118 0.86 -7.57 4.35
N ARG A 119 0.48 -6.66 3.46
CA ARG A 119 -0.48 -6.83 2.37
C ARG A 119 0.27 -6.70 1.06
N THR A 120 -0.09 -7.52 0.08
CA THR A 120 0.59 -7.61 -1.20
C THR A 120 -0.41 -7.37 -2.33
N LEU A 121 0.08 -7.13 -3.55
CA LEU A 121 -0.73 -7.10 -4.77
C LEU A 121 -0.95 -8.55 -5.24
N LYS A 122 -1.26 -8.80 -6.52
CA LYS A 122 -1.68 -10.11 -7.00
C LYS A 122 -2.96 -10.53 -6.25
N ARG A 123 -3.28 -11.83 -6.17
CA ARG A 123 -4.43 -12.37 -5.44
C ARG A 123 -4.34 -12.03 -3.93
N GLY A 124 -5.26 -12.53 -3.10
CA GLY A 124 -5.24 -12.32 -1.65
C GLY A 124 -5.89 -11.00 -1.32
N ILE A 125 -7.22 -11.03 -1.14
CA ILE A 125 -8.04 -9.84 -0.87
C ILE A 125 -7.72 -9.32 0.54
N LYS A 126 -7.77 -7.99 0.74
CA LYS A 126 -7.59 -7.37 2.06
C LYS A 126 -8.75 -7.60 3.03
N LYS A 127 -10.00 -7.67 2.57
CA LYS A 127 -11.16 -7.91 3.44
C LYS A 127 -12.05 -9.05 2.92
N VAL A 128 -11.54 -9.80 1.93
CA VAL A 128 -12.10 -11.03 1.37
C VAL A 128 -13.58 -10.85 1.02
N ILE A 129 -13.84 -10.27 -0.15
CA ILE A 129 -15.20 -10.01 -0.63
C ILE A 129 -15.27 -10.36 -2.12
N LYS A 130 -16.37 -10.98 -2.56
CA LYS A 130 -16.69 -11.14 -3.98
C LYS A 130 -16.81 -9.75 -4.60
N TRP A 131 -16.32 -9.60 -5.83
CA TRP A 131 -16.15 -8.35 -6.56
C TRP A 131 -17.02 -8.37 -7.82
N ARG A 132 -17.28 -7.20 -8.43
CA ARG A 132 -18.14 -7.09 -9.61
C ARG A 132 -17.73 -6.01 -10.60
N TYR A 133 -16.51 -5.47 -10.60
CA TYR A 133 -16.18 -4.39 -11.52
C TYR A 133 -14.82 -4.58 -12.20
N VAL A 134 -14.75 -4.36 -13.51
CA VAL A 134 -13.57 -4.60 -14.34
C VAL A 134 -13.27 -3.35 -15.21
N CYS A 135 -12.06 -2.80 -15.13
CA CYS A 135 -11.57 -1.69 -15.95
C CYS A 135 -11.45 -2.15 -17.40
N ILE A 136 -12.15 -1.48 -18.32
CA ILE A 136 -12.17 -1.79 -19.75
C ILE A 136 -10.96 -1.16 -20.47
N GLY A 137 -9.76 -1.36 -19.92
CA GLY A 137 -8.55 -0.82 -20.53
C GLY A 137 -7.28 -1.44 -19.97
N CYS A 138 -7.29 -1.84 -18.69
CA CYS A 138 -6.18 -2.52 -18.06
C CYS A 138 -6.62 -3.77 -17.27
N GLY A 139 -7.86 -4.23 -17.50
CA GLY A 139 -8.44 -5.44 -16.94
C GLY A 139 -8.62 -5.46 -15.42
N ARG A 140 -8.39 -4.30 -14.81
CA ARG A 140 -8.21 -4.12 -13.38
C ARG A 140 -9.50 -4.34 -12.61
N LYS A 141 -9.41 -5.12 -11.54
CA LYS A 141 -10.54 -5.52 -10.72
C LYS A 141 -10.85 -4.44 -9.70
N PHE A 142 -12.13 -4.21 -9.40
CA PHE A 142 -12.61 -3.40 -8.30
C PHE A 142 -13.81 -4.11 -7.67
N SER A 143 -14.07 -3.81 -6.40
CA SER A 143 -15.21 -4.36 -5.68
C SER A 143 -16.28 -3.28 -5.42
N THR A 144 -15.97 -2.00 -5.57
CA THR A 144 -16.95 -0.91 -5.54
C THR A 144 -16.62 0.06 -6.67
N LEU A 145 -17.55 0.95 -6.97
CA LEU A 145 -17.39 1.95 -8.02
C LEU A 145 -16.45 3.04 -7.48
N PRO A 146 -15.22 3.19 -8.00
CA PRO A 146 -14.31 4.25 -7.56
C PRO A 146 -14.91 5.62 -7.91
N PRO A 147 -14.36 6.72 -7.39
CA PRO A 147 -14.78 8.07 -7.77
C PRO A 147 -14.63 8.29 -9.28
N GLY A 148 -15.64 8.90 -9.90
CA GLY A 148 -15.76 9.06 -11.34
C GLY A 148 -16.15 7.75 -12.06
N GLY A 149 -16.03 6.60 -11.39
CA GLY A 149 -16.20 5.29 -11.98
C GLY A 149 -15.13 5.01 -13.04
N VAL A 150 -13.87 5.36 -12.76
CA VAL A 150 -12.76 5.22 -13.69
C VAL A 150 -11.57 4.57 -12.97
N CYS A 151 -10.57 4.12 -13.72
CA CYS A 151 -9.37 3.48 -13.24
C CYS A 151 -8.38 4.49 -12.66
N PRO A 152 -8.14 4.53 -11.34
CA PRO A 152 -7.04 5.33 -10.79
C PRO A 152 -5.66 4.88 -11.29
N ASP A 153 -5.51 3.70 -11.88
CA ASP A 153 -4.25 3.15 -12.38
C ASP A 153 -3.94 3.57 -13.80
N CYS A 154 -4.98 3.65 -14.62
CA CYS A 154 -4.88 3.71 -16.07
C CYS A 154 -5.81 4.76 -16.72
N GLY A 155 -6.70 5.36 -15.93
CA GLY A 155 -7.66 6.38 -16.29
C GLY A 155 -8.82 5.93 -17.18
N SER A 156 -8.85 4.67 -17.63
CA SER A 156 -9.94 4.13 -18.44
C SER A 156 -11.24 3.99 -17.65
N LYS A 157 -12.36 3.85 -18.35
CA LYS A 157 -13.65 3.56 -17.74
C LYS A 157 -13.69 2.13 -17.16
N VAL A 158 -14.63 1.88 -16.25
CA VAL A 158 -14.93 0.56 -15.67
C VAL A 158 -16.30 0.07 -16.18
N LYS A 159 -16.60 -1.23 -16.09
CA LYS A 159 -17.93 -1.80 -16.28
C LYS A 159 -18.16 -2.88 -15.22
N LEU A 160 -19.40 -3.31 -15.06
CA LEU A 160 -19.78 -4.46 -14.24
C LEU A 160 -19.41 -5.77 -14.94
N ILE A 161 -19.19 -6.83 -14.16
CA ILE A 161 -19.05 -8.22 -14.59
C ILE A 161 -20.15 -9.10 -13.95
N PRO A 162 -20.39 -10.31 -14.51
CA PRO A 162 -21.37 -11.27 -13.97
C PRO A 162 -20.84 -11.99 -12.71
N ARG A 163 -21.48 -13.10 -12.31
CA ARG A 163 -21.16 -13.87 -11.10
C ARG A 163 -19.66 -14.21 -11.04
N LYS A 164 -19.11 -14.23 -9.83
CA LYS A 164 -17.72 -14.60 -9.56
C LYS A 164 -17.54 -16.10 -9.79
N ARG A 165 -18.43 -16.91 -9.19
CA ARG A 165 -18.26 -18.35 -9.04
C ARG A 165 -17.93 -18.98 -10.38
ZN ZN B . -7.47 0.41 -15.81
N MET A 5 -9.59 15.96 27.75
CA MET A 5 -10.07 15.34 26.51
C MET A 5 -8.85 14.72 25.84
N LEU A 6 -8.49 15.11 24.61
CA LEU A 6 -7.63 14.33 23.71
C LEU A 6 -8.28 12.99 23.39
N ARG A 7 -7.71 12.25 22.44
CA ARG A 7 -8.16 10.93 22.03
C ARG A 7 -7.04 9.94 22.31
N ASN A 8 -7.35 8.65 22.20
CA ASN A 8 -6.36 7.60 22.19
C ASN A 8 -6.52 6.78 20.92
N LEU A 9 -5.49 6.01 20.57
CA LEU A 9 -5.32 5.43 19.27
C LEU A 9 -5.74 3.95 19.29
N LYS A 10 -5.75 3.32 18.12
CA LYS A 10 -5.97 1.89 17.91
C LYS A 10 -4.64 1.17 17.70
N LYS A 11 -4.72 -0.12 17.35
CA LYS A 11 -3.56 -0.99 17.09
C LYS A 11 -2.64 -0.39 16.01
N THR A 12 -1.40 -0.86 15.96
CA THR A 12 -0.34 -0.34 15.09
C THR A 12 -0.82 -0.29 13.65
N LEU A 13 -0.62 0.87 13.04
CA LEU A 13 -1.23 1.19 11.77
C LEU A 13 -0.35 2.21 11.06
N VAL A 14 -0.14 1.97 9.77
CA VAL A 14 0.63 2.83 8.91
C VAL A 14 -0.33 3.46 7.90
N LEU A 15 -0.01 4.71 7.54
CA LEU A 15 -0.69 5.51 6.52
C LEU A 15 0.29 5.72 5.38
N ASP A 16 -0.20 5.79 4.15
CA ASP A 16 0.63 6.07 2.96
C ASP A 16 0.39 7.52 2.47
N SER A 17 1.26 8.00 1.59
CA SER A 17 1.16 9.30 0.90
C SER A 17 -0.28 9.57 0.43
N SER A 18 -0.94 8.60 -0.21
CA SER A 18 -2.27 8.83 -0.76
C SER A 18 -3.28 9.20 0.32
N VAL A 19 -3.11 8.73 1.57
CA VAL A 19 -4.03 8.98 2.68
C VAL A 19 -4.09 10.48 2.97
N PHE A 20 -2.94 11.15 2.90
CA PHE A 20 -2.82 12.58 3.14
C PHE A 20 -3.37 13.37 1.95
N ILE A 21 -3.18 12.87 0.73
CA ILE A 21 -3.72 13.49 -0.47
C ILE A 21 -5.26 13.51 -0.42
N GLN A 22 -5.90 12.49 0.15
CA GLN A 22 -7.35 12.48 0.30
C GLN A 22 -7.77 13.28 1.53
N GLY A 23 -6.92 13.31 2.56
CA GLY A 23 -7.17 14.02 3.80
C GLY A 23 -7.95 13.16 4.79
N ILE A 24 -7.76 11.84 4.77
CA ILE A 24 -8.51 10.90 5.59
C ILE A 24 -8.01 11.06 7.04
N ASP A 25 -8.86 11.55 7.95
CA ASP A 25 -8.53 11.68 9.37
C ASP A 25 -8.29 10.30 9.97
N ILE A 26 -7.04 9.94 10.23
CA ILE A 26 -6.65 8.68 10.86
C ILE A 26 -5.35 8.93 11.65
N GLU A 27 -5.05 8.06 12.62
CA GLU A 27 -4.05 8.30 13.66
C GLU A 27 -3.12 7.08 13.73
N GLY A 28 -1.83 7.26 13.41
CA GLY A 28 -0.88 6.19 13.10
C GLY A 28 0.49 6.73 12.68
N TYR A 29 1.28 5.93 11.96
CA TYR A 29 2.61 6.33 11.53
C TYR A 29 2.63 6.79 10.06
N THR A 30 3.54 7.71 9.73
CA THR A 30 3.80 8.24 8.39
C THR A 30 5.32 8.26 8.14
N THR A 31 5.69 8.10 6.87
CA THR A 31 7.03 7.91 6.37
C THR A 31 7.68 9.29 6.11
N PRO A 32 8.77 9.63 6.82
CA PRO A 32 9.51 10.84 6.50
C PRO A 32 10.02 10.79 5.05
N SER A 33 10.33 9.61 4.54
CA SER A 33 10.87 9.44 3.20
C SER A 33 9.89 9.76 2.06
N VAL A 34 8.59 9.92 2.33
CA VAL A 34 7.65 10.41 1.34
C VAL A 34 7.24 11.85 1.65
N VAL A 35 7.19 12.31 2.92
CA VAL A 35 6.87 13.72 3.17
C VAL A 35 7.85 14.65 2.49
N GLU A 36 9.10 14.20 2.31
CA GLU A 36 10.09 15.03 1.63
C GLU A 36 9.65 15.38 0.19
N GLU A 37 8.76 14.60 -0.44
CA GLU A 37 8.14 14.99 -1.68
C GLU A 37 6.95 15.89 -1.39
N ILE A 38 6.02 15.44 -0.53
CA ILE A 38 4.66 15.96 -0.38
C ILE A 38 4.62 17.48 -0.44
N LYS A 39 3.98 18.00 -1.49
CA LYS A 39 3.96 19.41 -1.87
C LYS A 39 2.59 19.89 -2.30
N ASP A 40 1.64 18.97 -2.54
CA ASP A 40 0.22 19.28 -2.61
C ASP A 40 -0.13 20.03 -1.32
N ARG A 41 -0.70 21.22 -1.48
CA ARG A 41 -0.93 22.14 -0.37
C ARG A 41 -1.78 21.47 0.69
N GLU A 42 -2.89 20.85 0.29
CA GLU A 42 -3.82 20.21 1.19
C GLU A 42 -3.10 19.08 1.90
N SER A 43 -2.50 18.15 1.15
CA SER A 43 -1.81 17.01 1.72
C SER A 43 -0.73 17.45 2.71
N LYS A 44 0.04 18.50 2.40
CA LYS A 44 1.04 19.05 3.29
C LYS A 44 0.39 19.58 4.56
N ILE A 45 -0.56 20.51 4.42
CA ILE A 45 -1.22 21.16 5.54
C ILE A 45 -1.80 20.07 6.43
N PHE A 46 -2.62 19.19 5.88
CA PHE A 46 -3.31 18.12 6.57
C PHE A 46 -2.32 17.23 7.35
N LEU A 47 -1.28 16.71 6.70
CA LEU A 47 -0.24 15.88 7.29
C LEU A 47 0.41 16.61 8.49
N GLU A 48 0.80 17.87 8.30
CA GLU A 48 1.38 18.69 9.38
C GLU A 48 0.38 18.87 10.52
N SER A 49 -0.89 19.18 10.22
CA SER A 49 -1.94 19.33 11.22
C SER A 49 -2.04 18.06 12.04
N LEU A 50 -2.11 16.90 11.39
CA LEU A 50 -2.28 15.60 12.02
C LEU A 50 -1.10 15.23 12.91
N ILE A 51 0.13 15.49 12.45
CA ILE A 51 1.32 15.35 13.28
C ILE A 51 1.15 16.25 14.50
N SER A 52 0.93 17.54 14.26
CA SER A 52 0.92 18.55 15.32
C SER A 52 -0.21 18.29 16.34
N ALA A 53 -1.34 17.74 15.90
CA ALA A 53 -2.50 17.39 16.71
C ALA A 53 -2.28 16.10 17.51
N GLY A 54 -1.20 15.35 17.25
CA GLY A 54 -0.80 14.19 18.02
C GLY A 54 -1.16 12.87 17.34
N LYS A 55 -1.98 12.91 16.30
CA LYS A 55 -2.57 11.71 15.72
C LYS A 55 -1.58 10.97 14.84
N VAL A 56 -0.68 11.67 14.15
CA VAL A 56 0.22 11.05 13.18
C VAL A 56 1.66 11.21 13.70
N LYS A 57 2.54 10.25 13.40
CA LYS A 57 3.85 10.13 14.04
C LYS A 57 4.88 9.70 12.99
N ILE A 58 6.09 10.27 13.05
CA ILE A 58 7.11 10.09 12.02
C ILE A 58 7.89 8.81 12.31
N ALA A 59 7.83 7.86 11.39
CA ALA A 59 8.62 6.62 11.44
C ALA A 59 8.94 6.12 10.03
N GLU A 60 10.19 5.73 9.80
CA GLU A 60 10.66 5.06 8.59
C GLU A 60 11.04 3.60 8.88
N PRO A 61 11.11 2.74 7.84
CA PRO A 61 11.56 1.33 7.92
C PRO A 61 13.04 1.18 8.27
N SER A 62 13.47 -0.07 8.44
CA SER A 62 14.86 -0.45 8.62
C SER A 62 15.37 -1.15 7.35
N LYS A 63 16.69 -1.29 7.23
CA LYS A 63 17.36 -2.00 6.14
C LYS A 63 16.70 -3.35 5.87
N GLU A 64 16.48 -4.14 6.92
CA GLU A 64 15.96 -5.48 6.79
C GLU A 64 14.50 -5.47 6.32
N SER A 65 13.77 -4.40 6.64
CA SER A 65 12.38 -4.22 6.27
C SER A 65 12.28 -3.98 4.76
N ILE A 66 13.21 -3.21 4.20
CA ILE A 66 13.26 -2.93 2.77
C ILE A 66 13.58 -4.21 2.01
N ASP A 67 14.60 -4.97 2.45
CA ASP A 67 14.98 -6.22 1.78
C ASP A 67 13.82 -7.21 1.77
N ARG A 68 13.01 -7.21 2.84
CA ARG A 68 11.78 -8.02 2.93
C ARG A 68 10.88 -7.80 1.72
N ILE A 69 10.71 -6.55 1.27
CA ILE A 69 9.88 -6.25 0.11
C ILE A 69 10.56 -6.85 -1.10
N ILE A 70 11.84 -6.52 -1.30
CA ILE A 70 12.64 -6.92 -2.46
C ILE A 70 12.55 -8.44 -2.68
N GLN A 71 12.57 -9.26 -1.63
CA GLN A 71 12.44 -10.71 -1.74
C GLN A 71 11.13 -11.11 -2.42
N VAL A 72 10.01 -10.71 -1.81
CA VAL A 72 8.71 -11.17 -2.26
C VAL A 72 8.36 -10.47 -3.58
N ALA A 73 8.69 -9.19 -3.73
CA ALA A 73 8.50 -8.42 -4.95
C ALA A 73 9.24 -9.07 -6.12
N LYS A 74 10.54 -9.40 -5.98
CA LYS A 74 11.26 -10.05 -7.06
C LYS A 74 10.69 -11.43 -7.39
N GLU A 75 10.10 -12.14 -6.42
CA GLU A 75 9.45 -13.42 -6.67
C GLU A 75 8.19 -13.28 -7.55
N THR A 76 7.74 -12.05 -7.86
CA THR A 76 6.65 -11.77 -8.80
C THR A 76 7.09 -10.82 -9.92
N GLY A 77 8.41 -10.65 -10.13
CA GLY A 77 8.99 -9.93 -11.24
C GLY A 77 9.42 -8.55 -10.81
N GLU A 78 8.43 -7.66 -10.76
CA GLU A 78 8.48 -6.27 -10.39
C GLU A 78 9.01 -6.09 -8.97
N VAL A 79 10.34 -5.98 -8.88
CA VAL A 79 11.10 -5.88 -7.66
C VAL A 79 11.30 -4.43 -7.26
N ASN A 80 11.63 -3.58 -8.23
CA ASN A 80 11.97 -2.19 -8.01
C ASN A 80 11.12 -1.32 -8.94
N GLU A 81 10.16 -1.92 -9.63
CA GLU A 81 9.21 -1.29 -10.53
C GLU A 81 8.32 -0.28 -9.79
N LEU A 82 8.21 -0.43 -8.47
CA LEU A 82 7.35 0.35 -7.59
C LEU A 82 8.14 1.50 -6.97
N SER A 83 7.46 2.48 -6.38
CA SER A 83 8.11 3.70 -5.89
C SER A 83 8.99 3.42 -4.66
N LYS A 84 9.96 4.31 -4.43
CA LYS A 84 10.79 4.33 -3.23
C LYS A 84 9.92 4.50 -2.00
N ALA A 85 9.09 5.56 -2.00
CA ALA A 85 8.13 5.85 -0.95
C ALA A 85 7.25 4.62 -0.67
N ASP A 86 6.79 3.95 -1.73
CA ASP A 86 5.91 2.78 -1.62
C ASP A 86 6.65 1.70 -0.83
N ILE A 87 7.84 1.31 -1.30
CA ILE A 87 8.63 0.26 -0.67
C ILE A 87 8.82 0.61 0.82
N GLU A 88 9.05 1.89 1.15
CA GLU A 88 9.25 2.29 2.53
C GLU A 88 7.98 2.20 3.37
N VAL A 89 6.80 2.45 2.80
CA VAL A 89 5.52 2.25 3.48
C VAL A 89 5.40 0.82 3.94
N LEU A 90 5.44 -0.06 2.94
CA LEU A 90 5.14 -1.45 3.10
C LEU A 90 6.15 -2.06 4.06
N ALA A 91 7.43 -1.76 3.85
CA ALA A 91 8.54 -2.23 4.69
C ALA A 91 8.28 -1.96 6.15
N LEU A 92 7.97 -0.70 6.52
CA LEU A 92 7.74 -0.37 7.92
C LEU A 92 6.61 -1.22 8.49
N ALA A 93 5.47 -1.31 7.79
CA ALA A 93 4.32 -2.00 8.34
C ALA A 93 4.62 -3.48 8.65
N TYR A 94 5.63 -4.06 7.99
CA TYR A 94 6.06 -5.44 8.19
C TYR A 94 7.13 -5.54 9.26
N GLU A 95 7.89 -4.46 9.48
CA GLU A 95 8.82 -4.35 10.60
C GLU A 95 8.05 -4.56 11.89
N LEU A 96 6.94 -3.86 12.07
CA LEU A 96 6.22 -3.78 13.33
C LEU A 96 4.93 -4.60 13.30
N LYS A 97 4.68 -5.33 12.20
CA LYS A 97 3.53 -6.22 12.00
C LYS A 97 2.22 -5.50 12.34
N GLY A 98 2.08 -4.26 11.85
CA GLY A 98 0.95 -3.41 12.14
C GLY A 98 -0.15 -3.61 11.12
N GLU A 99 -0.43 -2.57 10.35
CA GLU A 99 -1.46 -2.53 9.33
C GLU A 99 -1.05 -1.43 8.35
N ILE A 100 -1.70 -1.34 7.20
CA ILE A 100 -1.43 -0.33 6.18
C ILE A 100 -2.76 0.33 5.78
N PHE A 101 -2.69 1.58 5.33
CA PHE A 101 -3.79 2.30 4.71
C PHE A 101 -3.29 2.95 3.42
N SER A 102 -3.86 2.59 2.27
CA SER A 102 -3.52 3.13 0.96
C SER A 102 -4.63 2.75 -0.07
N ASP A 103 -4.43 2.97 -1.39
CA ASP A 103 -5.38 2.56 -2.45
C ASP A 103 -4.77 2.26 -3.83
N ASP A 104 -3.45 2.41 -4.01
CA ASP A 104 -2.78 2.30 -5.32
C ASP A 104 -2.84 0.90 -5.95
N TYR A 105 -2.68 0.80 -7.28
CA TYR A 105 -2.74 -0.49 -7.98
C TYR A 105 -1.65 -1.43 -7.47
N ASN A 106 -0.44 -0.91 -7.24
CA ASN A 106 0.69 -1.66 -6.75
C ASN A 106 0.67 -1.76 -5.24
N VAL A 107 0.38 -0.68 -4.51
CA VAL A 107 0.53 -0.66 -3.07
C VAL A 107 -0.37 -1.74 -2.43
N GLN A 108 -1.57 -1.91 -3.00
CA GLN A 108 -2.51 -2.92 -2.54
C GLN A 108 -2.00 -4.31 -2.92
N ASN A 109 -1.36 -4.42 -4.07
CA ASN A 109 -0.82 -5.67 -4.57
C ASN A 109 0.28 -6.14 -3.64
N ILE A 110 1.31 -5.32 -3.39
CA ILE A 110 2.41 -5.66 -2.49
C ILE A 110 1.85 -6.18 -1.18
N ALA A 111 0.95 -5.44 -0.53
CA ALA A 111 0.49 -5.91 0.76
C ALA A 111 -0.37 -7.18 0.67
N SER A 112 -0.96 -7.47 -0.49
CA SER A 112 -1.68 -8.69 -0.78
C SER A 112 -0.75 -9.89 -0.99
N LEU A 113 0.35 -9.81 -1.77
CA LEU A 113 1.25 -10.96 -1.91
C LEU A 113 1.84 -11.26 -0.53
N LEU A 114 2.17 -10.21 0.22
CA LEU A 114 2.79 -10.35 1.52
C LEU A 114 1.76 -10.94 2.49
N GLY A 115 0.54 -10.43 2.45
CA GLY A 115 -0.58 -10.83 3.27
C GLY A 115 -0.58 -10.14 4.62
N LEU A 116 -0.15 -8.88 4.63
CA LEU A 116 -0.39 -7.99 5.77
C LEU A 116 -1.76 -7.35 5.59
N ARG A 117 -2.53 -7.30 6.67
CA ARG A 117 -3.87 -6.74 6.68
C ARG A 117 -3.78 -5.24 6.42
N PHE A 118 -4.66 -4.70 5.59
CA PHE A 118 -4.65 -3.27 5.28
C PHE A 118 -6.07 -2.75 5.07
N ARG A 119 -6.20 -1.48 4.65
CA ARG A 119 -7.45 -0.79 4.36
C ARG A 119 -7.36 -0.11 2.99
N THR A 120 -8.30 -0.44 2.11
CA THR A 120 -8.52 0.15 0.79
C THR A 120 -9.48 1.33 0.94
N LEU A 121 -9.52 2.27 -0.03
CA LEU A 121 -10.49 3.37 -0.06
C LEU A 121 -11.73 2.94 -0.87
N LYS A 122 -12.73 3.83 -1.02
CA LYS A 122 -13.95 3.57 -1.78
C LYS A 122 -13.66 3.08 -3.20
N ARG A 123 -13.09 3.93 -4.07
CA ARG A 123 -12.83 3.71 -5.51
C ARG A 123 -12.43 5.06 -6.10
N GLY A 124 -11.57 5.05 -7.12
CA GLY A 124 -11.09 6.26 -7.79
C GLY A 124 -9.66 6.03 -8.26
N ILE A 125 -9.50 5.62 -9.52
CA ILE A 125 -8.19 5.36 -10.12
C ILE A 125 -7.39 6.67 -10.29
N LYS A 126 -6.16 6.56 -10.79
CA LYS A 126 -5.20 7.67 -10.97
C LYS A 126 -4.64 7.58 -12.40
N LYS A 127 -5.55 7.61 -13.38
CA LYS A 127 -5.29 7.30 -14.78
C LYS A 127 -4.48 6.00 -14.91
N VAL A 128 -4.86 4.99 -14.13
CA VAL A 128 -4.33 3.63 -14.21
C VAL A 128 -5.44 2.74 -14.76
N ILE A 129 -5.19 1.45 -14.90
CA ILE A 129 -6.15 0.50 -15.44
C ILE A 129 -6.96 -0.03 -14.25
N LYS A 130 -7.85 -1.00 -14.48
CA LYS A 130 -8.50 -1.76 -13.43
C LYS A 130 -8.08 -3.19 -13.65
N TRP A 131 -7.57 -3.85 -12.62
CA TRP A 131 -7.19 -5.25 -12.72
C TRP A 131 -8.44 -6.12 -12.88
N ARG A 132 -8.29 -7.32 -13.48
CA ARG A 132 -9.43 -8.13 -13.92
C ARG A 132 -9.19 -9.62 -13.88
N TYR A 133 -8.10 -10.09 -13.28
CA TYR A 133 -7.76 -11.49 -13.38
C TYR A 133 -7.22 -12.00 -12.05
N VAL A 134 -7.50 -13.27 -11.73
CA VAL A 134 -7.13 -13.92 -10.48
C VAL A 134 -6.62 -15.33 -10.79
N CYS A 135 -5.48 -15.71 -10.21
CA CYS A 135 -5.03 -17.09 -10.12
C CYS A 135 -6.03 -17.85 -9.26
N ILE A 136 -6.66 -18.89 -9.80
CA ILE A 136 -7.39 -19.83 -8.97
C ILE A 136 -6.37 -20.63 -8.17
N GLY A 137 -6.44 -20.54 -6.85
CA GLY A 137 -5.60 -21.27 -5.93
C GLY A 137 -5.02 -20.28 -4.97
N CYS A 138 -3.91 -19.65 -5.36
CA CYS A 138 -3.18 -18.75 -4.49
C CYS A 138 -3.78 -17.34 -4.50
N GLY A 139 -4.78 -17.10 -5.35
CA GLY A 139 -5.54 -15.85 -5.40
C GLY A 139 -4.75 -14.64 -5.85
N ARG A 140 -3.62 -14.89 -6.52
CA ARG A 140 -2.73 -13.85 -6.99
C ARG A 140 -3.44 -13.02 -8.05
N LYS A 141 -3.27 -11.72 -7.95
CA LYS A 141 -3.92 -10.75 -8.79
C LYS A 141 -3.16 -10.60 -10.09
N PHE A 142 -3.86 -10.32 -11.17
CA PHE A 142 -3.31 -10.02 -12.46
C PHE A 142 -4.15 -8.93 -13.09
N SER A 143 -3.49 -8.07 -13.86
CA SER A 143 -4.11 -6.92 -14.51
C SER A 143 -3.92 -7.00 -16.04
N THR A 144 -3.18 -8.00 -16.49
CA THR A 144 -3.14 -8.54 -17.85
C THR A 144 -2.92 -10.03 -17.77
N LEU A 145 -3.27 -10.70 -18.85
CA LEU A 145 -3.15 -12.13 -18.98
C LEU A 145 -1.64 -12.45 -19.02
N PRO A 146 -1.06 -13.12 -18.00
CA PRO A 146 0.37 -13.45 -18.00
C PRO A 146 0.67 -14.44 -19.12
N PRO A 147 1.93 -14.65 -19.51
CA PRO A 147 2.30 -15.67 -20.48
C PRO A 147 1.92 -17.05 -19.92
N GLY A 148 1.13 -17.79 -20.68
CA GLY A 148 0.53 -19.08 -20.35
C GLY A 148 -0.88 -18.92 -19.77
N GLY A 149 -1.25 -17.73 -19.30
CA GLY A 149 -2.49 -17.49 -18.57
C GLY A 149 -2.54 -18.29 -17.27
N VAL A 150 -1.38 -18.45 -16.64
CA VAL A 150 -1.18 -19.21 -15.42
C VAL A 150 -0.40 -18.32 -14.45
N CYS A 151 -0.42 -18.66 -13.16
CA CYS A 151 0.25 -17.96 -12.09
C CYS A 151 1.75 -18.22 -12.15
N PRO A 152 2.61 -17.24 -12.46
CA PRO A 152 4.05 -17.40 -12.34
C PRO A 152 4.58 -17.75 -10.95
N ASP A 153 3.76 -17.73 -9.90
CA ASP A 153 4.20 -18.06 -8.54
C ASP A 153 3.86 -19.48 -8.15
N CYS A 154 2.65 -19.91 -8.51
CA CYS A 154 2.02 -21.12 -8.00
C CYS A 154 1.64 -22.07 -9.13
N GLY A 155 1.73 -21.62 -10.38
CA GLY A 155 1.58 -22.43 -11.57
C GLY A 155 0.14 -22.79 -11.89
N SER A 156 -0.84 -22.13 -11.26
CA SER A 156 -2.25 -22.45 -11.45
C SER A 156 -2.89 -21.58 -12.53
N LYS A 157 -4.04 -22.01 -13.06
CA LYS A 157 -4.77 -21.26 -14.06
C LYS A 157 -5.24 -19.91 -13.52
N VAL A 158 -5.31 -18.91 -14.40
CA VAL A 158 -5.93 -17.61 -14.08
C VAL A 158 -7.37 -17.63 -14.64
N LYS A 159 -8.34 -16.95 -14.00
CA LYS A 159 -9.65 -16.62 -14.57
C LYS A 159 -9.98 -15.16 -14.30
N LEU A 160 -11.08 -14.69 -14.87
CA LEU A 160 -11.60 -13.33 -14.69
C LEU A 160 -12.31 -13.21 -13.34
N ILE A 161 -12.48 -11.98 -12.86
CA ILE A 161 -13.23 -11.62 -11.66
C ILE A 161 -14.26 -10.52 -11.97
N PRO A 162 -15.30 -10.35 -11.14
CA PRO A 162 -16.35 -9.36 -11.35
C PRO A 162 -15.82 -7.94 -11.06
N ARG A 163 -15.48 -7.18 -12.11
CA ARG A 163 -14.74 -5.92 -12.01
C ARG A 163 -13.50 -6.13 -11.12
N LYS A 164 -13.32 -5.36 -10.03
CA LYS A 164 -12.06 -5.30 -9.28
C LYS A 164 -12.12 -5.71 -7.82
N ARG A 165 -13.31 -5.62 -7.27
CA ARG A 165 -13.65 -5.90 -5.88
C ARG A 165 -14.63 -7.05 -5.86
ZN ZN B . -1.26 -18.54 -7.96
N MET A 5 -8.05 -4.87 18.74
CA MET A 5 -8.69 -3.81 17.95
C MET A 5 -8.09 -2.48 18.35
N LEU A 6 -7.41 -1.78 17.43
CA LEU A 6 -6.67 -0.56 17.73
C LEU A 6 -7.23 0.68 17.01
N ARG A 7 -8.41 0.56 16.38
CA ARG A 7 -9.07 1.58 15.56
C ARG A 7 -8.38 1.64 14.19
N ASN A 8 -8.91 0.87 13.24
CA ASN A 8 -8.27 0.58 11.94
C ASN A 8 -9.29 0.70 10.79
N LEU A 9 -10.45 1.32 11.02
CA LEU A 9 -11.65 1.45 10.18
C LEU A 9 -12.24 0.08 9.85
N LYS A 10 -11.53 -0.67 9.02
CA LYS A 10 -11.92 -1.91 8.35
C LYS A 10 -10.81 -2.95 8.41
N LYS A 11 -9.53 -2.54 8.47
CA LYS A 11 -8.37 -3.42 8.64
C LYS A 11 -7.11 -2.59 8.71
N THR A 12 -6.04 -3.19 9.22
CA THR A 12 -4.70 -2.60 9.26
C THR A 12 -4.35 -2.08 7.88
N LEU A 13 -3.88 -0.84 7.84
CA LEU A 13 -3.53 -0.13 6.64
C LEU A 13 -2.42 0.84 7.00
N VAL A 14 -1.49 1.06 6.09
CA VAL A 14 -0.41 2.03 6.26
C VAL A 14 -0.53 3.08 5.16
N LEU A 15 -0.08 4.31 5.41
CA LEU A 15 -0.22 5.45 4.54
C LEU A 15 1.11 6.16 4.40
N ASP A 16 1.42 6.59 3.18
CA ASP A 16 2.67 7.26 2.81
C ASP A 16 2.56 8.78 2.98
N SER A 17 3.59 9.57 2.68
CA SER A 17 3.51 11.03 2.60
C SER A 17 2.47 11.45 1.56
N SER A 18 2.46 10.75 0.42
CA SER A 18 1.70 11.12 -0.77
C SER A 18 0.19 11.16 -0.49
N VAL A 19 -0.38 10.23 0.28
CA VAL A 19 -1.80 10.26 0.62
C VAL A 19 -2.20 11.61 1.22
N PHE A 20 -1.29 12.18 2.00
CA PHE A 20 -1.49 13.43 2.68
C PHE A 20 -1.36 14.61 1.73
N ILE A 21 -0.43 14.54 0.77
CA ILE A 21 -0.27 15.53 -0.30
C ILE A 21 -1.60 15.68 -1.07
N GLN A 22 -2.40 14.60 -1.18
CA GLN A 22 -3.70 14.67 -1.87
C GLN A 22 -4.87 15.04 -0.96
N GLY A 23 -4.74 14.85 0.36
CA GLY A 23 -5.76 15.24 1.33
C GLY A 23 -6.78 14.14 1.64
N ILE A 24 -6.43 12.87 1.45
CA ILE A 24 -7.37 11.75 1.53
C ILE A 24 -7.59 11.39 3.00
N ASP A 25 -8.77 11.67 3.55
CA ASP A 25 -9.09 11.40 4.96
C ASP A 25 -9.21 9.88 5.18
N ILE A 26 -8.19 9.25 5.73
CA ILE A 26 -8.06 7.80 5.85
C ILE A 26 -7.53 7.47 7.26
N GLU A 27 -7.57 6.20 7.65
CA GLU A 27 -7.39 5.73 9.02
C GLU A 27 -6.50 4.48 9.00
N GLY A 28 -5.36 4.56 9.69
CA GLY A 28 -4.25 3.61 9.60
C GLY A 28 -2.97 4.19 10.21
N TYR A 29 -1.81 3.68 9.81
CA TYR A 29 -0.50 4.09 10.33
C TYR A 29 0.29 4.85 9.28
N THR A 30 1.13 5.78 9.68
CA THR A 30 2.10 6.45 8.83
C THR A 30 3.48 6.36 9.48
N THR A 31 4.52 6.70 8.72
CA THR A 31 5.92 6.42 9.01
C THR A 31 6.67 7.71 9.43
N PRO A 32 7.26 7.74 10.64
CA PRO A 32 7.88 8.94 11.16
C PRO A 32 9.08 9.42 10.32
N SER A 33 9.63 8.59 9.43
CA SER A 33 10.69 9.05 8.54
C SER A 33 10.15 9.60 7.22
N VAL A 34 8.87 9.44 6.86
CA VAL A 34 8.29 10.19 5.77
C VAL A 34 7.91 11.55 6.26
N VAL A 35 7.42 11.68 7.52
CA VAL A 35 7.13 13.03 7.98
C VAL A 35 8.37 13.92 7.94
N GLU A 36 9.57 13.35 8.11
CA GLU A 36 10.76 14.16 8.04
C GLU A 36 10.93 14.81 6.66
N GLU A 37 10.38 14.19 5.61
CA GLU A 37 10.49 14.57 4.20
C GLU A 37 9.36 15.53 3.81
N ILE A 38 8.34 15.70 4.68
CA ILE A 38 7.19 16.54 4.40
C ILE A 38 7.57 17.99 4.72
N LYS A 39 7.50 18.84 3.70
CA LYS A 39 7.77 20.28 3.78
C LYS A 39 6.59 21.13 3.32
N ASP A 40 5.68 20.54 2.54
CA ASP A 40 4.55 21.24 1.96
C ASP A 40 3.60 21.71 3.08
N ARG A 41 2.62 22.55 2.73
CA ARG A 41 1.63 23.07 3.66
C ARG A 41 0.51 22.07 3.77
N GLU A 42 -0.11 21.70 2.64
CA GLU A 42 -1.35 20.93 2.59
C GLU A 42 -1.09 19.63 3.33
N SER A 43 -0.12 18.86 2.86
CA SER A 43 0.27 17.59 3.41
C SER A 43 0.63 17.68 4.90
N LYS A 44 1.24 18.78 5.37
CA LYS A 44 1.66 18.90 6.77
C LYS A 44 0.45 19.19 7.64
N ILE A 45 -0.29 20.25 7.32
CA ILE A 45 -1.51 20.66 8.01
C ILE A 45 -2.46 19.46 8.08
N PHE A 46 -2.60 18.71 6.98
CA PHE A 46 -3.52 17.61 6.87
C PHE A 46 -3.03 16.33 7.57
N LEU A 47 -1.74 15.98 7.50
CA LEU A 47 -1.18 14.91 8.33
C LEU A 47 -1.50 15.23 9.80
N GLU A 48 -1.23 16.46 10.23
CA GLU A 48 -1.48 16.89 11.60
C GLU A 48 -2.99 16.91 11.91
N SER A 49 -3.84 17.20 10.93
CA SER A 49 -5.30 17.11 11.02
C SER A 49 -5.67 15.67 11.40
N LEU A 50 -5.14 14.68 10.68
CA LEU A 50 -5.46 13.28 10.88
C LEU A 50 -4.95 12.77 12.23
N ILE A 51 -3.83 13.30 12.70
CA ILE A 51 -3.27 12.98 14.02
C ILE A 51 -4.19 13.57 15.09
N SER A 52 -4.56 14.86 14.97
CA SER A 52 -5.51 15.47 15.89
C SER A 52 -6.84 14.71 15.88
N ALA A 53 -7.32 14.27 14.71
CA ALA A 53 -8.55 13.52 14.52
C ALA A 53 -8.42 12.05 14.94
N GLY A 54 -7.23 11.59 15.35
CA GLY A 54 -7.03 10.27 15.89
C GLY A 54 -7.17 9.17 14.85
N LYS A 55 -7.01 9.48 13.55
CA LYS A 55 -7.14 8.51 12.49
C LYS A 55 -5.81 7.96 12.02
N VAL A 56 -4.74 8.75 12.13
CA VAL A 56 -3.43 8.31 11.64
C VAL A 56 -2.46 8.27 12.81
N LYS A 57 -1.73 7.17 12.97
CA LYS A 57 -0.86 6.89 14.11
C LYS A 57 0.57 6.64 13.63
N ILE A 58 1.57 7.10 14.38
CA ILE A 58 2.98 6.97 14.00
C ILE A 58 3.40 5.53 14.27
N ALA A 59 4.08 4.91 13.30
CA ALA A 59 4.80 3.66 13.47
C ALA A 59 5.90 3.55 12.42
N GLU A 60 7.13 3.21 12.83
CA GLU A 60 8.23 2.86 11.93
C GLU A 60 8.34 1.33 11.74
N PRO A 61 8.91 0.87 10.60
CA PRO A 61 9.20 -0.53 10.34
C PRO A 61 10.25 -1.13 11.28
N SER A 62 10.32 -2.46 11.31
CA SER A 62 11.47 -3.19 11.83
C SER A 62 12.57 -3.34 10.77
N LYS A 63 13.80 -3.59 11.22
CA LYS A 63 14.96 -3.84 10.38
C LYS A 63 14.73 -5.03 9.45
N GLU A 64 14.19 -6.14 9.98
CA GLU A 64 13.87 -7.32 9.18
C GLU A 64 12.88 -6.98 8.05
N SER A 65 11.97 -6.03 8.28
CA SER A 65 10.95 -5.60 7.33
C SER A 65 11.63 -4.89 6.15
N ILE A 66 12.57 -3.98 6.43
CA ILE A 66 13.37 -3.30 5.42
C ILE A 66 14.15 -4.33 4.60
N ASP A 67 14.75 -5.33 5.26
CA ASP A 67 15.54 -6.36 4.56
C ASP A 67 14.70 -7.13 3.56
N ARG A 68 13.41 -7.35 3.82
CA ARG A 68 12.53 -8.03 2.87
C ARG A 68 12.46 -7.25 1.56
N ILE A 69 12.38 -5.91 1.63
CA ILE A 69 12.30 -5.07 0.44
C ILE A 69 13.61 -5.24 -0.32
N ILE A 70 14.75 -5.20 0.39
CA ILE A 70 16.08 -5.38 -0.18
C ILE A 70 16.15 -6.71 -0.94
N GLN A 71 15.55 -7.80 -0.46
CA GLN A 71 15.60 -9.10 -1.13
C GLN A 71 14.93 -9.01 -2.49
N VAL A 72 13.65 -8.68 -2.53
CA VAL A 72 12.92 -8.70 -3.79
C VAL A 72 13.47 -7.60 -4.73
N ALA A 73 13.87 -6.46 -4.16
CA ALA A 73 14.45 -5.36 -4.91
C ALA A 73 15.77 -5.76 -5.59
N LYS A 74 16.73 -6.39 -4.89
CA LYS A 74 17.93 -6.88 -5.56
C LYS A 74 17.62 -8.02 -6.54
N GLU A 75 16.52 -8.75 -6.31
CA GLU A 75 16.05 -9.78 -7.23
C GLU A 75 15.30 -9.19 -8.44
N THR A 76 15.25 -7.86 -8.62
CA THR A 76 14.75 -7.22 -9.84
C THR A 76 15.69 -6.13 -10.35
N GLY A 77 16.56 -5.55 -9.51
CA GLY A 77 17.65 -4.68 -9.93
C GLY A 77 17.89 -3.54 -8.96
N GLU A 78 16.98 -2.57 -8.89
CA GLU A 78 17.10 -1.30 -8.18
C GLU A 78 17.02 -1.46 -6.64
N VAL A 79 17.91 -2.27 -6.06
CA VAL A 79 17.90 -2.71 -4.67
C VAL A 79 17.73 -1.57 -3.67
N ASN A 80 18.45 -0.47 -3.87
CA ASN A 80 18.48 0.64 -2.93
C ASN A 80 18.10 1.93 -3.63
N GLU A 81 17.70 1.87 -4.90
CA GLU A 81 17.44 3.02 -5.75
C GLU A 81 16.05 3.63 -5.54
N LEU A 82 15.18 2.95 -4.81
CA LEU A 82 13.90 3.53 -4.38
C LEU A 82 14.18 4.60 -3.31
N SER A 83 13.22 5.47 -2.98
CA SER A 83 13.41 6.41 -1.89
C SER A 83 13.37 5.69 -0.55
N LYS A 84 13.94 6.31 0.48
CA LYS A 84 13.95 5.80 1.84
C LYS A 84 12.52 5.75 2.36
N ALA A 85 11.79 6.86 2.20
CA ALA A 85 10.42 7.01 2.68
C ALA A 85 9.54 5.89 2.11
N ASP A 86 9.73 5.62 0.81
CA ASP A 86 8.97 4.63 0.07
C ASP A 86 9.24 3.25 0.66
N ILE A 87 10.51 2.85 0.76
CA ILE A 87 10.94 1.57 1.34
C ILE A 87 10.34 1.43 2.74
N GLU A 88 10.35 2.49 3.54
CA GLU A 88 9.90 2.48 4.91
C GLU A 88 8.41 2.20 5.03
N VAL A 89 7.56 2.89 4.27
CA VAL A 89 6.10 2.69 4.27
C VAL A 89 5.78 1.23 3.90
N LEU A 90 6.42 0.76 2.83
CA LEU A 90 6.22 -0.55 2.28
C LEU A 90 6.57 -1.61 3.33
N ALA A 91 7.79 -1.57 3.87
CA ALA A 91 8.28 -2.45 4.92
C ALA A 91 7.33 -2.50 6.11
N LEU A 92 6.93 -1.33 6.61
CA LEU A 92 6.08 -1.23 7.78
C LEU A 92 4.77 -1.99 7.50
N ALA A 93 4.12 -1.71 6.37
CA ALA A 93 2.92 -2.43 6.01
C ALA A 93 3.17 -3.92 5.93
N TYR A 94 4.25 -4.39 5.30
CA TYR A 94 4.44 -5.81 5.08
C TYR A 94 4.61 -6.57 6.40
N GLU A 95 5.19 -5.93 7.41
CA GLU A 95 5.25 -6.45 8.78
C GLU A 95 3.85 -6.57 9.39
N LEU A 96 3.00 -5.61 9.05
CA LEU A 96 1.66 -5.47 9.57
C LEU A 96 0.66 -6.31 8.78
N LYS A 97 1.04 -6.83 7.60
CA LYS A 97 0.25 -7.74 6.77
C LYS A 97 -1.09 -7.12 6.33
N GLY A 98 -1.23 -5.80 6.53
CA GLY A 98 -2.39 -4.97 6.27
C GLY A 98 -2.52 -4.58 4.81
N GLU A 99 -2.34 -3.30 4.54
CA GLU A 99 -2.59 -2.65 3.27
C GLU A 99 -1.70 -1.41 3.21
N ILE A 100 -1.55 -0.78 2.04
CA ILE A 100 -0.76 0.44 1.85
C ILE A 100 -1.62 1.44 1.08
N PHE A 101 -1.30 2.73 1.22
CA PHE A 101 -1.80 3.82 0.41
C PHE A 101 -0.60 4.70 0.08
N SER A 102 -0.25 4.82 -1.20
CA SER A 102 0.84 5.67 -1.65
C SER A 102 0.62 6.05 -3.12
N ASP A 103 1.43 6.99 -3.61
CA ASP A 103 1.49 7.40 -5.00
C ASP A 103 2.93 7.71 -5.40
N ASP A 104 3.62 6.72 -5.97
CA ASP A 104 4.88 6.88 -6.68
C ASP A 104 5.01 5.76 -7.71
N TYR A 105 5.93 5.85 -8.66
CA TYR A 105 6.16 4.77 -9.62
C TYR A 105 6.78 3.56 -8.89
N ASN A 106 7.90 3.75 -8.20
CA ASN A 106 8.57 2.65 -7.51
C ASN A 106 7.72 2.15 -6.37
N VAL A 107 6.98 3.01 -5.67
CA VAL A 107 6.19 2.55 -4.54
C VAL A 107 5.11 1.58 -5.04
N GLN A 108 4.45 1.93 -6.15
CA GLN A 108 3.39 1.14 -6.75
C GLN A 108 3.95 -0.19 -7.28
N ASN A 109 5.11 -0.11 -7.94
CA ASN A 109 5.82 -1.23 -8.49
C ASN A 109 6.14 -2.20 -7.37
N ILE A 110 6.96 -1.78 -6.39
CA ILE A 110 7.42 -2.64 -5.30
C ILE A 110 6.25 -3.35 -4.63
N ALA A 111 5.17 -2.65 -4.24
CA ALA A 111 4.02 -3.31 -3.65
C ALA A 111 3.40 -4.37 -4.57
N SER A 112 3.39 -4.14 -5.89
CA SER A 112 2.95 -5.11 -6.86
C SER A 112 3.78 -6.40 -6.80
N LEU A 113 5.11 -6.35 -6.99
CA LEU A 113 5.92 -7.58 -7.00
C LEU A 113 5.86 -8.29 -5.65
N LEU A 114 5.72 -7.53 -4.57
CA LEU A 114 5.61 -8.07 -3.21
C LEU A 114 4.28 -8.76 -2.96
N GLY A 115 3.33 -8.68 -3.90
CA GLY A 115 2.02 -9.30 -3.76
C GLY A 115 1.16 -8.61 -2.71
N LEU A 116 1.50 -7.39 -2.28
CA LEU A 116 0.69 -6.68 -1.30
C LEU A 116 -0.48 -6.00 -1.99
N ARG A 117 -1.67 -6.12 -1.40
CA ARG A 117 -2.87 -5.39 -1.77
C ARG A 117 -2.72 -3.96 -1.25
N PHE A 118 -2.70 -2.97 -2.12
CA PHE A 118 -2.64 -1.55 -1.76
C PHE A 118 -3.70 -0.78 -2.54
N ARG A 119 -3.85 0.51 -2.23
CA ARG A 119 -4.61 1.46 -3.02
C ARG A 119 -3.60 2.32 -3.75
N THR A 120 -3.61 2.25 -5.07
CA THR A 120 -3.15 3.35 -5.88
C THR A 120 -4.02 4.57 -5.57
N LEU A 121 -3.43 5.74 -5.76
CA LEU A 121 -4.14 7.01 -5.74
C LEU A 121 -4.92 7.18 -7.06
N LYS A 122 -5.76 8.21 -7.12
CA LYS A 122 -6.26 8.85 -8.34
C LYS A 122 -7.05 7.86 -9.20
N ARG A 123 -7.23 8.16 -10.48
CA ARG A 123 -7.86 7.28 -11.48
C ARG A 123 -9.18 6.71 -10.96
N GLY A 124 -9.28 5.40 -10.76
CA GLY A 124 -10.53 4.71 -10.53
C GLY A 124 -10.80 3.84 -11.77
N ILE A 125 -12.00 3.96 -12.34
CA ILE A 125 -12.48 3.16 -13.47
C ILE A 125 -12.93 4.12 -14.58
N LYS A 126 -12.88 3.65 -15.82
CA LYS A 126 -13.53 4.27 -16.97
C LYS A 126 -14.52 3.33 -17.66
N LYS A 127 -14.24 2.03 -17.80
CA LYS A 127 -15.23 1.06 -18.30
C LYS A 127 -15.08 -0.36 -17.72
N VAL A 128 -14.04 -0.62 -16.92
CA VAL A 128 -13.84 -1.92 -16.30
C VAL A 128 -14.88 -2.06 -15.19
N ILE A 129 -15.17 -3.29 -14.80
CA ILE A 129 -16.14 -3.57 -13.76
C ILE A 129 -15.43 -3.44 -12.41
N LYS A 130 -16.19 -3.22 -11.33
CA LYS A 130 -15.66 -3.23 -9.97
C LYS A 130 -15.22 -4.64 -9.62
N TRP A 131 -13.95 -4.89 -9.86
CA TRP A 131 -13.26 -6.16 -9.74
C TRP A 131 -13.36 -6.72 -8.31
N ARG A 132 -13.27 -8.05 -8.15
CA ARG A 132 -13.41 -8.73 -6.86
C ARG A 132 -12.54 -9.98 -6.69
N TYR A 133 -11.45 -10.19 -7.44
CA TYR A 133 -10.66 -11.42 -7.27
C TYR A 133 -9.15 -11.14 -7.24
N VAL A 134 -8.40 -11.96 -6.51
CA VAL A 134 -6.96 -11.84 -6.33
C VAL A 134 -6.33 -13.24 -6.32
N CYS A 135 -5.24 -13.43 -7.04
CA CYS A 135 -4.33 -14.56 -6.86
C CYS A 135 -3.67 -14.47 -5.49
N ILE A 136 -3.49 -15.61 -4.85
CA ILE A 136 -2.61 -15.72 -3.70
C ILE A 136 -1.24 -16.22 -4.20
N GLY A 137 -0.21 -15.40 -4.01
CA GLY A 137 1.19 -15.76 -4.19
C GLY A 137 1.84 -15.14 -5.44
N CYS A 138 1.07 -14.40 -6.24
CA CYS A 138 1.59 -13.35 -7.11
C CYS A 138 0.72 -12.08 -7.08
N GLY A 139 -0.38 -12.10 -6.32
CA GLY A 139 -1.24 -10.96 -6.02
C GLY A 139 -2.05 -10.43 -7.19
N ARG A 140 -2.08 -11.16 -8.29
CA ARG A 140 -2.61 -10.64 -9.54
C ARG A 140 -4.10 -10.46 -9.43
N LYS A 141 -4.56 -9.33 -9.92
CA LYS A 141 -5.97 -8.96 -9.93
C LYS A 141 -6.71 -9.75 -11.00
N PHE A 142 -7.99 -10.02 -10.76
CA PHE A 142 -8.92 -10.41 -11.80
C PHE A 142 -10.27 -9.74 -11.53
N SER A 143 -11.01 -9.40 -12.59
CA SER A 143 -12.36 -8.86 -12.50
C SER A 143 -13.42 -9.95 -12.67
N THR A 144 -13.04 -11.16 -13.07
CA THR A 144 -13.85 -12.37 -13.11
C THR A 144 -13.01 -13.49 -12.50
N LEU A 145 -13.56 -14.69 -12.39
CA LEU A 145 -12.74 -15.84 -12.03
C LEU A 145 -12.05 -16.32 -13.33
N PRO A 146 -10.76 -16.67 -13.33
CA PRO A 146 -10.16 -17.37 -14.47
C PRO A 146 -10.70 -18.80 -14.55
N PRO A 147 -10.63 -19.47 -15.71
CA PRO A 147 -11.14 -20.84 -15.85
C PRO A 147 -10.37 -21.81 -14.94
N GLY A 148 -11.09 -22.39 -13.98
CA GLY A 148 -10.56 -23.28 -12.95
C GLY A 148 -10.27 -22.56 -11.63
N GLY A 149 -10.36 -21.21 -11.60
CA GLY A 149 -10.08 -20.39 -10.44
C GLY A 149 -8.67 -20.59 -9.92
N VAL A 150 -7.69 -20.62 -10.83
CA VAL A 150 -6.29 -20.60 -10.49
C VAL A 150 -5.62 -19.51 -11.31
N CYS A 151 -4.49 -18.98 -10.85
CA CYS A 151 -3.80 -17.90 -11.52
C CYS A 151 -3.07 -18.48 -12.73
N PRO A 152 -3.48 -18.15 -13.96
CA PRO A 152 -2.73 -18.57 -15.13
C PRO A 152 -1.31 -18.00 -15.15
N ASP A 153 -1.07 -16.93 -14.40
CA ASP A 153 0.16 -16.15 -14.45
C ASP A 153 1.21 -16.72 -13.51
N CYS A 154 0.79 -17.55 -12.53
CA CYS A 154 1.70 -18.11 -11.55
C CYS A 154 1.40 -19.56 -11.15
N GLY A 155 0.13 -19.96 -11.12
CA GLY A 155 -0.33 -21.28 -10.74
C GLY A 155 -0.58 -21.35 -9.24
N SER A 156 -1.79 -20.93 -8.81
CA SER A 156 -2.27 -21.05 -7.44
C SER A 156 -3.75 -20.68 -7.37
N LYS A 157 -4.43 -20.88 -6.24
CA LYS A 157 -5.82 -20.48 -6.00
C LYS A 157 -6.04 -18.98 -6.13
N VAL A 158 -7.05 -18.56 -6.87
CA VAL A 158 -7.54 -17.17 -6.85
C VAL A 158 -8.65 -17.15 -5.79
N LYS A 159 -8.82 -16.05 -5.05
CA LYS A 159 -9.86 -15.90 -4.04
C LYS A 159 -10.55 -14.55 -4.19
N LEU A 160 -11.77 -14.45 -3.67
CA LEU A 160 -12.52 -13.21 -3.62
C LEU A 160 -11.81 -12.22 -2.70
N ILE A 161 -11.98 -10.93 -2.93
CA ILE A 161 -11.48 -9.86 -2.06
C ILE A 161 -12.63 -8.96 -1.62
N PRO A 162 -12.47 -8.25 -0.49
CA PRO A 162 -13.45 -7.29 -0.01
C PRO A 162 -13.40 -5.98 -0.81
N ARG A 163 -14.37 -5.09 -0.55
CA ARG A 163 -14.71 -3.88 -1.31
C ARG A 163 -13.48 -3.06 -1.73
N LYS A 164 -13.47 -2.65 -3.01
CA LYS A 164 -12.46 -1.79 -3.65
C LYS A 164 -12.21 -0.52 -2.82
N ARG A 165 -13.25 0.30 -2.67
CA ARG A 165 -13.27 1.57 -1.93
C ARG A 165 -12.04 2.43 -2.23
ZN ZN B . -0.69 -15.47 -9.46
N MET A 5 -14.04 2.31 28.76
CA MET A 5 -14.94 3.45 28.54
C MET A 5 -14.55 4.29 27.32
N LEU A 6 -13.26 4.32 26.93
CA LEU A 6 -12.81 5.00 25.72
C LEU A 6 -13.35 4.28 24.48
N ARG A 7 -13.34 4.94 23.31
CA ARG A 7 -13.87 4.36 22.08
C ARG A 7 -13.15 4.78 20.80
N ASN A 8 -12.00 5.45 20.91
CA ASN A 8 -11.21 5.91 19.76
C ASN A 8 -9.85 5.20 19.83
N LEU A 9 -8.84 5.72 19.10
CA LEU A 9 -7.47 5.21 18.96
C LEU A 9 -7.43 3.75 18.50
N LYS A 10 -7.24 3.52 17.20
CA LYS A 10 -7.26 2.19 16.62
C LYS A 10 -5.97 1.42 16.94
N LYS A 11 -5.90 0.17 16.47
CA LYS A 11 -4.66 -0.61 16.38
C LYS A 11 -3.60 0.15 15.59
N THR A 12 -2.36 -0.33 15.63
CA THR A 12 -1.24 0.28 14.94
C THR A 12 -1.55 0.40 13.46
N LEU A 13 -1.34 1.59 12.91
CA LEU A 13 -1.59 1.89 11.51
C LEU A 13 -0.63 2.98 11.10
N VAL A 14 -0.15 2.89 9.86
CA VAL A 14 0.75 3.88 9.29
C VAL A 14 0.10 4.48 8.04
N LEU A 15 0.41 5.75 7.77
CA LEU A 15 -0.17 6.55 6.70
C LEU A 15 0.98 6.96 5.76
N ASP A 16 0.82 6.70 4.46
CA ASP A 16 1.79 7.08 3.44
C ASP A 16 1.58 8.54 3.01
N SER A 17 2.54 9.09 2.26
CA SER A 17 2.57 10.47 1.75
C SER A 17 1.26 10.81 1.05
N SER A 18 0.78 9.87 0.24
CA SER A 18 -0.45 9.95 -0.51
C SER A 18 -1.64 10.30 0.39
N VAL A 19 -1.71 9.77 1.62
CA VAL A 19 -2.86 9.96 2.51
C VAL A 19 -3.01 11.45 2.83
N PHE A 20 -1.87 12.11 3.05
CA PHE A 20 -1.82 13.52 3.38
C PHE A 20 -2.13 14.39 2.16
N ILE A 21 -1.77 13.92 0.96
CA ILE A 21 -2.17 14.58 -0.28
C ILE A 21 -3.70 14.63 -0.39
N GLN A 22 -4.37 13.48 -0.26
CA GLN A 22 -5.83 13.43 -0.47
C GLN A 22 -6.56 14.21 0.64
N GLY A 23 -5.99 14.23 1.84
CA GLY A 23 -6.56 14.93 2.99
C GLY A 23 -7.42 14.00 3.83
N ILE A 24 -7.10 12.71 3.89
CA ILE A 24 -7.85 11.72 4.64
C ILE A 24 -7.55 11.94 6.12
N ASP A 25 -8.51 12.49 6.86
CA ASP A 25 -8.39 12.66 8.30
C ASP A 25 -8.42 11.26 8.95
N ILE A 26 -7.28 10.72 9.40
CA ILE A 26 -7.18 9.39 10.00
C ILE A 26 -6.14 9.42 11.14
N GLU A 27 -6.08 8.39 11.98
CA GLU A 27 -5.19 8.25 13.13
C GLU A 27 -4.09 7.23 12.76
N GLY A 28 -2.86 7.37 13.28
CA GLY A 28 -1.77 6.42 12.98
C GLY A 28 -0.40 7.07 13.13
N TYR A 29 0.55 6.73 12.25
CA TYR A 29 1.89 7.31 12.24
C TYR A 29 2.29 7.86 10.86
N THR A 30 3.18 8.85 10.86
CA THR A 30 3.74 9.52 9.69
C THR A 30 5.29 9.50 9.75
N THR A 31 5.95 9.42 8.59
CA THR A 31 7.38 9.24 8.39
C THR A 31 8.07 10.60 8.22
N PRO A 32 8.97 11.01 9.12
CA PRO A 32 9.68 12.29 8.95
C PRO A 32 10.47 12.38 7.65
N SER A 33 10.95 11.25 7.14
CA SER A 33 11.85 11.12 6.00
C SER A 33 11.17 11.24 4.64
N VAL A 34 9.84 11.13 4.61
CA VAL A 34 8.97 11.56 3.54
C VAL A 34 8.70 13.04 3.71
N VAL A 35 8.24 13.42 4.90
CA VAL A 35 7.55 14.67 5.12
C VAL A 35 8.50 15.87 5.03
N GLU A 36 9.81 15.65 5.14
CA GLU A 36 10.83 16.62 4.78
C GLU A 36 10.58 17.21 3.38
N GLU A 37 10.13 16.39 2.43
CA GLU A 37 10.10 16.69 1.01
C GLU A 37 8.71 17.14 0.56
N ILE A 38 7.70 16.97 1.42
CA ILE A 38 6.33 17.37 1.15
C ILE A 38 6.32 18.90 1.09
N LYS A 39 6.39 19.44 -0.13
CA LYS A 39 6.29 20.88 -0.41
C LYS A 39 4.86 21.32 -0.64
N ASP A 40 4.00 20.38 -1.04
CA ASP A 40 2.60 20.61 -1.35
C ASP A 40 1.96 21.20 -0.10
N ARG A 41 1.46 22.41 -0.20
CA ARG A 41 1.05 23.15 0.98
C ARG A 41 -0.20 22.53 1.58
N GLU A 42 -1.16 22.07 0.78
CA GLU A 42 -2.33 21.37 1.29
C GLU A 42 -1.86 20.19 2.14
N SER A 43 -1.05 19.31 1.55
CA SER A 43 -0.58 18.10 2.19
C SER A 43 0.24 18.42 3.44
N LYS A 44 1.19 19.35 3.34
CA LYS A 44 2.08 19.77 4.42
C LYS A 44 1.27 20.27 5.59
N ILE A 45 0.47 21.32 5.38
CA ILE A 45 -0.23 22.00 6.46
C ILE A 45 -1.21 21.01 7.09
N PHE A 46 -1.86 20.15 6.30
CA PHE A 46 -2.77 19.11 6.78
C PHE A 46 -2.02 18.11 7.67
N LEU A 47 -0.87 17.62 7.21
CA LEU A 47 -0.10 16.62 7.92
C LEU A 47 0.38 17.17 9.25
N GLU A 48 0.97 18.37 9.25
CA GLU A 48 1.43 18.99 10.48
C GLU A 48 0.23 19.32 11.38
N SER A 49 -0.94 19.65 10.79
CA SER A 49 -2.20 19.83 11.50
C SER A 49 -2.47 18.57 12.31
N LEU A 50 -2.49 17.42 11.65
CA LEU A 50 -2.80 16.13 12.26
C LEU A 50 -1.81 15.81 13.37
N ILE A 51 -0.50 15.94 13.16
CA ILE A 51 0.51 15.69 14.20
C ILE A 51 0.15 16.53 15.43
N SER A 52 0.00 17.84 15.24
CA SER A 52 -0.28 18.78 16.33
C SER A 52 -1.65 18.50 16.96
N ALA A 53 -2.63 18.08 16.18
CA ALA A 53 -3.98 17.70 16.60
C ALA A 53 -4.02 16.35 17.31
N GLY A 54 -2.92 15.59 17.28
CA GLY A 54 -2.72 14.40 18.08
C GLY A 54 -3.10 13.12 17.37
N LYS A 55 -3.41 13.17 16.08
CA LYS A 55 -4.11 12.09 15.40
C LYS A 55 -3.06 11.11 14.92
N VAL A 56 -1.98 11.68 14.41
CA VAL A 56 -0.83 10.98 13.95
C VAL A 56 0.32 11.24 14.92
N LYS A 57 1.36 10.40 14.89
CA LYS A 57 2.61 10.60 15.60
C LYS A 57 3.78 10.35 14.65
N ILE A 58 4.96 10.89 14.96
CA ILE A 58 6.14 10.68 14.13
C ILE A 58 6.65 9.27 14.37
N ALA A 59 7.09 8.60 13.29
CA ALA A 59 7.92 7.41 13.34
C ALA A 59 8.60 7.21 11.98
N GLU A 60 9.91 7.02 11.96
CA GLU A 60 10.68 6.55 10.80
C GLU A 60 10.95 5.03 10.90
N PRO A 61 11.20 4.33 9.77
CA PRO A 61 11.57 2.91 9.72
C PRO A 61 12.95 2.65 10.32
N SER A 62 13.42 1.40 10.26
CA SER A 62 14.79 1.04 10.59
C SER A 62 15.47 0.40 9.38
N LYS A 63 16.80 0.32 9.43
CA LYS A 63 17.65 -0.33 8.43
C LYS A 63 17.09 -1.70 8.02
N GLU A 64 16.76 -2.52 9.01
CA GLU A 64 16.36 -3.90 8.81
C GLU A 64 14.93 -3.96 8.27
N SER A 65 14.10 -2.97 8.58
CA SER A 65 12.79 -2.79 7.98
C SER A 65 12.94 -2.57 6.47
N ILE A 66 13.86 -1.69 6.07
CA ILE A 66 14.12 -1.35 4.67
C ILE A 66 14.61 -2.60 3.93
N ASP A 67 15.55 -3.37 4.50
CA ASP A 67 16.04 -4.59 3.87
C ASP A 67 14.94 -5.61 3.64
N ARG A 68 13.94 -5.67 4.53
CA ARG A 68 12.78 -6.54 4.29
C ARG A 68 12.13 -6.22 2.94
N ILE A 69 11.95 -4.94 2.60
CA ILE A 69 11.31 -4.60 1.33
C ILE A 69 12.22 -5.08 0.21
N ILE A 70 13.51 -4.77 0.30
CA ILE A 70 14.50 -5.14 -0.69
C ILE A 70 14.44 -6.64 -0.99
N GLN A 71 14.38 -7.52 0.02
CA GLN A 71 14.46 -8.95 -0.23
C GLN A 71 13.25 -9.46 -1.01
N VAL A 72 12.04 -9.09 -0.58
CA VAL A 72 10.84 -9.60 -1.24
C VAL A 72 10.64 -8.89 -2.59
N ALA A 73 11.03 -7.61 -2.70
CA ALA A 73 10.97 -6.85 -3.93
C ALA A 73 11.92 -7.44 -4.98
N LYS A 74 13.19 -7.65 -4.61
CA LYS A 74 14.18 -8.23 -5.51
C LYS A 74 13.83 -9.68 -5.89
N GLU A 75 13.06 -10.39 -5.06
CA GLU A 75 12.53 -11.71 -5.41
C GLU A 75 11.68 -11.65 -6.69
N THR A 76 11.05 -10.51 -6.99
CA THR A 76 10.07 -10.41 -8.07
C THR A 76 10.45 -9.39 -9.15
N GLY A 77 11.38 -8.47 -8.88
CA GLY A 77 12.04 -7.68 -9.91
C GLY A 77 12.40 -6.29 -9.43
N GLU A 78 11.40 -5.40 -9.36
CA GLU A 78 11.58 -4.00 -9.09
C GLU A 78 11.95 -3.81 -7.62
N VAL A 79 13.25 -3.76 -7.34
CA VAL A 79 13.82 -3.69 -5.98
C VAL A 79 13.99 -2.25 -5.51
N ASN A 80 14.63 -1.41 -6.33
CA ASN A 80 15.03 -0.06 -5.97
C ASN A 80 14.50 0.96 -6.97
N GLU A 81 13.55 0.52 -7.80
CA GLU A 81 12.84 1.32 -8.78
C GLU A 81 11.82 2.24 -8.11
N LEU A 82 11.36 1.86 -6.91
CA LEU A 82 10.29 2.55 -6.20
C LEU A 82 10.86 3.83 -5.57
N SER A 83 9.98 4.74 -5.14
CA SER A 83 10.40 5.95 -4.44
C SER A 83 10.87 5.60 -3.02
N LYS A 84 11.78 6.41 -2.44
CA LYS A 84 12.31 6.12 -1.11
C LYS A 84 11.17 6.17 -0.11
N ALA A 85 10.34 7.20 -0.18
CA ALA A 85 9.21 7.37 0.73
C ALA A 85 8.32 6.13 0.74
N ASP A 86 8.05 5.55 -0.42
CA ASP A 86 7.24 4.35 -0.56
C ASP A 86 7.84 3.23 0.29
N ILE A 87 9.12 2.94 0.04
CA ILE A 87 9.88 1.92 0.75
C ILE A 87 9.90 2.24 2.26
N GLU A 88 10.11 3.51 2.65
CA GLU A 88 10.18 3.93 4.04
C GLU A 88 8.88 3.65 4.77
N VAL A 89 7.75 4.08 4.19
CA VAL A 89 6.47 3.97 4.86
C VAL A 89 6.12 2.48 5.03
N LEU A 90 6.19 1.70 3.96
CA LEU A 90 5.88 0.27 3.97
C LEU A 90 6.78 -0.43 5.00
N ALA A 91 8.10 -0.19 4.94
CA ALA A 91 9.08 -0.76 5.85
C ALA A 91 8.70 -0.55 7.31
N LEU A 92 8.43 0.71 7.69
CA LEU A 92 8.06 1.01 9.06
C LEU A 92 6.87 0.17 9.51
N ALA A 93 5.78 0.14 8.72
CA ALA A 93 4.61 -0.62 9.12
C ALA A 93 4.99 -2.05 9.45
N TYR A 94 5.86 -2.67 8.66
CA TYR A 94 6.23 -4.07 8.84
C TYR A 94 7.05 -4.26 10.14
N GLU A 95 7.85 -3.28 10.55
CA GLU A 95 8.46 -3.26 11.88
C GLU A 95 7.37 -3.18 12.95
N LEU A 96 6.39 -2.31 12.73
CA LEU A 96 5.32 -2.04 13.69
C LEU A 96 4.25 -3.14 13.69
N LYS A 97 4.28 -4.06 12.73
CA LYS A 97 3.38 -5.20 12.57
C LYS A 97 1.89 -4.79 12.44
N GLY A 98 1.61 -3.50 12.25
CA GLY A 98 0.28 -2.89 12.21
C GLY A 98 -0.32 -2.88 10.81
N GLU A 99 -1.08 -1.85 10.47
CA GLU A 99 -1.73 -1.61 9.18
C GLU A 99 -1.02 -0.51 8.38
N ILE A 100 -1.44 -0.32 7.12
CA ILE A 100 -1.02 0.75 6.22
C ILE A 100 -2.27 1.43 5.63
N PHE A 101 -2.10 2.63 5.10
CA PHE A 101 -3.03 3.35 4.23
C PHE A 101 -2.21 4.02 3.12
N SER A 102 -2.48 3.71 1.84
CA SER A 102 -1.92 4.41 0.68
C SER A 102 -2.71 4.06 -0.58
N ASP A 103 -2.38 4.64 -1.75
CA ASP A 103 -3.02 4.30 -3.02
C ASP A 103 -2.06 4.58 -4.17
N ASP A 104 -1.15 3.64 -4.45
CA ASP A 104 -0.23 3.70 -5.59
C ASP A 104 0.05 2.32 -6.16
N TYR A 105 0.45 2.29 -7.42
CA TYR A 105 0.50 1.06 -8.20
C TYR A 105 1.55 0.09 -7.68
N ASN A 106 2.70 0.58 -7.22
CA ASN A 106 3.66 -0.24 -6.47
C ASN A 106 3.19 -0.44 -5.05
N VAL A 107 2.81 0.62 -4.32
CA VAL A 107 2.58 0.55 -2.88
C VAL A 107 1.64 -0.61 -2.53
N GLN A 108 0.57 -0.74 -3.33
CA GLN A 108 -0.45 -1.74 -3.17
C GLN A 108 0.14 -3.14 -3.35
N ASN A 109 0.98 -3.28 -4.38
CA ASN A 109 1.53 -4.55 -4.80
C ASN A 109 2.50 -5.01 -3.72
N ILE A 110 3.44 -4.14 -3.32
CA ILE A 110 4.44 -4.40 -2.29
C ILE A 110 3.74 -4.90 -1.03
N ALA A 111 2.77 -4.18 -0.46
CA ALA A 111 2.04 -4.68 0.70
C ALA A 111 1.41 -6.05 0.44
N SER A 112 0.94 -6.30 -0.78
CA SER A 112 0.37 -7.56 -1.18
C SER A 112 1.39 -8.71 -1.12
N LEU A 113 2.56 -8.65 -1.78
CA LEU A 113 3.57 -9.72 -1.68
C LEU A 113 4.04 -9.86 -0.24
N LEU A 114 4.10 -8.75 0.50
CA LEU A 114 4.52 -8.73 1.89
C LEU A 114 3.46 -9.30 2.85
N GLY A 115 2.28 -9.66 2.36
CA GLY A 115 1.22 -10.27 3.15
C GLY A 115 0.51 -9.31 4.11
N LEU A 116 0.85 -8.01 4.10
CA LEU A 116 0.34 -7.02 5.03
C LEU A 116 -0.98 -6.45 4.50
N ARG A 117 -1.88 -6.04 5.40
CA ARG A 117 -3.17 -5.44 5.08
C ARG A 117 -3.07 -3.93 5.07
N PHE A 118 -3.74 -3.29 4.13
CA PHE A 118 -3.78 -1.84 4.04
C PHE A 118 -5.14 -1.36 3.56
N ARG A 119 -5.31 -0.04 3.47
CA ARG A 119 -6.47 0.59 2.86
C ARG A 119 -6.04 1.20 1.54
N THR A 120 -6.69 0.77 0.46
CA THR A 120 -6.80 1.48 -0.80
C THR A 120 -7.74 2.68 -0.63
N LEU A 121 -7.63 3.66 -1.54
CA LEU A 121 -8.67 4.68 -1.73
C LEU A 121 -9.78 4.14 -2.65
N LYS A 122 -10.63 5.04 -3.12
CA LYS A 122 -11.64 4.80 -4.14
C LYS A 122 -11.03 4.13 -5.38
N ARG A 123 -11.91 3.47 -6.13
CA ARG A 123 -11.66 2.99 -7.48
C ARG A 123 -11.18 4.12 -8.38
N GLY A 124 -10.34 3.80 -9.36
CA GLY A 124 -9.86 4.70 -10.40
C GLY A 124 -8.85 3.95 -11.26
N ILE A 125 -8.57 4.43 -12.47
CA ILE A 125 -7.61 3.88 -13.44
C ILE A 125 -6.91 5.07 -14.09
N LYS A 126 -5.63 4.89 -14.43
CA LYS A 126 -4.90 5.78 -15.34
C LYS A 126 -4.63 5.03 -16.65
N LYS A 127 -3.64 4.13 -16.74
CA LYS A 127 -3.32 3.42 -18.00
C LYS A 127 -3.18 1.91 -17.75
N VAL A 128 -4.28 1.29 -17.32
CA VAL A 128 -4.37 -0.13 -16.98
C VAL A 128 -5.83 -0.58 -17.20
N ILE A 129 -6.15 -1.86 -16.96
CA ILE A 129 -7.48 -2.46 -17.10
C ILE A 129 -7.79 -3.07 -15.73
N LYS A 130 -9.05 -3.04 -15.28
CA LYS A 130 -9.42 -3.87 -14.13
C LYS A 130 -9.64 -5.29 -14.63
N TRP A 131 -8.69 -6.16 -14.26
CA TRP A 131 -8.76 -7.57 -14.53
C TRP A 131 -9.93 -8.21 -13.77
N ARG A 132 -10.31 -9.43 -14.17
CA ARG A 132 -11.51 -10.07 -13.64
C ARG A 132 -11.51 -11.60 -13.69
N TYR A 133 -10.36 -12.26 -13.91
CA TYR A 133 -10.31 -13.71 -13.77
C TYR A 133 -9.01 -14.26 -13.18
N VAL A 134 -9.08 -15.39 -12.47
CA VAL A 134 -7.98 -16.05 -11.78
C VAL A 134 -8.00 -17.55 -12.14
N CYS A 135 -6.83 -18.14 -12.43
CA CYS A 135 -6.68 -19.58 -12.61
C CYS A 135 -6.70 -20.29 -11.25
N ILE A 136 -7.62 -21.23 -11.04
CA ILE A 136 -7.57 -22.17 -9.92
C ILE A 136 -6.73 -23.38 -10.33
N GLY A 137 -5.43 -23.23 -10.19
CA GLY A 137 -4.42 -24.22 -10.54
C GLY A 137 -3.02 -23.62 -10.60
N CYS A 138 -2.90 -22.29 -10.74
CA CYS A 138 -1.63 -21.59 -10.64
C CYS A 138 -1.77 -20.14 -10.18
N GLY A 139 -2.99 -19.65 -9.89
CA GLY A 139 -3.26 -18.30 -9.41
C GLY A 139 -3.04 -17.19 -10.44
N ARG A 140 -2.85 -17.57 -11.70
CA ARG A 140 -2.51 -16.65 -12.75
C ARG A 140 -3.72 -15.80 -13.08
N LYS A 141 -3.45 -14.51 -13.22
CA LYS A 141 -4.44 -13.46 -13.41
C LYS A 141 -4.70 -13.29 -14.88
N PHE A 142 -5.96 -13.09 -15.23
CA PHE A 142 -6.39 -12.73 -16.58
C PHE A 142 -7.35 -11.56 -16.48
N SER A 143 -7.33 -10.72 -17.51
CA SER A 143 -8.17 -9.53 -17.60
C SER A 143 -9.41 -9.79 -18.47
N THR A 144 -9.46 -10.92 -19.15
CA THR A 144 -10.55 -11.44 -19.95
C THR A 144 -10.59 -12.96 -19.71
N LEU A 145 -11.64 -13.62 -20.16
CA LEU A 145 -11.65 -15.08 -20.21
C LEU A 145 -10.70 -15.50 -21.35
N PRO A 146 -9.80 -16.48 -21.17
CA PRO A 146 -9.04 -17.02 -22.30
C PRO A 146 -10.01 -17.82 -23.19
N PRO A 147 -9.66 -18.10 -24.46
CA PRO A 147 -10.62 -18.68 -25.41
C PRO A 147 -11.11 -20.09 -25.06
N GLY A 148 -10.40 -20.82 -24.19
CA GLY A 148 -10.85 -22.11 -23.69
C GLY A 148 -11.46 -22.03 -22.29
N GLY A 149 -11.47 -20.85 -21.65
CA GLY A 149 -11.87 -20.70 -20.24
C GLY A 149 -11.02 -21.50 -19.26
N VAL A 150 -9.83 -21.93 -19.69
CA VAL A 150 -8.87 -22.71 -18.94
C VAL A 150 -7.53 -22.01 -19.09
N CYS A 151 -6.64 -22.25 -18.14
CA CYS A 151 -5.33 -21.68 -18.05
C CYS A 151 -4.47 -22.25 -19.16
N PRO A 152 -4.05 -21.45 -20.13
CA PRO A 152 -3.08 -21.87 -21.13
C PRO A 152 -1.70 -22.15 -20.51
N ASP A 153 -1.49 -21.75 -19.25
CA ASP A 153 -0.20 -21.75 -18.58
C ASP A 153 -0.03 -22.96 -17.67
N CYS A 154 -1.13 -23.54 -17.21
CA CYS A 154 -1.11 -24.68 -16.29
C CYS A 154 -2.18 -25.74 -16.54
N GLY A 155 -3.17 -25.47 -17.41
CA GLY A 155 -4.23 -26.42 -17.71
C GLY A 155 -5.13 -26.69 -16.50
N SER A 156 -5.81 -25.66 -16.00
CA SER A 156 -6.93 -25.79 -15.08
C SER A 156 -7.95 -24.68 -15.35
N LYS A 157 -9.14 -24.81 -14.75
CA LYS A 157 -10.22 -23.85 -14.87
C LYS A 157 -9.76 -22.45 -14.46
N VAL A 158 -10.31 -21.44 -15.13
CA VAL A 158 -10.21 -20.06 -14.71
C VAL A 158 -11.58 -19.68 -14.13
N LYS A 159 -11.62 -18.93 -13.03
CA LYS A 159 -12.85 -18.45 -12.41
C LYS A 159 -12.75 -16.96 -12.12
N LEU A 160 -13.89 -16.31 -11.90
CA LEU A 160 -13.99 -14.90 -11.56
C LEU A 160 -13.51 -14.66 -10.12
N ILE A 161 -13.08 -13.44 -9.84
CA ILE A 161 -12.68 -12.90 -8.55
C ILE A 161 -13.48 -11.63 -8.27
N PRO A 162 -13.57 -11.24 -6.99
CA PRO A 162 -14.37 -10.10 -6.61
C PRO A 162 -13.63 -8.76 -6.81
N ARG A 163 -14.12 -7.71 -6.14
CA ARG A 163 -13.55 -6.36 -6.13
C ARG A 163 -12.04 -6.42 -5.91
N LYS A 164 -11.30 -5.53 -6.58
CA LYS A 164 -9.86 -5.49 -6.52
C LYS A 164 -9.45 -4.36 -5.59
N ARG A 165 -9.40 -3.13 -6.11
CA ARG A 165 -9.14 -1.94 -5.31
C ARG A 165 -10.20 -1.83 -4.25
ZN ZN B . -3.07 -21.76 -14.24
N MET A 5 -16.03 12.32 19.45
CA MET A 5 -15.18 11.26 20.00
C MET A 5 -14.39 11.76 21.20
N LEU A 6 -13.71 12.90 21.07
CA LEU A 6 -12.91 13.58 22.10
C LEU A 6 -11.77 12.71 22.65
N ARG A 7 -10.53 13.11 22.36
CA ARG A 7 -9.34 12.28 22.61
C ARG A 7 -9.53 10.92 21.93
N ASN A 8 -8.85 9.87 22.40
CA ASN A 8 -8.91 8.50 21.91
C ASN A 8 -8.28 8.38 20.52
N LEU A 9 -7.96 7.16 20.08
CA LEU A 9 -7.47 6.86 18.74
C LEU A 9 -7.93 5.46 18.30
N LYS A 10 -7.62 5.06 17.06
CA LYS A 10 -7.83 3.69 16.58
C LYS A 10 -6.83 2.76 17.27
N LYS A 11 -6.90 1.46 16.96
CA LYS A 11 -5.78 0.54 17.21
C LYS A 11 -4.55 0.97 16.39
N THR A 12 -3.44 0.24 16.42
CA THR A 12 -2.25 0.62 15.68
C THR A 12 -2.57 0.68 14.18
N LEU A 13 -2.09 1.72 13.53
CA LEU A 13 -2.25 1.99 12.12
C LEU A 13 -1.09 2.88 11.69
N VAL A 14 -0.65 2.69 10.45
CA VAL A 14 0.37 3.55 9.83
C VAL A 14 -0.26 4.23 8.60
N LEU A 15 0.18 5.45 8.29
CA LEU A 15 -0.28 6.25 7.14
C LEU A 15 0.90 6.48 6.19
N ASP A 16 0.64 6.42 4.90
CA ASP A 16 1.58 6.78 3.83
C ASP A 16 1.42 8.25 3.43
N SER A 17 2.42 8.77 2.72
CA SER A 17 2.42 10.06 2.05
C SER A 17 1.11 10.38 1.32
N SER A 18 0.58 9.45 0.54
CA SER A 18 -0.60 9.66 -0.30
C SER A 18 -1.79 10.08 0.55
N VAL A 19 -1.92 9.58 1.78
CA VAL A 19 -3.05 9.86 2.67
C VAL A 19 -3.13 11.37 2.93
N PHE A 20 -1.97 12.00 3.12
CA PHE A 20 -1.86 13.42 3.39
C PHE A 20 -2.11 14.23 2.12
N ILE A 21 -1.61 13.75 0.97
CA ILE A 21 -1.80 14.40 -0.33
C ILE A 21 -3.28 14.56 -0.61
N GLN A 22 -4.12 13.56 -0.31
CA GLN A 22 -5.56 13.67 -0.58
C GLN A 22 -6.26 14.52 0.49
N GLY A 23 -5.72 14.57 1.71
CA GLY A 23 -6.26 15.34 2.82
C GLY A 23 -7.17 14.51 3.72
N ILE A 24 -6.97 13.19 3.78
CA ILE A 24 -7.83 12.27 4.53
C ILE A 24 -7.49 12.40 6.01
N ASP A 25 -8.40 12.97 6.82
CA ASP A 25 -8.23 13.08 8.27
C ASP A 25 -8.28 11.67 8.87
N ILE A 26 -7.14 11.17 9.33
CA ILE A 26 -7.00 9.90 10.02
C ILE A 26 -5.91 10.08 11.09
N GLU A 27 -5.75 9.12 11.98
CA GLU A 27 -4.95 9.18 13.19
C GLU A 27 -4.19 7.85 13.31
N GLY A 28 -2.93 7.89 13.73
CA GLY A 28 -1.97 6.82 13.52
C GLY A 28 -0.52 7.25 13.71
N TYR A 29 0.38 6.62 12.95
CA TYR A 29 1.77 7.05 12.85
C TYR A 29 2.12 7.46 11.41
N THR A 30 3.10 8.35 11.26
CA THR A 30 3.69 8.78 9.99
C THR A 30 5.24 8.72 10.03
N THR A 31 5.85 8.55 8.85
CA THR A 31 7.26 8.27 8.65
C THR A 31 8.10 9.57 8.46
N PRO A 32 9.00 9.90 9.41
CA PRO A 32 9.77 11.14 9.40
C PRO A 32 10.84 11.22 8.30
N SER A 33 11.13 10.12 7.60
CA SER A 33 11.90 10.10 6.36
C SER A 33 11.07 10.69 5.22
N VAL A 34 9.77 10.36 5.17
CA VAL A 34 8.92 10.68 4.05
C VAL A 34 8.62 12.16 4.08
N VAL A 35 8.36 12.70 5.27
CA VAL A 35 8.01 14.12 5.33
C VAL A 35 9.09 15.03 4.78
N GLU A 36 10.36 14.59 4.75
CA GLU A 36 11.40 15.45 4.22
C GLU A 36 11.24 15.61 2.70
N GLU A 37 10.53 14.69 2.06
CA GLU A 37 10.18 14.74 0.64
C GLU A 37 8.90 15.57 0.47
N ILE A 38 7.96 15.44 1.41
CA ILE A 38 6.69 16.18 1.43
C ILE A 38 6.98 17.67 1.66
N LYS A 39 7.06 18.42 0.57
CA LYS A 39 7.11 19.88 0.57
C LYS A 39 5.79 20.49 0.13
N ASP A 40 4.99 19.72 -0.62
CA ASP A 40 3.73 20.17 -1.21
C ASP A 40 2.83 20.71 -0.11
N ARG A 41 2.42 21.97 -0.25
CA ARG A 41 1.74 22.70 0.81
C ARG A 41 0.57 21.93 1.37
N GLU A 42 -0.30 21.37 0.54
CA GLU A 42 -1.57 20.81 1.00
C GLU A 42 -1.25 19.68 1.98
N SER A 43 -0.53 18.69 1.45
CA SER A 43 -0.06 17.51 2.14
C SER A 43 0.71 17.90 3.41
N LYS A 44 1.71 18.78 3.29
CA LYS A 44 2.56 19.21 4.40
C LYS A 44 1.73 19.84 5.51
N ILE A 45 1.05 20.95 5.24
CA ILE A 45 0.32 21.73 6.25
C ILE A 45 -0.65 20.80 6.97
N PHE A 46 -1.35 19.96 6.20
CA PHE A 46 -2.26 18.96 6.73
C PHE A 46 -1.53 17.97 7.65
N LEU A 47 -0.45 17.34 7.20
CA LEU A 47 0.37 16.42 8.00
C LEU A 47 0.85 17.10 9.29
N GLU A 48 1.31 18.35 9.22
CA GLU A 48 1.71 19.12 10.39
C GLU A 48 0.53 19.32 11.35
N SER A 49 -0.67 19.56 10.82
CA SER A 49 -1.89 19.74 11.61
C SER A 49 -2.10 18.52 12.47
N LEU A 50 -2.06 17.35 11.85
CA LEU A 50 -2.39 16.09 12.48
C LEU A 50 -1.39 15.73 13.58
N ILE A 51 -0.11 16.04 13.36
CA ILE A 51 0.91 15.89 14.39
C ILE A 51 0.56 16.79 15.57
N SER A 52 0.23 18.06 15.32
CA SER A 52 -0.06 19.03 16.37
C SER A 52 -1.34 18.69 17.14
N ALA A 53 -2.39 18.24 16.44
CA ALA A 53 -3.66 17.84 17.03
C ALA A 53 -3.54 16.55 17.85
N GLY A 54 -2.48 15.76 17.62
CA GLY A 54 -2.20 14.55 18.37
C GLY A 54 -2.49 13.28 17.60
N LYS A 55 -3.15 13.40 16.45
CA LYS A 55 -3.65 12.24 15.74
C LYS A 55 -2.51 11.45 15.11
N VAL A 56 -1.50 12.11 14.57
CA VAL A 56 -0.51 11.44 13.73
C VAL A 56 0.87 11.61 14.37
N LYS A 57 1.32 10.57 15.08
CA LYS A 57 2.59 10.55 15.79
C LYS A 57 3.72 10.21 14.82
N ILE A 58 4.95 10.46 15.24
CA ILE A 58 6.14 10.23 14.42
C ILE A 58 6.78 8.89 14.77
N ALA A 59 7.04 8.08 13.74
CA ALA A 59 7.72 6.80 13.86
C ALA A 59 8.43 6.45 12.55
N GLU A 60 9.71 6.13 12.60
CA GLU A 60 10.48 5.53 11.50
C GLU A 60 10.64 4.02 11.74
N PRO A 61 10.84 3.22 10.68
CA PRO A 61 11.14 1.79 10.75
C PRO A 61 12.55 1.52 11.26
N SER A 62 12.81 0.23 11.42
CA SER A 62 14.10 -0.31 11.76
C SER A 62 14.72 -0.87 10.48
N LYS A 63 16.05 -1.06 10.47
CA LYS A 63 16.75 -1.70 9.36
C LYS A 63 16.15 -3.06 9.05
N GLU A 64 15.79 -3.82 10.10
CA GLU A 64 15.30 -5.18 9.98
C GLU A 64 13.83 -5.19 9.56
N SER A 65 13.11 -4.09 9.80
CA SER A 65 11.80 -3.82 9.23
C SER A 65 11.95 -3.66 7.71
N ILE A 66 12.90 -2.82 7.24
CA ILE A 66 13.17 -2.65 5.81
C ILE A 66 13.49 -4.00 5.17
N ASP A 67 14.36 -4.76 5.84
CA ASP A 67 14.85 -6.03 5.29
C ASP A 67 13.69 -7.01 5.06
N ARG A 68 12.69 -7.05 5.94
CA ARG A 68 11.52 -7.93 5.75
C ARG A 68 10.84 -7.67 4.41
N ILE A 69 10.76 -6.40 3.97
CA ILE A 69 10.15 -6.07 2.70
C ILE A 69 11.02 -6.64 1.60
N ILE A 70 12.34 -6.41 1.68
CA ILE A 70 13.30 -6.93 0.70
C ILE A 70 13.10 -8.44 0.52
N GLN A 71 12.80 -9.20 1.58
CA GLN A 71 12.70 -10.66 1.49
C GLN A 71 11.55 -11.04 0.56
N VAL A 72 10.32 -10.67 0.94
CA VAL A 72 9.14 -11.05 0.18
C VAL A 72 9.18 -10.36 -1.20
N ALA A 73 9.59 -9.09 -1.26
CA ALA A 73 9.63 -8.32 -2.49
C ALA A 73 10.61 -8.91 -3.51
N LYS A 74 11.81 -9.33 -3.08
CA LYS A 74 12.74 -9.99 -3.98
C LYS A 74 12.19 -11.33 -4.43
N GLU A 75 11.43 -12.02 -3.58
CA GLU A 75 10.89 -13.33 -3.91
C GLU A 75 9.74 -13.23 -4.92
N THR A 76 9.31 -12.02 -5.29
CA THR A 76 8.42 -11.79 -6.42
C THR A 76 9.14 -11.13 -7.60
N GLY A 77 10.01 -10.13 -7.38
CA GLY A 77 10.75 -9.47 -8.44
C GLY A 77 11.17 -8.08 -8.01
N GLU A 78 10.24 -7.14 -8.09
CA GLU A 78 10.36 -5.72 -7.78
C GLU A 78 10.72 -5.55 -6.30
N VAL A 79 12.01 -5.59 -5.98
CA VAL A 79 12.55 -5.58 -4.63
C VAL A 79 12.79 -4.17 -4.15
N ASN A 80 13.47 -3.38 -4.97
CA ASN A 80 13.84 -2.01 -4.63
C ASN A 80 13.46 -1.08 -5.78
N GLU A 81 12.61 -1.57 -6.69
CA GLU A 81 11.98 -0.78 -7.74
C GLU A 81 11.18 0.38 -7.13
N LEU A 82 10.62 0.14 -5.95
CA LEU A 82 9.70 1.00 -5.23
C LEU A 82 10.45 2.15 -4.55
N SER A 83 9.72 3.19 -4.13
CA SER A 83 10.33 4.34 -3.47
C SER A 83 10.79 4.02 -2.04
N LYS A 84 11.64 4.90 -1.50
CA LYS A 84 12.08 4.83 -0.10
C LYS A 84 10.88 4.79 0.79
N ALA A 85 10.10 5.87 0.72
CA ALA A 85 9.00 6.08 1.63
C ALA A 85 8.09 4.87 1.65
N ASP A 86 7.89 4.28 0.48
CA ASP A 86 7.15 3.05 0.25
C ASP A 86 7.62 1.99 1.23
N ILE A 87 8.85 1.57 1.05
CA ILE A 87 9.39 0.46 1.80
C ILE A 87 9.44 0.84 3.28
N GLU A 88 9.60 2.12 3.64
CA GLU A 88 9.60 2.58 5.03
C GLU A 88 8.23 2.43 5.71
N VAL A 89 7.16 2.89 5.07
CA VAL A 89 5.77 2.78 5.53
C VAL A 89 5.48 1.34 5.90
N LEU A 90 5.63 0.49 4.90
CA LEU A 90 5.27 -0.91 4.99
C LEU A 90 6.12 -1.57 6.07
N ALA A 91 7.44 -1.33 6.04
CA ALA A 91 8.39 -1.84 7.02
C ALA A 91 7.94 -1.57 8.44
N LEU A 92 7.76 -0.29 8.77
CA LEU A 92 7.39 0.12 10.11
C LEU A 92 6.10 -0.57 10.53
N ALA A 93 5.09 -0.58 9.66
CA ALA A 93 3.83 -1.17 10.06
C ALA A 93 3.97 -2.66 10.37
N TYR A 94 4.92 -3.36 9.74
CA TYR A 94 5.18 -4.76 10.05
C TYR A 94 6.05 -4.91 11.31
N GLU A 95 6.79 -3.88 11.71
CA GLU A 95 7.39 -3.77 13.04
C GLU A 95 6.28 -3.70 14.09
N LEU A 96 5.22 -2.96 13.77
CA LEU A 96 4.09 -2.71 14.66
C LEU A 96 3.06 -3.83 14.63
N LYS A 97 3.13 -4.72 13.62
CA LYS A 97 2.14 -5.76 13.34
C LYS A 97 0.70 -5.16 13.42
N GLY A 98 0.49 -3.96 12.86
CA GLY A 98 -0.68 -3.10 13.08
C GLY A 98 -1.69 -3.09 11.93
N GLU A 99 -1.83 -1.93 11.27
CA GLU A 99 -2.56 -1.76 10.02
C GLU A 99 -1.89 -0.67 9.19
N ILE A 100 -2.26 -0.53 7.90
CA ILE A 100 -1.72 0.47 6.97
C ILE A 100 -2.88 1.20 6.28
N PHE A 101 -2.60 2.39 5.77
CA PHE A 101 -3.50 3.20 4.98
C PHE A 101 -2.63 3.80 3.86
N SER A 102 -2.90 3.44 2.60
CA SER A 102 -2.26 4.03 1.42
C SER A 102 -3.14 3.72 0.19
N ASP A 103 -2.78 4.17 -1.01
CA ASP A 103 -3.51 3.87 -2.24
C ASP A 103 -2.60 4.04 -3.45
N ASP A 104 -1.91 2.97 -3.85
CA ASP A 104 -1.05 2.95 -5.03
C ASP A 104 -0.94 1.53 -5.57
N TYR A 105 -0.62 1.40 -6.85
CA TYR A 105 -0.54 0.10 -7.54
C TYR A 105 0.50 -0.79 -6.85
N ASN A 106 1.69 -0.25 -6.61
CA ASN A 106 2.75 -0.90 -5.86
C ASN A 106 2.32 -1.10 -4.42
N VAL A 107 1.90 -0.05 -3.73
CA VAL A 107 1.78 -0.05 -2.28
C VAL A 107 0.74 -1.06 -1.83
N GLN A 108 -0.34 -1.21 -2.61
CA GLN A 108 -1.43 -2.10 -2.30
C GLN A 108 -0.90 -3.53 -2.36
N ASN A 109 -0.11 -3.80 -3.41
CA ASN A 109 0.43 -5.12 -3.65
C ASN A 109 1.32 -5.51 -2.48
N ILE A 110 2.26 -4.65 -2.07
CA ILE A 110 3.23 -4.95 -1.02
C ILE A 110 2.50 -5.39 0.25
N ALA A 111 1.51 -4.65 0.73
CA ALA A 111 0.80 -5.10 1.93
C ALA A 111 0.05 -6.41 1.68
N SER A 112 -0.52 -6.59 0.48
CA SER A 112 -1.28 -7.78 0.13
C SER A 112 -0.40 -9.05 0.09
N LEU A 113 0.74 -9.05 -0.60
CA LEU A 113 1.66 -10.20 -0.60
C LEU A 113 2.19 -10.46 0.80
N LEU A 114 2.44 -9.41 1.57
CA LEU A 114 2.92 -9.55 2.95
C LEU A 114 1.84 -10.18 3.82
N GLY A 115 0.57 -9.96 3.47
CA GLY A 115 -0.56 -10.33 4.30
C GLY A 115 -0.59 -9.43 5.52
N LEU A 116 -0.42 -8.12 5.35
CA LEU A 116 -0.84 -7.14 6.35
C LEU A 116 -2.07 -6.40 5.82
N ARG A 117 -3.16 -6.43 6.58
CA ARG A 117 -4.40 -5.74 6.27
C ARG A 117 -4.15 -4.24 6.19
N PHE A 118 -4.79 -3.57 5.23
CA PHE A 118 -4.76 -2.13 5.08
C PHE A 118 -6.09 -1.63 4.56
N ARG A 119 -6.23 -0.30 4.40
CA ARG A 119 -7.34 0.32 3.68
C ARG A 119 -6.83 0.86 2.36
N THR A 120 -7.66 0.83 1.31
CA THR A 120 -7.42 1.48 0.03
C THR A 120 -8.59 2.43 -0.26
N LEU A 121 -8.31 3.60 -0.86
CA LEU A 121 -9.27 4.67 -1.12
C LEU A 121 -10.42 4.20 -2.00
N LYS A 122 -11.49 5.00 -2.09
CA LYS A 122 -12.48 4.86 -3.16
C LYS A 122 -11.97 5.58 -4.42
N ARG A 123 -10.87 5.09 -4.97
CA ARG A 123 -10.41 5.38 -6.32
C ARG A 123 -10.22 4.02 -6.99
N GLY A 124 -10.42 3.95 -8.30
CA GLY A 124 -10.26 2.71 -9.03
C GLY A 124 -10.54 2.98 -10.50
N ILE A 125 -11.77 2.71 -10.94
CA ILE A 125 -12.15 2.66 -12.34
C ILE A 125 -13.47 3.37 -12.57
N LYS A 126 -13.74 3.72 -13.83
CA LYS A 126 -14.88 4.55 -14.22
C LYS A 126 -15.55 4.06 -15.51
N LYS A 127 -14.89 3.26 -16.35
CA LYS A 127 -15.41 2.82 -17.66
C LYS A 127 -14.73 1.55 -18.16
N VAL A 128 -14.10 0.77 -17.28
CA VAL A 128 -13.24 -0.36 -17.64
C VAL A 128 -13.32 -1.38 -16.50
N ILE A 129 -13.59 -2.65 -16.79
CA ILE A 129 -13.53 -3.71 -15.78
C ILE A 129 -12.06 -3.83 -15.33
N LYS A 130 -11.77 -3.64 -14.04
CA LYS A 130 -10.49 -4.04 -13.47
C LYS A 130 -10.51 -5.55 -13.29
N TRP A 131 -9.39 -6.20 -13.60
CA TRP A 131 -9.25 -7.64 -13.59
C TRP A 131 -7.79 -7.96 -13.24
N ARG A 132 -7.47 -9.21 -12.84
CA ARG A 132 -6.17 -9.53 -12.23
C ARG A 132 -5.66 -10.94 -12.50
N TYR A 133 -6.22 -11.65 -13.48
CA TYR A 133 -5.80 -13.00 -13.80
C TYR A 133 -5.87 -13.21 -15.31
N VAL A 134 -4.96 -14.01 -15.88
CA VAL A 134 -4.93 -14.33 -17.31
C VAL A 134 -4.64 -15.82 -17.52
N CYS A 135 -5.39 -16.46 -18.42
CA CYS A 135 -5.13 -17.80 -18.91
C CYS A 135 -3.78 -17.81 -19.63
N ILE A 136 -2.90 -18.76 -19.30
CA ILE A 136 -1.58 -18.90 -19.93
C ILE A 136 -1.65 -19.76 -21.19
N GLY A 137 -2.56 -19.42 -22.10
CA GLY A 137 -2.72 -20.10 -23.38
C GLY A 137 -3.54 -19.24 -24.31
N CYS A 138 -4.86 -19.29 -24.16
CA CYS A 138 -5.79 -18.53 -25.02
C CYS A 138 -5.83 -17.04 -24.63
N GLY A 139 -5.17 -16.69 -23.52
CA GLY A 139 -5.01 -15.33 -23.05
C GLY A 139 -6.32 -14.68 -22.65
N ARG A 140 -7.28 -15.49 -22.21
CA ARG A 140 -8.54 -14.99 -21.72
C ARG A 140 -8.30 -14.31 -20.40
N LYS A 141 -9.00 -13.20 -20.21
CA LYS A 141 -8.95 -12.38 -19.02
C LYS A 141 -9.85 -12.97 -17.95
N PHE A 142 -9.52 -12.69 -16.69
CA PHE A 142 -10.27 -13.13 -15.53
C PHE A 142 -10.14 -12.05 -14.47
N SER A 143 -11.25 -11.55 -13.94
CA SER A 143 -11.25 -10.68 -12.78
C SER A 143 -11.16 -11.48 -11.47
N THR A 144 -11.58 -12.74 -11.48
CA THR A 144 -11.59 -13.66 -10.35
C THR A 144 -11.21 -15.03 -10.84
N LEU A 145 -10.77 -15.84 -9.89
CA LEU A 145 -10.22 -17.15 -10.12
C LEU A 145 -11.38 -18.00 -10.66
N PRO A 146 -11.30 -18.59 -11.86
CA PRO A 146 -12.30 -19.55 -12.30
C PRO A 146 -12.29 -20.76 -11.36
N PRO A 147 -13.39 -21.53 -11.27
CA PRO A 147 -13.40 -22.75 -10.47
C PRO A 147 -12.35 -23.71 -11.04
N GLY A 148 -11.48 -24.21 -10.15
CA GLY A 148 -10.35 -25.07 -10.48
C GLY A 148 -9.09 -24.30 -10.83
N GLY A 149 -9.17 -22.97 -11.01
CA GLY A 149 -8.04 -22.13 -11.37
C GLY A 149 -7.39 -22.58 -12.68
N VAL A 150 -8.23 -22.90 -13.67
CA VAL A 150 -7.85 -23.21 -15.04
C VAL A 150 -8.88 -22.54 -15.94
N CYS A 151 -8.63 -22.47 -17.24
CA CYS A 151 -9.44 -21.76 -18.21
C CYS A 151 -10.70 -22.56 -18.57
N PRO A 152 -11.91 -22.13 -18.18
CA PRO A 152 -13.17 -22.65 -18.69
C PRO A 152 -13.40 -22.43 -20.20
N ASP A 153 -12.36 -22.08 -20.95
CA ASP A 153 -12.40 -21.74 -22.37
C ASP A 153 -11.32 -22.46 -23.17
N CYS A 154 -10.27 -22.96 -22.50
CA CYS A 154 -9.16 -23.65 -23.17
C CYS A 154 -8.39 -24.65 -22.28
N GLY A 155 -8.82 -24.85 -21.03
CA GLY A 155 -8.23 -25.80 -20.08
C GLY A 155 -6.86 -25.39 -19.53
N SER A 156 -6.19 -24.41 -20.12
CA SER A 156 -4.90 -23.94 -19.66
C SER A 156 -5.00 -23.38 -18.25
N LYS A 157 -3.92 -23.50 -17.47
CA LYS A 157 -3.77 -22.86 -16.17
C LYS A 157 -3.91 -21.33 -16.32
N VAL A 158 -4.25 -20.64 -15.24
CA VAL A 158 -4.30 -19.17 -15.17
C VAL A 158 -3.04 -18.70 -14.40
N LYS A 159 -2.65 -17.43 -14.48
CA LYS A 159 -1.69 -16.80 -13.59
C LYS A 159 -2.21 -15.43 -13.19
N LEU A 160 -1.64 -14.88 -12.12
CA LEU A 160 -1.76 -13.47 -11.81
C LEU A 160 -1.09 -12.66 -12.93
N ILE A 161 -1.59 -11.45 -13.19
CA ILE A 161 -0.97 -10.44 -14.04
C ILE A 161 -0.46 -9.28 -13.18
N PRO A 162 0.46 -8.44 -13.69
CA PRO A 162 0.96 -7.27 -12.97
C PRO A 162 -0.10 -6.18 -12.96
N ARG A 163 0.28 -4.95 -12.59
CA ARG A 163 -0.58 -3.77 -12.72
C ARG A 163 -1.27 -3.74 -14.08
N LYS A 164 -2.50 -3.24 -14.13
CA LYS A 164 -3.26 -3.04 -15.35
C LYS A 164 -3.33 -1.54 -15.59
N ARG A 165 -2.95 -1.11 -16.78
CA ARG A 165 -3.34 0.15 -17.38
C ARG A 165 -3.31 -0.10 -18.88
ZN ZN B . -7.63 -20.09 -21.97
#